data_9KUM
#
_entry.id   9KUM
#
_cell.length_a   182.500
_cell.length_b   204.700
_cell.length_c   177.800
_cell.angle_alpha   90.00
_cell.angle_beta   90.00
_cell.angle_gamma   90.00
#
_symmetry.space_group_name_H-M   'P 21 21 21'
#
loop_
_entity.id
_entity.type
_entity.pdbx_description
1 polymer 'Cytochrome c oxidase subunit 1'
2 polymer 'Cytochrome c oxidase subunit 2'
3 polymer 'Cytochrome c oxidase subunit 3'
4 polymer 'Cytochrome c oxidase subunit 4 isoform 1, mitochondrial'
5 polymer 'Cytochrome c oxidase subunit 5A'
6 polymer 'Cytochrome c oxidase subunit 5B, mitochondrial'
7 polymer 'Cytochrome c oxidase subunit 6A2, mitochondrial'
8 polymer 'Cytochrome c oxidase subunit 6B1'
9 polymer 'Cytochrome c oxidase subunit 6C'
10 polymer 'Cytochrome c oxidase subunit 7A1'
11 polymer 'Cytochrome c oxidase subunit 7B, mitochondrial'
12 polymer 'Cytochrome c oxidase subunit 7C, mitochondrial'
13 polymer 'Cytochrome c oxidase subunit 8B, mitochondrial'
14 non-polymer HEME-A
15 non-polymer 'COPPER (II) ION'
16 non-polymer 'MAGNESIUM ION'
17 non-polymer 'SODIUM ION'
18 non-polymer CARDIOLIPIN
19 non-polymer EICOSANE
20 non-polymer DECYL-BETA-D-MALTOPYRANOSIDE
21 non-polymer 1,2-ETHANEDIOL
22 non-polymer XENON
23 non-polymer '(1R)-2-{[{[(2S)-2,3-DIHYDROXYPROPYL]OXY}(HYDROXY)PHOSPHORYL]OXY}-1-[(PALMITOYLOXY)METHYL]ETHYL (11E)-OCTADEC-11-ENOATE'
24 non-polymer 'DINUCLEAR COPPER ION'
25 non-polymer 'CHOLIC ACID'
26 non-polymer 'UNKNOWN ATOM OR ION'
27 non-polymer 'ZINC ION'
28 non-polymer '(1S)-2-{[(2-AMINOETHOXY)(HYDROXY)PHOSPHORYL]OXY}-1-[(STEAROYLOXY)METHYL]ETHYL (5E,8E,11E,14E)-ICOSA-5,8,11,14-TETRAENOATE'
29 water water
#
loop_
_entity_poly.entity_id
_entity_poly.type
_entity_poly.pdbx_seq_one_letter_code
_entity_poly.pdbx_strand_id
1 'polypeptide(L)'
;(FME)FINRWLFSTNHKDIGTLYLLFGAWAGMVGTALSLLIRAELGQPGTLLGDDQIYNVVVTAHAFVMIFFMVMPIMIG
GFGNWLVPLMIGAPDMAFPRMNNMSFWLLPPSFLLLLASSMVEAGAGTGWTVYPPLAGNLAHAGASVDLTIFSLHLAGVS
SILGAINFITTIINMKPPAMSQYQTPLFVWSVMITAVLLLLSLPVLAAGITMLLTDRNLNTTFFDPAGGGDPILYQHLFW
FFGHPEVYILILPGFGMISHIVTYYSGKKEPFGYMGMVWAMMSIGFLGFIVWAHHMFTVGMDVDTRAYFTSATMIIAIPT
GVKVFSWLATLHGGNIKWSPAMMWALGFIFLFTVGGLTGIVLANSSLDIVLHDTYYVVAHFHYVLSMGAVFAIMGGFVHW
FPLFSGYTLNDTWAKIHFAIMFVGVNMTFFPQHFLGLSGMPRRYSDYPDAYTMWNTISSMGSFISLTAVMLMVFIIWEAF
ASKREVLTVDLTTTNLEWLNGCPPPYHTFEEPTYVNLK
;
A,N
2 'polypeptide(L)'
;(FME)AYPMQLGFQDATSPIMEELLHFHDHTLMIVFLISSLVLYIISLMLTTKLTHTSTMDAQEVETIWTILPAIILILI
ALPSLRILYMMDEINNPSLTVKTMGHQWYWSYEYTDYEDLSFDSYMIPTSELKPGELRLLEVDNRVVLPMEMTIRMLVSS
EDVLHSWAVPSLGLKTDAIPGRLNQTTLMSSRPGLYYGQCSEICGSNHSFMPIVLELVPLKYFEKWSASML
;
B,O
3 'polypeptide(L)'
;MTHQTHAYHMVNPSPWPLTGALSALLMTSGLTMWFHFNSMTLLMIGLTTNMLTMYQWWRDVIRESTFQGHHTPAVQKGLR
YGMILFIISEVLFFTGFFWAFYHSSLAPTPELGGCWPPTGIHPLNPLEVPLLNTSVLLASGVSITWAHHSLMEGDRKHML
QALFITITLGVYFTLLQASEYYEAPFTISDGVYGSTFFVATGFHGLHVIIGSTFLIVCFFRQLKFHFTSNHHFGFEAAAW
YWHFVDVVWLFLYVSIYWWGS
;
C,P
4 'polypeptide(L)'
;AHGSVVKSEDYALPSYVDRRDYPLPDVAHVKNLSASQKALKEKEKASWSSLSIDEKVELYRLKFKESFAEMNRSTNEWKT
VVGAAMFFIGFTALLLIWEKHYVYGPIPHTFEEEWVAKQTKRMLDMKVAPIQGFSAKWDYDKNEWKK
;
D,Q
5 'polypeptide(L)'
;SHGSHETDEEFDARWVTYFNKPDIDAWELRKGMNTLVGYDLVPEPKIIDAALRACRRLNDFASAVRILEVVKDKAGPHKE
IYPYVIQELRPTLNELGISTPEELGLDKV
;
E,R
6 'polypeptide(L)'
;ASGGGVPTDEEQATGLEREVMLAARKGQDPYNILAPKATSGTKEDPNLVPSITNKRIVGCICEEDNSTVIWFWLHKGEAQ
RCPSCGTHYKLVPHQLAH
;
F,S
7 'polypeptide(L)'
;ASAAKGDHGGTGARTWRFLTFGLALPSVALCTLNSWLHSGHRERPAFIPYHHLRIRTKPFSWGDGNHTFFHNPRVNPLPT
GYEKP
;
G,T
8 'polypeptide(L)'
;AEDIQAKIKNYQTAPFDSRFPNQNQTRNCWQNYLDFHRCEKAMTAKGGDVSVCEWYRRVYKSLCPISWVSTWDDRRAEGT
FPGKI
;
H,U
9 'polypeptide(L)' STALAKPQMRGLLARRLRFHIVGAFMVSLGFATFYKFAVAEKRKKAYADFYRNYDSMKDFEEMRKAGIFQSAK I,V
10 'polypeptide(L)' FENRVAEKQKLFQEDNGLPVHLKGGATDNILYRVTMTLCLGGTLYSLYCLGWASFPHKK J,W
11 'polypeptide(L)' IHQKRAPDFHDKYGNAVLASGATFCVAVWVYMATQIGIEWNPSPVGRVTPKEWREQ K,X
12 'polypeptide(L)' SHYEEGPGKNIPFSVENKWRLLAMMTLFFGSGFAAPFFIVRHQLLKK L,Y
13 'polypeptide(L)' ITAKPAKTPTSPKEQAIGLSVTFLSFLLPAGWVLYHLDNYKKSSAA M,Z
#
# COMPACT_ATOMS: atom_id res chain seq x y z
N PHE A 2 19.87 -4.87 49.01
CA PHE A 2 18.42 -4.83 48.93
C PHE A 2 17.97 -3.91 47.80
N ILE A 3 18.49 -2.69 47.73
CA ILE A 3 18.10 -1.76 46.65
C ILE A 3 18.48 -2.39 45.31
N ASN A 4 19.68 -2.98 45.20
CA ASN A 4 20.16 -3.50 43.89
C ASN A 4 19.19 -4.61 43.47
N ARG A 5 18.78 -5.43 44.41
CA ARG A 5 17.92 -6.60 44.12
C ARG A 5 16.48 -6.17 43.78
N TRP A 6 15.89 -5.26 44.55
CA TRP A 6 14.41 -5.07 44.53
C TRP A 6 14.00 -3.77 43.84
N LEU A 7 14.91 -2.79 43.71
CA LEU A 7 14.62 -1.52 42.98
C LEU A 7 15.31 -1.52 41.61
N PHE A 8 16.43 -2.21 41.45
CA PHE A 8 17.26 -2.21 40.22
C PHE A 8 17.20 -3.59 39.53
N SER A 9 16.16 -4.38 39.79
CA SER A 9 16.09 -5.76 39.27
C SER A 9 16.23 -5.81 37.73
N THR A 10 16.91 -6.84 37.28
CA THR A 10 16.89 -7.33 35.88
C THR A 10 16.55 -8.84 35.84
N ASN A 11 15.75 -9.31 36.80
CA ASN A 11 15.50 -10.75 37.01
C ASN A 11 14.00 -11.01 36.84
N HIS A 12 13.63 -11.92 35.91
CA HIS A 12 12.19 -12.14 35.62
C HIS A 12 11.43 -12.64 36.87
N LYS A 13 12.05 -13.46 37.72
CA LYS A 13 11.37 -14.01 38.94
C LYS A 13 11.09 -12.90 39.95
N ASP A 14 12.11 -12.12 40.29
CA ASP A 14 11.96 -11.04 41.29
C ASP A 14 10.95 -10.02 40.78
N ILE A 15 10.98 -9.68 39.47
CA ILE A 15 9.99 -8.72 38.91
C ILE A 15 8.57 -9.32 38.97
N GLY A 16 8.44 -10.60 38.61
CA GLY A 16 7.19 -11.32 38.81
C GLY A 16 6.68 -11.20 40.26
N THR A 17 7.56 -11.41 41.22
CA THR A 17 7.23 -11.31 42.66
C THR A 17 6.75 -9.88 42.98
N LEU A 18 7.44 -8.86 42.47
CA LEU A 18 6.99 -7.48 42.70
C LEU A 18 5.58 -7.26 42.14
N TYR A 19 5.31 -7.74 40.93
CA TYR A 19 3.96 -7.63 40.34
C TYR A 19 2.89 -8.35 41.19
N LEU A 20 3.19 -9.55 41.70
CA LEU A 20 2.20 -10.28 42.53
C LEU A 20 1.93 -9.47 43.83
N LEU A 21 2.95 -8.93 44.47
CA LEU A 21 2.75 -8.12 45.72
C LEU A 21 1.91 -6.87 45.40
N PHE A 22 2.23 -6.19 44.30
CA PHE A 22 1.51 -4.98 43.85
C PHE A 22 0.04 -5.34 43.58
N GLY A 23 -0.18 -6.39 42.79
CA GLY A 23 -1.56 -6.80 42.47
C GLY A 23 -2.37 -7.20 43.71
N ALA A 24 -1.75 -7.91 44.66
CA ALA A 24 -2.45 -8.32 45.90
C ALA A 24 -2.89 -7.07 46.69
N TRP A 25 -2.00 -6.08 46.82
CA TRP A 25 -2.28 -4.79 47.50
C TRP A 25 -3.42 -4.08 46.76
N ALA A 26 -3.31 -3.97 45.42
CA ALA A 26 -4.39 -3.38 44.59
C ALA A 26 -5.71 -4.13 44.82
N GLY A 27 -5.68 -5.48 44.90
CA GLY A 27 -6.93 -6.22 45.15
C GLY A 27 -7.60 -5.81 46.45
N MET A 28 -6.83 -5.50 47.49
CA MET A 28 -7.41 -5.03 48.78
C MET A 28 -8.11 -3.69 48.55
N VAL A 29 -7.47 -2.77 47.81
CA VAL A 29 -8.07 -1.45 47.49
C VAL A 29 -9.37 -1.66 46.69
N GLY A 30 -9.29 -2.47 45.65
CA GLY A 30 -10.48 -2.67 44.78
C GLY A 30 -11.61 -3.35 45.54
N THR A 31 -11.26 -4.25 46.45
CA THR A 31 -12.24 -4.93 47.31
C THR A 31 -12.93 -3.91 48.24
N ALA A 32 -12.16 -3.06 48.95
CA ALA A 32 -12.73 -2.02 49.84
C ALA A 32 -13.72 -1.16 49.03
N LEU A 33 -13.32 -0.73 47.81
CA LEU A 33 -14.18 0.09 46.94
C LEU A 33 -15.49 -0.67 46.67
N SER A 34 -15.39 -1.96 46.34
CA SER A 34 -16.56 -2.83 46.02
C SER A 34 -17.50 -2.90 47.23
N LEU A 35 -16.95 -2.98 48.44
CA LEU A 35 -17.75 -3.08 49.67
C LEU A 35 -18.44 -1.73 49.94
N LEU A 36 -17.81 -0.60 49.64
CA LEU A 36 -18.47 0.74 49.74
C LEU A 36 -19.65 0.79 48.75
N ILE A 37 -19.47 0.32 47.53
CA ILE A 37 -20.58 0.26 46.55
C ILE A 37 -21.75 -0.48 47.22
N ARG A 38 -21.48 -1.68 47.69
CA ARG A 38 -22.57 -2.57 48.17
C ARG A 38 -23.14 -2.07 49.51
N ALA A 39 -22.37 -1.32 50.31
CA ALA A 39 -22.90 -0.70 51.54
C ALA A 39 -23.91 0.41 51.17
N GLU A 40 -23.61 1.26 50.19
CA GLU A 40 -24.55 2.31 49.71
C GLU A 40 -25.85 1.65 49.25
N LEU A 41 -25.75 0.48 48.63
CA LEU A 41 -26.93 -0.15 47.96
C LEU A 41 -27.60 -1.18 48.89
N GLY A 42 -27.09 -1.42 50.09
CA GLY A 42 -27.52 -2.55 50.93
C GLY A 42 -28.85 -2.32 51.63
N GLN A 43 -29.28 -1.08 51.71
CA GLN A 43 -30.67 -0.72 52.09
C GLN A 43 -31.06 0.53 51.28
N PRO A 44 -32.37 0.72 51.05
CA PRO A 44 -32.88 1.85 50.29
C PRO A 44 -32.55 3.15 51.04
N GLY A 45 -32.37 4.23 50.30
CA GLY A 45 -31.97 5.53 50.87
C GLY A 45 -30.51 5.79 50.59
N THR A 46 -29.95 6.77 51.26
CA THR A 46 -28.57 7.21 50.99
C THR A 46 -27.73 6.80 52.19
N LEU A 47 -26.55 6.27 51.95
CA LEU A 47 -25.56 6.02 53.01
C LEU A 47 -24.52 7.16 53.03
N LEU A 48 -23.90 7.46 51.90
CA LEU A 48 -22.79 8.44 51.87
C LEU A 48 -23.38 9.86 51.88
N GLY A 49 -24.61 10.06 51.46
CA GLY A 49 -25.21 11.41 51.37
C GLY A 49 -24.52 12.26 50.32
N ASP A 50 -23.81 11.65 49.37
CA ASP A 50 -22.99 12.40 48.39
C ASP A 50 -22.76 11.48 47.18
N ASP A 51 -23.61 11.64 46.17
CA ASP A 51 -23.63 10.72 45.03
C ASP A 51 -22.41 10.98 44.15
N GLN A 52 -21.81 12.18 44.18
CA GLN A 52 -20.52 12.38 43.48
C GLN A 52 -19.51 11.38 44.10
N ILE A 53 -19.50 11.19 45.42
CA ILE A 53 -18.52 10.28 46.04
C ILE A 53 -18.88 8.86 45.63
N TYR A 54 -20.15 8.52 45.58
CA TYR A 54 -20.55 7.15 45.12
C TYR A 54 -19.97 6.94 43.70
N ASN A 55 -20.12 7.94 42.80
CA ASN A 55 -19.68 7.79 41.39
C ASN A 55 -18.14 7.64 41.33
N VAL A 56 -17.44 8.33 42.22
CA VAL A 56 -15.96 8.27 42.29
C VAL A 56 -15.56 6.85 42.74
N VAL A 57 -16.28 6.31 43.74
CA VAL A 57 -15.99 4.96 44.27
C VAL A 57 -16.20 3.91 43.16
N VAL A 58 -17.28 4.01 42.41
CA VAL A 58 -17.56 3.04 41.31
C VAL A 58 -16.42 3.13 40.27
N THR A 59 -16.04 4.37 39.90
CA THR A 59 -15.03 4.61 38.84
C THR A 59 -13.70 3.98 39.29
N ALA A 60 -13.28 4.28 40.52
CA ALA A 60 -11.97 3.82 41.05
C ALA A 60 -12.00 2.29 41.21
N HIS A 61 -13.11 1.75 41.68
CA HIS A 61 -13.28 0.27 41.80
C HIS A 61 -12.84 -0.41 40.48
N ALA A 62 -13.39 0.03 39.35
CA ALA A 62 -13.13 -0.57 38.02
C ALA A 62 -11.66 -0.38 37.64
N PHE A 63 -11.14 0.85 37.74
CA PHE A 63 -9.75 1.08 37.32
C PHE A 63 -8.80 0.22 38.15
N VAL A 64 -9.00 0.18 39.47
CA VAL A 64 -8.11 -0.59 40.38
C VAL A 64 -8.20 -2.07 40.01
N MET A 65 -9.42 -2.59 39.89
CA MET A 65 -9.55 -4.06 39.63
C MET A 65 -8.93 -4.44 38.28
N ILE A 66 -9.10 -3.61 37.24
CA ILE A 66 -8.65 -3.98 35.86
C ILE A 66 -7.13 -3.73 35.73
N PHE A 67 -6.70 -2.49 36.00
CA PHE A 67 -5.34 -2.04 35.67
C PHE A 67 -4.33 -2.35 36.78
N PHE A 68 -4.74 -2.45 38.04
CA PHE A 68 -3.77 -2.64 39.16
C PHE A 68 -3.89 -4.03 39.78
N MET A 69 -5.00 -4.76 39.58
CA MET A 69 -5.13 -6.12 40.16
C MET A 69 -4.98 -7.15 39.04
N VAL A 70 -5.92 -7.23 38.11
CA VAL A 70 -5.90 -8.38 37.16
C VAL A 70 -4.67 -8.32 36.25
N MET A 71 -4.45 -7.22 35.52
CA MET A 71 -3.38 -7.22 34.52
C MET A 71 -2.01 -7.40 35.19
N PRO A 72 -1.66 -6.69 36.29
CA PRO A 72 -0.36 -6.92 36.92
C PRO A 72 -0.17 -8.37 37.40
N ILE A 73 -1.21 -8.97 37.97
CA ILE A 73 -1.07 -10.37 38.49
C ILE A 73 -0.94 -11.32 37.31
N MET A 74 -1.85 -11.25 36.33
CA MET A 74 -1.82 -12.26 35.23
C MET A 74 -0.55 -12.10 34.37
N ILE A 75 -0.30 -10.89 33.88
CA ILE A 75 0.74 -10.66 32.86
C ILE A 75 2.07 -10.38 33.56
N GLY A 76 2.07 -9.39 34.45
CA GLY A 76 3.29 -9.03 35.17
C GLY A 76 3.77 -10.15 36.09
N GLY A 77 2.86 -10.81 36.81
CA GLY A 77 3.26 -11.76 37.86
C GLY A 77 3.44 -13.17 37.32
N PHE A 78 2.34 -13.84 36.95
CA PHE A 78 2.42 -15.20 36.36
C PHE A 78 3.24 -15.15 35.06
N GLY A 79 3.01 -14.14 34.19
CA GLY A 79 3.74 -14.03 32.91
C GLY A 79 5.25 -13.96 33.13
N ASN A 80 5.74 -13.03 33.96
CA ASN A 80 7.20 -12.93 34.23
C ASN A 80 7.75 -14.21 34.89
N TRP A 81 7.07 -14.73 35.89
CA TRP A 81 7.56 -15.94 36.58
C TRP A 81 7.62 -17.12 35.61
N LEU A 82 6.54 -17.37 34.87
CA LEU A 82 6.37 -18.68 34.23
C LEU A 82 6.88 -18.72 32.78
N VAL A 83 6.76 -17.64 32.02
CA VAL A 83 7.03 -17.68 30.56
C VAL A 83 8.47 -18.11 30.31
N PRO A 84 9.49 -17.44 30.89
CA PRO A 84 10.88 -17.85 30.67
C PRO A 84 11.08 -19.32 31.09
N LEU A 85 10.54 -19.70 32.26
CA LEU A 85 10.76 -21.07 32.77
C LEU A 85 10.12 -22.06 31.79
N MET A 86 8.95 -21.76 31.24
CA MET A 86 8.22 -22.73 30.36
C MET A 86 8.90 -22.90 29.01
N ILE A 87 9.75 -21.96 28.59
CA ILE A 87 10.49 -22.09 27.29
C ILE A 87 12.00 -22.24 27.55
N GLY A 88 12.44 -22.46 28.77
CA GLY A 88 13.84 -22.70 29.10
C GLY A 88 14.71 -21.51 28.76
N ALA A 89 14.15 -20.33 28.84
CA ALA A 89 14.89 -19.06 28.57
C ALA A 89 15.55 -18.56 29.86
N PRO A 90 16.71 -17.89 29.76
CA PRO A 90 17.43 -17.43 30.94
C PRO A 90 16.86 -16.17 31.61
N ASP A 91 16.05 -15.44 30.86
CA ASP A 91 15.28 -14.27 31.36
C ASP A 91 14.37 -13.81 30.22
N MET A 92 13.78 -12.63 30.36
CA MET A 92 13.04 -11.92 29.29
C MET A 92 14.05 -11.29 28.28
N ALA A 93 13.59 -10.98 27.07
CA ALA A 93 14.43 -10.36 26.03
C ALA A 93 15.03 -9.04 26.57
N PHE A 94 14.25 -8.23 27.30
CA PHE A 94 14.61 -6.83 27.69
C PHE A 94 14.47 -6.73 29.19
N PRO A 95 15.43 -7.35 29.92
CA PRO A 95 15.27 -7.56 31.35
C PRO A 95 15.24 -6.26 32.14
N ARG A 96 15.88 -5.19 31.60
CA ARG A 96 15.91 -3.87 32.26
C ARG A 96 14.61 -3.09 31.87
N MET A 97 14.18 -3.14 30.62
CA MET A 97 12.87 -2.53 30.27
C MET A 97 11.75 -3.20 31.09
N ASN A 98 11.85 -4.51 31.35
CA ASN A 98 10.86 -5.26 32.16
C ASN A 98 10.68 -4.57 33.55
N ASN A 99 11.77 -4.14 34.15
CA ASN A 99 11.72 -3.49 35.47
C ASN A 99 10.96 -2.17 35.35
N MET A 100 11.08 -1.48 34.23
CA MET A 100 10.37 -0.18 34.07
C MET A 100 8.87 -0.42 33.90
N SER A 101 8.47 -1.49 33.22
CA SER A 101 7.03 -1.83 33.17
C SER A 101 6.51 -1.96 34.61
N PHE A 102 7.26 -2.60 35.49
CA PHE A 102 6.82 -2.75 36.89
C PHE A 102 6.79 -1.35 37.54
N TRP A 103 7.90 -0.60 37.51
CA TRP A 103 7.96 0.65 38.32
C TRP A 103 7.04 1.76 37.82
N LEU A 104 6.49 1.68 36.62
CA LEU A 104 5.45 2.63 36.16
C LEU A 104 4.15 2.43 36.94
N LEU A 105 3.92 1.26 37.55
CA LEU A 105 2.58 1.04 38.14
C LEU A 105 2.41 1.77 39.48
N PRO A 106 3.37 1.78 40.43
CA PRO A 106 3.15 2.58 41.65
C PRO A 106 2.79 4.03 41.33
N PRO A 107 3.54 4.73 40.46
CA PRO A 107 3.15 6.08 40.10
C PRO A 107 1.79 6.20 39.38
N SER A 108 1.46 5.25 38.47
CA SER A 108 0.10 5.21 37.88
C SER A 108 -0.94 5.19 39.02
N PHE A 109 -0.73 4.34 40.02
CA PHE A 109 -1.69 4.13 41.15
C PHE A 109 -1.75 5.43 41.98
N LEU A 110 -0.59 6.01 42.20
CA LEU A 110 -0.50 7.32 42.93
C LEU A 110 -1.32 8.41 42.19
N LEU A 111 -1.30 8.45 40.85
CA LEU A 111 -2.09 9.47 40.11
C LEU A 111 -3.59 9.17 40.27
N LEU A 112 -3.95 7.89 40.31
CA LEU A 112 -5.39 7.55 40.49
C LEU A 112 -5.84 7.96 41.91
N LEU A 113 -5.06 7.65 42.94
N LEU A 113 -5.03 7.63 42.94
CA LEU A 113 -5.42 8.00 44.34
CA LEU A 113 -5.24 8.11 44.35
C LEU A 113 -5.38 9.56 44.48
C LEU A 113 -5.52 9.60 44.28
N ALA A 114 -4.55 10.29 43.70
CA ALA A 114 -4.54 11.77 43.66
C ALA A 114 -5.86 12.29 43.04
N SER A 115 -6.34 11.67 41.96
N SER A 115 -6.30 11.67 41.95
CA SER A 115 -7.61 12.08 41.29
CA SER A 115 -7.57 12.02 41.28
C SER A 115 -8.76 12.04 42.28
C SER A 115 -8.71 12.06 42.31
N SER A 116 -8.75 11.07 43.21
CA SER A 116 -9.86 10.83 44.16
C SER A 116 -9.79 11.80 45.34
N MET A 117 -8.62 12.39 45.57
N MET A 117 -8.61 12.35 45.63
CA MET A 117 -8.26 13.18 46.77
CA MET A 117 -8.36 13.21 46.81
C MET A 117 -8.34 14.68 46.47
C MET A 117 -8.54 14.69 46.43
N VAL A 118 -8.18 15.07 45.21
CA VAL A 118 -8.30 16.50 44.79
C VAL A 118 -9.74 16.77 44.33
N GLU A 119 -10.17 18.03 44.46
CA GLU A 119 -11.52 18.51 44.06
C GLU A 119 -12.55 17.48 44.59
N ALA A 120 -13.47 17.03 43.74
CA ALA A 120 -14.56 16.09 44.10
C ALA A 120 -14.33 14.73 43.39
N GLY A 121 -13.13 14.44 42.93
CA GLY A 121 -12.80 13.17 42.26
C GLY A 121 -13.35 13.09 40.85
N ALA A 122 -13.01 12.02 40.16
CA ALA A 122 -13.54 11.72 38.81
C ALA A 122 -14.73 10.74 38.94
N GLY A 123 -15.93 11.28 38.99
CA GLY A 123 -17.16 10.48 39.11
C GLY A 123 -17.73 10.24 37.74
N THR A 124 -16.97 9.53 36.88
CA THR A 124 -17.26 9.48 35.42
C THR A 124 -17.76 8.11 34.95
N GLY A 125 -17.56 7.08 35.74
CA GLY A 125 -17.48 5.68 35.26
C GLY A 125 -16.12 5.43 34.64
N TRP A 126 -15.69 4.16 34.55
CA TRP A 126 -14.35 3.82 34.02
C TRP A 126 -14.22 4.10 32.52
N THR A 127 -15.33 4.38 31.84
CA THR A 127 -15.41 4.74 30.41
C THR A 127 -14.98 6.20 30.19
N VAL A 128 -15.14 7.05 31.21
CA VAL A 128 -14.70 8.48 31.18
C VAL A 128 -15.31 9.20 29.97
N TYR A 129 -16.59 8.98 29.66
CA TYR A 129 -17.27 9.64 28.50
C TYR A 129 -17.35 11.16 28.71
N PRO A 130 -16.98 11.93 27.67
CA PRO A 130 -17.37 13.34 27.61
C PRO A 130 -18.84 13.40 27.18
N PRO A 131 -19.57 14.50 27.44
CA PRO A 131 -19.08 15.70 28.16
C PRO A 131 -19.03 15.62 29.69
N LEU A 132 -19.54 14.54 30.30
CA LEU A 132 -19.47 14.43 31.79
C LEU A 132 -18.00 14.56 32.26
N ALA A 133 -17.05 13.95 31.54
CA ALA A 133 -15.60 13.93 31.84
C ALA A 133 -14.91 15.21 31.32
N GLY A 134 -15.65 16.13 30.69
CA GLY A 134 -15.11 17.37 30.14
C GLY A 134 -14.87 18.44 31.21
N ASN A 135 -14.35 19.58 30.78
CA ASN A 135 -13.85 20.63 31.72
C ASN A 135 -14.99 21.52 32.27
N LEU A 136 -16.25 21.33 31.85
N LEU A 136 -16.26 21.30 31.91
CA LEU A 136 -17.44 22.03 32.42
CA LEU A 136 -17.40 22.07 32.52
C LEU A 136 -18.05 21.16 33.53
C LEU A 136 -18.17 21.19 33.52
N ALA A 137 -18.42 19.91 33.20
CA ALA A 137 -19.13 19.00 34.12
C ALA A 137 -18.14 18.34 35.10
N HIS A 138 -16.83 18.30 34.79
CA HIS A 138 -15.77 17.83 35.70
C HIS A 138 -14.60 18.83 35.64
N ALA A 139 -14.86 20.10 35.97
CA ALA A 139 -13.81 21.15 36.06
C ALA A 139 -12.75 20.70 37.08
N GLY A 140 -11.49 21.00 36.84
CA GLY A 140 -10.42 20.78 37.81
C GLY A 140 -9.59 19.54 37.48
N ALA A 141 -8.71 19.15 38.39
CA ALA A 141 -7.58 18.25 38.06
C ALA A 141 -7.99 16.77 38.05
N SER A 142 -9.12 16.37 38.64
CA SER A 142 -9.40 14.91 38.89
C SER A 142 -9.35 14.11 37.58
N VAL A 143 -10.05 14.54 36.54
CA VAL A 143 -10.11 13.71 35.30
C VAL A 143 -8.71 13.72 34.64
N ASP A 144 -7.97 14.83 34.72
CA ASP A 144 -6.63 14.88 34.10
C ASP A 144 -5.72 13.87 34.80
N LEU A 145 -5.80 13.77 36.14
CA LEU A 145 -4.97 12.81 36.91
C LEU A 145 -5.38 11.38 36.52
N THR A 146 -6.65 11.15 36.25
CA THR A 146 -7.12 9.81 35.80
C THR A 146 -6.53 9.50 34.41
N ILE A 147 -6.57 10.47 33.49
CA ILE A 147 -6.00 10.33 32.11
C ILE A 147 -4.52 9.98 32.24
N PHE A 148 -3.79 10.70 33.08
CA PHE A 148 -2.35 10.44 33.21
C PHE A 148 -2.10 9.08 33.88
N SER A 149 -2.93 8.67 34.85
CA SER A 149 -2.83 7.30 35.44
C SER A 149 -2.91 6.28 34.29
N LEU A 150 -3.88 6.45 33.39
CA LEU A 150 -4.07 5.52 32.27
C LEU A 150 -2.86 5.57 31.34
N HIS A 151 -2.32 6.76 31.09
CA HIS A 151 -1.10 6.90 30.23
C HIS A 151 0.04 6.05 30.78
N LEU A 152 0.32 6.15 32.07
CA LEU A 152 1.47 5.42 32.64
C LEU A 152 1.15 3.92 32.64
N ALA A 153 -0.06 3.54 33.04
CA ALA A 153 -0.44 2.10 32.94
C ALA A 153 -0.33 1.60 31.49
N GLY A 154 -0.72 2.44 30.53
CA GLY A 154 -0.66 2.12 29.08
C GLY A 154 0.76 1.90 28.60
N VAL A 155 1.66 2.80 28.98
CA VAL A 155 3.09 2.61 28.62
C VAL A 155 3.63 1.33 29.26
N SER A 156 3.37 1.10 30.56
CA SER A 156 3.79 -0.13 31.26
C SER A 156 3.41 -1.33 30.39
N SER A 157 2.14 -1.42 29.98
CA SER A 157 1.62 -2.63 29.29
C SER A 157 2.11 -2.70 27.85
N ILE A 158 2.28 -1.58 27.15
CA ILE A 158 2.83 -1.60 25.77
C ILE A 158 4.26 -2.13 25.81
N LEU A 159 5.10 -1.60 26.68
CA LEU A 159 6.50 -2.08 26.76
C LEU A 159 6.49 -3.54 27.21
N GLY A 160 5.60 -3.92 28.14
CA GLY A 160 5.51 -5.32 28.57
C GLY A 160 5.10 -6.24 27.40
N ALA A 161 4.15 -5.81 26.56
CA ALA A 161 3.71 -6.55 25.36
C ALA A 161 4.90 -6.76 24.42
N ILE A 162 5.69 -5.69 24.16
CA ILE A 162 6.89 -5.79 23.29
C ILE A 162 7.85 -6.86 23.86
N ASN A 163 8.03 -6.84 25.17
CA ASN A 163 8.95 -7.76 25.89
C ASN A 163 8.44 -9.21 25.73
N PHE A 164 7.16 -9.45 25.98
CA PHE A 164 6.62 -10.84 25.94
C PHE A 164 6.64 -11.36 24.50
N ILE A 165 6.24 -10.56 23.53
CA ILE A 165 6.19 -11.04 22.11
C ILE A 165 7.63 -11.39 21.70
N THR A 166 8.59 -10.49 21.98
CA THR A 166 9.99 -10.72 21.61
C THR A 166 10.51 -12.02 22.29
N THR A 167 10.29 -12.15 23.60
CA THR A 167 10.81 -13.28 24.39
C THR A 167 10.26 -14.59 23.79
N ILE A 168 8.96 -14.61 23.54
CA ILE A 168 8.25 -15.84 23.13
C ILE A 168 8.64 -16.21 21.68
N ILE A 169 8.81 -15.24 20.80
CA ILE A 169 9.23 -15.52 19.39
C ILE A 169 10.71 -15.93 19.35
N ASN A 170 11.57 -15.24 20.10
CA ASN A 170 13.05 -15.25 19.85
C ASN A 170 13.80 -16.17 20.81
N MET A 171 13.26 -16.56 21.97
CA MET A 171 14.10 -17.14 23.06
C MET A 171 13.68 -18.56 23.45
N LYS A 172 13.04 -19.27 22.52
CA LYS A 172 12.74 -20.70 22.73
C LYS A 172 13.95 -21.52 22.34
N PRO A 173 14.08 -22.77 22.79
CA PRO A 173 15.14 -23.64 22.26
C PRO A 173 15.01 -23.69 20.75
N PRO A 174 16.12 -23.70 20.02
CA PRO A 174 16.07 -23.65 18.55
C PRO A 174 15.26 -24.80 17.93
N ALA A 175 15.19 -25.97 18.56
CA ALA A 175 14.34 -27.06 18.03
C ALA A 175 12.85 -26.83 18.31
N MET A 176 12.49 -25.98 19.28
CA MET A 176 11.07 -25.82 19.72
C MET A 176 10.33 -24.91 18.74
N SER A 177 9.34 -25.42 18.00
CA SER A 177 8.50 -24.53 17.17
C SER A 177 7.44 -23.86 18.07
N GLN A 178 6.73 -22.87 17.50
CA GLN A 178 5.60 -22.26 18.22
C GLN A 178 4.58 -23.35 18.59
N TYR A 179 4.49 -24.43 17.83
CA TYR A 179 3.50 -25.51 18.12
C TYR A 179 4.06 -26.51 19.14
N GLN A 180 5.16 -26.20 19.81
CA GLN A 180 5.67 -27.01 20.94
C GLN A 180 5.78 -26.15 22.21
N THR A 181 5.13 -25.01 22.24
CA THR A 181 5.14 -24.16 23.44
C THR A 181 3.88 -24.42 24.23
N PRO A 182 3.95 -24.35 25.56
CA PRO A 182 2.75 -24.54 26.36
C PRO A 182 1.65 -23.49 26.12
N LEU A 183 0.39 -23.89 26.32
CA LEU A 183 -0.80 -23.03 26.13
C LEU A 183 -0.69 -21.73 26.96
N PHE A 184 -0.12 -21.77 28.17
CA PHE A 184 -0.02 -20.50 28.94
C PHE A 184 0.85 -19.50 28.15
N VAL A 185 1.91 -19.99 27.53
CA VAL A 185 2.84 -19.14 26.75
C VAL A 185 2.10 -18.60 25.52
N TRP A 186 1.31 -19.43 24.82
CA TRP A 186 0.43 -18.90 23.75
C TRP A 186 -0.48 -17.80 24.29
N SER A 187 -1.14 -18.03 25.44
CA SER A 187 -2.16 -17.12 25.99
C SER A 187 -1.52 -15.75 26.27
N VAL A 188 -0.26 -15.74 26.72
CA VAL A 188 0.47 -14.47 27.00
C VAL A 188 0.86 -13.79 25.67
N MET A 189 1.34 -14.54 24.69
CA MET A 189 1.70 -13.95 23.36
C MET A 189 0.48 -13.27 22.75
N ILE A 190 -0.69 -13.94 22.75
CA ILE A 190 -1.91 -13.39 22.12
C ILE A 190 -2.36 -12.14 22.90
N THR A 191 -2.35 -12.21 24.25
CA THR A 191 -2.72 -11.08 25.13
C THR A 191 -1.79 -9.89 24.75
N ALA A 192 -0.50 -10.16 24.58
CA ALA A 192 0.52 -9.08 24.30
C ALA A 192 0.22 -8.44 22.95
N VAL A 193 -0.19 -9.25 21.96
CA VAL A 193 -0.55 -8.69 20.63
C VAL A 193 -1.79 -7.79 20.80
N LEU A 194 -2.80 -8.23 21.54
CA LEU A 194 -4.00 -7.39 21.78
C LEU A 194 -3.59 -6.06 22.47
N LEU A 195 -2.71 -6.11 23.46
CA LEU A 195 -2.27 -4.88 24.17
C LEU A 195 -1.59 -3.93 23.19
N LEU A 196 -0.66 -4.46 22.39
CA LEU A 196 0.20 -3.72 21.46
C LEU A 196 -0.68 -2.91 20.50
N LEU A 197 -1.79 -3.52 20.05
CA LEU A 197 -2.66 -2.88 19.03
C LEU A 197 -3.74 -1.99 19.66
N SER A 198 -4.25 -2.33 20.84
CA SER A 198 -5.44 -1.67 21.44
C SER A 198 -5.02 -0.45 22.28
N LEU A 199 -4.03 -0.60 23.14
CA LEU A 199 -3.66 0.53 24.06
C LEU A 199 -3.31 1.82 23.31
N PRO A 200 -2.64 1.78 22.15
CA PRO A 200 -2.33 3.04 21.46
C PRO A 200 -3.60 3.79 21.01
N VAL A 201 -4.68 3.05 20.77
CA VAL A 201 -5.92 3.70 20.33
C VAL A 201 -6.57 4.36 21.55
N LEU A 202 -6.58 3.69 22.69
CA LEU A 202 -7.02 4.33 23.95
C LEU A 202 -6.14 5.58 24.17
N ALA A 203 -4.82 5.45 24.02
CA ALA A 203 -3.89 6.58 24.29
C ALA A 203 -4.29 7.80 23.42
N ALA A 204 -4.64 7.55 22.15
CA ALA A 204 -5.07 8.62 21.25
C ALA A 204 -6.37 9.25 21.79
N GLY A 205 -7.36 8.44 22.12
CA GLY A 205 -8.65 8.95 22.59
C GLY A 205 -8.54 9.78 23.88
N ILE A 206 -7.85 9.27 24.88
CA ILE A 206 -7.77 9.99 26.19
C ILE A 206 -6.85 11.22 26.03
N THR A 207 -5.91 11.17 25.11
CA THR A 207 -5.10 12.37 24.76
C THR A 207 -6.00 13.46 24.15
N MET A 208 -6.89 13.08 23.23
N MET A 208 -6.92 13.08 23.26
CA MET A 208 -7.90 14.01 22.68
CA MET A 208 -7.88 14.03 22.68
C MET A 208 -8.76 14.54 23.84
C MET A 208 -8.84 14.52 23.78
N LEU A 209 -9.16 13.69 24.79
CA LEU A 209 -9.96 14.18 25.95
C LEU A 209 -9.14 15.22 26.75
N LEU A 210 -7.86 14.93 26.93
CA LEU A 210 -6.92 15.86 27.65
C LEU A 210 -6.82 17.23 26.94
N THR A 211 -6.66 17.24 25.61
CA THR A 211 -6.57 18.48 24.82
C THR A 211 -7.95 19.18 24.82
N ASP A 212 -9.07 18.44 24.77
CA ASP A 212 -10.41 19.11 24.84
C ASP A 212 -10.53 19.83 26.20
N ARG A 213 -9.97 19.24 27.26
CA ARG A 213 -10.11 19.74 28.65
C ARG A 213 -9.15 20.92 28.87
N ASN A 214 -8.00 20.98 28.18
CA ASN A 214 -6.90 21.92 28.55
C ASN A 214 -6.37 22.77 27.40
N LEU A 215 -6.55 22.41 26.13
CA LEU A 215 -5.94 23.15 24.99
C LEU A 215 -7.01 23.68 24.04
N ASN A 216 -8.29 23.63 24.44
CA ASN A 216 -9.40 24.22 23.65
C ASN A 216 -9.57 23.49 22.30
N THR A 217 -9.21 22.22 22.22
CA THR A 217 -9.63 21.36 21.09
C THR A 217 -11.10 21.03 21.27
N THR A 218 -11.69 20.48 20.22
CA THR A 218 -13.14 20.19 20.25
C THR A 218 -13.40 18.84 19.54
N PHE A 219 -12.56 17.86 19.72
CA PHE A 219 -12.78 16.51 19.14
C PHE A 219 -14.15 15.98 19.56
N PHE A 220 -14.55 16.21 20.81
CA PHE A 220 -15.76 15.60 21.38
C PHE A 220 -16.83 16.65 21.72
N ASP A 221 -16.66 17.88 21.24
CA ASP A 221 -17.50 19.04 21.62
C ASP A 221 -18.25 19.49 20.38
N PRO A 222 -19.57 19.27 20.30
CA PRO A 222 -20.33 19.70 19.11
C PRO A 222 -20.20 21.19 18.77
N ALA A 223 -20.00 22.05 19.76
CA ALA A 223 -19.83 23.49 19.47
C ALA A 223 -18.69 23.69 18.44
N GLY A 224 -17.63 22.87 18.44
CA GLY A 224 -16.53 22.99 17.46
C GLY A 224 -16.69 22.07 16.28
N GLY A 225 -17.81 21.33 16.18
CA GLY A 225 -17.98 20.29 15.14
C GLY A 225 -17.54 18.90 15.59
N GLY A 226 -17.24 18.71 16.87
CA GLY A 226 -16.83 17.42 17.43
C GLY A 226 -18.05 16.56 17.77
N ASP A 227 -17.79 15.40 18.35
CA ASP A 227 -18.83 14.37 18.55
C ASP A 227 -18.45 13.53 19.75
N PRO A 228 -19.26 13.54 20.83
CA PRO A 228 -19.06 12.63 21.96
C PRO A 228 -18.99 11.17 21.52
N ILE A 229 -19.70 10.80 20.45
CA ILE A 229 -19.72 9.36 20.05
C ILE A 229 -18.36 8.94 19.48
N LEU A 230 -17.58 9.84 18.90
CA LEU A 230 -16.21 9.49 18.46
C LEU A 230 -15.40 8.94 19.65
N TYR A 231 -15.46 9.61 20.83
CA TYR A 231 -14.75 9.14 22.05
C TYR A 231 -15.14 7.67 22.31
N GLN A 232 -16.43 7.39 22.26
CA GLN A 232 -16.95 6.04 22.56
C GLN A 232 -16.35 5.02 21.60
N HIS A 233 -16.28 5.30 20.29
CA HIS A 233 -15.64 4.37 19.34
C HIS A 233 -14.17 4.12 19.70
N LEU A 234 -13.41 5.17 19.99
CA LEU A 234 -11.97 5.01 20.29
C LEU A 234 -11.82 4.22 21.59
N PHE A 235 -12.63 4.55 22.61
CA PHE A 235 -12.58 3.86 23.92
C PHE A 235 -12.88 2.38 23.73
N TRP A 236 -14.01 2.07 23.08
CA TRP A 236 -14.41 0.64 22.96
C TRP A 236 -13.59 -0.12 21.92
N PHE A 237 -12.97 0.55 20.96
CA PHE A 237 -12.03 -0.15 20.04
C PHE A 237 -10.90 -0.76 20.89
N PHE A 238 -10.50 -0.07 21.96
CA PHE A 238 -9.58 -0.62 22.98
C PHE A 238 -10.35 -1.55 23.94
N GLY A 239 -11.49 -1.12 24.45
CA GLY A 239 -12.16 -1.76 25.60
C GLY A 239 -12.66 -3.20 25.30
N HIS A 240 -13.12 -3.53 24.09
CA HIS A 240 -13.47 -4.95 23.83
C HIS A 240 -12.18 -5.81 23.83
N PRO A 241 -11.12 -5.50 23.07
CA PRO A 241 -9.86 -6.25 23.23
C PRO A 241 -9.45 -6.34 24.70
N GLU A 242 -9.59 -5.24 25.47
CA GLU A 242 -9.19 -5.25 26.88
C GLU A 242 -9.93 -6.39 27.61
N VAL A 243 -11.22 -6.63 27.34
CA VAL A 243 -11.89 -7.69 28.15
C VAL A 243 -11.32 -9.06 27.79
N TYR A 244 -10.88 -9.28 26.56
CA TYR A 244 -10.19 -10.55 26.16
C TYR A 244 -8.78 -10.61 26.77
N ILE A 245 -8.08 -9.49 26.83
CA ILE A 245 -6.77 -9.34 27.52
C ILE A 245 -6.91 -9.80 28.97
N LEU A 246 -8.01 -9.44 29.61
CA LEU A 246 -8.26 -9.78 31.03
C LEU A 246 -8.49 -11.27 31.22
N ILE A 247 -9.03 -11.98 30.23
CA ILE A 247 -9.35 -13.42 30.44
C ILE A 247 -8.32 -14.33 29.79
N LEU A 248 -7.63 -13.92 28.69
CA LEU A 248 -6.74 -14.86 27.93
C LEU A 248 -5.69 -15.55 28.80
N PRO A 249 -4.90 -14.84 29.62
CA PRO A 249 -3.95 -15.52 30.47
C PRO A 249 -4.64 -16.47 31.48
N GLY A 250 -5.87 -16.14 31.90
CA GLY A 250 -6.70 -17.03 32.73
C GLY A 250 -7.01 -18.31 31.97
N PHE A 251 -7.40 -18.21 30.71
CA PHE A 251 -7.59 -19.42 29.85
C PHE A 251 -6.30 -20.27 29.86
N GLY A 252 -5.14 -19.63 29.69
CA GLY A 252 -3.85 -20.34 29.71
C GLY A 252 -3.63 -21.06 31.02
N MET A 253 -3.83 -20.38 32.14
CA MET A 253 -3.59 -21.00 33.48
C MET A 253 -4.59 -22.16 33.69
N ILE A 254 -5.84 -21.98 33.30
CA ILE A 254 -6.90 -23.03 33.43
C ILE A 254 -6.46 -24.26 32.63
N SER A 255 -5.94 -24.11 31.40
CA SER A 255 -5.49 -25.28 30.61
C SER A 255 -4.42 -26.06 31.39
N HIS A 256 -3.46 -25.39 32.01
CA HIS A 256 -2.34 -26.04 32.75
C HIS A 256 -2.89 -26.72 34.01
N ILE A 257 -3.78 -26.04 34.75
CA ILE A 257 -4.31 -26.56 36.05
C ILE A 257 -5.18 -27.79 35.77
N VAL A 258 -6.11 -27.69 34.82
CA VAL A 258 -7.01 -28.84 34.50
C VAL A 258 -6.17 -30.04 34.03
N THR A 259 -5.13 -29.78 33.23
CA THR A 259 -4.24 -30.84 32.71
C THR A 259 -3.53 -31.52 33.88
N TYR A 260 -2.93 -30.70 34.74
CA TYR A 260 -2.11 -31.13 35.88
C TYR A 260 -2.96 -31.99 36.83
N TYR A 261 -4.11 -31.48 37.29
CA TYR A 261 -4.90 -32.15 38.34
C TYR A 261 -5.78 -33.24 37.71
N SER A 262 -5.81 -33.36 36.39
CA SER A 262 -6.40 -34.57 35.74
C SER A 262 -5.35 -35.68 35.62
N GLY A 263 -4.10 -35.44 36.03
CA GLY A 263 -3.03 -36.43 35.82
C GLY A 263 -2.70 -36.66 34.36
N LYS A 264 -2.91 -35.68 33.50
CA LYS A 264 -2.65 -35.80 32.05
C LYS A 264 -1.29 -35.16 31.72
N LYS A 265 -0.65 -35.67 30.69
CA LYS A 265 0.61 -35.14 30.16
C LYS A 265 0.33 -33.90 29.29
N GLU A 266 -0.91 -33.71 28.83
CA GLU A 266 -1.23 -32.71 27.80
C GLU A 266 -2.72 -32.40 27.81
N PRO A 267 -3.08 -31.14 27.47
CA PRO A 267 -4.47 -30.75 27.33
C PRO A 267 -5.03 -31.44 26.10
N PHE A 268 -6.33 -31.70 26.13
CA PHE A 268 -7.07 -32.20 24.96
C PHE A 268 -7.02 -31.15 23.83
N GLY A 269 -6.70 -31.60 22.61
CA GLY A 269 -6.83 -30.79 21.39
C GLY A 269 -5.97 -29.53 21.43
N TYR A 270 -4.67 -29.67 21.64
CA TYR A 270 -3.70 -28.54 21.72
C TYR A 270 -3.89 -27.54 20.56
N MET A 271 -3.94 -28.01 19.31
CA MET A 271 -4.00 -27.10 18.15
C MET A 271 -5.35 -26.40 18.10
N GLY A 272 -6.45 -27.06 18.50
CA GLY A 272 -7.76 -26.43 18.67
C GLY A 272 -7.72 -25.31 19.72
N MET A 273 -6.96 -25.51 20.79
CA MET A 273 -6.87 -24.50 21.88
C MET A 273 -6.11 -23.27 21.35
N VAL A 274 -5.03 -23.51 20.58
CA VAL A 274 -4.26 -22.44 19.90
C VAL A 274 -5.19 -21.71 18.93
N TRP A 275 -5.88 -22.45 18.06
CA TRP A 275 -6.84 -21.87 17.10
C TRP A 275 -7.87 -21.02 17.83
N ALA A 276 -8.41 -21.51 18.94
CA ALA A 276 -9.51 -20.83 19.66
C ALA A 276 -8.98 -19.49 20.22
N MET A 277 -7.82 -19.50 20.84
CA MET A 277 -7.28 -18.25 21.41
C MET A 277 -6.95 -17.23 20.29
N MET A 278 -6.39 -17.65 19.17
N MET A 278 -6.37 -17.69 19.19
CA MET A 278 -6.09 -16.72 18.05
CA MET A 278 -6.07 -16.82 18.02
C MET A 278 -7.39 -16.21 17.44
C MET A 278 -7.38 -16.23 17.47
N SER A 279 -8.41 -17.06 17.32
CA SER A 279 -9.72 -16.65 16.79
C SER A 279 -10.37 -15.61 17.72
N ILE A 280 -10.36 -15.86 19.01
CA ILE A 280 -10.96 -14.94 20.01
C ILE A 280 -10.21 -13.62 19.91
N GLY A 281 -8.90 -13.68 19.81
CA GLY A 281 -8.08 -12.46 19.68
C GLY A 281 -8.42 -11.61 18.45
N PHE A 282 -8.55 -12.24 17.28
CA PHE A 282 -8.92 -11.57 16.01
C PHE A 282 -10.35 -11.00 16.11
N LEU A 283 -11.33 -11.84 16.43
CA LEU A 283 -12.75 -11.43 16.49
C LEU A 283 -12.91 -10.30 17.52
N GLY A 284 -12.11 -10.32 18.57
CA GLY A 284 -12.09 -9.30 19.63
C GLY A 284 -11.89 -7.88 19.12
N PHE A 285 -11.37 -7.70 17.90
CA PHE A 285 -11.13 -6.36 17.28
C PHE A 285 -12.31 -5.90 16.42
N ILE A 286 -13.30 -6.76 16.14
CA ILE A 286 -14.35 -6.39 15.13
C ILE A 286 -15.77 -6.38 15.73
N VAL A 287 -15.90 -6.22 17.05
CA VAL A 287 -17.20 -6.33 17.76
C VAL A 287 -17.50 -5.12 18.68
N TRP A 288 -16.61 -4.11 18.76
CA TRP A 288 -16.61 -3.11 19.86
C TRP A 288 -17.95 -2.37 19.97
N ALA A 289 -18.66 -2.17 18.86
CA ALA A 289 -19.83 -1.30 18.89
C ALA A 289 -21.05 -2.00 19.53
N HIS A 290 -20.91 -3.24 20.02
CA HIS A 290 -21.95 -3.82 20.91
C HIS A 290 -21.97 -3.09 22.27
N HIS A 291 -20.99 -2.22 22.55
CA HIS A 291 -21.03 -1.30 23.73
C HIS A 291 -21.83 -0.02 23.41
N MET A 292 -22.39 0.11 22.20
CA MET A 292 -22.97 1.38 21.69
C MET A 292 -24.32 1.13 21.02
N PHE A 293 -25.02 0.05 21.34
CA PHE A 293 -26.29 -0.24 20.62
C PHE A 293 -27.39 0.81 20.91
N THR A 294 -27.28 1.62 21.96
CA THR A 294 -28.32 2.64 22.28
C THR A 294 -27.90 4.04 21.84
N VAL A 295 -26.77 4.22 21.15
CA VAL A 295 -26.30 5.60 20.84
C VAL A 295 -26.98 6.21 19.60
N GLY A 296 -27.80 5.45 18.87
CA GLY A 296 -28.39 5.90 17.61
C GLY A 296 -27.65 5.39 16.38
N MET A 297 -26.97 4.24 16.35
N MET A 297 -27.68 4.07 16.38
CA MET A 297 -26.27 3.81 15.08
CA MET A 297 -26.95 3.17 15.46
C MET A 297 -27.33 3.22 14.12
C MET A 297 -27.89 2.72 14.35
N ASP A 298 -27.00 3.03 12.82
N ASP A 298 -27.50 3.03 13.10
CA ASP A 298 -27.91 2.51 11.75
CA ASP A 298 -28.18 2.53 11.88
C ASP A 298 -28.31 1.03 12.02
C ASP A 298 -28.36 1.02 12.06
N VAL A 299 -29.51 0.57 11.61
CA VAL A 299 -29.95 -0.84 11.77
C VAL A 299 -28.93 -1.84 11.19
N ASP A 300 -28.33 -1.60 10.04
CA ASP A 300 -27.45 -2.61 9.38
C ASP A 300 -26.15 -2.71 10.20
N THR A 301 -25.69 -1.61 10.78
CA THR A 301 -24.51 -1.65 11.66
C THR A 301 -24.89 -2.50 12.88
N ARG A 302 -26.07 -2.30 13.47
CA ARG A 302 -26.54 -3.12 14.61
C ARG A 302 -26.54 -4.60 14.24
N ALA A 303 -27.00 -4.92 13.03
CA ALA A 303 -27.14 -6.31 12.55
C ALA A 303 -25.74 -6.94 12.46
N TYR A 304 -24.79 -6.21 11.89
CA TYR A 304 -23.40 -6.69 11.75
C TYR A 304 -22.83 -6.91 13.17
N PHE A 305 -22.95 -5.94 14.09
CA PHE A 305 -22.25 -6.09 15.39
C PHE A 305 -22.90 -7.23 16.20
N THR A 306 -24.21 -7.40 16.09
CA THR A 306 -24.89 -8.59 16.70
C THR A 306 -24.25 -9.90 16.15
N SER A 307 -24.16 -10.02 14.84
CA SER A 307 -23.69 -11.26 14.19
C SER A 307 -22.22 -11.58 14.52
N ALA A 308 -21.33 -10.60 14.33
CA ALA A 308 -19.89 -10.75 14.59
C ALA A 308 -19.66 -11.11 16.07
N THR A 309 -20.40 -10.50 16.99
CA THR A 309 -20.25 -10.80 18.44
C THR A 309 -20.64 -12.26 18.67
N MET A 310 -21.75 -12.73 18.08
CA MET A 310 -22.16 -14.12 18.42
C MET A 310 -21.10 -15.17 17.98
N ILE A 311 -20.36 -14.88 16.90
N ILE A 311 -20.42 -14.99 16.86
CA ILE A 311 -19.31 -15.79 16.34
CA ILE A 311 -19.57 -16.08 16.32
C ILE A 311 -18.32 -16.17 17.44
C ILE A 311 -18.39 -16.34 17.26
N ILE A 312 -17.96 -15.28 18.36
N ILE A 312 -18.08 -15.45 18.22
CA ILE A 312 -16.95 -15.56 19.42
CA ILE A 312 -16.97 -15.70 19.17
C ILE A 312 -17.35 -16.81 20.23
C ILE A 312 -17.34 -16.83 20.16
N ALA A 313 -18.63 -17.13 20.36
CA ALA A 313 -19.08 -18.33 21.11
C ALA A 313 -18.48 -19.61 20.51
N ILE A 314 -18.18 -19.65 19.21
CA ILE A 314 -17.72 -20.92 18.57
C ILE A 314 -16.32 -21.27 19.08
N PRO A 315 -15.26 -20.45 18.86
CA PRO A 315 -13.97 -20.80 19.41
C PRO A 315 -14.01 -20.95 20.94
N THR A 316 -14.82 -20.14 21.60
CA THR A 316 -14.88 -20.19 23.08
C THR A 316 -15.44 -21.57 23.50
N GLY A 317 -16.47 -22.03 22.82
CA GLY A 317 -17.01 -23.38 23.08
C GLY A 317 -15.99 -24.47 22.89
N VAL A 318 -15.13 -24.39 21.85
CA VAL A 318 -14.04 -25.38 21.67
C VAL A 318 -13.14 -25.42 22.92
N LYS A 319 -12.84 -24.27 23.54
CA LYS A 319 -11.99 -24.28 24.76
C LYS A 319 -12.75 -24.96 25.91
N VAL A 320 -14.01 -24.60 26.14
CA VAL A 320 -14.77 -25.16 27.30
C VAL A 320 -14.87 -26.67 27.13
N PHE A 321 -15.25 -27.12 25.94
CA PHE A 321 -15.38 -28.58 25.66
C PHE A 321 -14.02 -29.27 25.79
N SER A 322 -12.94 -28.62 25.34
CA SER A 322 -11.58 -29.19 25.45
C SER A 322 -11.16 -29.33 26.93
N TRP A 323 -11.52 -28.38 27.79
CA TRP A 323 -11.26 -28.52 29.23
C TRP A 323 -12.03 -29.74 29.76
N LEU A 324 -13.28 -29.87 29.39
CA LEU A 324 -14.08 -31.05 29.84
C LEU A 324 -13.43 -32.34 29.31
N ALA A 325 -12.97 -32.34 28.06
CA ALA A 325 -12.34 -33.53 27.45
C ALA A 325 -10.95 -33.78 28.10
N THR A 326 -10.32 -32.78 28.71
CA THR A 326 -9.05 -33.01 29.44
C THR A 326 -9.37 -33.74 30.77
N LEU A 327 -10.46 -33.38 31.44
CA LEU A 327 -10.91 -34.01 32.71
C LEU A 327 -11.26 -35.49 32.42
N HIS A 328 -11.90 -35.73 31.29
CA HIS A 328 -12.40 -37.07 30.87
C HIS A 328 -11.30 -38.12 31.03
N GLY A 329 -11.50 -39.15 31.85
CA GLY A 329 -10.50 -40.20 32.00
C GLY A 329 -9.37 -39.83 32.94
N GLY A 330 -9.42 -38.65 33.54
CA GLY A 330 -8.34 -38.25 34.45
C GLY A 330 -8.33 -39.05 35.74
N ASN A 331 -7.14 -39.16 36.31
CA ASN A 331 -6.94 -39.46 37.74
C ASN A 331 -7.11 -38.14 38.48
N ILE A 332 -8.33 -37.80 38.87
CA ILE A 332 -8.64 -36.45 39.34
C ILE A 332 -8.07 -36.26 40.73
N LYS A 333 -7.26 -35.21 40.90
CA LYS A 333 -6.79 -34.81 42.23
C LYS A 333 -7.60 -33.58 42.62
N TRP A 334 -8.38 -33.68 43.69
CA TRP A 334 -9.28 -32.63 44.20
C TRP A 334 -8.50 -31.64 45.07
N SER A 335 -7.44 -31.10 44.51
CA SER A 335 -6.66 -30.00 45.12
C SER A 335 -7.48 -28.72 45.12
N PRO A 336 -7.13 -27.77 46.01
CA PRO A 336 -7.80 -26.48 45.96
C PRO A 336 -7.69 -25.81 44.58
N ALA A 337 -6.55 -25.97 43.87
CA ALA A 337 -6.37 -25.31 42.55
C ALA A 337 -7.39 -25.91 41.57
N MET A 338 -7.60 -27.23 41.63
CA MET A 338 -8.60 -27.89 40.74
C MET A 338 -9.98 -27.31 41.03
N MET A 339 -10.32 -27.08 42.31
CA MET A 339 -11.66 -26.53 42.66
C MET A 339 -11.81 -25.14 42.03
N TRP A 340 -10.78 -24.27 42.15
CA TRP A 340 -10.80 -22.94 41.51
C TRP A 340 -11.07 -23.12 40.01
N ALA A 341 -10.38 -24.06 39.38
CA ALA A 341 -10.46 -24.24 37.91
C ALA A 341 -11.86 -24.73 37.54
N LEU A 342 -12.44 -25.65 38.32
CA LEU A 342 -13.80 -26.15 37.96
C LEU A 342 -14.85 -25.06 38.20
N GLY A 343 -14.68 -24.28 39.27
CA GLY A 343 -15.54 -23.10 39.47
C GLY A 343 -15.43 -22.13 38.30
N PHE A 344 -14.19 -21.90 37.82
CA PHE A 344 -13.93 -21.06 36.63
C PHE A 344 -14.76 -21.55 35.45
N ILE A 345 -14.66 -22.84 35.13
CA ILE A 345 -15.33 -23.36 33.89
C ILE A 345 -16.82 -23.05 33.97
N PHE A 346 -17.41 -23.31 35.11
CA PHE A 346 -18.87 -23.14 35.31
C PHE A 346 -19.27 -21.66 35.25
N LEU A 347 -18.61 -20.82 36.04
CA LEU A 347 -19.02 -19.41 36.20
C LEU A 347 -18.71 -18.65 34.90
N PHE A 348 -17.60 -18.95 34.27
CA PHE A 348 -17.21 -18.34 32.96
C PHE A 348 -18.30 -18.66 31.92
N THR A 349 -18.77 -19.90 31.91
CA THR A 349 -19.81 -20.34 30.97
C THR A 349 -21.09 -19.54 31.25
N VAL A 350 -21.52 -19.39 32.49
CA VAL A 350 -22.75 -18.60 32.78
C VAL A 350 -22.58 -17.16 32.25
N GLY A 351 -21.46 -16.51 32.57
CA GLY A 351 -21.27 -15.14 32.11
C GLY A 351 -21.15 -15.06 30.58
N GLY A 352 -20.50 -16.04 29.95
CA GLY A 352 -20.36 -16.04 28.49
C GLY A 352 -21.73 -16.11 27.87
N LEU A 353 -22.62 -16.89 28.47
CA LEU A 353 -23.98 -17.06 27.90
C LEU A 353 -24.78 -15.77 28.07
N THR A 354 -24.66 -15.03 29.19
CA THR A 354 -25.41 -13.76 29.31
C THR A 354 -24.80 -12.74 28.33
N GLY A 355 -23.55 -12.91 27.95
CA GLY A 355 -22.93 -12.08 26.89
C GLY A 355 -23.63 -12.30 25.56
N ILE A 356 -23.93 -13.56 25.28
CA ILE A 356 -24.66 -13.88 24.01
C ILE A 356 -26.07 -13.27 24.05
N VAL A 357 -26.73 -13.22 25.20
CA VAL A 357 -28.06 -12.54 25.32
C VAL A 357 -27.85 -11.05 24.93
N LEU A 358 -26.85 -10.41 25.54
CA LEU A 358 -26.57 -8.98 25.30
C LEU A 358 -26.16 -8.72 23.85
N ALA A 359 -25.54 -9.67 23.16
CA ALA A 359 -25.08 -9.48 21.76
C ALA A 359 -26.27 -9.12 20.89
N ASN A 360 -27.46 -9.56 21.27
CA ASN A 360 -28.69 -9.32 20.50
C ASN A 360 -29.15 -7.88 20.71
N SER A 361 -28.84 -6.98 19.78
N SER A 361 -28.87 -7.05 19.70
CA SER A 361 -29.05 -5.53 19.98
CA SER A 361 -29.04 -5.57 19.73
C SER A 361 -30.50 -5.28 20.43
C SER A 361 -30.48 -5.20 20.10
N SER A 362 -31.48 -5.88 19.77
N SER A 362 -31.45 -6.05 19.81
CA SER A 362 -32.91 -5.70 20.14
CA SER A 362 -32.86 -5.71 20.10
C SER A 362 -33.08 -5.88 21.66
C SER A 362 -33.14 -5.93 21.60
N LEU A 363 -32.59 -6.99 22.22
CA LEU A 363 -32.72 -7.22 23.68
C LEU A 363 -31.78 -6.24 24.41
N ASP A 364 -30.63 -5.92 23.85
CA ASP A 364 -29.68 -5.00 24.53
C ASP A 364 -30.31 -3.62 24.73
N ILE A 365 -31.24 -3.17 23.87
CA ILE A 365 -31.94 -1.88 24.10
C ILE A 365 -32.45 -1.86 25.56
N VAL A 366 -33.10 -2.95 25.99
CA VAL A 366 -33.74 -3.03 27.32
C VAL A 366 -32.71 -3.40 28.40
N LEU A 367 -31.60 -4.04 28.08
CA LEU A 367 -30.65 -4.52 29.11
C LEU A 367 -29.45 -3.58 29.28
N HIS A 368 -29.19 -2.74 28.29
CA HIS A 368 -28.04 -1.81 28.30
C HIS A 368 -28.13 -0.88 29.52
N ASP A 369 -27.01 -0.64 30.22
CA ASP A 369 -27.00 0.34 31.33
C ASP A 369 -27.96 -0.13 32.43
N THR A 370 -28.13 -1.46 32.57
CA THR A 370 -28.85 -2.10 33.69
C THR A 370 -27.89 -3.04 34.42
N TYR A 371 -28.33 -3.48 35.60
CA TYR A 371 -27.61 -4.50 36.38
C TYR A 371 -27.50 -5.83 35.60
N TYR A 372 -28.21 -6.06 34.50
CA TYR A 372 -27.97 -7.30 33.72
C TYR A 372 -26.53 -7.29 33.18
N VAL A 373 -26.06 -6.12 32.76
CA VAL A 373 -24.68 -6.00 32.23
C VAL A 373 -23.69 -6.23 33.37
N VAL A 374 -23.97 -5.61 34.53
CA VAL A 374 -23.12 -5.77 35.74
C VAL A 374 -23.04 -7.27 36.13
N ALA A 375 -24.19 -7.98 36.07
CA ALA A 375 -24.22 -9.43 36.35
C ALA A 375 -23.35 -10.20 35.32
N HIS A 376 -23.55 -9.93 34.03
CA HIS A 376 -22.75 -10.56 32.96
C HIS A 376 -21.27 -10.43 33.28
N PHE A 377 -20.75 -9.21 33.49
CA PHE A 377 -19.28 -9.09 33.53
C PHE A 377 -18.73 -9.48 34.88
N HIS A 378 -19.50 -9.46 35.98
CA HIS A 378 -18.95 -9.98 37.27
C HIS A 378 -18.90 -11.52 37.23
N TYR A 379 -19.73 -12.18 36.43
CA TYR A 379 -19.52 -13.63 36.15
C TYR A 379 -18.26 -13.82 35.28
N VAL A 380 -18.23 -13.27 34.07
CA VAL A 380 -17.22 -13.70 33.05
C VAL A 380 -15.89 -13.02 33.37
N LEU A 381 -15.93 -11.79 33.86
CA LEU A 381 -14.65 -11.10 34.14
C LEU A 381 -14.29 -11.20 35.62
N SER A 382 -15.11 -10.72 36.49
CA SER A 382 -14.75 -10.68 37.93
C SER A 382 -14.46 -12.05 38.47
N MET A 383 -15.42 -12.98 38.37
CA MET A 383 -15.23 -14.38 38.83
C MET A 383 -14.25 -15.11 37.89
N GLY A 384 -14.40 -15.02 36.58
CA GLY A 384 -13.44 -15.67 35.65
C GLY A 384 -12.01 -15.31 35.99
N ALA A 385 -11.67 -14.02 36.00
CA ALA A 385 -10.29 -13.60 36.27
C ALA A 385 -9.90 -13.99 37.69
N VAL A 386 -10.75 -13.76 38.68
CA VAL A 386 -10.39 -14.02 40.10
C VAL A 386 -10.22 -15.53 40.32
N PHE A 387 -11.10 -16.36 39.75
CA PHE A 387 -11.00 -17.81 39.97
C PHE A 387 -9.71 -18.31 39.29
N ALA A 388 -9.41 -17.87 38.06
CA ALA A 388 -8.15 -18.27 37.37
C ALA A 388 -6.92 -17.82 38.20
N ILE A 389 -6.93 -16.56 38.67
CA ILE A 389 -5.85 -16.03 39.54
C ILE A 389 -5.73 -16.89 40.80
N MET A 390 -6.81 -17.21 41.47
CA MET A 390 -6.71 -17.98 42.75
C MET A 390 -6.22 -19.39 42.42
N GLY A 391 -6.72 -20.00 41.35
CA GLY A 391 -6.24 -21.33 40.91
C GLY A 391 -4.74 -21.29 40.61
N GLY A 392 -4.27 -20.29 39.87
CA GLY A 392 -2.84 -20.20 39.55
C GLY A 392 -2.03 -19.90 40.81
N PHE A 393 -2.56 -19.07 41.70
CA PHE A 393 -1.83 -18.70 42.93
C PHE A 393 -1.62 -19.94 43.81
N VAL A 394 -2.68 -20.70 44.04
N VAL A 394 -2.72 -20.67 44.03
CA VAL A 394 -2.52 -21.87 44.95
CA VAL A 394 -2.67 -21.90 44.86
C VAL A 394 -1.72 -22.98 44.25
C VAL A 394 -1.69 -22.90 44.22
N HIS A 395 -1.82 -23.11 42.91
CA HIS A 395 -1.04 -24.14 42.17
C HIS A 395 0.45 -23.77 42.23
N TRP A 396 0.78 -22.51 41.94
CA TRP A 396 2.21 -22.15 41.76
C TRP A 396 2.84 -21.51 43.01
N PHE A 397 2.08 -21.21 44.05
CA PHE A 397 2.68 -20.66 45.30
C PHE A 397 3.90 -21.49 45.75
N PRO A 398 3.85 -22.84 45.78
CA PRO A 398 5.00 -23.59 46.25
C PRO A 398 6.21 -23.46 45.30
N LEU A 399 5.97 -23.30 43.99
CA LEU A 399 7.10 -23.04 43.05
C LEU A 399 7.75 -21.70 43.44
N PHE A 400 6.94 -20.66 43.60
CA PHE A 400 7.46 -19.30 43.80
C PHE A 400 8.11 -19.19 45.18
N SER A 401 7.55 -19.84 46.19
CA SER A 401 7.97 -19.61 47.60
C SER A 401 8.89 -20.72 48.11
N GLY A 402 8.75 -21.96 47.61
CA GLY A 402 9.38 -23.12 48.26
C GLY A 402 8.58 -23.67 49.44
N TYR A 403 7.42 -23.11 49.76
CA TYR A 403 6.59 -23.55 50.91
C TYR A 403 5.22 -24.03 50.42
N THR A 404 4.59 -24.92 51.20
CA THR A 404 3.21 -25.36 50.89
C THR A 404 2.18 -24.55 51.69
N LEU A 405 1.03 -24.34 51.08
CA LEU A 405 -0.21 -23.91 51.75
C LEU A 405 -0.83 -25.08 52.53
N ASN A 406 -1.70 -24.73 53.46
CA ASN A 406 -2.57 -25.71 54.13
C ASN A 406 -3.76 -25.97 53.20
N ASP A 407 -3.84 -27.17 52.62
CA ASP A 407 -4.86 -27.48 51.59
C ASP A 407 -6.25 -27.39 52.20
N THR A 408 -6.40 -27.75 53.47
CA THR A 408 -7.73 -27.74 54.09
C THR A 408 -8.21 -26.30 54.20
N TRP A 409 -7.36 -25.41 54.70
CA TRP A 409 -7.68 -23.96 54.72
C TRP A 409 -8.02 -23.47 53.30
N ALA A 410 -7.20 -23.85 52.29
CA ALA A 410 -7.41 -23.36 50.91
C ALA A 410 -8.79 -23.84 50.39
N LYS A 411 -9.22 -25.06 50.76
CA LYS A 411 -10.56 -25.56 50.32
C LYS A 411 -11.67 -24.76 51.04
N ILE A 412 -11.46 -24.42 52.31
CA ILE A 412 -12.41 -23.58 53.08
C ILE A 412 -12.56 -22.23 52.36
N HIS A 413 -11.43 -21.65 51.99
CA HIS A 413 -11.39 -20.33 51.31
C HIS A 413 -12.22 -20.40 50.02
N PHE A 414 -11.95 -21.41 49.20
CA PHE A 414 -12.72 -21.64 47.94
C PHE A 414 -14.22 -21.69 48.23
N ALA A 415 -14.62 -22.46 49.24
CA ALA A 415 -16.05 -22.70 49.53
C ALA A 415 -16.71 -21.36 49.92
N ILE A 416 -16.06 -20.58 50.78
CA ILE A 416 -16.63 -19.28 51.21
C ILE A 416 -16.78 -18.37 49.98
N MET A 417 -15.73 -18.27 49.19
N MET A 417 -15.73 -18.25 49.18
CA MET A 417 -15.69 -17.39 47.99
CA MET A 417 -15.75 -17.37 47.99
C MET A 417 -16.78 -17.80 46.98
C MET A 417 -16.88 -17.80 47.04
N PHE A 418 -17.00 -19.11 46.76
CA PHE A 418 -18.00 -19.59 45.79
C PHE A 418 -19.40 -19.14 46.25
N VAL A 419 -19.69 -19.27 47.57
CA VAL A 419 -21.01 -18.86 48.11
C VAL A 419 -21.12 -17.33 47.94
N GLY A 420 -20.11 -16.59 48.36
CA GLY A 420 -20.20 -15.12 48.40
C GLY A 420 -20.44 -14.52 47.02
N VAL A 421 -19.67 -14.94 46.02
CA VAL A 421 -19.76 -14.29 44.67
C VAL A 421 -21.12 -14.63 44.04
N ASN A 422 -21.65 -15.84 44.22
CA ASN A 422 -22.97 -16.21 43.62
C ASN A 422 -24.09 -15.45 44.35
N MET A 423 -24.02 -15.33 45.69
N MET A 423 -24.01 -15.34 45.68
CA MET A 423 -25.05 -14.57 46.43
CA MET A 423 -25.02 -14.57 46.45
C MET A 423 -24.98 -13.11 46.00
C MET A 423 -24.97 -13.11 46.01
N THR A 424 -23.77 -12.60 45.73
CA THR A 424 -23.60 -11.18 45.33
C THR A 424 -24.21 -10.96 43.96
N PHE A 425 -23.80 -11.74 42.97
CA PHE A 425 -24.05 -11.38 41.56
C PHE A 425 -25.27 -12.08 40.98
N PHE A 426 -25.65 -13.28 41.43
CA PHE A 426 -26.76 -13.94 40.70
C PHE A 426 -28.02 -13.07 40.75
N PRO A 427 -28.42 -12.47 41.89
CA PRO A 427 -29.63 -11.65 41.94
C PRO A 427 -29.58 -10.39 41.06
N GLN A 428 -28.38 -9.98 40.64
CA GLN A 428 -28.26 -8.77 39.78
C GLN A 428 -28.90 -9.05 38.41
N HIS A 429 -29.01 -10.31 37.99
CA HIS A 429 -29.76 -10.64 36.74
C HIS A 429 -31.22 -10.15 36.87
N PHE A 430 -31.86 -10.43 38.02
CA PHE A 430 -33.28 -10.09 38.25
C PHE A 430 -33.42 -8.56 38.25
N LEU A 431 -32.51 -7.89 38.95
CA LEU A 431 -32.52 -6.41 38.98
C LEU A 431 -32.40 -5.85 37.55
N GLY A 432 -31.55 -6.42 36.70
CA GLY A 432 -31.39 -5.95 35.32
C GLY A 432 -32.62 -6.23 34.46
N LEU A 433 -33.13 -7.48 34.49
CA LEU A 433 -34.35 -7.80 33.69
C LEU A 433 -35.48 -6.86 34.11
N SER A 434 -35.62 -6.60 35.41
CA SER A 434 -36.76 -5.80 35.91
C SER A 434 -36.47 -4.29 35.76
N GLY A 435 -35.30 -3.91 35.21
CA GLY A 435 -35.05 -2.53 34.76
C GLY A 435 -34.25 -1.64 35.71
N MET A 436 -33.56 -2.18 36.71
CA MET A 436 -32.74 -1.33 37.60
C MET A 436 -31.50 -0.82 36.87
N PRO A 437 -31.32 0.51 36.71
CA PRO A 437 -30.12 1.02 36.07
C PRO A 437 -28.84 0.73 36.86
N ARG A 438 -27.75 0.60 36.13
CA ARG A 438 -26.41 0.59 36.76
C ARG A 438 -26.01 2.06 37.06
N ARG A 439 -24.96 2.20 37.85
CA ARG A 439 -24.36 3.50 38.21
C ARG A 439 -25.35 4.33 39.01
N TYR A 440 -26.22 3.67 39.78
CA TYR A 440 -27.22 4.31 40.67
C TYR A 440 -26.78 4.18 42.13
N SER A 441 -26.96 5.27 42.90
CA SER A 441 -26.67 5.28 44.35
C SER A 441 -27.90 4.83 45.16
N ASP A 442 -29.05 4.76 44.52
CA ASP A 442 -30.31 4.39 45.19
C ASP A 442 -31.33 3.95 44.13
N TYR A 443 -32.34 3.24 44.57
CA TYR A 443 -33.23 2.52 43.65
C TYR A 443 -34.67 2.64 44.12
N PRO A 444 -35.62 2.61 43.18
CA PRO A 444 -37.02 2.43 43.55
C PRO A 444 -37.18 1.23 44.50
N ASP A 445 -38.15 1.36 45.41
CA ASP A 445 -38.40 0.46 46.57
C ASP A 445 -38.59 -0.98 46.07
N ALA A 446 -39.18 -1.20 44.89
CA ALA A 446 -39.41 -2.57 44.35
C ALA A 446 -38.10 -3.38 44.32
N TYR A 447 -36.95 -2.74 44.12
CA TYR A 447 -35.65 -3.42 43.91
C TYR A 447 -34.95 -3.75 45.23
N THR A 448 -35.60 -3.58 46.37
CA THR A 448 -34.96 -3.68 47.70
C THR A 448 -34.47 -5.12 47.96
N MET A 449 -35.33 -6.13 47.75
CA MET A 449 -34.98 -7.50 48.18
C MET A 449 -33.66 -7.94 47.50
N TRP A 450 -33.53 -7.81 46.18
CA TRP A 450 -32.31 -8.33 45.49
C TRP A 450 -31.09 -7.48 45.86
N ASN A 451 -31.23 -6.19 46.04
CA ASN A 451 -30.06 -5.35 46.47
C ASN A 451 -29.61 -5.76 47.88
N THR A 452 -30.57 -6.08 48.75
CA THR A 452 -30.27 -6.48 50.14
C THR A 452 -29.43 -7.77 50.13
N ILE A 453 -29.89 -8.77 49.39
CA ILE A 453 -29.22 -10.08 49.29
C ILE A 453 -27.83 -9.89 48.66
N SER A 454 -27.75 -9.11 47.59
CA SER A 454 -26.47 -8.87 46.88
C SER A 454 -25.44 -8.29 47.87
N SER A 455 -25.86 -7.30 48.65
CA SER A 455 -24.93 -6.62 49.62
C SER A 455 -24.52 -7.62 50.71
N MET A 456 -25.43 -8.49 51.14
CA MET A 456 -25.07 -9.53 52.14
C MET A 456 -24.03 -10.49 51.54
N GLY A 457 -24.19 -10.87 50.28
CA GLY A 457 -23.18 -11.66 49.55
C GLY A 457 -21.79 -11.00 49.59
N SER A 458 -21.76 -9.67 49.42
CA SER A 458 -20.47 -8.96 49.30
C SER A 458 -19.65 -9.18 50.59
N PHE A 459 -20.30 -9.27 51.73
CA PHE A 459 -19.63 -9.45 53.06
C PHE A 459 -19.10 -10.87 53.17
N ILE A 460 -19.76 -11.85 52.55
CA ILE A 460 -19.25 -13.24 52.56
C ILE A 460 -17.88 -13.28 51.83
N SER A 461 -17.78 -12.63 50.67
CA SER A 461 -16.52 -12.56 49.90
C SER A 461 -15.46 -11.78 50.70
N LEU A 462 -15.86 -10.75 51.45
CA LEU A 462 -14.90 -10.06 52.36
C LEU A 462 -14.30 -11.05 53.36
N THR A 463 -15.12 -11.87 53.99
CA THR A 463 -14.62 -12.92 54.92
C THR A 463 -13.60 -13.82 54.21
N ALA A 464 -13.88 -14.24 52.97
CA ALA A 464 -12.93 -15.06 52.18
C ALA A 464 -11.61 -14.29 51.96
N VAL A 465 -11.65 -13.00 51.62
CA VAL A 465 -10.40 -12.21 51.37
C VAL A 465 -9.56 -12.15 52.66
N MET A 466 -10.20 -11.92 53.79
CA MET A 466 -9.49 -11.87 55.09
C MET A 466 -8.84 -13.25 55.36
N LEU A 467 -9.57 -14.32 55.12
CA LEU A 467 -9.05 -15.68 55.36
C LEU A 467 -7.83 -15.91 54.44
N MET A 468 -7.90 -15.45 53.17
CA MET A 468 -6.81 -15.64 52.20
C MET A 468 -5.52 -15.04 52.76
N VAL A 469 -5.60 -13.86 53.35
CA VAL A 469 -4.36 -13.22 53.91
C VAL A 469 -3.82 -14.11 55.03
N PHE A 470 -4.71 -14.58 55.91
CA PHE A 470 -4.31 -15.49 57.02
C PHE A 470 -3.65 -16.76 56.47
N ILE A 471 -4.22 -17.33 55.39
CA ILE A 471 -3.69 -18.60 54.82
C ILE A 471 -2.27 -18.37 54.28
N ILE A 472 -2.05 -17.29 53.57
CA ILE A 472 -0.67 -16.96 53.10
C ILE A 472 0.24 -16.76 54.32
N TRP A 473 -0.22 -16.06 55.34
CA TRP A 473 0.59 -15.89 56.58
C TRP A 473 0.95 -17.27 57.15
N GLU A 474 -0.04 -18.17 57.21
CA GLU A 474 0.17 -19.49 57.86
C GLU A 474 1.25 -20.29 57.09
N ALA A 475 1.28 -20.19 55.77
CA ALA A 475 2.28 -20.90 54.94
C ALA A 475 3.70 -20.37 55.24
N PHE A 476 3.89 -19.06 55.29
CA PHE A 476 5.23 -18.48 55.57
C PHE A 476 5.60 -18.64 57.05
N ALA A 477 4.59 -18.66 57.94
CA ALA A 477 4.78 -18.86 59.40
C ALA A 477 5.27 -20.28 59.70
N SER A 478 4.75 -21.30 59.02
CA SER A 478 4.97 -22.72 59.33
C SER A 478 6.23 -23.26 58.63
N LYS A 479 6.51 -22.79 57.40
CA LYS A 479 7.71 -23.16 56.61
C LYS A 479 7.78 -24.69 56.35
N ARG A 480 6.73 -25.26 55.72
CA ARG A 480 6.75 -26.63 55.14
C ARG A 480 7.45 -26.54 53.76
N GLU A 481 8.68 -27.02 53.65
CA GLU A 481 9.51 -26.95 52.42
C GLU A 481 9.10 -28.08 51.47
N VAL A 482 8.93 -27.70 50.22
CA VAL A 482 8.54 -28.60 49.11
C VAL A 482 9.61 -29.68 48.98
N LEU A 483 9.20 -30.92 48.76
CA LEU A 483 10.15 -32.00 48.43
C LEU A 483 9.91 -32.42 46.98
N THR A 484 8.83 -33.13 46.68
CA THR A 484 8.66 -33.70 45.32
C THR A 484 7.38 -33.14 44.70
N VAL A 485 7.46 -32.87 43.41
CA VAL A 485 6.33 -32.44 42.59
C VAL A 485 6.12 -33.48 41.49
N ASP A 486 4.92 -33.95 41.30
CA ASP A 486 4.57 -34.92 40.22
C ASP A 486 4.57 -34.21 38.84
N LEU A 487 4.72 -34.97 37.76
CA LEU A 487 4.46 -34.56 36.36
C LEU A 487 5.47 -33.51 35.90
N THR A 488 6.69 -33.49 36.44
CA THR A 488 7.71 -32.53 35.95
C THR A 488 8.02 -32.78 34.47
N THR A 489 7.79 -34.00 33.94
CA THR A 489 8.13 -34.28 32.54
C THR A 489 7.29 -33.41 31.60
N THR A 490 6.12 -32.93 32.03
CA THR A 490 5.27 -32.06 31.17
C THR A 490 4.98 -30.74 31.89
N ASN A 491 5.87 -30.31 32.80
CA ASN A 491 5.66 -29.03 33.52
C ASN A 491 7.07 -28.48 33.85
N LEU A 492 7.76 -27.99 32.81
CA LEU A 492 9.18 -27.59 32.86
C LEU A 492 9.42 -26.56 33.96
N GLU A 493 8.42 -25.73 34.29
CA GLU A 493 8.64 -24.63 35.26
C GLU A 493 9.03 -25.20 36.65
N TRP A 494 8.66 -26.45 36.98
CA TRP A 494 8.96 -27.08 38.29
C TRP A 494 10.36 -27.76 38.29
N LEU A 495 11.01 -27.96 37.13
CA LEU A 495 12.13 -28.90 37.06
C LEU A 495 13.41 -28.31 37.68
N ASN A 496 13.45 -27.00 37.98
CA ASN A 496 14.62 -26.38 38.65
C ASN A 496 14.43 -26.28 40.19
N GLY A 497 13.44 -26.98 40.74
CA GLY A 497 13.17 -26.94 42.18
C GLY A 497 12.38 -25.72 42.65
N CYS A 498 12.10 -25.67 43.96
CA CYS A 498 11.15 -24.75 44.59
C CYS A 498 11.82 -24.05 45.78
N PRO A 499 12.12 -22.74 45.71
CA PRO A 499 12.00 -21.97 44.47
C PRO A 499 13.19 -22.26 43.57
N PRO A 500 13.09 -21.97 42.27
CA PRO A 500 14.21 -22.16 41.37
C PRO A 500 15.31 -21.17 41.75
N PRO A 501 16.58 -21.45 41.41
CA PRO A 501 17.67 -20.49 41.64
C PRO A 501 17.44 -19.16 40.89
N TYR A 502 18.05 -18.10 41.39
CA TYR A 502 17.96 -16.74 40.82
C TYR A 502 18.20 -16.81 39.30
N HIS A 503 19.31 -17.45 38.90
CA HIS A 503 19.61 -17.75 37.49
C HIS A 503 19.19 -19.18 37.16
N THR A 504 18.26 -19.36 36.25
CA THR A 504 17.97 -20.69 35.68
C THR A 504 18.31 -20.71 34.20
N PHE A 505 18.52 -21.92 33.67
CA PHE A 505 18.82 -22.16 32.24
C PHE A 505 20.09 -21.35 31.84
N GLU A 506 21.06 -21.20 32.75
CA GLU A 506 22.40 -20.67 32.38
C GLU A 506 23.01 -21.55 31.31
N GLU A 507 22.83 -22.85 31.51
CA GLU A 507 23.02 -23.85 30.44
C GLU A 507 21.62 -24.17 29.91
N PRO A 508 21.37 -23.89 28.63
CA PRO A 508 20.05 -24.08 28.07
C PRO A 508 19.71 -25.59 28.01
N THR A 509 18.43 -25.88 27.83
CA THR A 509 17.95 -27.25 27.60
C THR A 509 18.52 -27.77 26.28
N TYR A 510 18.64 -29.07 26.19
CA TYR A 510 19.03 -29.81 24.96
C TYR A 510 17.75 -30.34 24.35
N VAL A 511 17.44 -29.90 23.14
CA VAL A 511 16.26 -30.39 22.39
C VAL A 511 16.71 -30.67 20.96
N ASN A 512 16.63 -31.92 20.51
CA ASN A 512 17.14 -32.19 19.16
C ASN A 512 15.98 -32.18 18.16
N LEU A 513 16.31 -32.19 16.88
CA LEU A 513 15.33 -32.39 15.77
C LEU A 513 15.48 -33.82 15.20
N ALA B 2 -41.45 -1.87 37.84
CA ALA B 2 -41.09 -3.09 38.57
C ALA B 2 -41.91 -3.21 39.85
N TYR B 3 -42.12 -4.44 40.28
CA TYR B 3 -42.84 -4.82 41.53
C TYR B 3 -41.84 -5.61 42.38
N PRO B 4 -42.05 -5.70 43.71
CA PRO B 4 -41.10 -6.38 44.57
C PRO B 4 -40.92 -7.86 44.22
N MET B 5 -39.66 -8.29 44.30
CA MET B 5 -39.23 -9.70 44.07
C MET B 5 -39.35 -10.07 42.59
N GLN B 6 -39.48 -9.10 41.70
CA GLN B 6 -39.58 -9.39 40.25
C GLN B 6 -38.33 -10.15 39.77
N LEU B 7 -38.53 -11.17 38.93
CA LEU B 7 -37.44 -12.01 38.37
C LEU B 7 -37.14 -11.60 36.93
N GLY B 8 -38.17 -11.27 36.14
CA GLY B 8 -37.96 -11.07 34.69
C GLY B 8 -38.34 -9.67 34.26
N PHE B 9 -38.67 -9.54 32.99
CA PHE B 9 -39.03 -8.25 32.38
C PHE B 9 -40.39 -7.77 32.93
N GLN B 10 -40.54 -6.46 32.97
CA GLN B 10 -41.85 -5.79 33.15
C GLN B 10 -42.80 -6.26 32.05
N ASP B 11 -44.08 -6.33 32.36
CA ASP B 11 -45.09 -6.77 31.38
C ASP B 11 -45.02 -5.82 30.17
N ALA B 12 -45.15 -6.34 28.96
CA ALA B 12 -45.10 -5.57 27.71
C ALA B 12 -46.29 -4.61 27.61
N THR B 13 -45.97 -3.34 27.32
CA THR B 13 -46.92 -2.26 27.03
C THR B 13 -47.08 -2.07 25.53
N SER B 14 -46.05 -2.43 24.75
CA SER B 14 -46.00 -2.22 23.26
C SER B 14 -45.88 -3.57 22.55
N PRO B 15 -46.33 -3.70 21.28
CA PRO B 15 -46.12 -4.97 20.55
C PRO B 15 -44.63 -5.36 20.42
N ILE B 16 -43.74 -4.39 20.25
N ILE B 16 -43.77 -4.36 20.26
CA ILE B 16 -42.30 -4.77 20.12
CA ILE B 16 -42.31 -4.59 20.15
C ILE B 16 -41.82 -5.31 21.48
C ILE B 16 -41.83 -5.27 21.45
N MET B 17 -42.29 -4.77 22.60
CA MET B 17 -41.85 -5.33 23.89
C MET B 17 -42.39 -6.77 24.00
N GLU B 18 -43.58 -7.03 23.46
N GLU B 18 -43.58 -7.09 23.46
CA GLU B 18 -44.17 -8.41 23.45
CA GLU B 18 -44.06 -8.50 23.58
C GLU B 18 -43.21 -9.35 22.70
C GLU B 18 -43.19 -9.41 22.69
N GLU B 19 -42.75 -8.91 21.53
CA GLU B 19 -41.81 -9.65 20.66
C GLU B 19 -40.52 -9.95 21.42
N LEU B 20 -39.96 -8.94 22.11
CA LEU B 20 -38.71 -9.10 22.89
C LEU B 20 -38.95 -10.14 23.98
N LEU B 21 -40.13 -10.18 24.60
CA LEU B 21 -40.36 -11.16 25.70
C LEU B 21 -40.30 -12.58 25.12
N HIS B 22 -40.98 -12.84 24.00
N HIS B 22 -41.00 -12.85 24.02
CA HIS B 22 -41.02 -14.19 23.38
CA HIS B 22 -41.00 -14.17 23.34
C HIS B 22 -39.59 -14.57 22.92
C HIS B 22 -39.56 -14.55 22.99
N PHE B 23 -38.81 -13.62 22.40
CA PHE B 23 -37.41 -13.86 21.97
C PHE B 23 -36.52 -14.18 23.19
N HIS B 24 -36.72 -13.45 24.30
CA HIS B 24 -35.94 -13.68 25.53
C HIS B 24 -36.27 -15.08 26.06
N ASP B 25 -37.56 -15.43 26.07
CA ASP B 25 -37.94 -16.81 26.47
C ASP B 25 -37.16 -17.86 25.66
N HIS B 26 -37.10 -17.71 24.33
CA HIS B 26 -36.41 -18.66 23.40
C HIS B 26 -34.94 -18.69 23.76
N THR B 27 -34.34 -17.51 24.02
CA THR B 27 -32.89 -17.40 24.23
C THR B 27 -32.55 -17.99 25.60
N LEU B 28 -33.37 -17.70 26.59
CA LEU B 28 -33.12 -18.12 27.99
C LEU B 28 -33.23 -19.65 28.05
N MET B 29 -34.11 -20.25 27.27
CA MET B 29 -34.17 -21.73 27.28
C MET B 29 -32.79 -22.28 26.88
N ILE B 30 -32.17 -21.70 25.85
CA ILE B 30 -30.85 -22.12 25.31
C ILE B 30 -29.79 -21.89 26.38
N VAL B 31 -29.81 -20.75 27.04
CA VAL B 31 -28.85 -20.43 28.13
C VAL B 31 -28.94 -21.48 29.25
N PHE B 32 -30.16 -21.79 29.67
N PHE B 32 -30.15 -21.84 29.69
CA PHE B 32 -30.45 -22.78 30.72
CA PHE B 32 -30.34 -22.80 30.81
C PHE B 32 -29.83 -24.12 30.32
C PHE B 32 -29.91 -24.22 30.38
N LEU B 33 -30.19 -24.61 29.13
CA LEU B 33 -29.76 -25.92 28.58
C LEU B 33 -28.23 -26.03 28.51
N ILE B 34 -27.56 -25.04 27.93
CA ILE B 34 -26.10 -25.11 27.77
C ILE B 34 -25.44 -25.08 29.16
N SER B 35 -25.88 -24.19 30.06
CA SER B 35 -25.35 -24.04 31.44
C SER B 35 -25.43 -25.40 32.14
N SER B 36 -26.63 -25.96 32.07
CA SER B 36 -27.00 -27.24 32.72
C SER B 36 -26.14 -28.34 32.14
N LEU B 37 -26.00 -28.38 30.82
CA LEU B 37 -25.26 -29.50 30.19
C LEU B 37 -23.78 -29.41 30.59
N VAL B 38 -23.21 -28.22 30.58
CA VAL B 38 -21.81 -28.05 31.03
C VAL B 38 -21.67 -28.49 32.49
N LEU B 39 -22.55 -28.08 33.40
CA LEU B 39 -22.44 -28.45 34.83
C LEU B 39 -22.58 -29.97 34.94
N TYR B 40 -23.51 -30.54 34.18
CA TYR B 40 -23.74 -32.01 34.21
C TYR B 40 -22.48 -32.72 33.67
N ILE B 41 -21.87 -32.20 32.59
CA ILE B 41 -20.69 -32.90 32.02
C ILE B 41 -19.54 -32.80 33.01
N ILE B 42 -19.30 -31.65 33.60
CA ILE B 42 -18.30 -31.56 34.70
C ILE B 42 -18.54 -32.68 35.70
N SER B 43 -19.78 -32.80 36.18
CA SER B 43 -20.06 -33.74 37.28
C SER B 43 -19.84 -35.17 36.71
N LEU B 44 -20.14 -35.44 35.46
CA LEU B 44 -19.90 -36.79 34.85
C LEU B 44 -18.40 -37.08 34.74
N MET B 45 -17.61 -36.12 34.27
CA MET B 45 -16.13 -36.30 34.15
C MET B 45 -15.51 -36.57 35.53
N LEU B 46 -16.11 -36.09 36.62
CA LEU B 46 -15.50 -36.06 37.96
C LEU B 46 -16.02 -37.20 38.86
N THR B 47 -16.90 -38.08 38.37
CA THR B 47 -17.58 -39.07 39.27
C THR B 47 -17.18 -40.53 38.90
N THR B 48 -16.02 -40.80 38.32
CA THR B 48 -15.59 -42.19 38.06
C THR B 48 -14.12 -42.38 38.46
N LYS B 49 -13.83 -43.53 39.03
CA LYS B 49 -12.44 -44.03 39.23
C LYS B 49 -11.84 -44.64 37.95
N LEU B 50 -12.60 -44.84 36.87
CA LEU B 50 -12.04 -45.34 35.59
C LEU B 50 -11.15 -44.24 35.01
N THR B 51 -10.06 -44.64 34.38
CA THR B 51 -9.08 -43.71 33.81
C THR B 51 -8.74 -44.09 32.36
N HIS B 52 -8.35 -43.06 31.63
CA HIS B 52 -7.78 -43.09 30.25
C HIS B 52 -6.91 -41.83 30.11
N THR B 53 -5.61 -41.96 30.35
CA THR B 53 -4.65 -40.82 30.50
C THR B 53 -3.69 -40.77 29.32
N SER B 54 -3.81 -41.70 28.37
CA SER B 54 -3.02 -41.68 27.13
C SER B 54 -3.59 -40.61 26.16
N THR B 55 -2.85 -40.29 25.10
CA THR B 55 -3.19 -39.23 24.11
C THR B 55 -4.54 -39.55 23.46
N MET B 56 -5.43 -38.57 23.41
CA MET B 56 -6.77 -38.71 22.78
C MET B 56 -6.87 -37.91 21.46
N ASP B 57 -7.44 -38.53 20.41
CA ASP B 57 -7.65 -37.89 19.07
C ASP B 57 -8.81 -36.90 19.15
N ALA B 58 -8.59 -35.65 18.69
CA ALA B 58 -9.53 -34.53 18.85
C ALA B 58 -10.41 -34.27 17.61
N GLN B 59 -10.04 -34.71 16.39
CA GLN B 59 -10.60 -33.98 15.21
C GLN B 59 -12.09 -34.33 15.01
N GLU B 60 -12.47 -35.58 15.16
CA GLU B 60 -13.90 -36.00 15.00
C GLU B 60 -14.76 -35.18 15.98
N VAL B 61 -14.37 -35.11 17.25
CA VAL B 61 -15.29 -34.48 18.23
C VAL B 61 -15.31 -32.97 17.96
N GLU B 62 -14.24 -32.40 17.36
CA GLU B 62 -14.25 -30.92 17.20
C GLU B 62 -15.25 -30.51 16.13
N THR B 63 -15.61 -31.41 15.21
CA THR B 63 -16.68 -31.10 14.24
C THR B 63 -17.99 -30.83 14.99
N ILE B 64 -18.34 -31.69 15.93
CA ILE B 64 -19.64 -31.62 16.64
C ILE B 64 -19.61 -30.30 17.42
N TRP B 65 -18.49 -29.98 17.99
CA TRP B 65 -18.61 -28.90 18.99
C TRP B 65 -18.24 -27.54 18.39
N THR B 66 -18.14 -27.50 17.06
CA THR B 66 -18.20 -26.25 16.24
C THR B 66 -19.54 -26.17 15.51
N ILE B 67 -19.99 -27.28 14.91
CA ILE B 67 -21.23 -27.23 14.07
C ILE B 67 -22.45 -27.00 14.95
N LEU B 68 -22.55 -27.70 16.09
CA LEU B 68 -23.76 -27.60 16.94
C LEU B 68 -23.87 -26.16 17.45
N PRO B 69 -22.81 -25.57 18.02
CA PRO B 69 -22.88 -24.16 18.42
C PRO B 69 -23.19 -23.20 17.27
N ALA B 70 -22.66 -23.45 16.06
CA ALA B 70 -22.96 -22.60 14.88
C ALA B 70 -24.47 -22.65 14.62
N ILE B 71 -25.03 -23.84 14.62
CA ILE B 71 -26.49 -23.98 14.37
C ILE B 71 -27.27 -23.22 15.45
N ILE B 72 -26.92 -23.42 16.71
CA ILE B 72 -27.60 -22.73 17.83
C ILE B 72 -27.50 -21.21 17.64
N LEU B 73 -26.34 -20.68 17.28
CA LEU B 73 -26.22 -19.21 17.09
C LEU B 73 -27.14 -18.74 15.93
N ILE B 74 -27.24 -19.50 14.85
CA ILE B 74 -28.14 -19.14 13.71
C ILE B 74 -29.60 -19.14 14.22
N LEU B 75 -29.99 -20.14 15.01
CA LEU B 75 -31.35 -20.22 15.59
C LEU B 75 -31.62 -19.02 16.51
N ILE B 76 -30.63 -18.41 17.14
CA ILE B 76 -30.83 -17.19 17.96
C ILE B 76 -30.89 -15.98 17.02
N ALA B 77 -29.94 -15.91 16.09
CA ALA B 77 -29.74 -14.76 15.21
C ALA B 77 -30.96 -14.48 14.33
N LEU B 78 -31.57 -15.52 13.75
CA LEU B 78 -32.71 -15.37 12.81
C LEU B 78 -33.83 -14.54 13.48
N PRO B 79 -34.44 -14.97 14.59
CA PRO B 79 -35.50 -14.17 15.21
C PRO B 79 -34.96 -12.84 15.78
N SER B 80 -33.70 -12.80 16.25
CA SER B 80 -33.07 -11.55 16.75
C SER B 80 -33.15 -10.48 15.67
N LEU B 81 -32.68 -10.84 14.48
CA LEU B 81 -32.60 -9.85 13.37
C LEU B 81 -34.00 -9.55 12.83
N ARG B 82 -34.91 -10.53 12.82
CA ARG B 82 -36.32 -10.25 12.40
C ARG B 82 -36.88 -9.12 13.29
N ILE B 83 -36.69 -9.19 14.61
CA ILE B 83 -37.19 -8.13 15.51
C ILE B 83 -36.42 -6.83 15.23
N LEU B 84 -35.09 -6.88 15.07
CA LEU B 84 -34.30 -5.65 14.80
C LEU B 84 -34.93 -4.90 13.61
N TYR B 85 -35.19 -5.61 12.52
CA TYR B 85 -35.67 -4.97 11.26
C TYR B 85 -37.15 -4.57 11.39
N MET B 86 -37.94 -5.33 12.17
CA MET B 86 -39.35 -4.94 12.50
C MET B 86 -39.31 -3.57 13.20
N MET B 87 -38.61 -3.39 14.32
N MET B 87 -38.45 -3.49 14.25
CA MET B 87 -38.59 -2.06 14.98
CA MET B 87 -38.04 -2.35 15.14
C MET B 87 -38.26 -1.01 13.93
C MET B 87 -37.76 -1.08 14.32
N ASP B 88 -37.22 -1.25 13.11
CA ASP B 88 -36.66 -0.19 12.21
C ASP B 88 -37.71 0.22 11.17
N GLU B 89 -38.68 -0.66 10.81
CA GLU B 89 -39.57 -0.48 9.62
C GLU B 89 -40.49 0.73 9.80
N ILE B 90 -40.95 1.29 8.67
CA ILE B 90 -41.60 2.63 8.49
C ILE B 90 -43.06 2.54 8.96
N ASN B 91 -43.38 3.38 9.93
CA ASN B 91 -44.68 3.26 10.63
C ASN B 91 -45.58 4.46 10.33
N ASN B 92 -45.04 5.62 9.91
CA ASN B 92 -45.82 6.88 9.79
C ASN B 92 -46.40 7.29 11.15
N PRO B 93 -45.63 8.09 11.91
CA PRO B 93 -46.14 8.62 13.17
C PRO B 93 -47.24 9.68 12.94
N SER B 94 -48.14 9.78 13.91
CA SER B 94 -49.22 10.80 13.98
C SER B 94 -48.75 12.04 14.75
N LEU B 95 -47.68 11.93 15.52
CA LEU B 95 -47.23 12.95 16.50
C LEU B 95 -45.72 12.82 16.64
N THR B 96 -45.06 13.97 16.74
CA THR B 96 -43.63 14.05 17.16
C THR B 96 -43.52 14.78 18.49
N VAL B 97 -42.80 14.15 19.42
CA VAL B 97 -42.42 14.74 20.72
C VAL B 97 -40.91 14.73 20.85
N LYS B 98 -40.35 15.85 21.32
CA LYS B 98 -38.91 15.91 21.62
C LYS B 98 -38.72 15.86 23.14
N THR B 99 -37.68 15.18 23.58
CA THR B 99 -37.17 15.27 24.96
C THR B 99 -35.70 15.71 24.92
N MET B 100 -35.37 16.66 25.82
CA MET B 100 -34.02 17.15 26.10
C MET B 100 -33.61 16.74 27.54
N GLY B 101 -32.50 16.03 27.66
CA GLY B 101 -31.86 15.72 28.94
C GLY B 101 -31.12 16.96 29.44
N HIS B 102 -31.11 17.11 30.75
CA HIS B 102 -30.43 18.16 31.53
C HIS B 102 -29.95 17.54 32.84
N GLN B 103 -28.93 18.13 33.45
CA GLN B 103 -28.56 17.87 34.86
C GLN B 103 -29.52 18.66 35.75
N TRP B 104 -30.49 18.04 36.44
CA TRP B 104 -30.87 16.63 36.38
C TRP B 104 -32.41 16.54 36.27
N TYR B 105 -32.91 16.59 35.05
CA TYR B 105 -34.37 16.65 34.74
C TYR B 105 -34.51 16.53 33.22
N TRP B 106 -35.71 16.21 32.77
CA TRP B 106 -36.06 16.12 31.36
C TRP B 106 -36.96 17.30 31.02
N SER B 107 -36.78 17.90 29.85
CA SER B 107 -37.77 18.80 29.25
C SER B 107 -38.40 18.10 28.04
N TYR B 108 -39.60 18.52 27.73
CA TYR B 108 -40.44 17.94 26.65
C TYR B 108 -40.94 19.09 25.80
N GLU B 109 -40.95 18.85 24.49
CA GLU B 109 -41.40 19.83 23.50
C GLU B 109 -42.37 19.14 22.55
N TYR B 110 -43.57 19.69 22.45
CA TYR B 110 -44.59 19.19 21.50
C TYR B 110 -44.88 20.31 20.51
N THR B 111 -44.13 20.41 19.42
CA THR B 111 -44.16 21.62 18.54
C THR B 111 -44.68 21.31 17.13
N ASP B 112 -45.50 20.23 16.98
CA ASP B 112 -46.21 19.97 15.70
C ASP B 112 -47.14 21.15 15.31
N TYR B 113 -47.83 21.74 16.26
CA TYR B 113 -48.91 22.74 16.05
C TYR B 113 -48.71 24.02 16.86
N GLU B 114 -48.42 23.92 18.14
CA GLU B 114 -48.31 25.05 19.10
C GLU B 114 -46.96 24.96 19.81
N ASP B 115 -46.57 25.97 20.56
CA ASP B 115 -45.26 25.88 21.26
C ASP B 115 -45.54 25.37 22.69
N LEU B 116 -45.65 24.08 22.85
CA LEU B 116 -45.83 23.46 24.17
C LEU B 116 -44.49 22.90 24.61
N SER B 117 -43.99 23.36 25.77
CA SER B 117 -42.78 22.77 26.37
C SER B 117 -42.84 22.94 27.88
N PHE B 118 -42.21 22.03 28.62
CA PHE B 118 -42.22 22.03 30.09
C PHE B 118 -41.10 21.12 30.57
N ASP B 119 -40.76 21.31 31.84
CA ASP B 119 -39.72 20.59 32.59
C ASP B 119 -40.42 19.53 33.42
N SER B 120 -39.71 18.45 33.66
CA SER B 120 -40.22 17.27 34.38
C SER B 120 -39.15 16.83 35.37
N TYR B 121 -39.42 17.09 36.65
CA TYR B 121 -38.49 16.81 37.77
C TYR B 121 -39.07 15.69 38.63
N MET B 122 -38.17 14.89 39.22
CA MET B 122 -38.49 13.95 40.31
C MET B 122 -39.25 14.68 41.42
N ILE B 123 -40.31 14.04 41.93
CA ILE B 123 -40.96 14.47 43.21
C ILE B 123 -40.01 14.10 44.34
N PRO B 124 -39.50 15.07 45.15
CA PRO B 124 -38.73 14.72 46.35
C PRO B 124 -39.49 13.75 47.27
N THR B 125 -38.74 12.88 47.94
CA THR B 125 -39.31 11.81 48.80
C THR B 125 -40.22 12.45 49.87
N SER B 126 -39.80 13.57 50.43
CA SER B 126 -40.51 14.31 51.51
C SER B 126 -41.83 14.92 50.99
N GLU B 127 -42.06 15.02 49.69
CA GLU B 127 -43.28 15.65 49.12
C GLU B 127 -44.17 14.64 48.41
N LEU B 128 -43.81 13.36 48.44
CA LEU B 128 -44.67 12.34 47.81
C LEU B 128 -46.02 12.37 48.50
N LYS B 129 -47.08 12.25 47.72
CA LYS B 129 -48.43 12.02 48.23
C LYS B 129 -48.59 10.54 48.56
N PRO B 130 -49.42 10.23 49.57
CA PRO B 130 -49.68 8.85 49.93
C PRO B 130 -49.93 7.92 48.73
N GLY B 131 -49.19 6.82 48.66
CA GLY B 131 -49.37 5.82 47.60
C GLY B 131 -48.45 6.06 46.42
N GLU B 132 -47.73 7.20 46.40
CA GLU B 132 -46.83 7.53 45.28
C GLU B 132 -45.48 6.83 45.46
N LEU B 133 -44.76 6.67 44.37
CA LEU B 133 -43.55 5.83 44.29
C LEU B 133 -42.28 6.67 44.45
N ARG B 134 -41.51 6.32 45.47
CA ARG B 134 -40.17 6.94 45.72
C ARG B 134 -39.27 6.82 44.48
N LEU B 135 -38.68 7.94 44.07
CA LEU B 135 -37.64 8.10 43.05
C LEU B 135 -38.23 7.98 41.63
N LEU B 136 -39.53 7.77 41.48
CA LEU B 136 -40.14 7.49 40.14
C LEU B 136 -41.15 8.56 39.72
N GLU B 137 -41.89 9.17 40.63
CA GLU B 137 -42.91 10.19 40.26
C GLU B 137 -42.19 11.46 39.77
N VAL B 138 -42.83 12.15 38.85
CA VAL B 138 -42.43 13.51 38.37
C VAL B 138 -43.57 14.50 38.61
N ASP B 139 -43.25 15.79 38.65
CA ASP B 139 -44.26 16.86 38.77
C ASP B 139 -45.13 16.90 37.49
N ASN B 140 -44.54 16.83 36.32
CA ASN B 140 -45.20 17.04 35.01
C ASN B 140 -44.96 15.80 34.14
N ARG B 141 -46.01 14.99 33.98
CA ARG B 141 -45.90 13.73 33.22
C ARG B 141 -45.91 14.01 31.72
N VAL B 142 -45.40 13.01 30.99
CA VAL B 142 -45.36 13.05 29.51
C VAL B 142 -46.68 12.45 29.04
N VAL B 143 -47.70 13.29 28.85
CA VAL B 143 -49.04 12.87 28.42
C VAL B 143 -48.96 12.59 26.92
N LEU B 144 -49.47 11.42 26.52
CA LEU B 144 -49.39 10.91 25.14
C LEU B 144 -50.69 10.20 24.82
N PRO B 145 -51.10 10.24 23.53
CA PRO B 145 -52.26 9.47 23.08
C PRO B 145 -51.91 7.96 22.99
N MET B 146 -52.75 7.13 23.59
CA MET B 146 -52.68 5.65 23.50
C MET B 146 -53.04 5.18 22.08
N GLU B 147 -52.55 4.00 21.71
CA GLU B 147 -52.93 3.29 20.46
C GLU B 147 -52.55 4.14 19.23
N MET B 148 -51.52 4.96 19.30
CA MET B 148 -51.01 5.78 18.16
C MET B 148 -49.49 5.68 18.08
N THR B 149 -48.98 5.66 16.86
CA THR B 149 -47.53 5.65 16.59
C THR B 149 -47.00 7.06 16.84
N ILE B 150 -46.03 7.16 17.76
CA ILE B 150 -45.46 8.46 18.16
C ILE B 150 -43.98 8.44 17.86
N ARG B 151 -43.49 9.49 17.22
CA ARG B 151 -42.04 9.69 17.03
C ARG B 151 -41.48 10.46 18.23
N MET B 152 -40.56 9.85 18.97
CA MET B 152 -39.82 10.51 20.07
C MET B 152 -38.45 10.88 19.51
N LEU B 153 -38.07 12.14 19.67
CA LEU B 153 -36.72 12.63 19.31
C LEU B 153 -36.01 13.04 20.59
N VAL B 154 -34.79 12.56 20.75
CA VAL B 154 -34.06 12.60 22.04
C VAL B 154 -32.73 13.32 21.82
N SER B 155 -32.48 14.35 22.63
CA SER B 155 -31.18 15.06 22.67
C SER B 155 -30.89 15.52 24.11
N SER B 156 -29.80 16.28 24.26
CA SER B 156 -29.32 16.81 25.54
C SER B 156 -28.89 18.26 25.36
N GLU B 157 -29.04 19.07 26.39
CA GLU B 157 -28.41 20.43 26.40
C GLU B 157 -27.18 20.45 27.30
N ASP B 158 -26.69 19.32 27.80
CA ASP B 158 -25.42 19.35 28.58
C ASP B 158 -24.62 18.07 28.35
N VAL B 159 -24.69 17.14 29.26
CA VAL B 159 -23.88 15.88 29.21
C VAL B 159 -24.73 14.78 28.57
N LEU B 160 -24.19 13.57 28.45
CA LEU B 160 -24.99 12.42 27.97
C LEU B 160 -26.06 12.08 29.03
N HIS B 161 -27.27 11.80 28.56
CA HIS B 161 -28.31 11.12 29.35
C HIS B 161 -28.82 9.95 28.50
N SER B 162 -29.80 9.22 29.02
CA SER B 162 -30.44 8.19 28.18
C SER B 162 -31.89 8.04 28.62
N TRP B 163 -32.79 8.18 27.64
CA TRP B 163 -34.25 8.21 27.86
C TRP B 163 -34.78 6.77 27.72
N ALA B 164 -35.25 6.17 28.81
CA ALA B 164 -35.62 4.72 28.88
C ALA B 164 -37.01 4.56 29.45
N VAL B 165 -37.78 3.64 28.86
CA VAL B 165 -39.08 3.18 29.40
C VAL B 165 -39.12 1.68 29.18
N PRO B 166 -38.65 0.88 30.17
CA PRO B 166 -38.49 -0.57 30.00
C PRO B 166 -39.75 -1.28 29.50
N SER B 167 -40.94 -0.89 29.95
CA SER B 167 -42.17 -1.64 29.60
C SER B 167 -42.56 -1.38 28.13
N LEU B 168 -42.05 -0.33 27.50
CA LEU B 168 -42.27 -0.06 26.05
C LEU B 168 -41.08 -0.57 25.22
N GLY B 169 -40.05 -1.11 25.89
CA GLY B 169 -38.83 -1.58 25.21
C GLY B 169 -37.96 -0.43 24.72
N LEU B 170 -37.93 0.70 25.42
CA LEU B 170 -37.31 1.92 24.85
C LEU B 170 -36.06 2.29 25.63
N LYS B 171 -35.00 2.61 24.91
CA LYS B 171 -33.77 3.20 25.48
C LYS B 171 -32.99 3.90 24.36
N THR B 172 -32.94 5.22 24.43
CA THR B 172 -32.27 6.04 23.40
C THR B 172 -31.38 7.06 24.12
N ASP B 173 -30.10 7.05 23.79
CA ASP B 173 -29.15 7.99 24.41
C ASP B 173 -29.48 9.41 23.95
N ALA B 174 -29.23 10.34 24.88
CA ALA B 174 -29.50 11.77 24.75
C ALA B 174 -28.12 12.44 24.69
N ILE B 175 -27.74 12.84 23.46
CA ILE B 175 -26.39 13.31 23.10
C ILE B 175 -26.52 14.74 22.61
N PRO B 176 -25.77 15.69 23.21
CA PRO B 176 -25.82 17.07 22.74
C PRO B 176 -25.32 17.14 21.29
N GLY B 177 -26.00 17.95 20.50
CA GLY B 177 -25.65 18.16 19.09
C GLY B 177 -26.23 17.06 18.19
N ARG B 178 -26.96 16.09 18.77
CA ARG B 178 -27.53 14.92 18.02
C ARG B 178 -29.02 14.79 18.30
N LEU B 179 -29.80 14.45 17.29
CA LEU B 179 -31.27 14.24 17.47
C LEU B 179 -31.55 12.75 17.19
N ASN B 180 -31.70 11.93 18.21
CA ASN B 180 -31.91 10.46 18.02
C ASN B 180 -33.42 10.19 17.99
N GLN B 181 -33.84 9.40 17.02
CA GLN B 181 -35.27 9.06 16.84
C GLN B 181 -35.57 7.66 17.37
N THR B 182 -36.72 7.50 17.99
CA THR B 182 -37.31 6.16 18.30
C THR B 182 -38.84 6.31 18.14
N THR B 183 -39.55 5.20 18.02
CA THR B 183 -41.02 5.17 17.94
C THR B 183 -41.56 4.46 19.19
N LEU B 184 -42.71 4.93 19.61
CA LEU B 184 -43.40 4.55 20.86
C LEU B 184 -44.83 4.27 20.40
N MET B 185 -45.41 3.15 20.82
CA MET B 185 -46.85 2.91 20.61
C MET B 185 -47.35 2.14 21.82
N SER B 186 -48.28 2.68 22.58
CA SER B 186 -48.84 1.94 23.75
C SER B 186 -50.15 1.28 23.35
N SER B 187 -50.27 -0.02 23.63
CA SER B 187 -51.51 -0.82 23.46
C SER B 187 -52.54 -0.44 24.52
N ARG B 188 -52.12 0.22 25.60
CA ARG B 188 -52.96 0.42 26.80
C ARG B 188 -52.82 1.84 27.36
N PRO B 189 -53.88 2.34 28.00
CA PRO B 189 -53.76 3.56 28.80
C PRO B 189 -52.92 3.20 30.03
N GLY B 190 -52.49 4.22 30.77
CA GLY B 190 -51.91 4.08 32.09
C GLY B 190 -50.65 4.92 32.26
N LEU B 191 -49.87 4.57 33.26
CA LEU B 191 -48.63 5.26 33.65
C LEU B 191 -47.48 4.27 33.44
N TYR B 192 -46.48 4.69 32.69
CA TYR B 192 -45.32 3.85 32.33
C TYR B 192 -44.05 4.63 32.72
N TYR B 193 -43.20 3.99 33.51
CA TYR B 193 -42.07 4.63 34.22
C TYR B 193 -40.74 4.16 33.63
N GLY B 194 -39.77 5.08 33.64
CA GLY B 194 -38.36 4.81 33.27
C GLY B 194 -37.44 5.79 34.01
N GLN B 195 -36.14 5.58 33.82
CA GLN B 195 -35.09 6.26 34.60
C GLN B 195 -33.89 6.56 33.68
N CYS B 196 -33.23 7.68 33.95
CA CYS B 196 -32.08 8.08 33.14
C CYS B 196 -31.05 6.94 33.13
N SER B 197 -30.58 6.58 31.93
CA SER B 197 -29.79 5.35 31.68
C SER B 197 -28.43 5.65 31.04
N GLU B 198 -27.87 6.84 31.30
CA GLU B 198 -26.44 7.17 31.05
C GLU B 198 -25.96 8.13 32.18
N ILE B 199 -24.84 7.64 32.77
CA ILE B 199 -24.29 8.29 33.99
C ILE B 199 -24.02 9.74 33.58
N CYS B 200 -24.65 10.66 34.29
CA CYS B 200 -24.73 12.11 33.94
C CYS B 200 -24.37 12.96 35.17
N GLY B 201 -23.80 12.34 36.20
CA GLY B 201 -23.28 13.04 37.36
C GLY B 201 -23.99 12.67 38.64
N SER B 202 -23.96 13.58 39.60
CA SER B 202 -24.33 13.25 40.99
C SER B 202 -25.84 12.94 41.13
N ASN B 203 -26.73 13.40 40.22
CA ASN B 203 -28.19 13.09 40.36
C ASN B 203 -28.72 12.19 39.22
N HIS B 204 -27.85 11.39 38.64
CA HIS B 204 -28.17 10.31 37.65
C HIS B 204 -29.34 9.42 38.15
N SER B 205 -29.37 9.10 39.44
CA SER B 205 -30.36 8.21 40.10
C SER B 205 -31.73 8.88 40.19
N PHE B 206 -31.86 10.20 39.90
CA PHE B 206 -33.01 11.01 40.36
C PHE B 206 -33.55 11.92 39.26
N MET B 207 -33.65 11.40 38.03
CA MET B 207 -34.29 12.16 36.91
C MET B 207 -35.12 11.17 36.08
N PRO B 208 -36.24 10.69 36.66
CA PRO B 208 -37.07 9.67 36.01
C PRO B 208 -38.00 10.25 34.95
N ILE B 209 -38.64 9.30 34.27
CA ILE B 209 -39.54 9.50 33.12
C ILE B 209 -40.87 8.86 33.48
N VAL B 210 -41.94 9.61 33.34
CA VAL B 210 -43.33 9.11 33.52
C VAL B 210 -44.16 9.45 32.28
N LEU B 211 -44.60 8.40 31.59
CA LEU B 211 -45.53 8.53 30.43
C LEU B 211 -46.95 8.33 30.96
N GLU B 212 -47.87 9.16 30.50
CA GLU B 212 -49.29 9.09 30.87
C GLU B 212 -50.06 8.87 29.57
N LEU B 213 -50.57 7.65 29.33
CA LEU B 213 -51.19 7.25 28.05
C LEU B 213 -52.71 7.34 28.23
N VAL B 214 -53.36 8.17 27.42
CA VAL B 214 -54.81 8.50 27.50
C VAL B 214 -55.39 8.57 26.09
N PRO B 215 -56.74 8.56 25.95
CA PRO B 215 -57.38 8.80 24.65
C PRO B 215 -56.97 10.14 24.02
N LEU B 216 -56.87 10.15 22.69
CA LEU B 216 -56.51 11.36 21.90
C LEU B 216 -57.24 12.62 22.40
N LYS B 217 -58.56 12.58 22.63
CA LYS B 217 -59.36 13.78 23.00
C LYS B 217 -58.81 14.37 24.32
N TYR B 218 -58.46 13.51 25.28
CA TYR B 218 -57.90 13.95 26.58
C TYR B 218 -56.51 14.54 26.32
N PHE B 219 -55.68 13.90 25.49
CA PHE B 219 -54.36 14.43 25.12
C PHE B 219 -54.51 15.83 24.47
N GLU B 220 -55.46 16.03 23.55
CA GLU B 220 -55.65 17.34 22.86
C GLU B 220 -56.00 18.43 23.90
N LYS B 221 -56.93 18.16 24.82
CA LYS B 221 -57.35 19.15 25.85
C LYS B 221 -56.22 19.40 26.84
N TRP B 222 -55.50 18.36 27.27
CA TRP B 222 -54.31 18.56 28.14
C TRP B 222 -53.34 19.49 27.40
N SER B 223 -53.06 19.21 26.13
CA SER B 223 -52.10 19.98 25.30
C SER B 223 -52.48 21.47 25.32
N ALA B 224 -53.74 21.74 25.06
CA ALA B 224 -54.26 23.13 25.02
C ALA B 224 -54.06 23.78 26.40
N SER B 225 -54.30 23.05 27.49
CA SER B 225 -54.29 23.60 28.85
C SER B 225 -52.85 23.85 29.31
N MET B 226 -51.85 23.27 28.61
CA MET B 226 -50.43 23.35 29.00
C MET B 226 -49.72 24.47 28.23
N LEU B 227 -50.39 25.21 27.37
CA LEU B 227 -49.73 26.27 26.57
C LEU B 227 -49.30 27.43 27.45
N GLN C 4 27.55 -19.10 31.59
CA GLN C 4 26.41 -19.23 30.60
C GLN C 4 26.90 -19.95 29.34
N THR C 5 26.07 -20.83 28.77
CA THR C 5 26.29 -21.44 27.44
C THR C 5 25.08 -21.17 26.55
N HIS C 6 24.34 -20.10 26.82
CA HIS C 6 23.41 -19.51 25.83
C HIS C 6 24.01 -18.17 25.36
N ALA C 7 23.40 -17.56 24.33
CA ALA C 7 23.90 -16.35 23.65
C ALA C 7 23.20 -15.07 24.14
N TYR C 8 22.35 -15.13 25.17
CA TYR C 8 21.49 -13.98 25.54
C TYR C 8 22.18 -13.14 26.62
N HIS C 9 21.67 -11.93 26.80
CA HIS C 9 22.33 -10.89 27.61
C HIS C 9 21.67 -10.79 28.99
N MET C 10 22.40 -11.19 30.04
CA MET C 10 21.99 -10.95 31.44
C MET C 10 22.49 -9.54 31.83
N VAL C 11 21.53 -8.63 31.97
CA VAL C 11 21.78 -7.20 32.13
C VAL C 11 22.16 -6.92 33.60
N ASN C 12 23.19 -6.12 33.80
CA ASN C 12 23.58 -5.66 35.16
C ASN C 12 22.39 -4.94 35.81
N PRO C 13 22.15 -5.15 37.11
CA PRO C 13 21.13 -4.39 37.82
C PRO C 13 21.32 -2.89 37.53
N SER C 14 20.21 -2.20 37.23
CA SER C 14 20.20 -0.83 36.65
C SER C 14 19.21 0.04 37.41
N PRO C 15 19.59 1.30 37.69
CA PRO C 15 18.65 2.27 38.24
C PRO C 15 17.74 3.00 37.24
N TRP C 16 17.98 2.85 35.92
CA TRP C 16 17.31 3.71 34.91
C TRP C 16 15.83 3.35 34.80
N PRO C 17 15.40 2.09 34.96
CA PRO C 17 13.95 1.83 34.97
C PRO C 17 13.24 2.66 36.05
N LEU C 18 13.79 2.67 37.27
CA LEU C 18 13.19 3.45 38.37
C LEU C 18 13.25 4.95 38.04
N THR C 19 14.39 5.47 37.55
CA THR C 19 14.45 6.92 37.27
C THR C 19 13.51 7.26 36.11
N GLY C 20 13.34 6.36 35.13
CA GLY C 20 12.39 6.62 34.05
C GLY C 20 10.95 6.64 34.58
N ALA C 21 10.60 5.68 35.45
CA ALA C 21 9.24 5.58 36.03
C ALA C 21 8.94 6.84 36.82
N LEU C 22 9.92 7.29 37.58
CA LEU C 22 9.70 8.52 38.40
C LEU C 22 9.65 9.76 37.49
N SER C 23 10.46 9.81 36.42
N SER C 23 10.47 9.82 36.44
CA SER C 23 10.40 10.91 35.43
CA SER C 23 10.39 10.90 35.42
C SER C 23 8.98 10.98 34.83
C SER C 23 8.95 10.98 34.89
N ALA C 24 8.33 9.82 34.62
CA ALA C 24 6.95 9.77 34.10
C ALA C 24 5.97 10.40 35.12
N LEU C 25 6.14 10.07 36.40
CA LEU C 25 5.33 10.63 37.49
C LEU C 25 5.53 12.16 37.48
N LEU C 26 6.77 12.62 37.41
CA LEU C 26 7.05 14.08 37.51
C LEU C 26 6.50 14.82 36.28
N MET C 27 6.60 14.23 35.09
CA MET C 27 6.07 14.84 33.84
C MET C 27 4.53 14.96 33.88
N THR C 28 3.85 13.91 34.34
CA THR C 28 2.37 13.90 34.37
C THR C 28 1.86 14.80 35.50
N SER C 29 2.38 14.63 36.71
CA SER C 29 1.99 15.51 37.83
C SER C 29 2.41 16.94 37.45
N GLY C 30 3.49 17.10 36.70
CA GLY C 30 3.95 18.43 36.25
C GLY C 30 2.98 19.08 35.27
N LEU C 31 2.47 18.31 34.33
CA LEU C 31 1.48 18.82 33.38
C LEU C 31 0.21 19.22 34.13
N THR C 32 -0.15 18.42 35.14
CA THR C 32 -1.33 18.69 36.00
C THR C 32 -1.11 20.04 36.67
N MET C 33 0.07 20.22 37.23
N MET C 33 0.05 20.25 37.28
CA MET C 33 0.45 21.44 37.99
CA MET C 33 0.30 21.54 37.97
C MET C 33 0.48 22.68 37.05
C MET C 33 0.26 22.69 36.95
N TRP C 34 0.88 22.50 35.78
CA TRP C 34 0.89 23.57 34.76
C TRP C 34 -0.54 23.89 34.29
N PHE C 35 -1.35 22.91 33.97
CA PHE C 35 -2.74 23.14 33.51
C PHE C 35 -3.64 23.73 34.60
N HIS C 36 -3.42 23.40 35.88
CA HIS C 36 -4.39 23.73 36.96
C HIS C 36 -3.81 24.60 38.08
N PHE C 37 -2.52 24.58 38.32
CA PHE C 37 -1.99 25.25 39.55
C PHE C 37 -0.92 26.25 39.12
N ASN C 38 -0.99 26.65 37.86
CA ASN C 38 -0.24 27.78 37.27
C ASN C 38 1.27 27.65 37.54
N SER C 39 1.89 26.48 37.41
CA SER C 39 3.30 26.27 37.78
C SER C 39 3.97 25.22 36.90
N MET C 40 5.21 25.50 36.50
CA MET C 40 5.98 24.67 35.55
C MET C 40 7.09 23.89 36.26
N THR C 41 7.22 24.02 37.58
CA THR C 41 8.39 23.48 38.30
C THR C 41 8.45 21.96 38.20
N LEU C 42 7.41 21.26 38.62
CA LEU C 42 7.44 19.77 38.55
C LEU C 42 7.73 19.36 37.10
N LEU C 43 7.06 19.99 36.14
CA LEU C 43 7.19 19.56 34.72
C LEU C 43 8.65 19.71 34.28
N MET C 44 9.31 20.81 34.64
N MET C 44 9.31 20.82 34.63
CA MET C 44 10.73 21.03 34.22
CA MET C 44 10.74 21.05 34.26
C MET C 44 11.65 20.01 34.92
C MET C 44 11.61 19.95 34.89
N ILE C 45 11.36 19.59 36.15
CA ILE C 45 12.17 18.54 36.84
C ILE C 45 11.93 17.23 36.09
N GLY C 46 10.70 16.94 35.75
CA GLY C 46 10.39 15.66 35.05
C GLY C 46 11.05 15.58 33.68
N LEU C 47 11.03 16.67 32.90
CA LEU C 47 11.67 16.67 31.56
C LEU C 47 13.16 16.46 31.73
N THR C 48 13.77 17.12 32.72
CA THR C 48 15.22 16.96 32.99
C THR C 48 15.55 15.50 33.35
N THR C 49 14.80 14.88 34.28
CA THR C 49 15.11 13.51 34.73
C THR C 49 14.82 12.55 33.59
N ASN C 50 13.82 12.88 32.78
CA ASN C 50 13.51 12.02 31.61
C ASN C 50 14.71 12.03 30.63
N MET C 51 15.26 13.21 30.32
N MET C 51 15.28 13.21 30.32
CA MET C 51 16.42 13.32 29.39
CA MET C 51 16.43 13.28 29.39
C MET C 51 17.66 12.64 30.00
C MET C 51 17.65 12.59 30.02
N LEU C 52 17.90 12.79 31.31
CA LEU C 52 19.03 12.11 31.99
C LEU C 52 18.84 10.61 31.92
N THR C 53 17.62 10.13 32.13
CA THR C 53 17.37 8.67 32.09
C THR C 53 17.69 8.10 30.69
N MET C 54 17.11 8.70 29.67
N MET C 54 17.13 8.71 29.67
CA MET C 54 17.32 8.25 28.26
CA MET C 54 17.29 8.27 28.27
C MET C 54 18.81 8.27 27.95
C MET C 54 18.78 8.31 27.91
N TYR C 55 19.49 9.37 28.29
CA TYR C 55 20.93 9.51 28.01
C TYR C 55 21.69 8.30 28.62
N GLN C 56 21.50 8.06 29.91
CA GLN C 56 22.30 7.04 30.64
C GLN C 56 21.90 5.62 30.17
N TRP C 57 20.61 5.40 29.95
CA TRP C 57 20.12 4.05 29.54
C TRP C 57 20.71 3.70 28.17
N TRP C 58 20.61 4.61 27.20
CA TRP C 58 21.10 4.31 25.82
C TRP C 58 22.64 4.33 25.78
N ARG C 59 23.26 5.19 26.57
CA ARG C 59 24.72 5.11 26.79
C ARG C 59 25.10 3.70 27.22
N ASP C 60 24.38 3.15 28.22
CA ASP C 60 24.71 1.80 28.76
C ASP C 60 24.50 0.71 27.68
N VAL C 61 23.48 0.87 26.85
CA VAL C 61 23.26 -0.08 25.71
C VAL C 61 24.47 -0.04 24.77
N ILE C 62 24.99 1.15 24.49
CA ILE C 62 26.23 1.27 23.66
C ILE C 62 27.40 0.60 24.39
N ARG C 63 27.55 0.84 25.68
CA ARG C 63 28.64 0.20 26.45
C ARG C 63 28.52 -1.33 26.33
N GLU C 64 27.29 -1.85 26.44
CA GLU C 64 27.06 -3.32 26.49
C GLU C 64 27.37 -3.97 25.14
N SER C 65 27.18 -3.21 24.05
CA SER C 65 27.25 -3.73 22.65
C SER C 65 28.62 -3.42 22.04
N THR C 66 28.88 -2.18 21.72
CA THR C 66 30.16 -1.76 21.09
C THR C 66 31.34 -2.09 22.01
N PHE C 67 31.24 -1.82 23.32
CA PHE C 67 32.42 -1.90 24.22
C PHE C 67 32.54 -3.29 24.88
N GLN C 68 31.43 -3.98 25.17
CA GLN C 68 31.49 -5.25 25.96
C GLN C 68 31.15 -6.50 25.11
N GLY C 69 30.55 -6.33 23.93
CA GLY C 69 30.33 -7.46 22.99
C GLY C 69 29.14 -8.34 23.33
N HIS C 70 28.14 -7.85 24.09
CA HIS C 70 26.99 -8.69 24.50
C HIS C 70 25.97 -8.90 23.36
N HIS C 71 26.06 -8.17 22.26
CA HIS C 71 25.04 -8.20 21.19
C HIS C 71 25.46 -9.28 20.20
N THR C 72 25.26 -10.53 20.61
CA THR C 72 25.30 -11.72 19.74
C THR C 72 24.21 -11.62 18.68
N PRO C 73 24.25 -12.47 17.63
CA PRO C 73 23.15 -12.46 16.65
C PRO C 73 21.76 -12.71 17.27
N ALA C 74 21.66 -13.55 18.31
CA ALA C 74 20.37 -13.80 19.00
C ALA C 74 19.84 -12.51 19.64
N VAL C 75 20.72 -11.75 20.32
CA VAL C 75 20.36 -10.46 20.99
C VAL C 75 19.91 -9.46 19.94
N GLN C 76 20.66 -9.36 18.84
CA GLN C 76 20.35 -8.41 17.74
C GLN C 76 18.96 -8.77 17.16
N LYS C 77 18.68 -10.07 16.97
CA LYS C 77 17.38 -10.51 16.44
C LYS C 77 16.24 -10.00 17.36
N GLY C 78 16.44 -10.11 18.69
CA GLY C 78 15.46 -9.64 19.67
C GLY C 78 15.22 -8.15 19.53
N LEU C 79 16.32 -7.37 19.40
CA LEU C 79 16.17 -5.90 19.24
C LEU C 79 15.41 -5.56 17.95
N ARG C 80 15.65 -6.33 16.88
CA ARG C 80 14.93 -6.17 15.60
C ARG C 80 13.43 -6.29 15.88
N TYR C 81 13.03 -7.38 16.49
CA TYR C 81 11.59 -7.55 16.81
C TYR C 81 11.10 -6.41 17.71
N GLY C 82 11.86 -6.06 18.75
CA GLY C 82 11.40 -5.02 19.67
C GLY C 82 11.12 -3.72 18.94
N MET C 83 12.00 -3.34 18.01
CA MET C 83 11.85 -2.09 17.24
C MET C 83 10.64 -2.18 16.30
N ILE C 84 10.48 -3.30 15.62
CA ILE C 84 9.30 -3.48 14.73
C ILE C 84 8.02 -3.33 15.56
N LEU C 85 7.96 -3.97 16.73
CA LEU C 85 6.75 -3.95 17.56
C LEU C 85 6.50 -2.53 18.09
N PHE C 86 7.57 -1.84 18.50
CA PHE C 86 7.43 -0.44 18.90
C PHE C 86 6.81 0.39 17.77
N ILE C 87 7.33 0.28 16.54
CA ILE C 87 6.79 1.02 15.37
C ILE C 87 5.31 0.67 15.14
N ILE C 88 4.96 -0.61 15.21
CA ILE C 88 3.52 -0.98 15.08
C ILE C 88 2.68 -0.20 16.12
N SER C 89 3.08 -0.19 17.39
CA SER C 89 2.31 0.53 18.43
C SER C 89 2.17 2.02 18.04
N GLU C 90 3.20 2.63 17.44
CA GLU C 90 3.11 4.06 17.05
C GLU C 90 2.15 4.21 15.87
N VAL C 91 2.14 3.24 14.96
CA VAL C 91 1.17 3.28 13.84
C VAL C 91 -0.25 3.28 14.41
N LEU C 92 -0.56 2.44 15.40
CA LEU C 92 -1.93 2.37 15.95
C LEU C 92 -2.25 3.68 16.68
N PHE C 93 -1.28 4.32 17.29
CA PHE C 93 -1.51 5.64 17.96
C PHE C 93 -1.96 6.65 16.89
N PHE C 94 -1.22 6.76 15.79
CA PHE C 94 -1.61 7.67 14.69
C PHE C 94 -2.95 7.26 14.11
N THR C 95 -3.24 5.96 14.03
CA THR C 95 -4.55 5.51 13.50
C THR C 95 -5.72 6.18 14.27
N GLY C 96 -5.61 6.31 15.60
CA GLY C 96 -6.65 7.01 16.38
C GLY C 96 -6.87 8.44 15.89
N PHE C 97 -5.82 9.18 15.60
CA PHE C 97 -5.94 10.58 15.11
C PHE C 97 -6.55 10.59 13.70
N PHE C 98 -6.14 9.69 12.82
CA PHE C 98 -6.75 9.60 11.46
C PHE C 98 -8.23 9.26 11.63
N TRP C 99 -8.56 8.34 12.53
CA TRP C 99 -9.99 8.02 12.75
C TRP C 99 -10.74 9.30 13.17
N ALA C 100 -10.19 10.06 14.11
CA ALA C 100 -10.82 11.32 14.57
C ALA C 100 -11.03 12.26 13.35
N PHE C 101 -10.00 12.37 12.50
CA PHE C 101 -10.03 13.27 11.33
C PHE C 101 -11.16 12.86 10.36
N TYR C 102 -11.20 11.59 10.00
CA TYR C 102 -12.19 11.09 8.99
C TYR C 102 -13.60 11.19 9.59
N HIS C 103 -13.73 10.89 10.89
CA HIS C 103 -15.04 10.96 11.58
C HIS C 103 -15.64 12.36 11.47
N SER C 104 -14.83 13.39 11.72
CA SER C 104 -15.25 14.80 11.72
C SER C 104 -15.49 15.31 10.30
N SER C 105 -14.62 14.96 9.35
CA SER C 105 -14.58 15.56 7.99
C SER C 105 -15.56 14.84 7.06
N LEU C 106 -15.85 13.57 7.31
CA LEU C 106 -16.84 12.88 6.44
C LEU C 106 -18.27 13.19 6.85
N ALA C 107 -18.51 13.69 8.05
CA ALA C 107 -19.90 13.97 8.50
C ALA C 107 -19.91 15.31 9.21
N PRO C 108 -19.61 16.40 8.48
CA PRO C 108 -19.49 17.71 9.13
C PRO C 108 -20.84 18.11 9.71
N THR C 109 -20.81 18.57 10.97
CA THR C 109 -22.03 18.89 11.74
C THR C 109 -22.53 20.30 11.37
N PRO C 110 -23.80 20.60 11.73
CA PRO C 110 -24.34 21.93 11.46
C PRO C 110 -23.50 23.08 12.04
N GLU C 111 -22.87 22.88 13.20
CA GLU C 111 -22.05 23.97 13.83
C GLU C 111 -20.96 24.45 12.86
N LEU C 112 -20.49 23.56 11.99
CA LEU C 112 -19.43 23.81 10.99
C LEU C 112 -20.01 24.49 9.75
N GLY C 113 -21.33 24.59 9.61
CA GLY C 113 -21.98 24.93 8.34
C GLY C 113 -22.38 23.69 7.55
N GLY C 114 -22.22 22.51 8.13
CA GLY C 114 -22.55 21.23 7.45
C GLY C 114 -21.66 20.92 6.27
N CYS C 115 -20.45 21.47 6.20
CA CYS C 115 -19.48 21.33 5.07
C CYS C 115 -18.06 21.15 5.63
N TRP C 116 -17.16 20.67 4.78
CA TRP C 116 -15.73 20.54 5.10
C TRP C 116 -15.00 21.06 3.88
N PRO C 117 -14.02 21.96 4.03
CA PRO C 117 -13.64 22.49 5.34
C PRO C 117 -14.75 23.32 5.96
N PRO C 118 -14.80 23.50 7.30
CA PRO C 118 -15.82 24.36 7.91
C PRO C 118 -15.86 25.79 7.34
N THR C 119 -17.04 26.38 7.47
CA THR C 119 -17.22 27.81 7.23
C THR C 119 -16.17 28.57 8.06
N GLY C 120 -15.49 29.55 7.45
CA GLY C 120 -14.51 30.43 8.12
C GLY C 120 -13.13 29.83 8.24
N ILE C 121 -12.90 28.60 7.76
CA ILE C 121 -11.55 27.99 7.67
C ILE C 121 -11.00 28.20 6.25
N HIS C 122 -9.79 28.74 6.17
CA HIS C 122 -9.01 28.93 4.92
C HIS C 122 -7.82 27.99 5.02
N PRO C 123 -7.94 26.77 4.48
CA PRO C 123 -6.82 25.83 4.50
C PRO C 123 -5.58 26.38 3.79
N LEU C 124 -4.44 25.84 4.20
CA LEU C 124 -3.16 26.08 3.50
C LEU C 124 -3.29 25.50 2.10
N ASN C 125 -2.60 26.11 1.14
CA ASN C 125 -2.46 25.54 -0.22
C ASN C 125 -1.54 24.33 -0.18
N PRO C 126 -2.04 23.11 -0.48
CA PRO C 126 -1.21 21.92 -0.37
C PRO C 126 -0.08 21.85 -1.41
N LEU C 127 -0.16 22.70 -2.43
CA LEU C 127 0.90 22.74 -3.47
C LEU C 127 2.05 23.68 -3.09
N GLU C 128 2.00 24.34 -1.94
CA GLU C 128 3.09 25.27 -1.56
C GLU C 128 4.00 24.57 -0.55
N VAL C 129 4.06 25.06 0.70
CA VAL C 129 5.01 24.48 1.70
C VAL C 129 4.66 23.00 1.97
N PRO C 130 3.40 22.56 2.07
CA PRO C 130 3.14 21.14 2.32
C PRO C 130 3.74 20.21 1.26
N LEU C 131 3.71 20.63 -0.01
CA LEU C 131 4.35 19.85 -1.10
C LEU C 131 5.87 19.86 -0.92
N LEU C 132 6.42 21.02 -0.57
CA LEU C 132 7.88 21.12 -0.31
C LEU C 132 8.27 20.15 0.82
N ASN C 133 7.50 20.13 1.93
CA ASN C 133 7.75 19.19 3.05
C ASN C 133 7.71 17.73 2.59
N THR C 134 6.78 17.44 1.69
CA THR C 134 6.69 16.07 1.12
C THR C 134 7.99 15.74 0.35
N SER C 135 8.45 16.66 -0.52
CA SER C 135 9.70 16.43 -1.31
C SER C 135 10.86 16.26 -0.32
N VAL C 136 10.83 17.00 0.77
CA VAL C 136 11.97 16.97 1.73
C VAL C 136 12.02 15.61 2.43
N LEU C 137 10.90 15.13 2.97
CA LEU C 137 10.94 13.81 3.66
C LEU C 137 11.17 12.68 2.65
N LEU C 138 10.57 12.73 1.46
CA LEU C 138 10.88 11.66 0.46
C LEU C 138 12.38 11.68 0.14
N ALA C 139 12.95 12.86 -0.12
CA ALA C 139 14.38 12.97 -0.43
C ALA C 139 15.22 12.35 0.71
N SER C 140 14.81 12.58 1.97
CA SER C 140 15.57 12.12 3.13
C SER C 140 15.48 10.58 3.20
N GLY C 141 14.39 9.99 2.67
CA GLY C 141 14.26 8.52 2.58
C GLY C 141 15.27 7.97 1.58
N VAL C 142 15.54 8.70 0.51
CA VAL C 142 16.58 8.31 -0.48
C VAL C 142 17.99 8.47 0.14
N SER C 143 18.29 9.61 0.74
CA SER C 143 19.64 9.83 1.30
C SER C 143 19.95 8.81 2.42
N ILE C 144 18.95 8.47 3.26
N ILE C 144 18.96 8.47 3.27
CA ILE C 144 19.22 7.50 4.36
CA ILE C 144 19.23 7.51 4.38
C ILE C 144 19.52 6.14 3.75
C ILE C 144 19.50 6.12 3.76
N THR C 145 18.91 5.81 2.62
CA THR C 145 19.18 4.52 1.93
C THR C 145 20.62 4.55 1.40
N TRP C 146 21.03 5.65 0.78
CA TRP C 146 22.44 5.84 0.38
C TRP C 146 23.34 5.61 1.60
N ALA C 147 23.00 6.19 2.76
CA ALA C 147 23.86 6.07 3.96
C ALA C 147 23.99 4.59 4.35
N HIS C 148 22.88 3.88 4.33
CA HIS C 148 22.82 2.45 4.70
C HIS C 148 23.77 1.65 3.80
N HIS C 149 23.64 1.82 2.48
CA HIS C 149 24.49 1.08 1.53
C HIS C 149 25.97 1.50 1.72
N SER C 150 26.27 2.78 1.94
CA SER C 150 27.67 3.17 2.16
C SER C 150 28.26 2.40 3.36
N LEU C 151 27.50 2.33 4.46
CA LEU C 151 27.95 1.66 5.70
C LEU C 151 28.19 0.17 5.41
N MET C 152 27.25 -0.50 4.71
CA MET C 152 27.42 -1.93 4.37
C MET C 152 28.65 -2.12 3.48
N GLU C 153 28.96 -1.17 2.59
CA GLU C 153 30.10 -1.29 1.64
C GLU C 153 31.37 -0.81 2.34
N GLY C 154 31.29 -0.37 3.58
CA GLY C 154 32.49 0.01 4.34
C GLY C 154 33.06 1.39 4.01
N ASP C 155 32.22 2.30 3.51
CA ASP C 155 32.61 3.63 3.02
C ASP C 155 32.27 4.67 4.11
N ARG C 156 33.24 5.03 4.94
CA ARG C 156 32.98 5.95 6.10
C ARG C 156 32.57 7.34 5.63
N LYS C 157 33.35 7.92 4.69
CA LYS C 157 33.09 9.30 4.20
C LYS C 157 31.66 9.41 3.61
N HIS C 158 31.27 8.50 2.72
CA HIS C 158 29.94 8.58 2.05
C HIS C 158 28.81 8.30 3.06
N MET C 159 29.01 7.38 4.03
CA MET C 159 28.02 7.17 5.11
C MET C 159 27.80 8.52 5.79
N LEU C 160 28.87 9.18 6.19
CA LEU C 160 28.76 10.46 6.94
C LEU C 160 28.05 11.52 6.11
N GLN C 161 28.41 11.66 4.83
N GLN C 161 28.45 11.67 4.83
CA GLN C 161 27.80 12.70 3.97
CA GLN C 161 27.85 12.64 3.88
C GLN C 161 26.30 12.40 3.78
C GLN C 161 26.34 12.38 3.77
N ALA C 162 25.95 11.16 3.46
CA ALA C 162 24.54 10.78 3.25
C ALA C 162 23.72 11.00 4.54
N LEU C 163 24.27 10.61 5.69
CA LEU C 163 23.54 10.77 6.97
C LEU C 163 23.41 12.26 7.31
N PHE C 164 24.48 13.05 7.05
CA PHE C 164 24.41 14.52 7.24
C PHE C 164 23.32 15.12 6.38
N ILE C 165 23.22 14.71 5.12
CA ILE C 165 22.14 15.21 4.22
C ILE C 165 20.78 14.84 4.82
N THR C 166 20.64 13.62 5.31
CA THR C 166 19.35 13.13 5.87
C THR C 166 18.94 14.01 7.05
N ILE C 167 19.87 14.23 7.98
CA ILE C 167 19.59 15.08 9.17
C ILE C 167 19.24 16.51 8.71
N THR C 168 19.99 17.07 7.75
CA THR C 168 19.72 18.44 7.26
C THR C 168 18.29 18.52 6.73
N LEU C 169 17.84 17.51 5.99
CA LEU C 169 16.47 17.51 5.43
C LEU C 169 15.45 17.43 6.59
N GLY C 170 15.69 16.59 7.60
CA GLY C 170 14.84 16.52 8.81
C GLY C 170 14.73 17.86 9.53
N VAL C 171 15.85 18.57 9.65
CA VAL C 171 15.86 19.95 10.23
C VAL C 171 15.07 20.91 9.31
N TYR C 172 15.30 20.88 7.99
CA TYR C 172 14.56 21.71 7.01
C TYR C 172 13.04 21.48 7.21
N PHE C 173 12.62 20.23 7.31
CA PHE C 173 11.18 19.91 7.46
C PHE C 173 10.65 20.59 8.73
N THR C 174 11.39 20.45 9.81
CA THR C 174 11.04 20.98 11.16
C THR C 174 10.93 22.50 11.07
N LEU C 175 11.89 23.18 10.43
CA LEU C 175 11.86 24.66 10.35
C LEU C 175 10.71 25.09 9.45
N LEU C 176 10.46 24.39 8.36
CA LEU C 176 9.32 24.71 7.46
C LEU C 176 8.01 24.56 8.22
N GLN C 177 7.88 23.48 8.98
CA GLN C 177 6.63 23.21 9.75
C GLN C 177 6.46 24.31 10.81
N ALA C 178 7.52 24.69 11.51
CA ALA C 178 7.46 25.75 12.56
C ALA C 178 6.93 27.03 11.91
N SER C 179 7.50 27.39 10.76
CA SER C 179 7.12 28.58 10.01
C SER C 179 5.63 28.46 9.59
N GLU C 180 5.20 27.30 9.08
N GLU C 180 5.23 27.29 9.06
CA GLU C 180 3.79 27.11 8.63
CA GLU C 180 3.82 27.04 8.66
C GLU C 180 2.84 27.20 9.85
C GLU C 180 2.89 27.25 9.86
N TYR C 181 3.24 26.70 11.02
CA TYR C 181 2.44 26.84 12.25
C TYR C 181 2.23 28.34 12.52
N TYR C 182 3.31 29.08 12.47
CA TYR C 182 3.26 30.53 12.77
C TYR C 182 2.36 31.25 11.75
N GLU C 183 2.49 30.93 10.47
CA GLU C 183 1.78 31.63 9.38
C GLU C 183 0.33 31.16 9.30
N ALA C 184 -0.03 30.00 9.85
CA ALA C 184 -1.39 29.47 9.62
C ALA C 184 -2.43 30.45 10.17
N PRO C 185 -3.48 30.78 9.36
CA PRO C 185 -4.53 31.70 9.81
C PRO C 185 -5.53 31.07 10.80
N PHE C 186 -5.44 29.74 10.93
CA PHE C 186 -6.27 28.95 11.86
C PHE C 186 -5.36 28.43 12.98
N THR C 187 -5.96 28.13 14.13
CA THR C 187 -5.26 27.70 15.35
C THR C 187 -5.84 26.37 15.83
N ILE C 188 -5.26 25.83 16.88
CA ILE C 188 -5.75 24.60 17.53
C ILE C 188 -7.16 24.84 18.10
N SER C 189 -7.53 26.09 18.40
CA SER C 189 -8.86 26.43 18.99
C SER C 189 -9.91 26.69 17.90
N ASP C 190 -9.57 26.50 16.61
CA ASP C 190 -10.53 26.70 15.49
C ASP C 190 -11.31 25.39 15.24
N GLY C 191 -12.05 24.96 16.25
CA GLY C 191 -12.96 23.82 16.14
C GLY C 191 -12.21 22.55 15.78
N VAL C 192 -12.96 21.59 15.25
CA VAL C 192 -12.39 20.25 15.01
C VAL C 192 -11.39 20.32 13.82
N TYR C 193 -11.51 21.29 12.91
CA TYR C 193 -10.49 21.47 11.84
C TYR C 193 -9.11 21.78 12.47
N GLY C 194 -9.05 22.79 13.35
CA GLY C 194 -7.79 23.13 14.03
C GLY C 194 -7.31 22.01 14.94
N SER C 195 -8.26 21.34 15.61
CA SER C 195 -7.97 20.25 16.58
C SER C 195 -7.27 19.12 15.83
N THR C 196 -7.89 18.62 14.76
CA THR C 196 -7.34 17.49 13.99
C THR C 196 -6.02 17.94 13.33
N PHE C 197 -6.01 19.13 12.75
CA PHE C 197 -4.80 19.56 12.03
C PHE C 197 -3.60 19.61 12.98
N PHE C 198 -3.71 20.37 14.08
CA PHE C 198 -2.53 20.63 14.94
C PHE C 198 -2.17 19.40 15.77
N VAL C 199 -3.15 18.63 16.27
CA VAL C 199 -2.77 17.47 17.12
C VAL C 199 -2.10 16.40 16.24
N ALA C 200 -2.65 16.08 15.07
CA ALA C 200 -2.08 15.04 14.17
C ALA C 200 -0.73 15.52 13.63
N THR C 201 -0.65 16.74 13.07
CA THR C 201 0.65 17.20 12.52
C THR C 201 1.62 17.46 13.66
N GLY C 202 1.11 17.81 14.84
CA GLY C 202 1.97 18.10 16.00
C GLY C 202 2.64 16.86 16.54
N PHE C 203 1.89 15.77 16.68
CA PHE C 203 2.50 14.48 17.09
C PHE C 203 3.50 14.05 16.01
N HIS C 204 3.14 14.23 14.73
CA HIS C 204 4.07 13.86 13.64
C HIS C 204 5.35 14.71 13.80
N GLY C 205 5.22 16.01 14.04
CA GLY C 205 6.38 16.90 14.22
C GLY C 205 7.29 16.42 15.34
N LEU C 206 6.68 16.04 16.47
CA LEU C 206 7.43 15.50 17.61
C LEU C 206 8.18 14.23 17.15
N HIS C 207 7.54 13.34 16.38
CA HIS C 207 8.23 12.12 15.89
C HIS C 207 9.41 12.49 14.96
N VAL C 208 9.26 13.51 14.12
CA VAL C 208 10.37 13.98 13.23
C VAL C 208 11.53 14.46 14.09
N ILE C 209 11.24 15.19 15.16
CA ILE C 209 12.32 15.67 16.07
C ILE C 209 12.97 14.45 16.76
N ILE C 210 12.15 13.50 17.23
CA ILE C 210 12.71 12.28 17.85
C ILE C 210 13.59 11.54 16.84
N GLY C 211 13.09 11.33 15.62
CA GLY C 211 13.84 10.60 14.59
C GLY C 211 15.11 11.32 14.19
N SER C 212 15.03 12.65 14.10
CA SER C 212 16.22 13.49 13.76
C SER C 212 17.26 13.33 14.86
N THR C 213 16.83 13.31 16.12
CA THR C 213 17.72 13.13 17.30
C THR C 213 18.41 11.76 17.19
N PHE C 214 17.65 10.72 16.87
CA PHE C 214 18.17 9.35 16.73
C PHE C 214 19.25 9.33 15.62
N LEU C 215 18.97 9.99 14.50
CA LEU C 215 19.94 10.04 13.38
C LEU C 215 21.19 10.79 13.84
N ILE C 216 21.03 11.84 14.66
CA ILE C 216 22.21 12.61 15.15
C ILE C 216 23.05 11.72 16.07
N VAL C 217 22.38 10.94 16.91
CA VAL C 217 23.08 9.92 17.75
C VAL C 217 23.88 8.99 16.83
N CYS C 218 23.26 8.44 15.77
CA CYS C 218 23.98 7.55 14.80
C CYS C 218 25.16 8.31 14.15
N PHE C 219 24.96 9.56 13.79
CA PHE C 219 26.04 10.36 13.17
C PHE C 219 27.27 10.42 14.10
N PHE C 220 27.09 10.71 15.39
CA PHE C 220 28.24 10.79 16.33
C PHE C 220 28.83 9.40 16.58
N ARG C 221 27.98 8.38 16.71
CA ARG C 221 28.52 7.02 16.88
C ARG C 221 29.38 6.66 15.65
N GLN C 222 28.92 6.99 14.44
CA GLN C 222 29.71 6.73 13.20
C GLN C 222 31.03 7.51 13.26
N LEU C 223 30.97 8.78 13.60
CA LEU C 223 32.22 9.57 13.76
C LEU C 223 33.21 8.84 14.68
N LYS C 224 32.73 8.20 15.75
CA LYS C 224 33.59 7.50 16.74
C LYS C 224 33.82 6.03 16.38
N PHE C 225 33.48 5.62 15.16
CA PHE C 225 33.80 4.28 14.58
C PHE C 225 33.02 3.16 15.27
N HIS C 226 31.90 3.43 15.92
CA HIS C 226 31.15 2.36 16.67
C HIS C 226 30.64 1.27 15.72
N PHE C 227 30.20 1.65 14.54
CA PHE C 227 29.51 0.74 13.61
C PHE C 227 30.51 -0.06 12.77
N THR C 228 30.26 -1.35 12.62
CA THR C 228 30.98 -2.14 11.61
C THR C 228 30.11 -2.23 10.37
N SER C 229 30.70 -2.69 9.28
CA SER C 229 30.02 -2.87 7.98
C SER C 229 28.88 -3.89 8.11
N ASN C 230 28.92 -4.76 9.12
CA ASN C 230 27.89 -5.83 9.31
C ASN C 230 27.04 -5.63 10.58
N HIS C 231 27.49 -4.84 11.54
CA HIS C 231 26.85 -4.72 12.86
C HIS C 231 26.60 -3.24 13.16
N HIS C 232 25.33 -2.85 13.08
CA HIS C 232 24.93 -1.42 13.13
C HIS C 232 23.44 -1.32 13.37
N PHE C 233 22.94 -2.02 14.40
CA PHE C 233 21.48 -2.09 14.63
C PHE C 233 20.92 -0.70 14.98
N GLY C 234 21.66 0.14 15.71
CA GLY C 234 21.15 1.48 16.04
C GLY C 234 20.84 2.29 14.78
N PHE C 235 21.71 2.19 13.78
CA PHE C 235 21.49 2.80 12.45
C PHE C 235 20.26 2.15 11.78
N GLU C 236 20.15 0.82 11.77
CA GLU C 236 18.95 0.18 11.12
C GLU C 236 17.65 0.69 11.79
N ALA C 237 17.61 0.66 13.13
CA ALA C 237 16.45 1.09 13.92
C ALA C 237 16.12 2.56 13.61
N ALA C 238 17.12 3.45 13.53
CA ALA C 238 16.87 4.87 13.23
C ALA C 238 16.32 4.99 11.81
N ALA C 239 16.83 4.19 10.88
CA ALA C 239 16.36 4.21 9.46
C ALA C 239 14.91 3.68 9.40
N TRP C 240 14.60 2.58 10.10
CA TRP C 240 13.19 2.10 10.15
C TRP C 240 12.27 3.19 10.73
N TYR C 241 12.69 3.79 11.82
CA TYR C 241 11.91 4.87 12.46
C TYR C 241 11.69 6.02 11.46
N TRP C 242 12.76 6.38 10.76
CA TRP C 242 12.73 7.50 9.79
C TRP C 242 11.74 7.19 8.63
N HIS C 243 11.74 5.96 8.09
CA HIS C 243 10.76 5.55 7.07
C HIS C 243 9.34 5.64 7.64
N PHE C 244 9.13 5.23 8.86
CA PHE C 244 7.84 5.36 9.57
C PHE C 244 7.38 6.83 9.56
N VAL C 245 8.26 7.72 10.01
CA VAL C 245 7.96 9.18 9.97
C VAL C 245 7.59 9.64 8.53
N ASP C 246 8.29 9.14 7.49
CA ASP C 246 8.02 9.54 6.09
CA ASP C 246 8.21 9.50 6.16
C ASP C 246 6.60 9.09 5.76
C ASP C 246 6.80 9.03 5.65
N VAL C 247 6.35 7.84 6.05
CA VAL C 247 5.05 7.24 5.64
C VAL C 247 3.89 7.92 6.38
N VAL C 248 4.04 8.21 7.66
CA VAL C 248 2.95 8.94 8.36
C VAL C 248 2.71 10.29 7.66
N TRP C 249 3.78 11.00 7.31
CA TRP C 249 3.67 12.28 6.59
C TRP C 249 2.84 12.09 5.29
N LEU C 250 3.17 11.09 4.47
CA LEU C 250 2.44 10.88 3.20
C LEU C 250 0.93 10.73 3.51
N PHE C 251 0.57 9.99 4.57
CA PHE C 251 -0.86 9.81 4.93
C PHE C 251 -1.44 11.14 5.38
N LEU C 252 -0.70 11.90 6.19
CA LEU C 252 -1.19 13.23 6.64
C LEU C 252 -1.40 14.16 5.42
N TYR C 253 -0.43 14.18 4.54
CA TYR C 253 -0.46 15.06 3.34
C TYR C 253 -1.72 14.73 2.53
N VAL C 254 -1.89 13.46 2.18
CA VAL C 254 -3.07 13.06 1.35
C VAL C 254 -4.38 13.35 2.11
N SER C 255 -4.44 13.03 3.41
CA SER C 255 -5.72 13.04 4.18
C SER C 255 -6.08 14.47 4.57
N ILE C 256 -5.20 15.11 5.32
CA ILE C 256 -5.53 16.40 5.98
C ILE C 256 -5.27 17.55 5.00
N TYR C 257 -4.13 17.54 4.32
CA TYR C 257 -3.73 18.74 3.54
C TYR C 257 -4.43 18.79 2.20
N TRP C 258 -4.53 17.63 1.53
CA TRP C 258 -5.04 17.57 0.14
C TRP C 258 -6.53 17.23 0.14
N TRP C 259 -6.88 16.01 0.46
CA TRP C 259 -8.29 15.56 0.49
C TRP C 259 -9.12 16.46 1.44
N GLY C 260 -8.59 16.83 2.61
CA GLY C 260 -9.31 17.66 3.61
C GLY C 260 -9.34 19.14 3.28
N SER C 261 -8.72 19.61 2.20
CA SER C 261 -8.69 21.05 1.84
C SER C 261 -9.97 21.45 1.09
N SER D 4 14.12 -43.58 54.45
CA SER D 4 13.92 -42.84 53.13
C SER D 4 13.73 -41.32 53.33
N VAL D 5 14.81 -40.61 53.68
CA VAL D 5 14.78 -39.13 53.95
C VAL D 5 14.96 -38.42 52.62
N VAL D 6 13.92 -37.76 52.18
CA VAL D 6 14.01 -36.99 50.92
C VAL D 6 14.52 -35.60 51.24
N LYS D 7 15.52 -35.15 50.50
CA LYS D 7 16.23 -33.87 50.69
C LYS D 7 15.80 -32.94 49.54
N SER D 8 15.65 -31.65 49.87
CA SER D 8 15.57 -30.52 48.91
C SER D 8 16.64 -30.63 47.81
N GLU D 9 17.90 -30.97 48.18
CA GLU D 9 19.06 -30.89 47.23
C GLU D 9 19.00 -32.04 46.21
N ASP D 10 17.92 -32.83 46.21
CA ASP D 10 17.74 -34.05 45.36
C ASP D 10 16.68 -33.82 44.27
N TYR D 11 16.29 -32.58 43.98
CA TYR D 11 15.16 -32.29 43.06
C TYR D 11 15.48 -32.75 41.63
N ALA D 12 16.75 -32.81 41.21
CA ALA D 12 17.12 -33.18 39.82
C ALA D 12 17.22 -34.70 39.67
N LEU D 13 17.07 -35.48 40.74
CA LEU D 13 17.27 -36.95 40.67
C LEU D 13 15.90 -37.63 40.57
N PRO D 14 15.83 -38.82 39.94
CA PRO D 14 14.59 -39.58 39.95
C PRO D 14 14.08 -39.77 41.40
N SER D 15 12.79 -39.62 41.59
CA SER D 15 12.14 -39.64 42.91
C SER D 15 11.02 -40.69 42.96
N TYR D 16 10.62 -41.00 44.18
CA TYR D 16 9.55 -41.96 44.47
C TYR D 16 8.22 -41.22 44.46
N VAL D 17 7.18 -41.85 43.92
N VAL D 17 7.15 -41.85 43.98
CA VAL D 17 5.78 -41.34 44.05
CA VAL D 17 5.79 -41.28 44.18
C VAL D 17 4.85 -42.53 44.30
C VAL D 17 4.78 -42.43 44.19
N ASP D 18 3.78 -42.31 45.07
CA ASP D 18 2.62 -43.22 45.14
C ASP D 18 1.51 -42.59 44.33
N ARG D 19 1.25 -43.14 43.15
CA ARG D 19 0.20 -42.63 42.24
C ARG D 19 -0.43 -43.86 41.57
N ARG D 20 -1.74 -43.98 41.61
CA ARG D 20 -2.43 -45.22 41.11
C ARG D 20 -2.24 -45.36 39.58
N ASP D 21 -1.99 -44.25 38.87
CA ASP D 21 -1.75 -44.11 37.40
C ASP D 21 -0.25 -44.26 37.10
N TYR D 22 0.64 -44.47 38.09
CA TYR D 22 2.11 -44.63 37.87
C TYR D 22 2.59 -45.69 38.86
N PRO D 23 2.08 -46.92 38.71
CA PRO D 23 2.21 -47.93 39.76
C PRO D 23 3.65 -48.36 40.08
N LEU D 24 4.56 -48.30 39.11
CA LEU D 24 5.98 -48.71 39.26
C LEU D 24 6.87 -47.47 39.15
N PRO D 25 7.11 -46.78 40.28
CA PRO D 25 7.93 -45.56 40.28
C PRO D 25 9.38 -45.85 39.90
N ASP D 26 10.10 -44.75 39.69
CA ASP D 26 11.43 -44.74 39.04
C ASP D 26 12.49 -45.27 40.02
N VAL D 27 12.24 -45.24 41.34
CA VAL D 27 13.19 -45.75 42.37
C VAL D 27 12.42 -46.55 43.41
N ALA D 28 13.14 -47.39 44.15
CA ALA D 28 12.65 -48.07 45.34
C ALA D 28 12.41 -47.06 46.44
N HIS D 29 11.37 -47.28 47.22
CA HIS D 29 11.08 -46.51 48.46
C HIS D 29 12.30 -46.56 49.39
N VAL D 30 12.92 -47.75 49.58
CA VAL D 30 14.07 -47.93 50.49
C VAL D 30 15.25 -48.37 49.64
N LYS D 31 16.29 -47.55 49.56
CA LYS D 31 17.51 -47.92 48.79
C LYS D 31 18.55 -48.57 49.70
N ASN D 32 18.69 -48.13 50.93
CA ASN D 32 19.75 -48.67 51.80
C ASN D 32 19.22 -49.89 52.54
N LEU D 33 19.96 -50.99 52.53
CA LEU D 33 19.57 -52.28 53.13
C LEU D 33 20.46 -52.64 54.32
N SER D 34 19.84 -53.11 55.38
CA SER D 34 20.55 -53.72 56.55
C SER D 34 21.08 -55.11 56.20
N ALA D 35 21.91 -55.70 57.05
CA ALA D 35 22.36 -57.10 56.89
C ALA D 35 21.12 -57.99 56.65
N SER D 36 20.06 -57.90 57.46
CA SER D 36 18.94 -58.87 57.29
C SER D 36 18.15 -58.55 55.99
N GLN D 37 18.04 -57.27 55.58
CA GLN D 37 17.32 -56.90 54.35
C GLN D 37 18.14 -57.37 53.14
N LYS D 38 19.47 -57.33 53.19
CA LYS D 38 20.35 -57.88 52.13
C LYS D 38 20.11 -59.39 52.01
N ALA D 39 20.00 -60.11 53.13
CA ALA D 39 19.79 -61.60 53.11
C ALA D 39 18.41 -61.84 52.49
N LEU D 40 17.44 -60.99 52.79
CA LEU D 40 16.06 -61.15 52.23
C LEU D 40 16.07 -60.91 50.70
N LYS D 41 16.79 -59.91 50.22
CA LYS D 41 16.92 -59.71 48.75
C LYS D 41 17.65 -60.89 48.08
N GLU D 42 18.57 -61.57 48.77
CA GLU D 42 19.23 -62.79 48.20
C GLU D 42 18.18 -63.91 48.14
N LYS D 43 17.37 -64.03 49.18
CA LYS D 43 16.35 -65.11 49.27
C LYS D 43 15.28 -64.94 48.16
N GLU D 44 14.97 -63.69 47.81
CA GLU D 44 14.02 -63.33 46.74
C GLU D 44 14.51 -63.89 45.38
N LYS D 45 15.79 -64.23 45.24
CA LYS D 45 16.34 -64.78 43.97
C LYS D 45 15.99 -66.27 43.87
N ALA D 46 15.57 -66.90 44.96
CA ALA D 46 15.09 -68.30 44.95
C ALA D 46 13.55 -68.30 44.88
N SER D 47 12.94 -69.47 44.97
CA SER D 47 11.47 -69.63 44.89
C SER D 47 10.74 -68.70 45.89
N TRP D 48 9.77 -67.94 45.40
CA TRP D 48 8.91 -67.10 46.26
C TRP D 48 8.02 -67.96 47.15
N SER D 49 7.83 -69.24 46.82
CA SER D 49 7.06 -70.19 47.67
C SER D 49 7.75 -70.40 49.02
N SER D 50 9.05 -70.23 49.05
CA SER D 50 9.90 -70.37 50.26
C SER D 50 9.90 -69.09 51.10
N LEU D 51 9.39 -67.97 50.60
CA LEU D 51 9.30 -66.75 51.47
C LEU D 51 8.08 -66.86 52.39
N SER D 52 8.20 -66.44 53.64
CA SER D 52 7.04 -66.30 54.57
C SER D 52 6.19 -65.10 54.13
N ILE D 53 4.95 -65.04 54.62
CA ILE D 53 4.05 -63.86 54.47
C ILE D 53 4.80 -62.60 54.97
N ASP D 54 5.46 -62.69 56.14
CA ASP D 54 6.20 -61.53 56.73
C ASP D 54 7.30 -61.06 55.76
N GLU D 55 8.05 -61.99 55.18
CA GLU D 55 9.15 -61.69 54.24
C GLU D 55 8.57 -61.02 52.99
N LYS D 56 7.45 -61.50 52.47
CA LYS D 56 6.78 -60.91 51.29
C LYS D 56 6.33 -59.47 51.59
N VAL D 57 5.73 -59.24 52.75
CA VAL D 57 5.28 -57.88 53.16
C VAL D 57 6.55 -57.02 53.25
N GLU D 58 7.64 -57.53 53.81
CA GLU D 58 8.88 -56.71 53.99
C GLU D 58 9.44 -56.36 52.60
N LEU D 59 9.45 -57.29 51.65
CA LEU D 59 9.89 -56.99 50.25
C LEU D 59 9.00 -55.90 49.64
N TYR D 60 7.68 -55.97 49.84
CA TYR D 60 6.74 -54.95 49.30
C TYR D 60 7.12 -53.59 49.91
N ARG D 61 7.32 -53.55 51.22
CA ARG D 61 7.57 -52.26 51.97
C ARG D 61 8.97 -51.68 51.68
N LEU D 62 9.92 -52.48 51.20
CA LEU D 62 11.21 -51.95 50.70
C LEU D 62 11.03 -51.27 49.33
N LYS D 63 10.21 -51.87 48.49
CA LYS D 63 9.96 -51.34 47.13
C LYS D 63 9.04 -50.10 47.17
N PHE D 64 7.98 -50.16 47.99
CA PHE D 64 6.86 -49.19 47.95
C PHE D 64 6.62 -48.61 49.35
N LYS D 65 6.14 -47.37 49.39
CA LYS D 65 5.79 -46.72 50.67
C LYS D 65 4.38 -47.14 51.05
N GLU D 66 3.37 -46.68 50.32
CA GLU D 66 1.97 -47.04 50.62
C GLU D 66 1.44 -48.04 49.57
N SER D 67 0.57 -48.95 50.00
CA SER D 67 -0.23 -49.82 49.10
C SER D 67 -1.25 -48.97 48.36
N PHE D 68 -1.92 -49.55 47.37
CA PHE D 68 -3.07 -48.89 46.69
C PHE D 68 -4.17 -48.56 47.70
N ALA D 69 -4.52 -49.48 48.60
CA ALA D 69 -5.63 -49.26 49.56
C ALA D 69 -5.28 -48.03 50.44
N GLU D 70 -4.01 -47.91 50.84
CA GLU D 70 -3.59 -46.80 51.73
C GLU D 70 -3.60 -45.50 50.93
N MET D 71 -3.02 -45.48 49.74
CA MET D 71 -2.87 -44.21 49.00
C MET D 71 -4.25 -43.73 48.52
N ASN D 72 -5.21 -44.63 48.35
CA ASN D 72 -6.55 -44.27 47.80
C ASN D 72 -7.57 -44.01 48.94
N ARG D 73 -7.21 -44.09 50.20
CA ARG D 73 -8.22 -44.07 51.29
C ARG D 73 -8.96 -42.71 51.30
N SER D 74 -10.20 -42.75 51.70
CA SER D 74 -11.08 -41.60 51.95
C SER D 74 -10.74 -40.99 53.29
N THR D 75 -11.12 -39.73 53.47
CA THR D 75 -10.80 -38.99 54.71
C THR D 75 -12.05 -38.27 55.20
N ASN D 76 -12.00 -37.80 56.43
CA ASN D 76 -13.09 -37.00 57.06
C ASN D 76 -12.87 -35.50 56.76
N GLU D 77 -11.94 -35.13 55.88
CA GLU D 77 -11.58 -33.71 55.60
C GLU D 77 -12.85 -32.92 55.20
N TRP D 78 -13.80 -33.50 54.48
CA TRP D 78 -15.00 -32.77 54.03
C TRP D 78 -15.75 -32.16 55.22
N LYS D 79 -15.78 -32.85 56.36
CA LYS D 79 -16.53 -32.38 57.55
C LYS D 79 -15.87 -31.08 58.03
N THR D 80 -14.55 -31.06 58.08
CA THR D 80 -13.79 -29.88 58.52
C THR D 80 -14.04 -28.74 57.53
N VAL D 81 -13.99 -29.02 56.23
CA VAL D 81 -14.14 -27.96 55.20
C VAL D 81 -15.55 -27.39 55.27
N VAL D 82 -16.57 -28.24 55.22
CA VAL D 82 -17.96 -27.73 55.20
C VAL D 82 -18.24 -27.01 56.52
N GLY D 83 -17.87 -27.60 57.67
CA GLY D 83 -18.14 -27.01 58.99
C GLY D 83 -17.46 -25.66 59.11
N ALA D 84 -16.18 -25.59 58.75
CA ALA D 84 -15.42 -24.34 58.87
C ALA D 84 -15.99 -23.27 57.92
N ALA D 85 -16.36 -23.62 56.69
CA ALA D 85 -17.00 -22.68 55.73
C ALA D 85 -18.30 -22.16 56.35
N MET D 86 -19.13 -23.02 56.96
CA MET D 86 -20.36 -22.53 57.60
C MET D 86 -20.00 -21.64 58.79
N PHE D 87 -18.96 -21.95 59.55
CA PHE D 87 -18.54 -21.07 60.68
C PHE D 87 -18.27 -19.66 60.13
N PHE D 88 -17.48 -19.55 59.08
CA PHE D 88 -17.03 -18.22 58.57
C PHE D 88 -18.21 -17.49 57.91
N ILE D 89 -19.11 -18.22 57.28
CA ILE D 89 -20.36 -17.62 56.74
C ILE D 89 -21.22 -17.12 57.92
N GLY D 90 -21.33 -17.89 58.99
CA GLY D 90 -21.99 -17.45 60.22
C GLY D 90 -21.34 -16.19 60.77
N PHE D 91 -20.01 -16.15 60.84
CA PHE D 91 -19.27 -14.96 61.29
C PHE D 91 -19.65 -13.73 60.44
N THR D 92 -19.85 -13.93 59.15
CA THR D 92 -20.21 -12.85 58.22
C THR D 92 -21.51 -12.21 58.67
N ALA D 93 -22.49 -13.01 59.11
CA ALA D 93 -23.77 -12.48 59.61
C ALA D 93 -23.55 -11.58 60.84
N LEU D 94 -22.55 -11.87 61.69
CA LEU D 94 -22.21 -10.97 62.83
C LEU D 94 -21.80 -9.58 62.28
N LEU D 95 -21.03 -9.54 61.20
CA LEU D 95 -20.60 -8.27 60.56
C LEU D 95 -21.83 -7.52 60.05
N LEU D 96 -22.78 -8.25 59.46
CA LEU D 96 -24.01 -7.64 58.92
C LEU D 96 -24.87 -7.10 60.07
N ILE D 97 -24.93 -7.82 61.20
CA ILE D 97 -25.68 -7.31 62.38
C ILE D 97 -25.03 -6.01 62.84
N TRP D 98 -23.71 -6.00 62.95
CA TRP D 98 -22.96 -4.79 63.34
C TRP D 98 -23.29 -3.64 62.38
N GLU D 99 -23.25 -3.89 61.08
CA GLU D 99 -23.51 -2.85 60.04
C GLU D 99 -24.94 -2.30 60.22
N LYS D 100 -25.93 -3.18 60.36
CA LYS D 100 -27.33 -2.73 60.53
C LYS D 100 -27.43 -1.87 61.81
N HIS D 101 -26.81 -2.26 62.91
CA HIS D 101 -26.96 -1.54 64.21
C HIS D 101 -26.21 -0.20 64.17
N TYR D 102 -24.99 -0.14 63.66
CA TYR D 102 -24.11 1.04 63.86
C TYR D 102 -23.92 1.88 62.59
N VAL D 103 -24.23 1.36 61.41
CA VAL D 103 -23.94 2.11 60.14
C VAL D 103 -25.25 2.58 59.51
N TYR D 104 -26.20 1.70 59.33
CA TYR D 104 -27.46 2.03 58.65
C TYR D 104 -28.36 2.83 59.60
N GLY D 105 -28.84 3.98 59.14
CA GLY D 105 -29.96 4.69 59.77
C GLY D 105 -31.31 4.20 59.24
N PRO D 106 -32.41 4.95 59.53
CA PRO D 106 -33.76 4.56 59.13
C PRO D 106 -33.93 4.48 57.61
N ILE D 107 -34.74 3.53 57.18
CA ILE D 107 -35.08 3.48 55.74
C ILE D 107 -36.21 4.48 55.49
N PRO D 108 -36.47 4.83 54.22
CA PRO D 108 -37.45 5.88 53.92
C PRO D 108 -38.86 5.52 54.41
N HIS D 109 -39.67 6.56 54.64
CA HIS D 109 -41.07 6.44 55.16
C HIS D 109 -41.98 5.66 54.18
N THR D 110 -41.56 5.48 52.93
CA THR D 110 -42.36 4.75 51.90
C THR D 110 -42.44 3.25 52.21
N PHE D 111 -41.67 2.73 53.16
CA PHE D 111 -41.72 1.32 53.59
C PHE D 111 -42.69 1.16 54.76
N GLU D 112 -43.27 2.22 55.32
CA GLU D 112 -44.21 2.11 56.47
C GLU D 112 -45.40 1.26 55.98
N GLU D 113 -45.97 0.43 56.84
CA GLU D 113 -47.08 -0.49 56.48
C GLU D 113 -48.24 0.27 55.79
N GLU D 114 -48.61 1.44 56.29
CA GLU D 114 -49.76 2.19 55.71
C GLU D 114 -49.38 2.70 54.31
N TRP D 115 -48.18 3.24 54.14
CA TRP D 115 -47.71 3.64 52.78
C TRP D 115 -47.84 2.45 51.80
N VAL D 116 -47.29 1.29 52.17
CA VAL D 116 -47.24 0.11 51.26
C VAL D 116 -48.68 -0.29 50.90
N ALA D 117 -49.65 -0.22 51.83
CA ALA D 117 -51.05 -0.62 51.61
C ALA D 117 -51.68 0.33 50.58
N LYS D 118 -51.41 1.62 50.70
CA LYS D 118 -51.93 2.62 49.73
C LYS D 118 -51.24 2.47 48.38
N GLN D 119 -49.92 2.33 48.39
CA GLN D 119 -49.12 2.23 47.16
C GLN D 119 -49.54 0.97 46.42
N THR D 120 -49.84 -0.09 47.16
CA THR D 120 -50.37 -1.36 46.58
C THR D 120 -51.70 -1.08 45.87
N LYS D 121 -52.62 -0.39 46.53
CA LYS D 121 -53.92 -0.08 45.88
C LYS D 121 -53.65 0.78 44.62
N ARG D 122 -52.79 1.79 44.72
CA ARG D 122 -52.57 2.67 43.55
C ARG D 122 -51.95 1.86 42.41
N MET D 123 -51.04 0.95 42.69
CA MET D 123 -50.48 0.06 41.63
C MET D 123 -51.59 -0.81 41.01
N LEU D 124 -52.54 -1.32 41.77
CA LEU D 124 -53.70 -2.06 41.20
C LEU D 124 -54.63 -1.12 40.41
N ASP D 125 -54.77 0.16 40.84
CA ASP D 125 -55.60 1.19 40.15
C ASP D 125 -54.99 1.51 38.79
N MET D 126 -53.68 1.53 38.69
CA MET D 126 -53.01 1.83 37.40
C MET D 126 -52.72 0.51 36.67
N LYS D 127 -53.15 -0.60 37.22
CA LYS D 127 -53.04 -1.93 36.56
C LYS D 127 -51.57 -2.20 36.21
N VAL D 128 -50.69 -2.04 37.19
CA VAL D 128 -49.27 -2.47 37.03
C VAL D 128 -49.22 -3.97 36.69
N ALA D 129 -48.46 -4.32 35.64
CA ALA D 129 -48.25 -5.72 35.17
C ALA D 129 -49.57 -6.50 35.20
N PRO D 130 -50.54 -6.11 34.34
CA PRO D 130 -51.88 -6.70 34.38
C PRO D 130 -52.00 -8.02 33.61
N ILE D 131 -50.97 -8.39 32.85
CA ILE D 131 -51.02 -9.63 32.03
C ILE D 131 -50.49 -10.81 32.88
N GLN D 132 -49.42 -10.66 33.61
CA GLN D 132 -48.82 -11.76 34.43
C GLN D 132 -48.31 -11.27 35.80
N GLY D 133 -47.65 -10.10 35.88
CA GLY D 133 -46.70 -9.84 36.97
C GLY D 133 -47.34 -9.48 38.31
N PHE D 134 -48.40 -8.68 38.32
CA PHE D 134 -48.83 -8.00 39.57
C PHE D 134 -50.35 -7.89 39.61
N SER D 135 -50.91 -6.98 38.84
CA SER D 135 -52.36 -6.74 38.79
C SER D 135 -53.07 -8.01 38.29
N ALA D 136 -52.40 -8.84 37.48
CA ALA D 136 -52.90 -10.16 37.04
C ALA D 136 -53.24 -11.05 38.24
N LYS D 137 -52.63 -10.83 39.41
CA LYS D 137 -52.79 -11.74 40.57
C LYS D 137 -53.87 -11.20 41.50
N TRP D 138 -54.49 -10.07 41.16
CA TRP D 138 -55.62 -9.46 41.89
C TRP D 138 -56.95 -9.80 41.20
N ASP D 139 -57.94 -10.13 41.99
CA ASP D 139 -59.31 -10.41 41.51
C ASP D 139 -60.10 -9.12 41.64
N TYR D 140 -60.30 -8.40 40.55
CA TYR D 140 -60.98 -7.08 40.56
C TYR D 140 -62.47 -7.30 40.84
N ASP D 141 -62.99 -8.50 40.57
CA ASP D 141 -64.44 -8.75 40.79
C ASP D 141 -64.67 -8.98 42.28
N LYS D 142 -63.83 -9.75 42.93
CA LYS D 142 -64.06 -10.13 44.35
C LYS D 142 -63.24 -9.23 45.28
N ASN D 143 -62.39 -8.34 44.76
CA ASN D 143 -61.68 -7.35 45.60
C ASN D 143 -60.77 -8.12 46.60
N GLU D 144 -59.97 -9.07 46.10
CA GLU D 144 -59.01 -9.87 46.91
C GLU D 144 -57.95 -10.46 45.97
N TRP D 145 -56.84 -10.92 46.52
CA TRP D 145 -55.78 -11.64 45.78
C TRP D 145 -56.38 -12.96 45.29
N LYS D 146 -56.04 -13.42 44.09
CA LYS D 146 -56.57 -14.72 43.58
C LYS D 146 -56.03 -15.86 44.45
N THR E 7 -6.94 -54.52 16.00
CA THR E 7 -7.91 -55.45 16.75
C THR E 7 -7.43 -55.80 18.16
N ASP E 8 -8.39 -56.16 19.02
CA ASP E 8 -8.16 -56.52 20.45
C ASP E 8 -7.12 -57.64 20.57
N GLU E 9 -7.21 -58.66 19.71
CA GLU E 9 -6.32 -59.84 19.76
C GLU E 9 -4.88 -59.40 19.44
N GLU E 10 -4.71 -58.52 18.45
CA GLU E 10 -3.38 -58.04 18.01
C GLU E 10 -2.77 -57.15 19.11
N PHE E 11 -3.58 -56.32 19.76
CA PHE E 11 -3.16 -55.47 20.88
C PHE E 11 -2.65 -56.37 22.02
N ASP E 12 -3.46 -57.34 22.43
CA ASP E 12 -3.09 -58.24 23.54
C ASP E 12 -1.81 -58.99 23.18
N ALA E 13 -1.69 -59.46 21.92
CA ALA E 13 -0.53 -60.25 21.46
C ALA E 13 0.75 -59.39 21.52
N ARG E 14 0.68 -58.10 21.16
CA ARG E 14 1.85 -57.17 21.18
C ARG E 14 2.33 -57.04 22.64
N TRP E 15 1.40 -56.94 23.58
CA TRP E 15 1.70 -56.75 25.02
C TRP E 15 2.23 -58.04 25.64
N VAL E 16 1.64 -59.19 25.31
CA VAL E 16 2.23 -60.50 25.73
C VAL E 16 3.70 -60.59 25.25
N THR E 17 3.96 -60.31 23.97
CA THR E 17 5.32 -60.40 23.37
C THR E 17 6.25 -59.45 24.13
N TYR E 18 5.74 -58.26 24.46
CA TYR E 18 6.55 -57.21 25.14
C TYR E 18 7.10 -57.79 26.47
N PHE E 19 6.21 -58.33 27.31
CA PHE E 19 6.59 -58.81 28.65
C PHE E 19 7.31 -60.16 28.58
N ASN E 20 7.14 -60.95 27.50
CA ASN E 20 7.78 -62.29 27.37
C ASN E 20 9.25 -62.18 26.93
N LYS E 21 9.76 -61.02 26.55
CA LYS E 21 11.17 -60.91 26.08
C LYS E 21 12.07 -61.43 27.19
N PRO E 22 12.85 -62.52 26.96
CA PRO E 22 13.61 -63.15 28.05
C PRO E 22 14.45 -62.18 28.91
N ASP E 23 15.22 -61.30 28.26
CA ASP E 23 16.18 -60.38 28.92
C ASP E 23 15.54 -59.00 29.11
N ILE E 24 14.21 -58.91 29.21
CA ILE E 24 13.51 -57.65 29.59
C ILE E 24 14.21 -57.09 30.83
N ASP E 25 14.49 -55.79 30.81
CA ASP E 25 15.16 -55.11 31.96
C ASP E 25 14.10 -54.39 32.82
N ALA E 26 14.51 -53.97 34.02
CA ALA E 26 13.63 -53.35 35.03
C ALA E 26 12.95 -52.13 34.40
N TRP E 27 13.73 -51.30 33.67
CA TRP E 27 13.21 -50.07 33.01
C TRP E 27 12.06 -50.47 32.08
N GLU E 28 12.25 -51.51 31.28
CA GLU E 28 11.23 -51.95 30.29
C GLU E 28 9.99 -52.48 31.03
N LEU E 29 10.18 -53.14 32.15
CA LEU E 29 9.03 -53.68 32.93
C LEU E 29 8.18 -52.50 33.41
N ARG E 30 8.81 -51.49 34.01
CA ARG E 30 8.10 -50.29 34.52
C ARG E 30 7.44 -49.54 33.35
N LYS E 31 8.20 -49.25 32.32
CA LYS E 31 7.69 -48.52 31.13
C LYS E 31 6.44 -49.25 30.63
N GLY E 32 6.50 -50.56 30.52
CA GLY E 32 5.34 -51.33 30.03
C GLY E 32 4.12 -51.13 30.92
N MET E 33 4.24 -51.42 32.22
CA MET E 33 3.06 -51.35 33.13
C MET E 33 2.59 -49.90 33.23
N ASN E 34 3.49 -48.91 33.29
CA ASN E 34 3.08 -47.50 33.46
C ASN E 34 2.36 -47.01 32.18
N THR E 35 2.73 -47.52 31.00
CA THR E 35 2.08 -47.18 29.71
C THR E 35 0.73 -47.90 29.67
N LEU E 36 0.74 -49.20 29.97
CA LEU E 36 -0.50 -50.02 29.85
C LEU E 36 -1.64 -49.44 30.69
N VAL E 37 -1.37 -48.91 31.88
CA VAL E 37 -2.48 -48.47 32.76
C VAL E 37 -3.04 -47.14 32.29
N GLY E 38 -2.47 -46.50 31.28
CA GLY E 38 -3.05 -45.28 30.68
C GLY E 38 -4.22 -45.58 29.73
N TYR E 39 -4.38 -46.83 29.29
CA TYR E 39 -5.43 -47.21 28.32
C TYR E 39 -6.79 -47.41 29.01
N ASP E 40 -7.86 -47.28 28.25
CA ASP E 40 -9.26 -47.53 28.70
C ASP E 40 -9.53 -49.04 28.67
N LEU E 41 -8.85 -49.76 29.54
CA LEU E 41 -9.05 -51.23 29.68
C LEU E 41 -8.40 -51.76 30.95
N VAL E 42 -8.89 -52.90 31.41
CA VAL E 42 -8.19 -53.72 32.43
C VAL E 42 -7.46 -54.78 31.63
N PRO E 43 -6.12 -54.92 31.75
CA PRO E 43 -5.38 -55.85 30.91
C PRO E 43 -5.90 -57.28 31.06
N GLU E 44 -6.03 -57.99 29.94
CA GLU E 44 -6.39 -59.43 29.90
C GLU E 44 -5.44 -60.23 30.80
N PRO E 45 -5.92 -61.30 31.44
CA PRO E 45 -5.05 -62.20 32.19
C PRO E 45 -3.77 -62.63 31.44
N LYS E 46 -3.81 -62.87 30.12
CA LYS E 46 -2.59 -63.37 29.43
C LYS E 46 -1.53 -62.25 29.43
N ILE E 47 -1.91 -60.97 29.48
CA ILE E 47 -0.90 -59.89 29.57
C ILE E 47 -0.33 -59.88 30.98
N ILE E 48 -1.20 -59.92 31.99
CA ILE E 48 -0.74 -59.90 33.41
C ILE E 48 0.18 -61.10 33.66
N ASP E 49 -0.18 -62.28 33.17
CA ASP E 49 0.65 -63.51 33.32
C ASP E 49 2.05 -63.20 32.80
N ALA E 50 2.16 -62.66 31.59
CA ALA E 50 3.47 -62.35 30.99
C ALA E 50 4.23 -61.32 31.84
N ALA E 51 3.56 -60.29 32.37
CA ALA E 51 4.22 -59.25 33.22
C ALA E 51 4.69 -59.88 34.54
N LEU E 52 3.89 -60.81 35.12
CA LEU E 52 4.26 -61.46 36.41
C LEU E 52 5.52 -62.33 36.19
N ARG E 53 5.61 -62.99 35.05
CA ARG E 53 6.77 -63.86 34.73
C ARG E 53 8.00 -63.00 34.45
N ALA E 54 7.82 -61.81 33.87
CA ALA E 54 8.92 -60.83 33.76
C ALA E 54 9.41 -60.45 35.17
N CYS E 55 8.50 -60.18 36.13
CA CYS E 55 8.89 -59.87 37.53
C CYS E 55 9.74 -61.02 38.07
N ARG E 56 9.34 -62.26 37.79
CA ARG E 56 10.11 -63.43 38.25
C ARG E 56 11.53 -63.43 37.64
N ARG E 57 11.68 -63.21 36.33
CA ARG E 57 13.02 -63.20 35.68
C ARG E 57 13.83 -62.03 36.26
N LEU E 58 13.16 -60.96 36.70
CA LEU E 58 13.85 -59.78 37.29
C LEU E 58 13.97 -59.91 38.82
N ASN E 59 13.62 -61.05 39.42
CA ASN E 59 13.75 -61.30 40.88
C ASN E 59 13.08 -60.17 41.66
N ASP E 60 11.92 -59.73 41.20
CA ASP E 60 11.19 -58.59 41.78
C ASP E 60 9.79 -59.03 42.22
N PHE E 61 9.69 -59.57 43.42
CA PHE E 61 8.43 -60.02 44.06
C PHE E 61 7.48 -58.83 44.28
N ALA E 62 7.99 -57.70 44.75
CA ALA E 62 7.14 -56.57 45.12
C ALA E 62 6.38 -56.07 43.88
N SER E 63 7.06 -55.94 42.72
CA SER E 63 6.42 -55.41 41.49
C SER E 63 5.29 -56.36 41.05
N ALA E 64 5.44 -57.66 41.27
CA ALA E 64 4.38 -58.63 40.95
C ALA E 64 3.11 -58.30 41.79
N VAL E 65 3.27 -58.04 43.08
CA VAL E 65 2.10 -57.67 43.94
C VAL E 65 1.44 -56.38 43.44
N ARG E 66 2.27 -55.39 43.11
CA ARG E 66 1.81 -54.05 42.68
C ARG E 66 1.01 -54.15 41.39
N ILE E 67 1.44 -55.04 40.49
CA ILE E 67 0.73 -55.30 39.19
C ILE E 67 -0.67 -55.83 39.55
N LEU E 68 -0.79 -56.74 40.51
CA LEU E 68 -2.14 -57.22 40.90
C LEU E 68 -2.98 -56.06 41.48
N GLU E 69 -2.35 -55.18 42.25
CA GLU E 69 -3.14 -54.02 42.79
C GLU E 69 -3.65 -53.14 41.63
N VAL E 70 -2.82 -52.89 40.63
CA VAL E 70 -3.20 -51.91 39.60
C VAL E 70 -4.27 -52.54 38.69
N VAL E 71 -4.31 -53.86 38.55
CA VAL E 71 -5.46 -54.53 37.88
C VAL E 71 -6.78 -54.18 38.61
N LYS E 72 -6.80 -54.36 39.93
CA LYS E 72 -7.97 -54.01 40.74
C LYS E 72 -8.29 -52.54 40.53
N ASP E 73 -7.29 -51.67 40.57
CA ASP E 73 -7.56 -50.22 40.52
C ASP E 73 -8.19 -49.86 39.16
N LYS E 74 -7.69 -50.43 38.06
CA LYS E 74 -8.14 -50.10 36.68
C LYS E 74 -9.61 -50.51 36.48
N ALA E 75 -10.12 -51.43 37.29
CA ALA E 75 -11.53 -51.89 37.18
C ALA E 75 -12.50 -50.87 37.77
N GLY E 76 -12.01 -49.90 38.55
CA GLY E 76 -12.92 -48.91 39.15
C GLY E 76 -14.03 -49.58 39.96
N PRO E 77 -15.30 -49.19 39.75
CA PRO E 77 -16.43 -49.73 40.53
C PRO E 77 -16.88 -51.11 40.04
N HIS E 78 -16.27 -51.65 38.97
CA HIS E 78 -16.62 -52.99 38.40
C HIS E 78 -15.90 -54.06 39.25
N LYS E 79 -16.51 -54.37 40.40
CA LYS E 79 -15.98 -55.29 41.45
C LYS E 79 -15.89 -56.74 40.93
N GLU E 80 -16.52 -57.11 39.82
CA GLU E 80 -16.49 -58.50 39.26
C GLU E 80 -15.14 -58.74 38.57
N ILE E 81 -14.41 -57.72 38.12
CA ILE E 81 -13.25 -57.91 37.22
C ILE E 81 -12.05 -58.51 37.98
N TYR E 82 -11.62 -57.88 39.07
CA TYR E 82 -10.42 -58.35 39.80
C TYR E 82 -10.57 -59.83 40.21
N PRO E 83 -11.67 -60.24 40.87
CA PRO E 83 -11.78 -61.64 41.29
C PRO E 83 -11.72 -62.60 40.06
N TYR E 84 -12.24 -62.18 38.90
CA TYR E 84 -12.15 -63.00 37.66
C TYR E 84 -10.68 -63.12 37.27
N VAL E 85 -9.96 -62.00 37.23
CA VAL E 85 -8.54 -62.03 36.78
C VAL E 85 -7.73 -62.93 37.74
N ILE E 86 -7.93 -62.79 39.05
CA ILE E 86 -7.18 -63.62 40.05
C ILE E 86 -7.50 -65.10 39.79
N GLN E 87 -8.76 -65.42 39.59
CA GLN E 87 -9.17 -66.79 39.22
C GLN E 87 -8.33 -67.27 38.04
N GLU E 88 -8.27 -66.53 36.94
CA GLU E 88 -7.53 -66.98 35.72
C GLU E 88 -6.04 -67.09 36.01
N LEU E 89 -5.52 -66.32 36.94
CA LEU E 89 -4.06 -66.27 37.22
C LEU E 89 -3.66 -67.30 38.27
N ARG E 90 -4.62 -67.93 38.96
CA ARG E 90 -4.33 -68.86 40.08
C ARG E 90 -3.22 -69.85 39.70
N PRO E 91 -3.24 -70.54 38.54
CA PRO E 91 -2.15 -71.47 38.21
C PRO E 91 -0.76 -70.78 38.20
N THR E 92 -0.65 -69.59 37.63
CA THR E 92 0.63 -68.83 37.61
C THR E 92 1.01 -68.39 39.04
N LEU E 93 0.07 -67.90 39.82
CA LEU E 93 0.35 -67.41 41.20
C LEU E 93 0.91 -68.59 42.02
N ASN E 94 0.31 -69.77 41.90
CA ASN E 94 0.75 -71.00 42.60
C ASN E 94 2.12 -71.42 42.09
N GLU E 95 2.32 -71.45 40.77
CA GLU E 95 3.63 -71.88 40.19
C GLU E 95 4.73 -70.94 40.69
N LEU E 96 4.51 -69.63 40.71
CA LEU E 96 5.60 -68.66 41.02
C LEU E 96 5.65 -68.26 42.50
N GLY E 97 4.66 -68.69 43.30
CA GLY E 97 4.56 -68.33 44.73
C GLY E 97 4.23 -66.87 44.94
N ILE E 98 3.38 -66.30 44.08
CA ILE E 98 2.97 -64.87 44.22
C ILE E 98 1.74 -64.85 45.13
N SER E 99 1.85 -64.23 46.29
CA SER E 99 0.72 -63.94 47.19
C SER E 99 -0.04 -62.72 46.65
N THR E 100 -1.36 -62.75 46.72
CA THR E 100 -2.21 -61.60 46.34
C THR E 100 -2.04 -60.49 47.39
N PRO E 101 -2.34 -59.23 47.02
CA PRO E 101 -2.42 -58.15 48.00
C PRO E 101 -3.32 -58.52 49.20
N GLU E 102 -4.43 -59.23 48.95
CA GLU E 102 -5.39 -59.64 50.00
C GLU E 102 -4.67 -60.65 50.93
N GLU E 103 -3.92 -61.59 50.38
CA GLU E 103 -3.18 -62.60 51.19
C GLU E 103 -2.12 -61.90 52.06
N LEU E 104 -1.63 -60.76 51.63
CA LEU E 104 -0.56 -60.05 52.38
C LEU E 104 -1.15 -58.97 53.28
N GLY E 105 -2.47 -58.81 53.31
CA GLY E 105 -3.12 -57.75 54.10
C GLY E 105 -2.92 -56.35 53.52
N LEU E 106 -2.46 -56.23 52.28
CA LEU E 106 -2.16 -54.89 51.68
C LEU E 106 -3.42 -54.24 51.09
N ASP E 107 -4.58 -54.88 51.20
CA ASP E 107 -5.91 -54.28 50.90
C ASP E 107 -6.48 -53.53 52.12
N LYS E 108 -5.82 -53.49 53.28
CA LYS E 108 -6.44 -52.83 54.47
C LYS E 108 -6.12 -51.32 54.44
N GLY F 3 37.31 3.97 -1.10
CA GLY F 3 36.76 4.70 0.05
C GLY F 3 36.41 3.69 1.14
N GLY F 4 37.25 3.59 2.17
CA GLY F 4 37.13 2.65 3.31
C GLY F 4 36.85 3.37 4.66
N GLY F 5 37.40 2.88 5.79
CA GLY F 5 37.38 3.57 7.10
C GLY F 5 36.29 3.02 8.03
N VAL F 6 35.49 2.03 7.60
CA VAL F 6 34.51 1.34 8.47
C VAL F 6 35.15 0.04 8.95
N PRO F 7 35.24 -0.17 10.27
CA PRO F 7 35.81 -1.40 10.82
C PRO F 7 34.92 -2.60 10.44
N THR F 8 35.52 -3.79 10.37
CA THR F 8 34.83 -5.09 10.21
C THR F 8 34.61 -5.75 11.58
N ASP F 9 33.68 -6.67 11.63
CA ASP F 9 33.50 -7.56 12.79
C ASP F 9 34.83 -8.24 13.12
N GLU F 10 35.55 -8.72 12.11
CA GLU F 10 36.87 -9.37 12.31
C GLU F 10 37.79 -8.43 13.10
N GLU F 11 37.79 -7.13 12.79
CA GLU F 11 38.69 -6.16 13.47
C GLU F 11 38.15 -5.82 14.84
N GLN F 12 36.85 -5.68 15.03
CA GLN F 12 36.34 -4.88 16.18
C GLN F 12 35.33 -5.63 17.05
N ALA F 13 34.76 -6.76 16.60
CA ALA F 13 33.84 -7.53 17.47
C ALA F 13 34.63 -7.99 18.69
N THR F 14 33.96 -8.02 19.84
CA THR F 14 34.58 -8.30 21.16
C THR F 14 33.64 -9.19 21.99
N GLY F 15 34.14 -9.62 23.16
CA GLY F 15 33.35 -10.34 24.16
C GLY F 15 32.61 -11.52 23.53
N LEU F 16 31.37 -11.76 23.96
CA LEU F 16 30.65 -12.98 23.56
C LEU F 16 30.35 -12.94 22.06
N GLU F 17 30.06 -11.76 21.50
CA GLU F 17 29.81 -11.63 20.05
C GLU F 17 30.99 -12.24 19.28
N ARG F 18 32.21 -11.90 19.69
CA ARG F 18 33.43 -12.38 19.00
C ARG F 18 33.55 -13.90 19.21
N GLU F 19 33.29 -14.39 20.42
CA GLU F 19 33.43 -15.84 20.69
C GLU F 19 32.48 -16.62 19.78
N VAL F 20 31.24 -16.14 19.62
CA VAL F 20 30.23 -16.82 18.76
C VAL F 20 30.71 -16.79 17.30
N MET F 21 31.24 -15.63 16.88
N MET F 21 31.24 -15.65 16.85
CA MET F 21 31.78 -15.38 15.50
CA MET F 21 31.72 -15.51 15.44
C MET F 21 32.91 -16.38 15.20
C MET F 21 32.90 -16.47 15.21
N LEU F 22 33.88 -16.51 16.12
CA LEU F 22 35.10 -17.36 15.90
C LEU F 22 34.68 -18.85 15.95
N ALA F 23 33.79 -19.24 16.85
CA ALA F 23 33.37 -20.64 16.96
C ALA F 23 32.62 -21.08 15.67
N ALA F 24 31.75 -20.21 15.11
CA ALA F 24 30.94 -20.52 13.90
C ALA F 24 31.88 -20.73 12.71
N ARG F 25 32.96 -19.96 12.60
CA ARG F 25 33.98 -20.13 11.51
C ARG F 25 34.52 -21.55 11.58
N LYS F 26 34.60 -22.14 12.77
CA LYS F 26 35.19 -23.49 13.01
C LYS F 26 34.11 -24.57 12.99
N GLY F 27 32.85 -24.26 12.66
CA GLY F 27 31.70 -25.21 12.73
C GLY F 27 31.35 -25.60 14.17
N GLN F 28 31.63 -24.79 15.16
CA GLN F 28 31.40 -25.20 16.57
C GLN F 28 30.28 -24.33 17.14
N ASP F 29 29.57 -24.83 18.14
CA ASP F 29 28.35 -24.14 18.66
C ASP F 29 28.35 -24.18 20.18
N PRO F 30 29.38 -23.61 20.86
CA PRO F 30 29.44 -23.65 22.33
C PRO F 30 28.31 -22.84 23.01
N TYR F 31 27.64 -21.92 22.30
CA TYR F 31 26.56 -21.11 22.91
C TYR F 31 25.19 -21.56 22.38
N ASN F 32 25.10 -22.78 21.85
CA ASN F 32 23.77 -23.45 21.71
C ASN F 32 22.81 -22.65 20.82
N ILE F 33 23.32 -22.15 19.71
CA ILE F 33 22.53 -21.36 18.74
C ILE F 33 21.78 -22.30 17.81
N LEU F 34 22.31 -23.50 17.55
CA LEU F 34 21.73 -24.46 16.59
C LEU F 34 21.02 -25.59 17.36
N ALA F 35 19.95 -26.11 16.76
CA ALA F 35 19.28 -27.35 17.21
C ALA F 35 20.20 -28.52 16.90
N PRO F 36 20.56 -29.38 17.86
CA PRO F 36 21.29 -30.60 17.51
C PRO F 36 20.45 -31.62 16.72
N LYS F 37 21.10 -32.32 15.83
CA LYS F 37 20.52 -33.37 14.95
C LYS F 37 20.52 -34.68 15.75
N ALA F 38 19.42 -35.39 15.85
CA ALA F 38 19.30 -36.67 16.58
C ALA F 38 20.12 -37.77 15.89
N THR F 39 20.64 -38.71 16.66
CA THR F 39 21.11 -40.04 16.18
C THR F 39 19.91 -40.99 16.12
N SER F 40 20.14 -42.28 15.93
CA SER F 40 19.05 -43.30 15.96
C SER F 40 18.53 -43.43 17.39
N GLY F 41 19.30 -42.94 18.38
CA GLY F 41 18.90 -42.95 19.79
C GLY F 41 18.88 -44.32 20.42
N THR F 42 19.56 -45.33 19.85
CA THR F 42 19.65 -46.68 20.46
C THR F 42 20.69 -46.66 21.59
N LYS F 43 20.77 -47.73 22.40
CA LYS F 43 21.80 -47.77 23.48
C LYS F 43 23.19 -47.80 22.82
N GLU F 44 23.32 -48.37 21.62
CA GLU F 44 24.60 -48.45 20.88
C GLU F 44 24.89 -47.06 20.29
N ASP F 45 23.87 -46.26 19.98
CA ASP F 45 24.05 -44.97 19.28
C ASP F 45 23.24 -43.88 19.99
N PRO F 46 23.55 -43.59 21.27
CA PRO F 46 22.77 -42.62 22.02
C PRO F 46 22.99 -41.19 21.49
N ASN F 47 21.99 -40.32 21.72
CA ASN F 47 22.11 -38.86 21.48
C ASN F 47 23.15 -38.35 22.48
N LEU F 48 24.17 -37.65 21.99
CA LEU F 48 25.28 -37.17 22.83
C LEU F 48 24.99 -35.72 23.25
N VAL F 49 24.81 -35.52 24.56
CA VAL F 49 24.40 -34.22 25.14
C VAL F 49 25.60 -33.51 25.80
N PRO F 50 26.19 -32.47 25.16
CA PRO F 50 27.28 -31.73 25.78
C PRO F 50 26.77 -31.02 27.03
N SER F 51 27.64 -30.92 28.03
CA SER F 51 27.36 -30.10 29.23
C SER F 51 28.66 -29.51 29.73
N ILE F 52 28.59 -28.37 30.41
CA ILE F 52 29.74 -27.85 31.19
C ILE F 52 29.61 -28.29 32.65
N THR F 53 28.60 -29.06 33.00
CA THR F 53 28.41 -29.52 34.39
C THR F 53 28.04 -31.00 34.31
N ASN F 54 27.58 -31.62 35.40
CA ASN F 54 27.33 -33.08 35.46
C ASN F 54 25.85 -33.42 35.25
N LYS F 55 25.03 -32.44 34.87
CA LYS F 55 23.63 -32.69 34.47
C LYS F 55 23.13 -31.56 33.58
N ARG F 56 22.14 -31.86 32.76
CA ARG F 56 21.51 -30.89 31.85
C ARG F 56 20.08 -31.37 31.57
N ILE F 57 19.16 -30.43 31.40
CA ILE F 57 17.77 -30.78 31.08
C ILE F 57 17.68 -31.14 29.60
N VAL F 58 17.02 -32.25 29.30
CA VAL F 58 16.70 -32.68 27.94
C VAL F 58 15.20 -32.47 27.76
N GLY F 59 14.84 -31.91 26.61
CA GLY F 59 13.46 -31.96 26.11
C GLY F 59 13.41 -32.92 24.96
N CYS F 60 12.49 -33.89 24.98
CA CYS F 60 12.36 -34.92 23.93
C CYS F 60 11.01 -34.69 23.22
N ILE F 61 11.09 -34.33 21.94
CA ILE F 61 9.93 -34.26 21.01
C ILE F 61 9.88 -35.64 20.37
N CYS F 62 9.11 -36.54 20.95
CA CYS F 62 9.28 -38.01 20.74
C CYS F 62 8.98 -38.35 19.29
N GLU F 63 7.98 -37.72 18.72
CA GLU F 63 7.64 -37.86 17.29
C GLU F 63 7.48 -36.46 16.69
N GLU F 64 7.83 -36.39 15.42
CA GLU F 64 7.74 -35.19 14.61
C GLU F 64 6.36 -34.58 14.81
N ASP F 65 6.33 -33.31 15.15
CA ASP F 65 5.05 -32.55 15.24
C ASP F 65 4.25 -32.85 16.52
N ASN F 66 4.71 -33.74 17.43
CA ASN F 66 4.20 -33.74 18.83
C ASN F 66 4.18 -32.29 19.35
N SER F 67 3.12 -31.85 20.00
CA SER F 67 3.08 -30.53 20.67
C SER F 67 3.64 -30.66 22.11
N THR F 68 3.60 -31.87 22.66
CA THR F 68 4.04 -32.18 24.03
C THR F 68 5.54 -32.47 24.04
N VAL F 69 6.33 -31.67 24.73
CA VAL F 69 7.77 -31.97 24.97
C VAL F 69 7.89 -32.66 26.34
N ILE F 70 8.74 -33.68 26.40
CA ILE F 70 8.98 -34.45 27.64
C ILE F 70 10.31 -34.01 28.22
N TRP F 71 10.29 -33.45 29.42
CA TRP F 71 11.47 -32.80 30.04
C TRP F 71 12.03 -33.69 31.15
N PHE F 72 13.36 -33.84 31.19
CA PHE F 72 14.00 -34.57 32.32
C PHE F 72 15.46 -34.14 32.44
N TRP F 73 15.99 -34.31 33.65
CA TRP F 73 17.44 -34.14 33.93
C TRP F 73 18.20 -35.34 33.42
N LEU F 74 19.21 -35.09 32.60
CA LEU F 74 20.20 -36.12 32.21
C LEU F 74 21.47 -35.93 33.04
N HIS F 75 21.86 -37.00 33.74
CA HIS F 75 23.03 -37.05 34.64
C HIS F 75 24.24 -37.68 33.94
N LYS F 76 25.45 -37.25 34.30
CA LYS F 76 26.71 -37.95 33.93
C LYS F 76 26.58 -39.43 34.34
N GLY F 77 27.01 -40.34 33.47
CA GLY F 77 27.06 -41.79 33.73
C GLY F 77 26.35 -42.52 32.61
N GLU F 78 25.73 -43.64 32.95
CA GLU F 78 25.06 -44.54 31.98
C GLU F 78 23.96 -43.75 31.25
N ALA F 79 23.80 -44.02 29.96
CA ALA F 79 22.72 -43.45 29.13
C ALA F 79 21.39 -43.62 29.87
N GLN F 80 20.55 -42.59 29.75
CA GLN F 80 19.17 -42.60 30.26
C GLN F 80 18.21 -42.58 29.09
N ARG F 81 16.94 -42.88 29.35
CA ARG F 81 15.92 -43.06 28.31
C ARG F 81 14.81 -42.03 28.55
N CYS F 82 14.32 -41.46 27.47
CA CYS F 82 13.09 -40.64 27.53
C CYS F 82 12.00 -41.50 28.14
N PRO F 83 11.31 -41.03 29.21
CA PRO F 83 10.29 -41.83 29.88
C PRO F 83 9.02 -42.00 29.04
N SER F 84 8.91 -41.30 27.93
CA SER F 84 7.75 -41.42 27.02
C SER F 84 8.11 -42.38 25.87
N CYS F 85 9.23 -42.20 25.14
CA CYS F 85 9.51 -42.97 23.88
C CYS F 85 10.70 -43.95 24.05
N GLY F 86 11.45 -43.87 25.14
CA GLY F 86 12.62 -44.72 25.39
C GLY F 86 13.90 -44.32 24.66
N THR F 87 13.88 -43.23 23.87
N THR F 87 13.89 -43.26 23.84
CA THR F 87 15.06 -42.66 23.15
CA THR F 87 15.12 -42.92 23.13
C THR F 87 16.24 -42.51 24.13
C THR F 87 16.22 -42.60 24.13
N HIS F 88 17.45 -42.91 23.75
CA HIS F 88 18.63 -42.92 24.63
C HIS F 88 19.39 -41.59 24.49
N TYR F 89 19.82 -41.05 25.63
CA TYR F 89 20.63 -39.82 25.75
C TYR F 89 21.80 -40.12 26.69
N LYS F 90 22.97 -39.63 26.32
CA LYS F 90 24.19 -39.77 27.14
C LYS F 90 24.84 -38.41 27.34
N LEU F 91 25.18 -38.06 28.59
CA LEU F 91 25.84 -36.77 28.89
C LEU F 91 27.33 -36.88 28.52
N VAL F 92 27.86 -35.82 27.89
CA VAL F 92 29.31 -35.77 27.52
C VAL F 92 29.82 -34.49 28.19
N PRO F 93 30.20 -34.50 29.48
CA PRO F 93 30.59 -33.25 30.17
C PRO F 93 31.89 -32.62 29.63
N GLY G 12 23.51 -0.82 -4.68
CA GLY G 12 24.70 -0.34 -4.34
C GLY G 12 24.51 1.11 -3.81
N ALA G 13 25.51 1.53 -3.07
CA ALA G 13 25.64 2.92 -2.60
C ALA G 13 25.69 3.87 -3.82
N ARG G 14 26.39 3.48 -4.87
CA ARG G 14 26.56 4.34 -6.05
C ARG G 14 25.18 4.72 -6.62
N THR G 15 24.30 3.74 -6.75
CA THR G 15 22.96 3.98 -7.31
C THR G 15 22.18 4.93 -6.38
N TRP G 16 22.23 4.69 -5.07
CA TRP G 16 21.40 5.49 -4.14
C TRP G 16 21.98 6.93 -4.05
N ARG G 17 23.27 7.09 -4.23
CA ARG G 17 23.83 8.46 -4.30
C ARG G 17 23.36 9.13 -5.61
N PHE G 18 23.37 8.38 -6.71
CA PHE G 18 22.86 8.84 -8.01
C PHE G 18 21.40 9.34 -7.84
N LEU G 19 20.56 8.56 -7.15
CA LEU G 19 19.15 8.98 -6.93
C LEU G 19 19.10 10.19 -6.00
N THR G 20 19.95 10.23 -4.99
CA THR G 20 19.95 11.37 -4.03
C THR G 20 20.22 12.67 -4.79
N PHE G 21 21.29 12.69 -5.58
CA PHE G 21 21.72 13.96 -6.22
C PHE G 21 21.02 14.19 -7.57
N GLY G 22 20.58 13.11 -8.24
CA GLY G 22 20.04 13.22 -9.61
C GLY G 22 18.54 13.40 -9.63
N LEU G 23 17.82 12.98 -8.58
CA LEU G 23 16.35 13.03 -8.56
C LEU G 23 15.85 13.71 -7.29
N ALA G 24 16.27 13.23 -6.11
CA ALA G 24 15.67 13.65 -4.81
C ALA G 24 16.02 15.11 -4.51
N LEU G 25 17.29 15.48 -4.55
CA LEU G 25 17.63 16.90 -4.25
C LEU G 25 17.16 17.86 -5.36
N PRO G 26 17.23 17.55 -6.67
CA PRO G 26 16.58 18.40 -7.67
C PRO G 26 15.08 18.62 -7.43
N SER G 27 14.36 17.58 -6.97
CA SER G 27 12.92 17.70 -6.58
C SER G 27 12.76 18.75 -5.48
N VAL G 28 13.59 18.67 -4.46
CA VAL G 28 13.53 19.60 -3.30
C VAL G 28 13.81 21.00 -3.82
N ALA G 29 14.78 21.15 -4.71
CA ALA G 29 15.13 22.48 -5.28
C ALA G 29 13.93 23.05 -6.05
N LEU G 30 13.28 22.23 -6.88
CA LEU G 30 12.11 22.67 -7.69
C LEU G 30 10.94 23.04 -6.77
N CYS G 31 10.67 22.25 -5.74
CA CYS G 31 9.55 22.58 -4.80
C CYS G 31 9.91 23.83 -3.99
N THR G 32 11.19 24.02 -3.67
CA THR G 32 11.68 25.23 -2.93
C THR G 32 11.40 26.46 -3.80
N LEU G 33 11.67 26.38 -5.11
CA LEU G 33 11.38 27.46 -6.10
C LEU G 33 9.87 27.74 -6.14
N ASN G 34 9.08 26.71 -6.39
CA ASN G 34 7.60 26.78 -6.38
C ASN G 34 7.14 27.54 -5.12
N SER G 35 7.56 27.14 -3.91
CA SER G 35 7.12 27.76 -2.63
C SER G 35 7.58 29.22 -2.60
N TRP G 36 8.85 29.44 -2.92
CA TRP G 36 9.49 30.76 -2.96
C TRP G 36 8.60 31.69 -3.78
N LEU G 37 8.22 31.27 -4.98
CA LEU G 37 7.48 32.14 -5.94
C LEU G 37 6.08 32.42 -5.43
N HIS G 38 5.49 31.63 -4.56
CA HIS G 38 4.10 31.80 -4.08
C HIS G 38 4.12 32.27 -2.64
N SER G 39 5.28 32.77 -2.20
CA SER G 39 5.40 33.30 -0.84
C SER G 39 4.84 34.73 -0.93
N GLY G 40 4.72 35.42 0.18
CA GLY G 40 4.12 36.77 0.19
C GLY G 40 2.67 36.72 0.67
N HIS G 41 2.36 37.56 1.64
CA HIS G 41 1.12 37.53 2.46
C HIS G 41 -0.10 37.77 1.56
N ARG G 42 -1.11 36.89 1.59
CA ARG G 42 -2.45 37.19 0.96
C ARG G 42 -3.21 38.08 1.97
N GLU G 43 -4.13 38.94 1.54
CA GLU G 43 -4.86 39.87 2.43
C GLU G 43 -5.79 39.06 3.35
N ARG G 44 -5.84 39.38 4.65
CA ARG G 44 -6.64 38.59 5.61
C ARG G 44 -8.14 38.85 5.39
N PRO G 45 -8.98 37.83 5.63
CA PRO G 45 -10.43 37.97 5.52
C PRO G 45 -11.07 38.80 6.65
N ALA G 46 -12.25 39.37 6.34
CA ALA G 46 -13.13 40.06 7.31
C ALA G 46 -13.27 39.14 8.54
N PHE G 47 -13.16 39.70 9.73
CA PHE G 47 -13.38 38.95 10.98
C PHE G 47 -14.88 38.71 11.14
N ILE G 48 -15.28 37.50 11.39
CA ILE G 48 -16.69 37.12 11.77
C ILE G 48 -16.58 36.24 13.00
N PRO G 49 -17.24 36.64 14.11
CA PRO G 49 -17.14 35.91 15.39
C PRO G 49 -17.94 34.60 15.41
N TYR G 50 -17.64 33.71 14.47
CA TYR G 50 -18.26 32.36 14.42
C TYR G 50 -18.02 31.64 15.74
N HIS G 51 -19.05 30.95 16.21
CA HIS G 51 -19.08 30.28 17.53
C HIS G 51 -18.36 28.94 17.46
N HIS G 52 -18.06 28.42 16.25
CA HIS G 52 -17.35 27.12 16.12
C HIS G 52 -15.83 27.35 16.02
N LEU G 53 -15.39 28.61 16.07
CA LEU G 53 -13.98 29.00 15.96
C LEU G 53 -13.58 29.84 17.18
N ARG G 54 -12.27 30.01 17.39
CA ARG G 54 -11.72 30.78 18.54
C ARG G 54 -12.34 30.21 19.83
N ILE G 55 -12.35 28.89 19.96
CA ILE G 55 -12.95 28.19 21.12
C ILE G 55 -12.18 28.60 22.38
N ARG G 56 -12.92 28.94 23.42
CA ARG G 56 -12.35 29.13 24.79
C ARG G 56 -13.25 28.44 25.82
N THR G 57 -12.97 27.22 26.21
CA THR G 57 -13.72 26.53 27.30
C THR G 57 -12.90 26.62 28.58
N LYS G 58 -11.60 26.86 28.46
CA LYS G 58 -10.70 27.05 29.61
C LYS G 58 -9.58 27.98 29.14
N PRO G 59 -9.12 28.92 29.97
CA PRO G 59 -7.99 29.75 29.57
C PRO G 59 -6.77 28.85 29.28
N PHE G 60 -5.98 29.21 28.25
CA PHE G 60 -4.67 28.60 28.01
C PHE G 60 -3.77 28.85 29.23
N SER G 61 -2.85 27.92 29.49
CA SER G 61 -1.94 27.92 30.66
C SER G 61 -0.71 28.78 30.39
N TRP G 62 -0.75 29.76 29.52
CA TRP G 62 0.40 30.69 29.30
C TRP G 62 -0.20 32.07 28.95
N GLY G 63 0.64 33.10 28.94
CA GLY G 63 0.30 34.45 28.46
C GLY G 63 -0.90 34.95 29.23
N ASP G 64 -1.88 35.57 28.59
CA ASP G 64 -3.06 36.09 29.31
C ASP G 64 -4.21 35.06 29.26
N GLY G 65 -3.96 33.81 28.89
CA GLY G 65 -5.01 32.78 28.80
C GLY G 65 -5.80 32.85 27.51
N ASN G 66 -5.60 33.87 26.66
CA ASN G 66 -6.52 34.13 25.51
C ASN G 66 -5.79 34.04 24.17
N HIS G 67 -4.49 33.76 24.17
CA HIS G 67 -3.64 33.74 22.96
C HIS G 67 -3.19 32.29 22.73
N THR G 68 -3.35 31.79 21.51
CA THR G 68 -2.81 30.45 21.16
C THR G 68 -1.27 30.48 21.23
N PHE G 69 -0.68 29.31 21.26
CA PHE G 69 0.75 29.08 21.52
C PHE G 69 1.64 29.71 20.43
N PHE G 70 1.22 29.70 19.18
N PHE G 70 1.24 29.61 19.16
CA PHE G 70 1.99 30.27 18.07
CA PHE G 70 1.91 30.18 17.96
C PHE G 70 1.10 31.33 17.43
C PHE G 70 1.07 31.34 17.41
N HIS G 71 0.42 32.10 18.29
CA HIS G 71 -0.41 33.28 17.92
C HIS G 71 0.39 34.21 16.99
N ASN G 72 -0.20 34.56 15.84
CA ASN G 72 0.37 35.50 14.86
C ASN G 72 -0.61 36.64 14.77
N PRO G 73 -0.30 37.83 15.34
CA PRO G 73 -1.25 38.95 15.33
C PRO G 73 -1.80 39.29 13.94
N ARG G 74 -1.00 39.10 12.89
CA ARG G 74 -1.38 39.46 11.49
C ARG G 74 -2.56 38.60 11.03
N VAL G 75 -2.65 37.32 11.42
CA VAL G 75 -3.62 36.40 10.74
C VAL G 75 -4.53 35.65 11.72
N ASN G 76 -4.27 35.70 13.03
CA ASN G 76 -5.04 34.98 14.06
C ASN G 76 -5.81 35.99 14.90
N PRO G 77 -7.12 36.20 14.62
CA PRO G 77 -7.96 37.04 15.49
C PRO G 77 -8.18 36.36 16.84
N LEU G 78 -8.39 37.18 17.86
CA LEU G 78 -8.91 36.78 19.19
C LEU G 78 -10.42 36.56 19.04
N PRO G 79 -11.10 35.98 20.05
CA PRO G 79 -12.56 35.89 20.03
C PRO G 79 -13.24 37.22 19.73
N THR G 80 -12.62 38.36 20.10
CA THR G 80 -13.23 39.71 19.91
C THR G 80 -12.72 40.35 18.62
N GLY G 81 -11.84 39.71 17.85
CA GLY G 81 -11.40 40.23 16.55
C GLY G 81 -9.89 40.38 16.49
N TYR G 82 -9.39 40.99 15.42
CA TYR G 82 -7.91 41.17 15.20
C TYR G 82 -7.40 42.18 16.23
N GLU G 83 -6.18 41.98 16.72
CA GLU G 83 -5.52 42.89 17.69
C GLU G 83 -5.28 44.28 17.08
N TYR H 11 -51.73 18.26 7.55
CA TYR H 11 -50.41 18.18 8.37
C TYR H 11 -50.70 17.73 9.79
N GLN H 12 -50.21 16.55 10.20
CA GLN H 12 -50.14 16.12 11.62
C GLN H 12 -48.69 16.28 12.09
N THR H 13 -47.75 15.57 11.51
CA THR H 13 -46.32 15.75 11.85
C THR H 13 -45.51 15.54 10.58
N ALA H 14 -44.19 15.70 10.71
CA ALA H 14 -43.26 15.52 9.59
C ALA H 14 -43.34 14.07 9.14
N PRO H 15 -43.56 13.78 7.84
CA PRO H 15 -43.52 12.40 7.37
C PRO H 15 -42.08 11.86 7.30
N PHE H 16 -41.96 10.54 7.27
CA PHE H 16 -40.76 9.81 6.81
C PHE H 16 -40.20 10.51 5.57
N ASP H 17 -38.90 10.74 5.57
CA ASP H 17 -38.11 11.31 4.45
C ASP H 17 -36.99 10.33 4.15
N SER H 18 -37.02 9.72 2.98
CA SER H 18 -36.04 8.69 2.55
C SER H 18 -34.63 9.26 2.53
N ARG H 19 -34.45 10.58 2.48
CA ARG H 19 -33.08 11.17 2.56
C ARG H 19 -32.52 10.95 3.96
N PHE H 20 -33.35 10.79 4.97
CA PHE H 20 -32.91 10.71 6.39
C PHE H 20 -33.59 9.51 7.04
N PRO H 21 -33.20 8.25 6.70
CA PRO H 21 -33.95 7.09 7.16
C PRO H 21 -33.48 6.49 8.50
N ASN H 22 -32.46 7.06 9.11
CA ASN H 22 -31.79 6.39 10.27
C ASN H 22 -32.12 7.09 11.60
N GLN H 23 -31.59 6.57 12.69
CA GLN H 23 -31.90 7.04 14.06
C GLN H 23 -31.44 8.52 14.19
N ASN H 24 -30.35 8.92 13.56
CA ASN H 24 -29.82 10.29 13.68
C ASN H 24 -30.57 11.19 12.71
N GLN H 25 -31.37 12.09 13.28
CA GLN H 25 -32.29 12.98 12.52
C GLN H 25 -31.74 14.41 12.54
N THR H 26 -30.50 14.62 12.97
CA THR H 26 -29.92 15.98 13.06
C THR H 26 -30.00 16.69 11.69
N ARG H 27 -29.62 16.00 10.61
CA ARG H 27 -29.51 16.64 9.27
C ARG H 27 -30.91 16.97 8.75
N ASN H 28 -31.92 16.19 9.12
CA ASN H 28 -33.33 16.41 8.71
C ASN H 28 -33.81 17.75 9.28
N CYS H 29 -33.64 17.96 10.57
CA CYS H 29 -33.94 19.26 11.22
C CYS H 29 -33.15 20.38 10.52
N TRP H 30 -31.85 20.20 10.33
CA TRP H 30 -30.95 21.23 9.74
C TRP H 30 -31.42 21.57 8.32
N GLN H 31 -31.64 20.55 7.51
CA GLN H 31 -31.96 20.77 6.07
C GLN H 31 -33.26 21.57 6.00
N ASN H 32 -34.26 21.23 6.79
CA ASN H 32 -35.59 21.89 6.71
C ASN H 32 -35.49 23.35 7.21
N TYR H 33 -34.67 23.61 8.22
CA TYR H 33 -34.45 24.99 8.72
C TYR H 33 -33.78 25.83 7.62
N LEU H 34 -32.73 25.30 6.99
CA LEU H 34 -32.06 25.94 5.82
C LEU H 34 -33.10 26.18 4.71
N ASP H 35 -33.86 25.14 4.31
CA ASP H 35 -34.84 25.20 3.19
C ASP H 35 -35.89 26.28 3.47
N PHE H 36 -36.42 26.37 4.70
CA PHE H 36 -37.38 27.44 5.05
C PHE H 36 -36.71 28.81 4.86
N HIS H 37 -35.52 29.02 5.43
CA HIS H 37 -34.90 30.39 5.43
C HIS H 37 -34.43 30.76 4.02
N ARG H 38 -33.95 29.81 3.21
CA ARG H 38 -33.58 30.09 1.78
C ARG H 38 -34.85 30.53 1.04
N CYS H 39 -35.94 29.80 1.25
CA CYS H 39 -37.22 30.05 0.56
C CYS H 39 -37.76 31.43 0.98
N GLU H 40 -37.77 31.70 2.28
CA GLU H 40 -38.25 32.99 2.83
C GLU H 40 -37.42 34.14 2.26
N LYS H 41 -36.11 33.96 2.11
CA LYS H 41 -35.24 35.02 1.53
C LYS H 41 -35.63 35.24 0.05
N ALA H 42 -35.74 34.15 -0.72
CA ALA H 42 -36.10 34.14 -2.15
C ALA H 42 -37.48 34.76 -2.35
N MET H 43 -38.40 34.64 -1.38
CA MET H 43 -39.78 35.20 -1.51
C MET H 43 -39.84 36.67 -1.06
N THR H 44 -39.17 37.01 0.05
CA THR H 44 -39.25 38.36 0.67
C THR H 44 -38.54 39.38 -0.23
N ALA H 45 -37.47 38.92 -0.89
CA ALA H 45 -36.62 39.71 -1.80
C ALA H 45 -37.48 40.24 -2.96
N LYS H 46 -38.23 39.37 -3.66
CA LYS H 46 -39.15 39.83 -4.74
C LYS H 46 -40.43 40.47 -4.13
N GLY H 47 -40.57 40.48 -2.79
CA GLY H 47 -41.85 40.78 -2.11
C GLY H 47 -42.96 39.87 -2.61
N GLY H 48 -42.62 38.61 -2.92
CA GLY H 48 -43.54 37.49 -3.24
C GLY H 48 -44.16 36.94 -1.97
N ASP H 49 -44.63 35.69 -1.94
CA ASP H 49 -45.43 35.20 -0.78
C ASP H 49 -44.73 34.08 0.01
N VAL H 50 -44.43 34.33 1.29
CA VAL H 50 -43.68 33.41 2.19
C VAL H 50 -44.55 32.16 2.48
N SER H 51 -45.84 32.17 2.12
CA SER H 51 -46.75 31.01 2.30
C SER H 51 -46.27 29.80 1.48
N VAL H 52 -45.56 29.99 0.35
CA VAL H 52 -44.99 28.86 -0.46
C VAL H 52 -43.95 28.10 0.35
N CYS H 53 -43.39 28.72 1.39
CA CYS H 53 -42.31 28.14 2.23
C CYS H 53 -42.87 27.29 3.39
N GLU H 54 -44.20 27.23 3.51
CA GLU H 54 -44.90 26.75 4.74
C GLU H 54 -44.50 25.30 5.06
N TRP H 55 -44.33 24.45 4.06
CA TRP H 55 -44.03 23.02 4.32
C TRP H 55 -42.73 22.92 5.12
N TYR H 56 -41.69 23.63 4.72
CA TYR H 56 -40.37 23.62 5.41
C TYR H 56 -40.53 24.12 6.84
N ARG H 57 -41.35 25.16 7.02
CA ARG H 57 -41.58 25.78 8.35
C ARG H 57 -42.17 24.73 9.30
N ARG H 58 -43.23 24.03 8.87
CA ARG H 58 -43.95 23.02 9.70
C ARG H 58 -42.98 21.88 10.02
N VAL H 59 -42.19 21.42 9.06
CA VAL H 59 -41.26 20.27 9.28
C VAL H 59 -40.17 20.67 10.30
N TYR H 60 -39.49 21.79 10.10
CA TYR H 60 -38.39 22.14 11.03
C TYR H 60 -38.96 22.41 12.43
N LYS H 61 -40.15 23.02 12.52
CA LYS H 61 -40.77 23.35 13.82
C LYS H 61 -41.14 22.05 14.54
N SER H 62 -41.65 21.04 13.82
CA SER H 62 -41.91 19.67 14.38
C SER H 62 -40.62 19.03 14.90
N LEU H 63 -39.52 19.05 14.11
CA LEU H 63 -38.36 18.16 14.36
C LEU H 63 -37.32 18.84 15.25
N CYS H 64 -37.11 20.13 15.10
CA CYS H 64 -35.91 20.82 15.66
C CYS H 64 -36.18 21.16 17.12
N PRO H 65 -35.24 20.83 18.03
CA PRO H 65 -35.31 21.39 19.39
C PRO H 65 -35.43 22.91 19.40
N ILE H 66 -36.27 23.41 20.30
CA ILE H 66 -36.49 24.87 20.50
C ILE H 66 -35.14 25.62 20.65
N SER H 67 -34.21 25.09 21.45
CA SER H 67 -32.88 25.74 21.73
C SER H 67 -32.04 25.78 20.46
N TRP H 68 -32.15 24.80 19.56
CA TRP H 68 -31.39 24.81 18.29
C TRP H 68 -31.91 25.96 17.43
N VAL H 69 -33.23 26.03 17.25
CA VAL H 69 -33.87 27.08 16.41
C VAL H 69 -33.52 28.45 16.98
N SER H 70 -33.68 28.60 18.28
CA SER H 70 -33.38 29.87 18.99
C SER H 70 -31.92 30.27 18.73
N THR H 71 -30.97 29.34 18.85
CA THR H 71 -29.51 29.58 18.67
C THR H 71 -29.24 29.95 17.21
N TRP H 72 -29.81 29.20 16.28
CA TRP H 72 -29.65 29.48 14.83
C TRP H 72 -30.24 30.85 14.49
N ASP H 73 -31.42 31.21 15.00
CA ASP H 73 -32.04 32.53 14.73
C ASP H 73 -31.12 33.65 15.25
N ASP H 74 -30.64 33.51 16.49
CA ASP H 74 -29.69 34.46 17.11
C ASP H 74 -28.46 34.64 16.19
N ARG H 75 -27.91 33.55 15.67
CA ARG H 75 -26.70 33.59 14.82
C ARG H 75 -27.02 34.23 13.46
N ARG H 76 -28.18 33.97 12.86
CA ARG H 76 -28.56 34.68 11.61
C ARG H 76 -28.61 36.19 11.85
N ALA H 77 -29.17 36.66 12.96
CA ALA H 77 -29.27 38.11 13.30
C ALA H 77 -27.86 38.65 13.57
N GLU H 78 -26.96 37.87 14.15
CA GLU H 78 -25.59 38.36 14.53
C GLU H 78 -24.68 38.41 13.31
N GLY H 79 -24.99 37.67 12.25
CA GLY H 79 -24.13 37.43 11.07
C GLY H 79 -23.14 36.30 11.31
N THR H 80 -23.41 35.34 12.19
CA THR H 80 -22.47 34.22 12.51
C THR H 80 -23.09 32.86 12.18
N PHE H 81 -24.19 32.82 11.46
CA PHE H 81 -24.78 31.52 11.05
C PHE H 81 -23.86 30.93 10.01
N PRO H 82 -23.38 29.69 10.20
CA PRO H 82 -22.36 29.14 9.29
C PRO H 82 -22.88 28.42 8.04
N GLY H 83 -24.20 28.24 7.99
CA GLY H 83 -24.87 27.68 6.80
C GLY H 83 -25.11 28.75 5.76
N LYS H 84 -25.25 28.33 4.51
CA LYS H 84 -25.54 29.21 3.37
C LYS H 84 -27.05 29.39 3.25
N ILE H 85 -27.48 30.63 3.39
CA ILE H 85 -28.88 31.07 3.15
C ILE H 85 -28.83 32.11 2.03
N ALA I 3 -16.64 -71.10 39.44
CA ALA I 3 -15.93 -70.21 38.51
C ALA I 3 -16.85 -69.04 38.13
N LEU I 4 -16.18 -67.91 38.00
CA LEU I 4 -16.78 -66.62 37.65
C LEU I 4 -16.72 -66.47 36.12
N ALA I 5 -17.76 -65.89 35.52
CA ALA I 5 -17.83 -65.54 34.09
C ALA I 5 -16.84 -64.40 33.78
N LYS I 6 -16.31 -64.39 32.56
CA LYS I 6 -15.49 -63.28 32.03
C LYS I 6 -16.40 -62.07 31.85
N PRO I 7 -16.12 -60.98 32.59
CA PRO I 7 -16.85 -59.73 32.41
C PRO I 7 -16.21 -58.93 31.26
N GLN I 8 -16.90 -57.87 30.84
CA GLN I 8 -16.35 -56.88 29.89
C GLN I 8 -15.19 -56.19 30.63
N MET I 9 -14.04 -56.09 29.97
CA MET I 9 -12.80 -55.53 30.56
C MET I 9 -12.27 -54.35 29.74
N ARG I 10 -12.77 -54.12 28.51
CA ARG I 10 -12.23 -53.09 27.58
C ARG I 10 -13.27 -51.99 27.39
N GLY I 11 -12.82 -50.74 27.39
CA GLY I 11 -13.66 -49.62 26.93
C GLY I 11 -14.69 -49.19 27.97
N LEU I 12 -14.48 -49.47 29.25
CA LEU I 12 -15.53 -49.21 30.27
C LEU I 12 -15.74 -47.69 30.42
N LEU I 13 -14.71 -46.88 30.30
CA LEU I 13 -14.89 -45.41 30.43
C LEU I 13 -15.70 -44.89 29.24
N ALA I 14 -15.33 -45.33 28.03
CA ALA I 14 -15.98 -44.95 26.74
C ALA I 14 -17.45 -45.37 26.80
N ARG I 15 -17.71 -46.57 27.32
CA ARG I 15 -19.09 -47.07 27.39
C ARG I 15 -19.91 -46.17 28.34
N ARG I 16 -19.37 -45.86 29.51
CA ARG I 16 -20.03 -44.97 30.49
C ARG I 16 -20.33 -43.63 29.82
N LEU I 17 -19.37 -43.08 29.06
CA LEU I 17 -19.50 -41.73 28.47
C LEU I 17 -20.67 -41.75 27.48
N ARG I 18 -20.64 -42.73 26.55
CA ARG I 18 -21.68 -42.92 25.52
C ARG I 18 -23.07 -42.98 26.19
N PHE I 19 -23.24 -43.86 27.17
CA PHE I 19 -24.54 -44.04 27.87
C PHE I 19 -25.00 -42.68 28.44
N HIS I 20 -24.11 -41.91 29.08
CA HIS I 20 -24.55 -40.69 29.81
C HIS I 20 -24.76 -39.49 28.87
N ILE I 21 -24.07 -39.44 27.74
CA ILE I 21 -24.27 -38.31 26.80
C ILE I 21 -25.64 -38.49 26.16
N VAL I 22 -26.01 -39.73 25.86
CA VAL I 22 -27.38 -40.00 25.33
C VAL I 22 -28.40 -39.60 26.41
N GLY I 23 -28.14 -39.95 27.68
CA GLY I 23 -29.03 -39.63 28.83
C GLY I 23 -29.18 -38.13 28.96
N ALA I 24 -28.09 -37.41 28.78
CA ALA I 24 -28.10 -35.94 28.83
C ALA I 24 -28.94 -35.38 27.65
N PHE I 25 -28.76 -35.88 26.44
CA PHE I 25 -29.56 -35.43 25.28
C PHE I 25 -31.06 -35.60 25.62
N MET I 26 -31.42 -36.78 26.13
CA MET I 26 -32.84 -37.17 26.35
C MET I 26 -33.44 -36.22 27.40
N VAL I 27 -32.69 -35.92 28.47
CA VAL I 27 -33.16 -35.00 29.55
C VAL I 27 -33.33 -33.60 28.93
N SER I 28 -32.38 -33.17 28.10
CA SER I 28 -32.42 -31.85 27.40
C SER I 28 -33.73 -31.71 26.59
N LEU I 29 -34.11 -32.74 25.85
CA LEU I 29 -35.41 -32.74 25.14
C LEU I 29 -36.59 -32.68 26.12
N GLY I 30 -36.59 -33.44 27.21
CA GLY I 30 -37.60 -33.33 28.29
C GLY I 30 -37.68 -31.91 28.86
N PHE I 31 -36.55 -31.28 29.17
CA PHE I 31 -36.55 -29.92 29.77
C PHE I 31 -37.14 -28.91 28.78
N ALA I 32 -36.74 -29.03 27.50
CA ALA I 32 -37.22 -28.12 26.44
C ALA I 32 -38.74 -28.26 26.33
N THR I 33 -39.26 -29.50 26.32
CA THR I 33 -40.72 -29.75 26.21
C THR I 33 -41.40 -29.06 27.40
N PHE I 34 -40.90 -29.35 28.62
CA PHE I 34 -41.36 -28.71 29.88
C PHE I 34 -41.33 -27.18 29.77
N TYR I 35 -40.25 -26.62 29.24
CA TYR I 35 -40.02 -25.15 29.30
C TYR I 35 -40.96 -24.43 28.32
N LYS I 36 -41.19 -25.07 27.17
CA LYS I 36 -42.15 -24.67 26.11
C LYS I 36 -43.51 -24.48 26.76
N PHE I 37 -43.92 -25.51 27.51
CA PHE I 37 -45.20 -25.67 28.24
C PHE I 37 -45.23 -24.70 29.43
N ALA I 38 -44.24 -24.70 30.32
CA ALA I 38 -44.33 -23.95 31.61
C ALA I 38 -44.05 -22.46 31.44
N VAL I 39 -43.35 -22.00 30.40
CA VAL I 39 -42.86 -20.60 30.36
C VAL I 39 -43.28 -19.94 29.04
N ALA I 40 -42.77 -20.44 27.93
CA ALA I 40 -42.87 -19.79 26.60
C ALA I 40 -44.32 -19.75 26.13
N GLU I 41 -44.98 -20.90 26.13
CA GLU I 41 -46.40 -21.03 25.67
C GLU I 41 -47.33 -20.41 26.70
N LYS I 42 -47.08 -20.60 27.99
CA LYS I 42 -47.88 -19.94 29.06
C LYS I 42 -47.87 -18.44 28.78
N ARG I 43 -46.72 -17.89 28.41
CA ARG I 43 -46.64 -16.44 28.12
C ARG I 43 -47.44 -16.07 26.87
N LYS I 44 -47.28 -16.80 25.76
CA LYS I 44 -48.07 -16.53 24.52
C LYS I 44 -49.56 -16.53 24.87
N LYS I 45 -50.00 -17.51 25.64
CA LYS I 45 -51.43 -17.70 25.99
C LYS I 45 -51.91 -16.57 26.92
N ALA I 46 -51.11 -16.18 27.91
CA ALA I 46 -51.47 -15.09 28.83
C ALA I 46 -51.72 -13.81 28.02
N TYR I 47 -50.82 -13.42 27.10
CA TYR I 47 -50.96 -12.20 26.25
C TYR I 47 -52.17 -12.35 25.32
N ALA I 48 -52.32 -13.51 24.68
CA ALA I 48 -53.43 -13.76 23.72
C ALA I 48 -54.76 -13.67 24.48
N ASP I 49 -54.88 -14.28 25.65
CA ASP I 49 -56.12 -14.25 26.47
C ASP I 49 -56.39 -12.84 26.99
N PHE I 50 -55.36 -12.13 27.44
CA PHE I 50 -55.56 -10.75 27.94
C PHE I 50 -56.19 -9.89 26.83
N TYR I 51 -55.67 -9.91 25.60
CA TYR I 51 -56.05 -8.92 24.55
C TYR I 51 -57.27 -9.37 23.74
N ARG I 52 -57.67 -10.63 23.83
CA ARG I 52 -58.75 -11.23 22.99
C ARG I 52 -60.04 -10.39 23.08
N ASN I 53 -60.47 -10.00 24.28
CA ASN I 53 -61.68 -9.16 24.49
C ASN I 53 -61.33 -7.87 25.27
N TYR I 54 -60.07 -7.49 25.31
CA TYR I 54 -59.60 -6.26 25.99
C TYR I 54 -60.33 -5.03 25.43
N ASP I 55 -60.83 -4.20 26.33
CA ASP I 55 -61.49 -2.94 25.95
C ASP I 55 -60.64 -1.80 26.54
N SER I 56 -59.83 -1.15 25.70
CA SER I 56 -58.86 -0.11 26.15
C SER I 56 -59.62 1.09 26.74
N MET I 57 -60.79 1.46 26.19
CA MET I 57 -61.57 2.62 26.69
C MET I 57 -62.15 2.29 28.07
N LYS I 58 -62.63 1.07 28.27
CA LYS I 58 -63.12 0.65 29.62
C LYS I 58 -61.96 0.63 30.62
N ASP I 59 -60.79 0.11 30.25
CA ASP I 59 -59.56 0.19 31.08
C ASP I 59 -59.27 1.65 31.46
N PHE I 60 -59.26 2.53 30.46
CA PHE I 60 -59.02 3.98 30.70
C PHE I 60 -60.05 4.52 31.69
N GLU I 61 -61.34 4.21 31.52
CA GLU I 61 -62.43 4.78 32.36
C GLU I 61 -62.23 4.33 33.82
N GLU I 62 -61.84 3.09 34.04
CA GLU I 62 -61.57 2.53 35.39
C GLU I 62 -60.42 3.31 35.99
N MET I 63 -59.36 3.55 35.23
CA MET I 63 -58.17 4.27 35.72
C MET I 63 -58.54 5.72 36.05
N ARG I 64 -59.29 6.37 35.17
CA ARG I 64 -59.71 7.78 35.35
C ARG I 64 -60.52 7.90 36.65
N LYS I 65 -61.49 7.01 36.85
CA LYS I 65 -62.37 7.08 38.03
C LYS I 65 -61.59 6.76 39.32
N ALA I 66 -60.51 6.00 39.24
CA ALA I 66 -59.63 5.73 40.39
C ALA I 66 -58.75 6.96 40.69
N GLY I 67 -58.71 7.97 39.80
CA GLY I 67 -58.01 9.26 40.01
C GLY I 67 -56.53 9.17 39.68
N ILE I 68 -56.10 8.29 38.78
CA ILE I 68 -54.63 8.12 38.61
C ILE I 68 -54.03 9.20 37.71
N PHE I 69 -54.81 9.90 36.87
CA PHE I 69 -54.25 10.73 35.78
C PHE I 69 -54.15 12.21 36.14
N GLN I 70 -53.10 12.86 35.66
CA GLN I 70 -52.98 14.35 35.63
C GLN I 70 -53.93 14.93 34.58
N SER I 71 -54.13 14.25 33.45
CA SER I 71 -54.84 14.83 32.28
C SER I 71 -56.35 14.54 32.27
N ALA I 72 -56.92 13.75 33.18
CA ALA I 72 -58.37 13.34 33.16
C ALA I 72 -58.99 13.23 34.58
N PHE J 1 39.02 11.99 12.65
CA PHE J 1 39.13 11.37 14.00
C PHE J 1 39.80 10.00 13.85
N GLU J 2 40.19 9.42 14.99
CA GLU J 2 40.85 8.09 15.06
C GLU J 2 39.94 7.08 15.78
N ASN J 3 40.11 5.83 15.43
CA ASN J 3 39.27 4.75 15.98
C ASN J 3 39.81 4.40 17.36
N ARG J 4 39.16 4.83 18.44
CA ARG J 4 39.57 4.52 19.84
C ARG J 4 38.64 3.47 20.49
N VAL J 5 37.92 2.71 19.71
CA VAL J 5 36.98 1.69 20.28
C VAL J 5 37.77 0.65 21.12
N ALA J 6 38.95 0.18 20.68
CA ALA J 6 39.74 -0.85 21.41
C ALA J 6 40.01 -0.34 22.85
N GLU J 7 40.35 0.93 23.02
CA GLU J 7 40.67 1.47 24.37
C GLU J 7 39.36 1.51 25.21
N LYS J 8 38.21 1.85 24.64
CA LYS J 8 36.92 1.77 25.37
C LYS J 8 36.52 0.31 25.67
N GLN J 9 36.84 -0.64 24.78
CA GLN J 9 36.60 -2.09 25.07
C GLN J 9 37.43 -2.50 26.28
N LYS J 10 38.69 -2.10 26.34
CA LYS J 10 39.53 -2.47 27.50
C LYS J 10 38.90 -1.89 28.80
N LEU J 11 38.55 -0.59 28.81
CA LEU J 11 37.95 0.08 30.02
C LEU J 11 36.70 -0.68 30.45
N PHE J 12 35.75 -0.92 29.56
CA PHE J 12 34.44 -1.50 29.96
C PHE J 12 34.54 -3.01 30.20
N GLN J 13 35.67 -3.67 29.89
CA GLN J 13 35.76 -5.12 30.22
C GLN J 13 36.68 -5.31 31.43
N GLU J 14 37.19 -4.24 32.03
CA GLU J 14 38.11 -4.41 33.19
C GLU J 14 37.38 -5.20 34.29
N ASP J 15 38.07 -6.15 34.93
CA ASP J 15 37.45 -7.05 35.95
C ASP J 15 37.42 -6.34 37.32
N ASN J 16 36.56 -5.33 37.51
CA ASN J 16 36.56 -4.47 38.72
C ASN J 16 35.21 -4.63 39.42
N GLY J 17 34.33 -5.53 38.94
CA GLY J 17 33.01 -5.77 39.55
C GLY J 17 32.04 -4.59 39.42
N LEU J 18 32.36 -3.53 38.70
CA LEU J 18 31.42 -2.39 38.61
C LEU J 18 30.28 -2.73 37.64
N PRO J 19 29.05 -2.30 37.93
CA PRO J 19 27.97 -2.41 36.94
C PRO J 19 28.20 -1.39 35.82
N VAL J 20 27.61 -1.67 34.66
CA VAL J 20 27.88 -0.95 33.40
C VAL J 20 27.59 0.53 33.60
N HIS J 21 26.60 0.89 34.40
CA HIS J 21 26.21 2.32 34.53
C HIS J 21 27.25 3.10 35.34
N LEU J 22 28.23 2.44 35.98
CA LEU J 22 29.26 3.14 36.80
C LEU J 22 30.65 2.85 36.25
N LYS J 23 30.79 2.06 35.19
CA LYS J 23 32.11 1.47 34.82
C LYS J 23 32.97 2.51 34.05
N GLY J 24 32.40 3.65 33.67
CA GLY J 24 33.10 4.74 32.98
C GLY J 24 33.98 5.51 33.95
N GLY J 25 33.66 5.45 35.24
CA GLY J 25 34.45 6.12 36.30
C GLY J 25 33.65 7.17 37.04
N ALA J 26 34.34 8.08 37.71
CA ALA J 26 33.79 9.01 38.71
C ALA J 26 32.65 9.86 38.09
N THR J 27 32.75 10.25 36.82
CA THR J 27 31.70 11.05 36.14
C THR J 27 30.38 10.26 36.15
N ASP J 28 30.43 8.94 36.01
CA ASP J 28 29.17 8.13 36.03
C ASP J 28 28.51 8.27 37.40
N ASN J 29 29.29 8.23 38.48
CA ASN J 29 28.77 8.30 39.89
C ASN J 29 28.09 9.65 40.06
N ILE J 30 28.72 10.70 39.57
CA ILE J 30 28.13 12.07 39.70
C ILE J 30 26.80 12.15 38.94
N LEU J 31 26.78 11.77 37.66
CA LEU J 31 25.54 11.89 36.86
C LEU J 31 24.44 11.02 37.48
N TYR J 32 24.79 9.84 38.02
CA TYR J 32 23.86 8.94 38.75
C TYR J 32 23.29 9.68 39.96
N ARG J 33 24.16 10.26 40.78
CA ARG J 33 23.71 10.95 42.02
C ARG J 33 22.80 12.15 41.64
N VAL J 34 23.15 12.93 40.63
CA VAL J 34 22.28 14.05 40.17
C VAL J 34 20.92 13.47 39.77
N THR J 35 20.93 12.39 38.98
CA THR J 35 19.66 11.87 38.43
C THR J 35 18.77 11.39 39.60
N MET J 36 19.31 10.59 40.48
CA MET J 36 18.52 9.97 41.56
C MET J 36 18.06 11.07 42.53
N THR J 37 18.89 12.08 42.78
CA THR J 37 18.55 13.20 43.68
C THR J 37 17.36 13.98 43.10
N LEU J 38 17.42 14.35 41.82
CA LEU J 38 16.28 15.02 41.15
C LEU J 38 15.04 14.12 41.16
N CYS J 39 15.16 12.83 40.88
CA CYS J 39 13.98 11.94 40.88
C CYS J 39 13.34 11.85 42.27
N LEU J 40 14.12 11.56 43.31
CA LEU J 40 13.56 11.30 44.67
C LEU J 40 13.08 12.62 45.27
N GLY J 41 13.89 13.68 45.12
CA GLY J 41 13.48 15.03 45.52
C GLY J 41 12.24 15.50 44.79
N GLY J 42 12.17 15.31 43.46
CA GLY J 42 10.99 15.70 42.68
C GLY J 42 9.79 14.89 43.13
N THR J 43 9.98 13.61 43.46
CA THR J 43 8.85 12.74 43.89
C THR J 43 8.32 13.25 45.25
N LEU J 44 9.22 13.64 46.17
CA LEU J 44 8.81 14.18 47.49
C LEU J 44 8.02 15.46 47.25
N TYR J 45 8.45 16.29 46.28
CA TYR J 45 7.77 17.57 45.98
C TYR J 45 6.41 17.29 45.38
N SER J 46 6.33 16.27 44.55
CA SER J 46 5.01 15.91 43.94
C SER J 46 4.05 15.49 45.07
N LEU J 47 4.57 14.81 46.12
CA LEU J 47 3.72 14.37 47.27
C LEU J 47 3.24 15.60 48.05
N TYR J 48 4.12 16.57 48.25
CA TYR J 48 3.77 17.85 48.90
C TYR J 48 2.65 18.54 48.09
N CYS J 49 2.81 18.61 46.77
CA CYS J 49 1.82 19.21 45.83
C CYS J 49 0.47 18.49 45.94
N LEU J 50 0.46 17.15 46.03
CA LEU J 50 -0.81 16.41 46.30
C LEU J 50 -1.41 16.86 47.65
N GLY J 51 -0.60 16.87 48.71
CA GLY J 51 -0.98 17.35 50.05
C GLY J 51 -1.70 18.67 49.93
N TRP J 52 -1.09 19.61 49.21
CA TRP J 52 -1.62 20.98 49.01
C TRP J 52 -2.94 20.90 48.23
N ALA J 53 -2.96 20.18 47.12
CA ALA J 53 -4.11 20.19 46.20
C ALA J 53 -5.30 19.39 46.74
N SER J 54 -5.10 18.61 47.81
CA SER J 54 -6.15 17.70 48.36
C SER J 54 -7.16 18.47 49.23
N PHE J 55 -6.85 19.72 49.59
CA PHE J 55 -7.74 20.62 50.39
C PHE J 55 -8.02 21.91 49.60
N PRO J 56 -9.19 22.57 49.83
CA PRO J 56 -9.54 23.81 49.11
C PRO J 56 -8.71 25.05 49.48
N ALA K 6 -2.60 -43.48 62.20
CA ALA K 6 -3.04 -42.75 63.47
C ALA K 6 -4.08 -41.68 63.11
N PRO K 7 -5.07 -41.41 64.00
CA PRO K 7 -6.15 -40.46 63.70
C PRO K 7 -5.68 -39.01 63.49
N ASP K 8 -6.17 -38.36 62.43
CA ASP K 8 -5.73 -36.98 62.12
C ASP K 8 -6.75 -35.99 62.72
N PHE K 9 -6.54 -34.72 62.44
CA PHE K 9 -7.38 -33.58 62.89
C PHE K 9 -8.85 -33.89 62.54
N HIS K 10 -9.10 -34.39 61.32
CA HIS K 10 -10.48 -34.58 60.77
C HIS K 10 -11.18 -35.74 61.47
N ASP K 11 -10.46 -36.82 61.73
CA ASP K 11 -10.98 -37.96 62.52
C ASP K 11 -11.33 -37.49 63.94
N LYS K 12 -10.51 -36.62 64.54
CA LYS K 12 -10.76 -36.18 65.93
C LYS K 12 -11.87 -35.13 65.96
N TYR K 13 -11.85 -34.14 65.09
CA TYR K 13 -12.65 -32.89 65.31
C TYR K 13 -13.70 -32.67 64.22
N GLY K 14 -13.65 -33.41 63.12
CA GLY K 14 -14.51 -33.21 61.94
C GLY K 14 -15.98 -33.15 62.33
N ASN K 15 -16.45 -34.13 63.10
CA ASN K 15 -17.89 -34.24 63.46
C ASN K 15 -18.30 -32.97 64.21
N ALA K 16 -17.47 -32.54 65.16
CA ALA K 16 -17.76 -31.36 66.01
C ALA K 16 -17.66 -30.08 65.17
N VAL K 17 -16.73 -29.99 64.24
CA VAL K 17 -16.60 -28.78 63.39
C VAL K 17 -17.85 -28.71 62.49
N LEU K 18 -18.25 -29.85 61.90
CA LEU K 18 -19.44 -29.84 61.01
C LEU K 18 -20.70 -29.45 61.80
N ALA K 19 -20.98 -30.12 62.92
CA ALA K 19 -22.23 -29.88 63.70
C ALA K 19 -22.27 -28.44 64.23
N SER K 20 -21.17 -27.96 64.83
CA SER K 20 -21.05 -26.60 65.45
C SER K 20 -21.13 -25.50 64.38
N GLY K 21 -20.39 -25.67 63.28
CA GLY K 21 -20.43 -24.70 62.16
C GLY K 21 -21.84 -24.53 61.62
N ALA K 22 -22.52 -25.63 61.32
CA ALA K 22 -23.90 -25.62 60.79
C ALA K 22 -24.83 -24.95 61.81
N THR K 23 -24.78 -25.35 63.09
CA THR K 23 -25.70 -24.82 64.13
C THR K 23 -25.48 -23.31 64.20
N PHE K 24 -24.23 -22.89 64.25
CA PHE K 24 -23.89 -21.47 64.43
C PHE K 24 -24.39 -20.68 63.20
N CYS K 25 -24.08 -21.17 62.01
CA CYS K 25 -24.42 -20.50 60.74
C CYS K 25 -25.93 -20.28 60.66
N VAL K 26 -26.72 -21.34 60.87
CA VAL K 26 -28.19 -21.22 60.77
C VAL K 26 -28.68 -20.21 61.81
N ALA K 27 -28.20 -20.32 63.04
CA ALA K 27 -28.75 -19.50 64.15
C ALA K 27 -28.48 -18.01 63.89
N VAL K 28 -27.29 -17.67 63.43
CA VAL K 28 -26.94 -16.23 63.32
C VAL K 28 -27.61 -15.64 62.07
N TRP K 29 -27.72 -16.41 60.98
CA TRP K 29 -28.40 -15.92 59.75
C TRP K 29 -29.90 -15.76 60.03
N VAL K 30 -30.52 -16.68 60.74
CA VAL K 30 -31.98 -16.58 61.13
C VAL K 30 -32.18 -15.34 62.00
N TYR K 31 -31.32 -15.12 63.00
CA TYR K 31 -31.37 -13.92 63.86
C TYR K 31 -31.24 -12.64 63.01
N MET K 32 -30.21 -12.56 62.17
CA MET K 32 -29.96 -11.39 61.31
C MET K 32 -31.19 -11.10 60.43
N ALA K 33 -31.76 -12.15 59.83
CA ALA K 33 -32.86 -12.05 58.86
C ALA K 33 -34.16 -11.61 59.53
N THR K 34 -34.40 -11.92 60.79
CA THR K 34 -35.76 -11.82 61.37
C THR K 34 -35.80 -10.89 62.59
N GLN K 35 -34.68 -10.55 63.22
CA GLN K 35 -34.77 -9.96 64.60
C GLN K 35 -34.17 -8.56 64.67
N ILE K 36 -33.61 -7.97 63.61
CA ILE K 36 -32.89 -6.69 63.79
C ILE K 36 -33.49 -5.59 62.90
N GLY K 37 -34.66 -5.77 62.34
CA GLY K 37 -35.37 -4.69 61.62
C GLY K 37 -34.97 -4.59 60.14
N ILE K 38 -34.34 -5.60 59.53
CA ILE K 38 -34.04 -5.55 58.07
C ILE K 38 -35.37 -5.53 57.33
N GLU K 39 -35.48 -4.64 56.34
CA GLU K 39 -36.71 -4.49 55.52
C GLU K 39 -36.43 -5.27 54.24
N TRP K 40 -37.00 -6.45 54.08
CA TRP K 40 -36.77 -7.28 52.88
C TRP K 40 -37.64 -6.79 51.75
N ASN K 41 -38.74 -6.11 52.10
CA ASN K 41 -39.76 -5.61 51.11
C ASN K 41 -40.23 -6.76 50.20
N PRO K 42 -40.86 -7.80 50.77
CA PRO K 42 -41.40 -8.88 49.95
C PRO K 42 -42.57 -8.40 49.08
N SER K 43 -42.99 -9.22 48.15
CA SER K 43 -44.21 -8.99 47.36
C SER K 43 -45.42 -8.75 48.29
N PRO K 44 -46.27 -7.74 48.00
CA PRO K 44 -47.54 -7.60 48.68
C PRO K 44 -48.57 -8.66 48.30
N VAL K 45 -48.35 -9.37 47.20
CA VAL K 45 -49.32 -10.36 46.66
C VAL K 45 -49.63 -11.39 47.77
N GLY K 46 -50.90 -11.54 48.11
CA GLY K 46 -51.37 -12.47 49.16
C GLY K 46 -50.95 -12.03 50.56
N ARG K 47 -50.36 -10.85 50.74
CA ARG K 47 -49.80 -10.38 52.04
C ARG K 47 -50.52 -9.07 52.44
N VAL K 48 -50.62 -8.10 51.54
CA VAL K 48 -51.07 -6.72 51.89
C VAL K 48 -52.53 -6.57 51.50
N THR K 49 -53.35 -6.02 52.39
CA THR K 49 -54.73 -5.55 52.11
C THR K 49 -54.58 -4.14 51.52
N PRO K 50 -54.92 -3.93 50.22
CA PRO K 50 -54.82 -2.60 49.64
C PRO K 50 -55.73 -1.60 50.39
N LYS K 51 -55.32 -0.34 50.42
CA LYS K 51 -56.05 0.70 51.19
C LYS K 51 -56.19 1.98 50.35
N GLU K 52 -57.31 2.68 50.49
CA GLU K 52 -57.63 3.94 49.73
C GLU K 52 -56.45 4.87 49.91
N TRP K 53 -56.01 5.47 48.83
CA TRP K 53 -54.83 6.38 48.77
C TRP K 53 -55.26 7.77 48.34
N ARG K 54 -56.31 7.89 47.54
CA ARG K 54 -56.78 9.22 47.07
C ARG K 54 -57.58 9.92 48.20
N TYR L 3 23.43 -13.03 45.89
CA TYR L 3 22.11 -12.88 46.56
C TYR L 3 21.76 -14.22 47.25
N GLU L 4 20.97 -14.14 48.32
CA GLU L 4 20.50 -15.34 49.06
C GLU L 4 19.46 -16.02 48.16
N GLU L 5 19.50 -17.32 48.15
CA GLU L 5 18.60 -18.14 47.32
C GLU L 5 17.88 -19.06 48.29
N GLY L 6 16.78 -19.60 47.86
CA GLY L 6 16.07 -20.61 48.66
C GLY L 6 14.85 -20.04 49.36
N PRO L 7 14.08 -20.95 49.98
CA PRO L 7 12.82 -20.57 50.61
C PRO L 7 13.03 -19.43 51.63
N GLY L 8 12.18 -18.40 51.57
CA GLY L 8 12.17 -17.25 52.50
C GLY L 8 13.26 -16.24 52.19
N LYS L 9 14.00 -16.41 51.10
CA LYS L 9 15.16 -15.57 50.73
C LYS L 9 14.94 -14.87 49.38
N ASN L 10 13.93 -15.28 48.60
CA ASN L 10 13.70 -14.76 47.24
C ASN L 10 12.55 -13.75 47.30
N ILE L 11 12.46 -12.99 48.39
CA ILE L 11 11.32 -12.10 48.67
C ILE L 11 11.89 -10.83 49.31
N PRO L 12 11.20 -9.68 49.09
CA PRO L 12 11.67 -8.40 49.62
C PRO L 12 11.31 -8.16 51.09
N PHE L 13 10.68 -9.14 51.74
CA PHE L 13 10.23 -9.10 53.13
C PHE L 13 10.81 -10.30 53.85
N SER L 14 11.08 -10.15 55.13
CA SER L 14 11.59 -11.23 56.00
C SER L 14 10.44 -12.14 56.47
N VAL L 15 10.70 -13.43 56.50
CA VAL L 15 9.84 -14.45 57.14
C VAL L 15 10.65 -15.13 58.26
N GLU L 16 11.68 -14.47 58.79
CA GLU L 16 12.55 -15.06 59.85
C GLU L 16 11.73 -15.22 61.14
N ASN L 17 10.82 -14.27 61.42
CA ASN L 17 9.99 -14.27 62.64
C ASN L 17 8.52 -14.16 62.22
N LYS L 18 7.68 -15.14 62.57
CA LYS L 18 6.29 -15.20 62.07
C LYS L 18 5.49 -14.05 62.68
N TRP L 19 5.88 -13.53 63.85
CA TRP L 19 5.11 -12.46 64.51
C TRP L 19 5.47 -11.12 63.88
N ARG L 20 6.72 -10.86 63.61
CA ARG L 20 7.09 -9.67 62.83
C ARG L 20 6.42 -9.75 61.44
N LEU L 21 6.37 -10.93 60.84
CA LEU L 21 5.74 -11.08 59.51
C LEU L 21 4.25 -10.72 59.62
N LEU L 22 3.57 -11.21 60.67
CA LEU L 22 2.12 -10.91 60.87
C LEU L 22 1.93 -9.38 60.90
N ALA L 23 2.79 -8.68 61.63
CA ALA L 23 2.72 -7.21 61.75
C ALA L 23 2.89 -6.64 60.35
N MET L 24 3.92 -7.09 59.60
CA MET L 24 4.20 -6.50 58.25
C MET L 24 3.00 -6.76 57.31
N MET L 25 2.47 -7.99 57.33
CA MET L 25 1.35 -8.35 56.42
C MET L 25 0.07 -7.56 56.76
N THR L 26 -0.24 -7.39 58.06
CA THR L 26 -1.29 -6.52 58.68
C THR L 26 -1.18 -5.10 58.13
N LEU L 27 0.01 -4.52 58.24
CA LEU L 27 0.24 -3.13 57.78
C LEU L 27 0.05 -3.07 56.25
N PHE L 28 0.58 -4.04 55.53
CA PHE L 28 0.58 -4.05 54.05
C PHE L 28 -0.86 -4.18 53.56
N PHE L 29 -1.53 -5.31 53.80
CA PHE L 29 -2.90 -5.53 53.28
C PHE L 29 -3.87 -4.58 53.98
N GLY L 30 -3.70 -4.36 55.30
CA GLY L 30 -4.57 -3.42 56.04
C GLY L 30 -4.54 -2.00 55.45
N SER L 31 -3.37 -1.51 55.04
CA SER L 31 -3.27 -0.13 54.50
C SER L 31 -4.06 -0.05 53.18
N GLY L 32 -3.95 -1.07 52.32
CA GLY L 32 -4.68 -1.12 51.03
C GLY L 32 -6.20 -1.14 51.24
N PHE L 33 -6.66 -2.00 52.15
CA PHE L 33 -8.10 -2.11 52.45
C PHE L 33 -8.63 -0.82 53.11
N ALA L 34 -7.85 -0.19 54.00
CA ALA L 34 -8.27 1.03 54.73
C ALA L 34 -8.37 2.20 53.75
N ALA L 35 -7.46 2.30 52.77
CA ALA L 35 -7.29 3.53 51.99
C ALA L 35 -8.64 4.07 51.48
N PRO L 36 -9.50 3.29 50.80
CA PRO L 36 -10.75 3.83 50.27
C PRO L 36 -11.69 4.39 51.35
N PHE L 37 -11.74 3.77 52.53
CA PHE L 37 -12.57 4.29 53.64
C PHE L 37 -12.07 5.69 54.02
N PHE L 38 -10.76 5.89 54.05
CA PHE L 38 -10.17 7.20 54.46
C PHE L 38 -10.28 8.21 53.33
N ILE L 39 -10.32 7.77 52.08
CA ILE L 39 -10.58 8.68 50.94
C ILE L 39 -12.03 9.20 50.99
N VAL L 40 -12.97 8.31 51.22
CA VAL L 40 -14.40 8.72 51.37
C VAL L 40 -14.49 9.71 52.54
N ARG L 41 -13.93 9.36 53.68
CA ARG L 41 -13.97 10.26 54.84
C ARG L 41 -13.44 11.65 54.45
N HIS L 42 -12.31 11.67 53.75
CA HIS L 42 -11.65 12.93 53.28
C HIS L 42 -12.65 13.73 52.43
N GLN L 43 -13.29 13.09 51.48
CA GLN L 43 -14.21 13.78 50.56
C GLN L 43 -15.42 14.27 51.35
N LEU L 44 -15.93 13.47 52.30
CA LEU L 44 -17.12 13.87 53.12
C LEU L 44 -16.74 15.06 54.00
N LEU L 45 -15.52 15.11 54.52
CA LEU L 45 -15.15 16.22 55.43
C LEU L 45 -14.91 17.52 54.67
N LYS L 46 -14.50 17.56 53.42
CA LYS L 46 -14.30 18.87 52.71
C LYS L 46 -15.56 19.74 52.77
N ILE M 1 1.79 -33.12 45.69
CA ILE M 1 3.10 -32.54 46.17
C ILE M 1 3.45 -33.20 47.49
N THR M 2 4.71 -33.39 47.79
CA THR M 2 5.15 -33.80 49.16
C THR M 2 6.02 -32.68 49.70
N ALA M 3 6.12 -32.59 51.01
CA ALA M 3 6.83 -31.50 51.68
C ALA M 3 7.35 -32.02 53.00
N LYS M 4 8.35 -31.34 53.55
CA LYS M 4 8.83 -31.61 54.91
C LYS M 4 7.77 -31.16 55.89
N PRO M 5 7.74 -31.76 57.09
CA PRO M 5 7.06 -31.15 58.21
C PRO M 5 7.59 -29.73 58.42
N ALA M 6 6.70 -28.89 58.93
CA ALA M 6 6.93 -27.46 59.27
C ALA M 6 8.24 -27.31 60.04
N LYS M 7 9.09 -26.40 59.59
CA LYS M 7 10.30 -26.04 60.35
C LYS M 7 9.94 -25.25 61.61
N THR M 8 8.88 -24.45 61.57
CA THR M 8 8.39 -23.64 62.73
C THR M 8 6.89 -23.84 62.85
N PRO M 9 6.43 -25.00 63.37
CA PRO M 9 4.99 -25.32 63.39
C PRO M 9 4.15 -24.19 63.99
N THR M 10 2.97 -23.98 63.41
CA THR M 10 1.98 -22.97 63.86
C THR M 10 0.85 -23.73 64.55
N SER M 11 0.87 -23.81 65.86
CA SER M 11 -0.16 -24.47 66.72
C SER M 11 -1.54 -23.85 66.47
N PRO M 12 -2.63 -24.61 66.76
CA PRO M 12 -3.99 -24.07 66.77
C PRO M 12 -4.10 -22.70 67.48
N LYS M 13 -3.48 -22.53 68.65
CA LYS M 13 -3.49 -21.25 69.39
C LYS M 13 -2.81 -20.16 68.54
N GLU M 14 -1.70 -20.48 67.91
CA GLU M 14 -0.95 -19.49 67.10
C GLU M 14 -1.79 -19.12 65.89
N GLN M 15 -2.52 -20.09 65.33
CA GLN M 15 -3.40 -19.84 64.17
C GLN M 15 -4.55 -18.92 64.59
N ALA M 16 -5.16 -19.12 65.77
CA ALA M 16 -6.27 -18.27 66.27
C ALA M 16 -5.79 -16.82 66.44
N ILE M 17 -4.56 -16.64 66.90
CA ILE M 17 -3.93 -15.28 67.02
C ILE M 17 -3.77 -14.69 65.63
N GLY M 18 -3.15 -15.41 64.70
CA GLY M 18 -2.89 -14.88 63.34
C GLY M 18 -4.20 -14.53 62.65
N LEU M 19 -5.19 -15.42 62.77
CA LEU M 19 -6.51 -15.21 62.13
C LEU M 19 -7.17 -13.97 62.76
N SER M 20 -7.20 -13.91 64.09
CA SER M 20 -7.80 -12.78 64.85
C SER M 20 -7.14 -11.45 64.43
N VAL M 21 -5.82 -11.42 64.42
CA VAL M 21 -5.08 -10.17 64.09
C VAL M 21 -5.34 -9.79 62.63
N THR M 22 -5.35 -10.77 61.73
CA THR M 22 -5.65 -10.51 60.30
C THR M 22 -7.05 -9.87 60.16
N PHE M 23 -8.07 -10.47 60.76
CA PHE M 23 -9.47 -9.99 60.64
C PHE M 23 -9.58 -8.60 61.24
N LEU M 24 -8.96 -8.39 62.40
CA LEU M 24 -9.04 -7.06 63.05
C LEU M 24 -8.36 -6.01 62.17
N SER M 25 -7.30 -6.34 61.46
CA SER M 25 -6.58 -5.34 60.65
C SER M 25 -7.45 -4.83 59.49
N PHE M 26 -8.39 -5.66 58.99
CA PHE M 26 -9.37 -5.30 57.95
C PHE M 26 -10.58 -4.60 58.57
N LEU M 27 -11.04 -5.09 59.73
CA LEU M 27 -12.34 -4.68 60.26
C LEU M 27 -12.25 -3.40 61.11
N LEU M 28 -11.24 -3.17 61.91
CA LEU M 28 -11.27 -1.99 62.83
C LEU M 28 -11.20 -0.65 62.10
N PRO M 29 -10.30 -0.42 61.12
CA PRO M 29 -10.21 0.92 60.49
C PRO M 29 -11.46 1.23 59.66
N ALA M 30 -11.90 0.30 58.83
CA ALA M 30 -13.18 0.46 58.08
C ALA M 30 -14.33 0.66 59.09
N GLY M 31 -14.39 -0.15 60.14
CA GLY M 31 -15.45 -0.01 61.15
C GLY M 31 -15.43 1.38 61.78
N TRP M 32 -14.25 1.87 62.14
CA TRP M 32 -14.13 3.24 62.70
C TRP M 32 -14.75 4.25 61.71
N VAL M 33 -14.40 4.15 60.42
CA VAL M 33 -14.90 5.12 59.42
C VAL M 33 -16.41 5.02 59.33
N LEU M 34 -16.94 3.80 59.16
CA LEU M 34 -18.39 3.61 58.91
C LEU M 34 -19.18 4.05 60.16
N TYR M 35 -18.65 3.79 61.35
CA TYR M 35 -19.34 4.17 62.60
C TYR M 35 -19.45 5.69 62.66
N HIS M 36 -18.47 6.38 62.12
CA HIS M 36 -18.39 7.86 62.26
C HIS M 36 -18.99 8.58 61.05
N LEU M 37 -19.61 7.88 60.08
CA LEU M 37 -20.12 8.54 58.84
C LEU M 37 -21.02 9.72 59.18
N ASP M 38 -22.00 9.54 60.07
CA ASP M 38 -22.88 10.65 60.53
C ASP M 38 -22.03 11.90 60.82
N ASN M 39 -21.00 11.73 61.67
CA ASN M 39 -20.09 12.79 62.16
C ASN M 39 -19.46 13.51 60.95
N TYR M 40 -19.01 12.75 59.97
CA TYR M 40 -18.48 13.29 58.71
C TYR M 40 -19.67 13.92 57.98
N PHE N 2 16.29 -22.52 -45.53
CA PHE N 2 15.92 -21.13 -45.67
C PHE N 2 14.78 -20.76 -44.72
N ILE N 3 13.76 -21.59 -44.68
CA ILE N 3 12.58 -21.38 -43.77
C ILE N 3 13.08 -21.47 -42.33
N ASN N 4 13.93 -22.46 -41.99
CA ASN N 4 14.40 -22.61 -40.59
C ASN N 4 15.13 -21.32 -40.20
N ARG N 5 15.99 -20.79 -41.07
CA ARG N 5 16.85 -19.63 -40.74
C ARG N 5 16.02 -18.34 -40.63
N TRP N 6 15.11 -18.10 -41.57
CA TRP N 6 14.51 -16.74 -41.76
C TRP N 6 13.05 -16.67 -41.31
N LEU N 7 12.37 -17.80 -41.10
CA LEU N 7 10.98 -17.80 -40.57
C LEU N 7 10.94 -18.31 -39.11
N PHE N 8 11.87 -19.20 -38.75
CA PHE N 8 11.95 -19.87 -37.42
C PHE N 8 13.15 -19.36 -36.61
N SER N 9 13.67 -18.17 -36.92
CA SER N 9 14.90 -17.65 -36.30
C SER N 9 14.82 -17.65 -34.77
N THR N 10 15.92 -17.97 -34.11
CA THR N 10 16.16 -17.67 -32.68
C THR N 10 17.52 -16.96 -32.54
N ASN N 11 17.91 -16.19 -33.56
CA ASN N 11 19.23 -15.53 -33.66
C ASN N 11 19.05 -14.00 -33.65
N HIS N 12 19.71 -13.30 -32.70
CA HIS N 12 19.53 -11.84 -32.57
C HIS N 12 19.95 -11.08 -33.85
N LYS N 13 20.97 -11.54 -34.55
CA LYS N 13 21.51 -10.82 -35.74
C LYS N 13 20.53 -10.98 -36.91
N ASP N 14 20.10 -12.22 -37.19
CA ASP N 14 19.12 -12.47 -38.28
C ASP N 14 17.79 -11.72 -38.02
N ILE N 15 17.29 -11.71 -36.78
CA ILE N 15 16.05 -10.99 -36.43
C ILE N 15 16.29 -9.48 -36.63
N GLY N 16 17.47 -8.97 -36.23
CA GLY N 16 17.82 -7.56 -36.48
C GLY N 16 17.83 -7.25 -37.96
N THR N 17 18.37 -8.14 -38.75
CA THR N 17 18.36 -8.00 -40.24
C THR N 17 16.90 -7.97 -40.75
N LEU N 18 16.05 -8.88 -40.28
CA LEU N 18 14.62 -8.84 -40.72
C LEU N 18 14.02 -7.47 -40.36
N TYR N 19 14.23 -6.99 -39.15
CA TYR N 19 13.69 -5.67 -38.74
C TYR N 19 14.21 -4.57 -39.66
N LEU N 20 15.50 -4.57 -39.97
CA LEU N 20 16.04 -3.50 -40.87
C LEU N 20 15.37 -3.55 -42.26
N LEU N 21 15.21 -4.74 -42.81
CA LEU N 21 14.56 -4.91 -44.13
C LEU N 21 13.12 -4.41 -44.03
N PHE N 22 12.37 -4.84 -43.01
CA PHE N 22 10.97 -4.42 -42.78
C PHE N 22 10.89 -2.88 -42.71
N GLY N 23 11.76 -2.31 -41.88
CA GLY N 23 11.73 -0.86 -41.67
C GLY N 23 12.07 -0.09 -42.94
N ALA N 24 13.02 -0.56 -43.74
CA ALA N 24 13.43 0.11 -44.99
C ALA N 24 12.23 0.08 -45.96
N TRP N 25 11.53 -1.05 -46.02
CA TRP N 25 10.35 -1.21 -46.89
C TRP N 25 9.28 -0.20 -46.42
N ALA N 26 8.98 -0.21 -45.11
CA ALA N 26 7.98 0.69 -44.50
C ALA N 26 8.35 2.14 -44.81
N GLY N 27 9.63 2.48 -44.71
CA GLY N 27 10.10 3.84 -45.04
C GLY N 27 9.71 4.25 -46.46
N MET N 28 9.77 3.32 -47.42
CA MET N 28 9.35 3.62 -48.82
C MET N 28 7.84 3.94 -48.83
N VAL N 29 7.04 3.15 -48.12
CA VAL N 29 5.57 3.39 -48.00
C VAL N 29 5.34 4.77 -47.39
N GLY N 30 6.00 5.06 -46.27
CA GLY N 30 5.79 6.31 -45.53
C GLY N 30 6.21 7.51 -46.36
N THR N 31 7.27 7.34 -47.14
CA THR N 31 7.79 8.42 -48.01
C THR N 31 6.78 8.66 -49.16
N ALA N 32 6.28 7.59 -49.79
CA ALA N 32 5.26 7.74 -50.85
C ALA N 32 4.06 8.51 -50.26
N LEU N 33 3.61 8.14 -49.05
CA LEU N 33 2.45 8.85 -48.44
C LEU N 33 2.77 10.34 -48.23
N SER N 34 3.98 10.66 -47.77
CA SER N 34 4.45 12.04 -47.53
C SER N 34 4.42 12.82 -48.86
N LEU N 35 4.76 12.17 -49.96
CA LEU N 35 4.85 12.88 -51.27
C LEU N 35 3.42 13.16 -51.81
N LEU N 36 2.46 12.29 -51.52
CA LEU N 36 1.04 12.49 -51.86
C LEU N 36 0.50 13.68 -51.06
N ILE N 37 0.82 13.74 -49.78
CA ILE N 37 0.46 14.92 -48.94
C ILE N 37 0.98 16.19 -49.64
N ARG N 38 2.26 16.24 -49.93
CA ARG N 38 2.88 17.51 -50.44
C ARG N 38 2.42 17.78 -51.90
N ALA N 39 2.05 16.75 -52.66
CA ALA N 39 1.46 16.94 -54.01
C ALA N 39 0.08 17.61 -53.88
N GLU N 40 -0.75 17.18 -52.93
CA GLU N 40 -2.09 17.79 -52.73
C GLU N 40 -1.93 19.28 -52.38
N LEU N 41 -0.88 19.60 -51.61
CA LEU N 41 -0.64 20.97 -51.07
C LEU N 41 0.26 21.80 -52.01
N GLY N 42 0.81 21.21 -53.06
CA GLY N 42 1.85 21.82 -53.91
C GLY N 42 1.35 23.00 -54.73
N GLN N 43 0.05 23.07 -54.97
CA GLN N 43 -0.61 24.25 -55.59
C GLN N 43 -2.00 24.36 -54.96
N PRO N 44 -2.56 25.60 -54.94
CA PRO N 44 -3.88 25.85 -54.40
C PRO N 44 -4.93 25.09 -55.22
N GLY N 45 -6.02 24.69 -54.57
CA GLY N 45 -7.07 23.84 -55.17
C GLY N 45 -6.95 22.40 -54.70
N THR N 46 -7.63 21.51 -55.42
CA THR N 46 -7.70 20.08 -55.07
C THR N 46 -6.93 19.31 -56.14
N LEU N 47 -6.14 18.33 -55.74
CA LEU N 47 -5.47 17.38 -56.66
C LEU N 47 -6.26 16.07 -56.63
N LEU N 48 -6.49 15.51 -55.45
CA LEU N 48 -7.05 14.14 -55.37
C LEU N 48 -8.56 14.21 -55.62
N GLY N 49 -9.18 15.38 -55.39
CA GLY N 49 -10.64 15.58 -55.54
C GLY N 49 -11.41 14.84 -54.44
N ASP N 50 -10.76 14.45 -53.35
CA ASP N 50 -11.40 13.59 -52.33
C ASP N 50 -10.67 13.84 -51.01
N ASP N 51 -11.27 14.69 -50.18
CA ASP N 51 -10.54 15.14 -48.98
C ASP N 51 -10.58 14.01 -47.95
N GLN N 52 -11.55 13.07 -48.02
CA GLN N 52 -11.52 11.88 -47.13
C GLN N 52 -10.23 11.11 -47.44
N ILE N 53 -9.90 10.91 -48.71
CA ILE N 53 -8.66 10.18 -49.07
C ILE N 53 -7.44 10.98 -48.59
N TYR N 54 -7.41 12.30 -48.77
CA TYR N 54 -6.29 13.10 -48.21
C TYR N 54 -6.11 12.75 -46.71
N ASN N 55 -7.21 12.74 -45.95
CA ASN N 55 -7.14 12.55 -44.47
C ASN N 55 -6.62 11.13 -44.18
N VAL N 56 -6.98 10.18 -45.04
CA VAL N 56 -6.52 8.77 -44.88
C VAL N 56 -5.02 8.74 -45.16
N VAL N 57 -4.57 9.50 -46.15
CA VAL N 57 -3.12 9.49 -46.50
C VAL N 57 -2.32 10.07 -45.35
N VAL N 58 -2.81 11.15 -44.78
CA VAL N 58 -2.08 11.80 -43.64
C VAL N 58 -1.99 10.83 -42.45
N THR N 59 -3.09 10.16 -42.14
CA THR N 59 -3.20 9.22 -41.01
C THR N 59 -2.23 8.06 -41.23
N ALA N 60 -2.26 7.44 -42.41
CA ALA N 60 -1.40 6.28 -42.71
C ALA N 60 0.08 6.70 -42.71
N HIS N 61 0.38 7.88 -43.23
CA HIS N 61 1.75 8.43 -43.29
C HIS N 61 2.35 8.34 -41.88
N ALA N 62 1.65 8.86 -40.89
CA ALA N 62 2.16 8.92 -39.50
C ALA N 62 2.30 7.51 -38.92
N PHE N 63 1.28 6.67 -39.05
CA PHE N 63 1.36 5.31 -38.46
C PHE N 63 2.54 4.56 -39.08
N VAL N 64 2.71 4.66 -40.39
CA VAL N 64 3.79 3.92 -41.09
C VAL N 64 5.14 4.43 -40.59
N MET N 65 5.32 5.75 -40.58
CA MET N 65 6.64 6.30 -40.19
C MET N 65 6.98 5.97 -38.73
N ILE N 66 6.01 6.05 -37.81
CA ILE N 66 6.28 5.79 -36.36
C ILE N 66 6.41 4.29 -36.07
N PHE N 67 5.37 3.51 -36.38
CA PHE N 67 5.24 2.10 -35.91
C PHE N 67 5.98 1.13 -36.83
N PHE N 68 6.11 1.42 -38.12
CA PHE N 68 6.69 0.46 -39.09
C PHE N 68 8.08 0.87 -39.58
N MET N 69 8.47 2.16 -39.48
CA MET N 69 9.82 2.61 -39.92
C MET N 69 10.70 2.87 -38.70
N VAL N 70 10.41 3.88 -37.89
CA VAL N 70 11.39 4.27 -36.83
C VAL N 70 11.55 3.15 -35.78
N MET N 71 10.46 2.71 -35.16
CA MET N 71 10.62 1.76 -34.02
C MET N 71 11.23 0.44 -34.47
N PRO N 72 10.78 -0.18 -35.59
CA PRO N 72 11.43 -1.41 -36.08
C PRO N 72 12.92 -1.22 -36.39
N ILE N 73 13.30 -0.09 -36.99
CA ILE N 73 14.74 0.13 -37.33
C ILE N 73 15.54 0.32 -36.06
N MET N 74 15.10 1.23 -35.21
CA MET N 74 15.93 1.62 -34.05
C MET N 74 15.99 0.49 -33.03
N ILE N 75 14.86 -0.04 -32.64
CA ILE N 75 14.77 -0.99 -31.50
C ILE N 75 14.92 -2.41 -32.04
N GLY N 76 14.10 -2.81 -33.01
CA GLY N 76 14.16 -4.17 -33.59
C GLY N 76 15.48 -4.41 -34.33
N GLY N 77 15.94 -3.44 -35.11
CA GLY N 77 17.07 -3.62 -36.02
C GLY N 77 18.40 -3.35 -35.33
N PHE N 78 18.71 -2.08 -35.07
CA PHE N 78 19.96 -1.76 -34.33
C PHE N 78 19.96 -2.39 -32.93
N GLY N 79 18.84 -2.35 -32.20
CA GLY N 79 18.78 -2.95 -30.85
C GLY N 79 19.15 -4.44 -30.86
N ASN N 80 18.50 -5.24 -31.69
CA ASN N 80 18.78 -6.68 -31.74
C ASN N 80 20.21 -6.95 -32.23
N TRP N 81 20.66 -6.22 -33.25
CA TRP N 81 22.04 -6.41 -33.77
C TRP N 81 23.09 -6.06 -32.69
N LEU N 82 22.98 -4.87 -32.11
CA LEU N 82 24.10 -4.28 -31.31
C LEU N 82 24.03 -4.67 -29.83
N VAL N 83 22.84 -4.76 -29.23
CA VAL N 83 22.81 -4.85 -27.74
C VAL N 83 23.57 -6.09 -27.28
N PRO N 84 23.27 -7.28 -27.80
CA PRO N 84 24.01 -8.45 -27.33
C PRO N 84 25.51 -8.32 -27.58
N LEU N 85 25.88 -7.80 -28.75
CA LEU N 85 27.33 -7.66 -29.10
C LEU N 85 28.01 -6.69 -28.10
N MET N 86 27.35 -5.61 -27.72
CA MET N 86 27.97 -4.54 -26.87
C MET N 86 28.10 -5.03 -25.42
N ILE N 87 27.37 -6.07 -25.02
CA ILE N 87 27.53 -6.62 -23.64
C ILE N 87 28.12 -8.04 -23.70
N GLY N 88 28.61 -8.51 -24.85
CA GLY N 88 29.31 -9.81 -24.90
C GLY N 88 28.35 -10.98 -24.64
N ALA N 89 27.05 -10.79 -24.88
CA ALA N 89 26.01 -11.82 -24.60
C ALA N 89 25.85 -12.69 -25.83
N PRO N 90 25.51 -13.98 -25.63
CA PRO N 90 25.38 -14.91 -26.76
C PRO N 90 24.11 -14.73 -27.60
N ASP N 91 23.09 -14.09 -27.05
CA ASP N 91 21.84 -13.74 -27.76
C ASP N 91 21.00 -12.86 -26.81
N MET N 92 19.72 -12.63 -27.16
CA MET N 92 18.70 -12.06 -26.26
C MET N 92 18.25 -13.13 -25.21
N ALA N 93 17.68 -12.67 -24.09
CA ALA N 93 17.18 -13.53 -23.00
C ALA N 93 16.14 -14.51 -23.56
N PHE N 94 15.26 -14.04 -24.45
CA PHE N 94 14.08 -14.79 -24.94
C PHE N 94 14.14 -14.83 -26.47
N PRO N 95 15.06 -15.66 -27.03
CA PRO N 95 15.41 -15.57 -28.44
C PRO N 95 14.24 -15.99 -29.32
N ARG N 96 13.36 -16.85 -28.82
CA ARG N 96 12.18 -17.33 -29.57
C ARG N 96 11.08 -16.24 -29.48
N MET N 97 10.84 -15.67 -28.29
CA MET N 97 9.84 -14.59 -28.16
C MET N 97 10.25 -13.40 -29.05
N ASN N 98 11.56 -13.16 -29.14
CA ASN N 98 12.14 -12.11 -30.01
C ASN N 98 11.62 -12.28 -31.45
N ASN N 99 11.55 -13.52 -31.93
CA ASN N 99 11.10 -13.79 -33.33
C ASN N 99 9.61 -13.41 -33.49
N MET N 100 8.83 -13.56 -32.42
CA MET N 100 7.39 -13.22 -32.49
C MET N 100 7.21 -11.69 -32.46
N SER N 101 8.04 -10.94 -31.74
CA SER N 101 7.99 -9.47 -31.86
C SER N 101 8.14 -9.09 -33.35
N PHE N 102 9.08 -9.70 -34.05
CA PHE N 102 9.26 -9.40 -35.47
C PHE N 102 8.03 -9.83 -36.28
N TRP N 103 7.57 -11.09 -36.14
CA TRP N 103 6.54 -11.60 -37.08
C TRP N 103 5.17 -10.99 -36.81
N LEU N 104 4.94 -10.33 -35.68
CA LEU N 104 3.70 -9.55 -35.48
C LEU N 104 3.65 -8.29 -36.40
N LEU N 105 4.78 -7.80 -36.91
CA LEU N 105 4.75 -6.51 -37.63
C LEU N 105 4.17 -6.69 -39.04
N PRO N 106 4.54 -7.71 -39.86
CA PRO N 106 3.87 -7.84 -41.16
C PRO N 106 2.35 -7.92 -41.03
N PRO N 107 1.75 -8.76 -40.12
CA PRO N 107 0.31 -8.73 -39.93
C PRO N 107 -0.25 -7.37 -39.49
N SER N 108 0.44 -6.69 -38.57
CA SER N 108 0.06 -5.32 -38.17
C SER N 108 -0.04 -4.40 -39.41
N PHE N 109 0.97 -4.45 -40.24
CA PHE N 109 1.05 -3.60 -41.47
C PHE N 109 -0.11 -4.02 -42.41
N LEU N 110 -0.33 -5.33 -42.57
CA LEU N 110 -1.46 -5.79 -43.40
C LEU N 110 -2.78 -5.20 -42.86
N LEU N 111 -3.00 -5.17 -41.55
CA LEU N 111 -4.28 -4.62 -41.02
C LEU N 111 -4.36 -3.13 -41.36
N LEU N 112 -3.24 -2.40 -41.28
CA LEU N 112 -3.27 -0.96 -41.64
C LEU N 112 -3.59 -0.82 -43.14
N LEU N 113 -2.97 -1.61 -44.02
N LEU N 113 -2.96 -1.63 -44.03
CA LEU N 113 -3.23 -1.46 -45.47
CA LEU N 113 -3.29 -1.68 -45.48
C LEU N 113 -4.69 -1.98 -45.76
C LEU N 113 -4.81 -1.84 -45.60
N ALA N 114 -5.28 -2.90 -44.97
CA ALA N 114 -6.71 -3.27 -45.05
C ALA N 114 -7.60 -2.09 -44.65
N SER N 115 -7.24 -1.37 -43.57
N SER N 115 -7.24 -1.37 -43.57
CA SER N 115 -8.02 -0.18 -43.11
CA SER N 115 -8.00 -0.18 -43.11
C SER N 115 -8.21 0.78 -44.29
C SER N 115 -8.19 0.81 -44.26
N SER N 116 -7.16 0.96 -45.10
CA SER N 116 -7.11 1.99 -46.15
C SER N 116 -7.86 1.53 -47.43
N MET N 117 -8.05 0.22 -47.59
N MET N 117 -8.01 0.22 -47.61
CA MET N 117 -8.60 -0.39 -48.83
CA MET N 117 -8.61 -0.40 -48.83
C MET N 117 -10.11 -0.67 -48.69
C MET N 117 -10.13 -0.52 -48.67
N VAL N 118 -10.61 -0.81 -47.46
CA VAL N 118 -12.07 -1.09 -47.22
C VAL N 118 -12.76 0.26 -46.96
N GLU N 119 -14.04 0.33 -47.30
CA GLU N 119 -14.92 1.52 -47.10
C GLU N 119 -14.16 2.76 -47.61
N ALA N 120 -14.08 3.81 -46.84
CA ALA N 120 -13.42 5.06 -47.28
C ALA N 120 -12.15 5.31 -46.43
N GLY N 121 -11.62 4.28 -45.77
CA GLY N 121 -10.43 4.40 -44.93
C GLY N 121 -10.68 5.07 -43.59
N ALA N 122 -9.64 5.15 -42.77
CA ALA N 122 -9.66 5.83 -41.47
C ALA N 122 -9.02 7.21 -41.66
N GLY N 123 -9.82 8.23 -41.93
CA GLY N 123 -9.36 9.60 -42.14
C GLY N 123 -9.47 10.36 -40.83
N THR N 124 -8.72 9.93 -39.81
CA THR N 124 -8.97 10.33 -38.40
C THR N 124 -7.84 11.20 -37.87
N GLY N 125 -6.69 11.27 -38.55
CA GLY N 125 -5.44 11.61 -37.87
C GLY N 125 -4.89 10.43 -37.06
N TRP N 126 -3.58 10.40 -36.76
CA TRP N 126 -2.94 9.23 -36.09
C TRP N 126 -3.37 9.18 -34.60
N THR N 127 -4.03 10.22 -34.12
CA THR N 127 -4.59 10.35 -32.75
C THR N 127 -5.93 9.59 -32.62
N VAL N 128 -6.62 9.36 -33.73
CA VAL N 128 -7.87 8.57 -33.79
C VAL N 128 -8.86 9.08 -32.72
N TYR N 129 -9.03 10.40 -32.57
CA TYR N 129 -9.98 10.98 -31.59
C TYR N 129 -11.42 10.62 -31.95
N PRO N 130 -12.22 10.14 -30.96
CA PRO N 130 -13.67 10.18 -31.07
C PRO N 130 -14.17 11.60 -30.83
N PRO N 131 -15.40 11.97 -31.26
CA PRO N 131 -16.30 11.08 -32.04
C PRO N 131 -15.99 10.91 -33.54
N LEU N 132 -15.03 11.64 -34.12
CA LEU N 132 -14.74 11.44 -35.57
C LEU N 132 -14.40 9.96 -35.84
N ALA N 133 -13.69 9.31 -34.91
CA ALA N 133 -13.24 7.90 -35.06
C ALA N 133 -14.33 6.92 -34.60
N GLY N 134 -15.49 7.43 -34.13
CA GLY N 134 -16.63 6.63 -33.67
C GLY N 134 -17.43 5.98 -34.81
N ASN N 135 -18.44 5.20 -34.44
CA ASN N 135 -19.20 4.36 -35.40
C ASN N 135 -20.27 5.15 -36.18
N LEU N 136 -20.47 6.45 -35.92
N LEU N 136 -20.46 6.45 -35.94
CA LEU N 136 -21.39 7.29 -36.72
CA LEU N 136 -21.41 7.26 -36.76
C LEU N 136 -20.56 8.08 -37.77
C LEU N 136 -20.63 8.17 -37.74
N ALA N 137 -19.51 8.78 -37.35
CA ALA N 137 -18.70 9.62 -38.26
C ALA N 137 -17.68 8.77 -39.06
N HIS N 138 -17.34 7.56 -38.60
CA HIS N 138 -16.47 6.56 -39.30
C HIS N 138 -17.11 5.16 -39.20
N ALA N 139 -18.34 5.02 -39.71
CA ALA N 139 -19.07 3.74 -39.76
C ALA N 139 -18.22 2.77 -40.60
N GLY N 140 -18.20 1.51 -40.24
CA GLY N 140 -17.52 0.51 -41.07
C GLY N 140 -16.23 0.01 -40.43
N ALA N 141 -15.51 -0.85 -41.12
CA ALA N 141 -14.38 -1.63 -40.56
C ALA N 141 -13.06 -0.81 -40.47
N SER N 142 -12.90 0.30 -41.18
CA SER N 142 -11.57 0.96 -41.33
C SER N 142 -10.97 1.26 -39.96
N VAL N 143 -11.70 1.90 -39.07
CA VAL N 143 -11.12 2.32 -37.77
C VAL N 143 -10.86 1.06 -36.94
N ASP N 144 -11.74 0.04 -37.01
CA ASP N 144 -11.49 -1.21 -36.25
C ASP N 144 -10.19 -1.86 -36.73
N LEU N 145 -9.93 -1.87 -38.04
CA LEU N 145 -8.68 -2.47 -38.57
C LEU N 145 -7.48 -1.64 -38.10
N THR N 146 -7.61 -0.32 -38.04
CA THR N 146 -6.52 0.54 -37.49
C THR N 146 -6.26 0.20 -36.01
N ILE N 147 -7.33 0.08 -35.20
CA ILE N 147 -7.21 -0.30 -33.77
C ILE N 147 -6.50 -1.66 -33.69
N PHE N 148 -6.89 -2.66 -34.50
CA PHE N 148 -6.23 -3.97 -34.40
C PHE N 148 -4.75 -3.88 -34.86
N SER N 149 -4.43 -3.10 -35.88
CA SER N 149 -3.03 -2.87 -36.32
C SER N 149 -2.23 -2.39 -35.10
N LEU N 150 -2.80 -1.43 -34.36
CA LEU N 150 -2.10 -0.86 -33.18
C LEU N 150 -1.99 -1.94 -32.08
N HIS N 151 -3.01 -2.80 -31.89
CA HIS N 151 -2.89 -3.87 -30.89
C HIS N 151 -1.68 -4.76 -31.21
N LEU N 152 -1.57 -5.23 -32.45
CA LEU N 152 -0.48 -6.16 -32.81
C LEU N 152 0.86 -5.43 -32.66
N ALA N 153 0.95 -4.20 -33.17
CA ALA N 153 2.22 -3.45 -32.98
C ALA N 153 2.55 -3.29 -31.48
N GLY N 154 1.52 -3.03 -30.67
CA GLY N 154 1.62 -2.88 -29.21
C GLY N 154 2.15 -4.13 -28.56
N VAL N 155 1.60 -5.29 -28.89
CA VAL N 155 2.10 -6.56 -28.31
C VAL N 155 3.57 -6.76 -28.75
N SER N 156 3.90 -6.55 -30.03
CA SER N 156 5.28 -6.69 -30.54
C SER N 156 6.23 -5.89 -29.63
N SER N 157 5.93 -4.61 -29.40
CA SER N 157 6.86 -3.69 -28.65
C SER N 157 6.83 -4.02 -27.15
N ILE N 158 5.70 -4.43 -26.57
CA ILE N 158 5.70 -4.80 -25.12
C ILE N 158 6.58 -6.03 -24.94
N LEU N 159 6.41 -7.08 -25.75
CA LEU N 159 7.25 -8.29 -25.58
C LEU N 159 8.71 -7.90 -25.87
N GLY N 160 8.94 -7.05 -26.87
CA GLY N 160 10.32 -6.64 -27.16
C GLY N 160 10.93 -5.90 -25.99
N ALA N 161 10.15 -5.04 -25.32
CA ALA N 161 10.61 -4.29 -24.13
C ALA N 161 11.01 -5.27 -23.02
N ILE N 162 10.15 -6.26 -22.73
CA ILE N 162 10.47 -7.29 -21.71
C ILE N 162 11.80 -7.96 -22.06
N ASN N 163 12.00 -8.29 -23.33
CA ASN N 163 13.21 -8.98 -23.82
C ASN N 163 14.44 -8.06 -23.62
N PHE N 164 14.35 -6.81 -24.04
CA PHE N 164 15.52 -5.91 -23.91
C PHE N 164 15.87 -5.66 -22.43
N ILE N 165 14.88 -5.34 -21.60
CA ILE N 165 15.14 -5.06 -20.15
C ILE N 165 15.78 -6.31 -19.53
N THR N 166 15.21 -7.51 -19.77
CA THR N 166 15.77 -8.71 -19.17
C THR N 166 17.20 -8.93 -19.66
N THR N 167 17.44 -8.80 -20.97
CA THR N 167 18.77 -9.05 -21.59
C THR N 167 19.81 -8.10 -20.95
N ILE N 168 19.46 -6.84 -20.86
CA ILE N 168 20.42 -5.78 -20.43
C ILE N 168 20.68 -5.92 -18.92
N ILE N 169 19.68 -6.28 -18.13
CA ILE N 169 19.86 -6.48 -16.66
C ILE N 169 20.60 -7.78 -16.37
N ASN N 170 20.31 -8.85 -17.10
CA ASN N 170 20.66 -10.21 -16.63
C ASN N 170 21.85 -10.78 -17.40
N MET N 171 22.21 -10.26 -18.58
CA MET N 171 23.14 -11.00 -19.46
C MET N 171 24.45 -10.25 -19.72
N LYS N 172 24.84 -9.30 -18.86
CA LYS N 172 26.18 -8.67 -18.95
C LYS N 172 27.23 -9.60 -18.36
N PRO N 173 28.54 -9.40 -18.65
CA PRO N 173 29.57 -10.11 -17.90
C PRO N 173 29.40 -9.83 -16.40
N PRO N 174 29.63 -10.83 -15.52
CA PRO N 174 29.39 -10.66 -14.09
C PRO N 174 30.16 -9.49 -13.50
N ALA N 175 31.32 -9.11 -14.02
CA ALA N 175 32.06 -7.94 -13.49
C ALA N 175 31.47 -6.60 -13.98
N MET N 176 30.70 -6.60 -15.05
CA MET N 176 30.22 -5.34 -15.70
C MET N 176 28.99 -4.84 -14.94
N SER N 177 29.12 -3.72 -14.26
CA SER N 177 27.94 -3.07 -13.65
C SER N 177 27.14 -2.32 -14.76
N GLN N 178 25.98 -1.82 -14.40
CA GLN N 178 25.21 -1.00 -15.32
C GLN N 178 26.00 0.26 -15.71
N TYR N 179 26.89 0.73 -14.86
CA TYR N 179 27.71 1.93 -15.14
C TYR N 179 28.96 1.59 -15.96
N GLN N 180 29.06 0.37 -16.51
CA GLN N 180 30.12 0.00 -17.50
C GLN N 180 29.47 -0.52 -18.80
N THR N 181 28.20 -0.20 -19.02
CA THR N 181 27.54 -0.55 -20.29
C THR N 181 27.56 0.67 -21.17
N PRO N 182 27.67 0.44 -22.49
CA PRO N 182 27.66 1.55 -23.43
C PRO N 182 26.34 2.32 -23.46
N LEU N 183 26.43 3.61 -23.78
CA LEU N 183 25.26 4.51 -23.83
C LEU N 183 24.19 3.98 -24.77
N PHE N 184 24.52 3.31 -25.88
CA PHE N 184 23.44 2.81 -26.77
C PHE N 184 22.61 1.80 -26.00
N VAL N 185 23.27 0.95 -25.23
CA VAL N 185 22.57 -0.08 -24.40
C VAL N 185 21.70 0.63 -23.35
N TRP N 186 22.21 1.67 -22.65
CA TRP N 186 21.35 2.47 -21.75
C TRP N 186 20.12 3.02 -22.50
N SER N 187 20.32 3.57 -23.70
CA SER N 187 19.25 4.25 -24.46
C SER N 187 18.13 3.22 -24.79
N VAL N 188 18.49 1.98 -25.09
CA VAL N 188 17.53 0.88 -25.39
C VAL N 188 16.81 0.44 -24.10
N MET N 189 17.53 0.27 -23.00
CA MET N 189 16.90 -0.11 -21.71
C MET N 189 15.86 0.94 -21.33
N ILE N 190 16.19 2.21 -21.46
CA ILE N 190 15.27 3.28 -21.01
C ILE N 190 14.06 3.32 -21.96
N THR N 191 14.31 3.25 -23.25
CA THR N 191 13.24 3.17 -24.27
C THR N 191 12.28 1.99 -23.93
N ALA N 192 12.85 0.83 -23.59
CA ALA N 192 12.05 -0.39 -23.27
C ALA N 192 11.18 -0.13 -22.03
N VAL N 193 11.73 0.55 -21.00
CA VAL N 193 10.91 0.88 -19.81
C VAL N 193 9.73 1.79 -20.21
N LEU N 194 9.97 2.82 -21.03
CA LEU N 194 8.88 3.70 -21.50
C LEU N 194 7.82 2.87 -22.27
N LEU N 195 8.25 1.96 -23.14
CA LEU N 195 7.29 1.14 -23.92
C LEU N 195 6.42 0.31 -22.95
N LEU N 196 7.07 -0.37 -22.00
CA LEU N 196 6.44 -1.29 -21.03
C LEU N 196 5.33 -0.55 -20.29
N LEU N 197 5.54 0.71 -19.91
CA LEU N 197 4.59 1.47 -19.09
C LEU N 197 3.53 2.20 -19.93
N SER N 198 3.86 2.65 -21.15
CA SER N 198 2.99 3.56 -21.93
C SER N 198 2.05 2.73 -22.84
N LEU N 199 2.55 1.70 -23.51
CA LEU N 199 1.71 0.98 -24.53
C LEU N 199 0.48 0.35 -23.89
N PRO N 200 0.54 -0.18 -22.65
CA PRO N 200 -0.68 -0.72 -22.02
C PRO N 200 -1.82 0.30 -21.79
N VAL N 201 -1.47 1.56 -21.59
CA VAL N 201 -2.46 2.63 -21.42
C VAL N 201 -3.10 2.91 -22.79
N LEU N 202 -2.28 2.96 -23.85
CA LEU N 202 -2.82 3.12 -25.21
C LEU N 202 -3.76 1.92 -25.48
N ALA N 203 -3.32 0.72 -25.12
CA ALA N 203 -4.10 -0.51 -25.42
C ALA N 203 -5.46 -0.40 -24.69
N ALA N 204 -5.49 0.10 -23.44
CA ALA N 204 -6.77 0.30 -22.71
C ALA N 204 -7.63 1.31 -23.46
N GLY N 205 -7.07 2.44 -23.85
CA GLY N 205 -7.86 3.49 -24.54
C GLY N 205 -8.42 3.06 -25.90
N ILE N 206 -7.63 2.41 -26.74
CA ILE N 206 -8.14 2.01 -28.09
C ILE N 206 -9.10 0.82 -27.94
N THR N 207 -8.96 0.01 -26.89
CA THR N 207 -9.94 -1.07 -26.58
C THR N 207 -11.28 -0.43 -26.19
N MET N 208 -11.26 0.62 -25.38
N MET N 208 -11.26 0.65 -25.42
CA MET N 208 -12.49 1.39 -25.05
CA MET N 208 -12.50 1.38 -25.04
C MET N 208 -13.09 1.93 -26.36
C MET N 208 -13.09 2.06 -26.28
N LEU N 209 -12.25 2.46 -27.25
CA LEU N 209 -12.78 2.99 -28.54
C LEU N 209 -13.42 1.83 -29.33
N LEU N 210 -12.78 0.68 -29.35
CA LEU N 210 -13.33 -0.54 -30.03
C LEU N 210 -14.70 -0.90 -29.45
N THR N 211 -14.81 -0.90 -28.13
CA THR N 211 -16.07 -1.27 -27.44
C THR N 211 -17.10 -0.17 -27.67
N ASP N 212 -16.73 1.12 -27.68
CA ASP N 212 -17.73 2.18 -28.03
C ASP N 212 -18.24 1.94 -29.47
N ARG N 213 -17.39 1.44 -30.38
CA ARG N 213 -17.77 1.33 -31.80
C ARG N 213 -18.64 0.08 -32.02
N ASN N 214 -18.53 -0.94 -31.18
CA ASN N 214 -19.04 -2.32 -31.50
C ASN N 214 -19.83 -2.97 -30.36
N LEU N 215 -19.67 -2.58 -29.09
CA LEU N 215 -20.38 -3.25 -27.97
C LEU N 215 -21.29 -2.29 -27.20
N ASN N 216 -21.53 -1.09 -27.72
CA ASN N 216 -22.52 -0.12 -27.18
C ASN N 216 -22.05 0.39 -25.80
N THR N 217 -20.73 0.40 -25.58
CA THR N 217 -20.13 1.16 -24.46
C THR N 217 -20.21 2.65 -24.79
N THR N 218 -19.99 3.49 -23.78
CA THR N 218 -20.08 4.95 -23.94
C THR N 218 -18.96 5.63 -23.16
N PHE N 219 -17.76 5.06 -23.15
CA PHE N 219 -16.60 5.69 -22.48
C PHE N 219 -16.40 7.13 -22.99
N PHE N 220 -16.59 7.35 -24.28
CA PHE N 220 -16.23 8.61 -24.97
C PHE N 220 -17.47 9.32 -25.52
N ASP N 221 -18.65 8.81 -25.19
CA ASP N 221 -19.95 9.28 -25.74
C ASP N 221 -20.72 9.99 -24.65
N PRO N 222 -20.88 11.33 -24.73
CA PRO N 222 -21.65 12.08 -23.72
C PRO N 222 -23.09 11.62 -23.50
N ALA N 223 -23.72 11.03 -24.52
CA ALA N 223 -25.11 10.50 -24.35
C ALA N 223 -25.14 9.46 -23.21
N GLY N 224 -24.08 8.67 -23.01
CA GLY N 224 -24.02 7.68 -21.93
C GLY N 224 -23.31 8.20 -20.71
N GLY N 225 -22.93 9.49 -20.70
CA GLY N 225 -22.14 10.01 -19.57
C GLY N 225 -20.64 9.97 -19.81
N GLY N 226 -20.22 9.63 -21.05
CA GLY N 226 -18.79 9.53 -21.37
C GLY N 226 -18.23 10.89 -21.78
N ASP N 227 -16.98 10.90 -22.24
CA ASP N 227 -16.22 12.14 -22.43
C ASP N 227 -15.16 11.91 -23.49
N PRO N 228 -15.27 12.59 -24.66
CA PRO N 228 -14.23 12.51 -25.68
C PRO N 228 -12.85 12.87 -25.11
N ILE N 229 -12.81 13.76 -24.13
CA ILE N 229 -11.50 14.24 -23.57
C ILE N 229 -10.81 13.10 -22.79
N LEU N 230 -11.55 12.16 -22.19
CA LEU N 230 -10.92 10.98 -21.56
C LEU N 230 -10.02 10.23 -22.57
N TYR N 231 -10.51 10.04 -23.81
CA TYR N 231 -9.71 9.34 -24.83
C TYR N 231 -8.36 10.08 -25.01
N GLN N 232 -8.45 11.40 -25.11
CA GLN N 232 -7.26 12.25 -25.33
C GLN N 232 -6.22 12.05 -24.22
N HIS N 233 -6.65 12.04 -22.96
CA HIS N 233 -5.74 11.81 -21.83
C HIS N 233 -5.07 10.44 -21.98
N LEU N 234 -5.85 9.39 -22.27
CA LEU N 234 -5.28 8.03 -22.34
C LEU N 234 -4.32 7.99 -23.51
N PHE N 235 -4.72 8.60 -24.65
CA PHE N 235 -3.90 8.57 -25.88
C PHE N 235 -2.57 9.27 -25.57
N TRP N 236 -2.62 10.49 -25.03
CA TRP N 236 -1.38 11.29 -24.85
C TRP N 236 -0.55 10.82 -23.66
N PHE N 237 -1.16 10.14 -22.71
CA PHE N 237 -0.39 9.53 -21.59
C PHE N 237 0.61 8.53 -22.20
N PHE N 238 0.22 7.84 -23.29
CA PHE N 238 1.12 7.02 -24.13
C PHE N 238 1.93 7.91 -25.09
N GLY N 239 1.26 8.85 -25.75
CA GLY N 239 1.78 9.59 -26.90
C GLY N 239 2.99 10.44 -26.56
N HIS N 240 3.04 11.07 -25.40
CA HIS N 240 4.29 11.85 -25.06
C HIS N 240 5.47 10.88 -24.78
N PRO N 241 5.35 9.85 -23.89
CA PRO N 241 6.40 8.85 -23.82
C PRO N 241 6.78 8.34 -25.21
N GLU N 242 5.81 8.11 -26.11
CA GLU N 242 6.14 7.60 -27.46
C GLU N 242 7.14 8.53 -28.18
N VAL N 243 6.98 9.84 -28.06
CA VAL N 243 7.91 10.68 -28.85
C VAL N 243 9.33 10.52 -28.28
N TYR N 244 9.49 10.29 -26.97
CA TYR N 244 10.83 10.06 -26.36
C TYR N 244 11.33 8.65 -26.74
N ILE N 245 10.42 7.66 -26.84
CA ILE N 245 10.75 6.32 -27.38
C ILE N 245 11.38 6.43 -28.78
N LEU N 246 10.86 7.34 -29.61
CA LEU N 246 11.27 7.49 -31.02
C LEU N 246 12.67 8.11 -31.07
N ILE N 247 13.05 8.93 -30.09
CA ILE N 247 14.37 9.62 -30.16
C ILE N 247 15.46 8.96 -29.30
N LEU N 248 15.12 8.30 -28.20
CA LEU N 248 16.14 7.84 -27.23
C LEU N 248 17.18 6.90 -27.85
N PRO N 249 16.81 5.86 -28.64
CA PRO N 249 17.81 5.02 -29.26
C PRO N 249 18.68 5.85 -30.23
N GLY N 250 18.09 6.91 -30.83
CA GLY N 250 18.82 7.83 -31.72
C GLY N 250 19.86 8.57 -30.89
N PHE N 251 19.50 9.06 -29.71
CA PHE N 251 20.49 9.65 -28.77
C PHE N 251 21.61 8.66 -28.48
N GLY N 252 21.30 7.39 -28.21
CA GLY N 252 22.38 6.42 -28.00
C GLY N 252 23.29 6.26 -29.21
N MET N 253 22.72 6.11 -30.43
CA MET N 253 23.54 5.93 -31.65
C MET N 253 24.42 7.18 -31.86
N ILE N 254 23.85 8.36 -31.66
CA ILE N 254 24.60 9.66 -31.83
C ILE N 254 25.78 9.68 -30.86
N SER N 255 25.61 9.29 -29.59
CA SER N 255 26.73 9.23 -28.63
C SER N 255 27.84 8.34 -29.20
N HIS N 256 27.53 7.15 -29.74
CA HIS N 256 28.57 6.23 -30.25
C HIS N 256 29.25 6.86 -31.49
N ILE N 257 28.46 7.41 -32.41
CA ILE N 257 28.98 7.96 -33.70
C ILE N 257 29.92 9.17 -33.43
N VAL N 258 29.48 10.09 -32.59
CA VAL N 258 30.28 11.30 -32.24
C VAL N 258 31.55 10.86 -31.55
N THR N 259 31.48 9.90 -30.63
CA THR N 259 32.68 9.42 -29.91
C THR N 259 33.62 8.79 -30.94
N TYR N 260 33.11 7.92 -31.81
CA TYR N 260 33.92 7.15 -32.77
C TYR N 260 34.68 8.09 -33.73
N TYR N 261 33.98 9.03 -34.37
CA TYR N 261 34.54 9.86 -35.46
C TYR N 261 35.25 11.08 -34.86
N SER N 262 35.18 11.28 -33.55
CA SER N 262 36.05 12.27 -32.85
C SER N 262 37.38 11.60 -32.46
N GLY N 263 37.53 10.28 -32.71
CA GLY N 263 38.72 9.50 -32.32
C GLY N 263 38.86 9.40 -30.82
N LYS N 264 37.77 9.43 -30.08
CA LYS N 264 37.78 9.32 -28.60
C LYS N 264 37.49 7.87 -28.17
N LYS N 265 37.98 7.51 -27.00
CA LYS N 265 37.74 6.19 -26.38
C LYS N 265 36.37 6.20 -25.68
N GLU N 266 35.78 7.39 -25.48
CA GLU N 266 34.61 7.54 -24.59
C GLU N 266 33.91 8.87 -24.84
N PRO N 267 32.59 8.89 -24.65
CA PRO N 267 31.82 10.12 -24.71
C PRO N 267 32.17 10.97 -23.49
N PHE N 268 32.02 12.28 -23.67
CA PHE N 268 32.17 13.22 -22.54
C PHE N 268 31.05 12.99 -21.51
N GLY N 269 31.39 12.90 -20.22
CA GLY N 269 30.43 12.96 -19.10
C GLY N 269 29.46 11.79 -19.17
N TYR N 270 29.98 10.57 -19.24
CA TYR N 270 29.17 9.31 -19.30
C TYR N 270 28.03 9.33 -18.27
N MET N 271 28.30 9.61 -16.98
CA MET N 271 27.24 9.48 -15.97
C MET N 271 26.20 10.61 -16.16
N GLY N 272 26.64 11.79 -16.64
CA GLY N 272 25.67 12.84 -17.04
C GLY N 272 24.75 12.40 -18.18
N MET N 273 25.27 11.65 -19.16
CA MET N 273 24.46 11.14 -20.30
C MET N 273 23.43 10.13 -19.79
N VAL N 274 23.82 9.25 -18.88
CA VAL N 274 22.87 8.30 -18.24
C VAL N 274 21.81 9.06 -17.46
N TRP N 275 22.25 10.01 -16.62
CA TRP N 275 21.32 10.84 -15.83
C TRP N 275 20.31 11.50 -16.79
N ALA N 276 20.81 12.11 -17.88
CA ALA N 276 19.97 12.91 -18.79
C ALA N 276 18.90 11.99 -19.42
N MET N 277 19.28 10.80 -19.88
CA MET N 277 18.30 9.89 -20.52
C MET N 277 17.29 9.44 -19.47
N MET N 278 17.71 9.14 -18.25
N MET N 278 17.74 9.14 -18.25
CA MET N 278 16.78 8.66 -17.21
CA MET N 278 16.83 8.69 -17.18
C MET N 278 15.84 9.82 -16.85
C MET N 278 15.86 9.83 -16.85
N SER N 279 16.38 11.04 -16.79
CA SER N 279 15.57 12.24 -16.46
C SER N 279 14.51 12.48 -17.53
N ILE N 280 14.93 12.40 -18.80
CA ILE N 280 14.02 12.63 -19.94
C ILE N 280 12.93 11.55 -19.87
N GLY N 281 13.32 10.30 -19.57
CA GLY N 281 12.33 9.19 -19.49
C GLY N 281 11.30 9.44 -18.40
N PHE N 282 11.74 9.90 -17.24
CA PHE N 282 10.84 10.15 -16.08
C PHE N 282 9.93 11.35 -16.39
N LEU N 283 10.53 12.49 -16.77
CA LEU N 283 9.72 13.70 -17.07
C LEU N 283 8.74 13.40 -18.20
N GLY N 284 9.11 12.53 -19.13
CA GLY N 284 8.26 12.20 -20.29
C GLY N 284 6.91 11.65 -19.90
N PHE N 285 6.72 11.23 -18.63
CA PHE N 285 5.43 10.68 -18.13
C PHE N 285 4.57 11.77 -17.49
N ILE N 286 5.08 13.00 -17.27
CA ILE N 286 4.29 13.94 -16.45
C ILE N 286 3.95 15.25 -17.21
N VAL N 287 3.94 15.19 -18.54
CA VAL N 287 3.81 16.38 -19.41
C VAL N 287 2.73 16.24 -20.48
N TRP N 288 2.01 15.09 -20.57
CA TRP N 288 1.21 14.71 -21.75
C TRP N 288 0.18 15.81 -22.08
N ALA N 289 -0.39 16.53 -21.10
CA ALA N 289 -1.52 17.43 -21.35
C ALA N 289 -1.08 18.70 -22.12
N HIS N 290 0.20 18.86 -22.47
CA HIS N 290 0.60 19.95 -23.40
C HIS N 290 0.07 19.65 -24.83
N HIS N 291 -0.45 18.45 -25.08
CA HIS N 291 -1.19 18.12 -26.34
C HIS N 291 -2.66 18.53 -26.25
N MET N 292 -3.09 19.18 -25.17
CA MET N 292 -4.52 19.42 -24.83
C MET N 292 -4.72 20.86 -24.30
N PHE N 293 -3.84 21.80 -24.62
CA PHE N 293 -3.98 23.17 -24.08
C PHE N 293 -5.22 23.91 -24.61
N THR N 294 -5.85 23.46 -25.68
CA THR N 294 -7.07 24.14 -26.21
C THR N 294 -8.36 23.35 -25.89
N VAL N 295 -8.35 22.32 -25.05
CA VAL N 295 -9.60 21.51 -24.86
C VAL N 295 -10.50 22.11 -23.73
N GLY N 296 -10.02 23.14 -23.02
CA GLY N 296 -10.77 23.74 -21.90
C GLY N 296 -10.33 23.26 -20.53
N MET N 297 -9.07 22.86 -20.27
N MET N 297 -9.02 23.45 -20.39
CA MET N 297 -8.67 22.42 -18.88
CA MET N 297 -8.14 23.09 -19.27
C MET N 297 -8.51 23.69 -18.00
C MET N 297 -8.19 24.22 -18.24
N ASP N 298 -8.37 23.53 -16.68
N ASP N 298 -8.52 23.89 -17.00
CA ASP N 298 -8.24 24.61 -15.67
CA ASP N 298 -8.36 24.86 -15.89
C ASP N 298 -6.92 25.40 -15.89
C ASP N 298 -6.96 25.46 -15.99
N VAL N 299 -6.88 26.73 -15.63
CA VAL N 299 -5.65 27.56 -15.74
C VAL N 299 -4.50 26.96 -14.90
N ASP N 300 -4.72 26.49 -13.66
CA ASP N 300 -3.60 25.98 -12.82
C ASP N 300 -2.98 24.73 -13.47
N THR N 301 -3.81 23.87 -14.06
CA THR N 301 -3.38 22.67 -14.80
C THR N 301 -2.51 23.12 -16.00
N ARG N 302 -2.93 24.14 -16.73
CA ARG N 302 -2.14 24.66 -17.86
C ARG N 302 -0.80 25.15 -17.33
N ALA N 303 -0.80 25.84 -16.18
CA ALA N 303 0.44 26.40 -15.60
C ALA N 303 1.40 25.25 -15.27
N TYR N 304 0.89 24.19 -14.65
CA TYR N 304 1.69 23.01 -14.25
C TYR N 304 2.27 22.39 -15.52
N PHE N 305 1.45 22.12 -16.52
CA PHE N 305 1.96 21.40 -17.72
C PHE N 305 2.96 22.28 -18.48
N THR N 306 2.77 23.59 -18.51
CA THR N 306 3.78 24.50 -19.12
C THR N 306 5.13 24.28 -18.42
N SER N 307 5.13 24.37 -17.10
CA SER N 307 6.34 24.37 -16.24
C SER N 307 7.07 23.01 -16.34
N ALA N 308 6.33 21.90 -16.19
CA ALA N 308 6.90 20.55 -16.21
C ALA N 308 7.53 20.31 -17.59
N THR N 309 6.88 20.79 -18.63
CA THR N 309 7.34 20.53 -20.01
C THR N 309 8.68 21.24 -20.21
N MET N 310 8.79 22.47 -19.71
CA MET N 310 10.04 23.23 -19.92
C MET N 310 11.24 22.58 -19.23
N ILE N 311 11.03 21.87 -18.10
N ILE N 311 11.09 21.93 -18.08
CA ILE N 311 12.11 21.20 -17.31
CA ILE N 311 12.31 21.49 -17.35
C ILE N 311 12.91 20.26 -18.23
C ILE N 311 12.99 20.33 -18.09
N ILE N 312 12.26 19.57 -19.16
N ILE N 312 12.34 19.70 -19.06
CA ILE N 312 12.95 18.56 -20.02
CA ILE N 312 13.00 18.61 -19.84
C ILE N 312 14.11 19.20 -20.79
C ILE N 312 14.11 19.20 -20.72
N ALA N 313 14.10 20.50 -21.05
CA ALA N 313 15.22 21.20 -21.74
C ALA N 313 16.53 21.01 -20.95
N ILE N 314 16.46 20.90 -19.61
CA ILE N 314 17.71 20.87 -18.82
C ILE N 314 18.51 19.61 -19.11
N PRO N 315 17.99 18.38 -18.87
CA PRO N 315 18.77 17.18 -19.17
C PRO N 315 19.07 17.11 -20.67
N THR N 316 18.15 17.58 -21.50
CA THR N 316 18.37 17.52 -22.97
C THR N 316 19.61 18.36 -23.33
N GLY N 317 19.70 19.57 -22.78
CA GLY N 317 20.86 20.44 -22.99
C GLY N 317 22.15 19.78 -22.53
N VAL N 318 22.12 19.05 -21.40
CA VAL N 318 23.34 18.33 -20.95
C VAL N 318 23.79 17.38 -22.06
N LYS N 319 22.86 16.66 -22.73
CA LYS N 319 23.29 15.75 -23.79
C LYS N 319 23.89 16.56 -24.95
N VAL N 320 23.22 17.63 -25.36
CA VAL N 320 23.68 18.39 -26.56
C VAL N 320 25.09 18.92 -26.28
N PHE N 321 25.29 19.50 -25.10
CA PHE N 321 26.58 20.09 -24.73
C PHE N 321 27.62 18.97 -24.56
N SER N 322 27.19 17.79 -24.11
CA SER N 322 28.11 16.63 -23.95
C SER N 322 28.59 16.13 -25.32
N TRP N 323 27.71 16.10 -26.33
CA TRP N 323 28.12 15.75 -27.70
C TRP N 323 29.16 16.77 -28.19
N LEU N 324 28.88 18.05 -27.97
CA LEU N 324 29.86 19.06 -28.42
C LEU N 324 31.19 18.86 -27.69
N ALA N 325 31.17 18.54 -26.39
CA ALA N 325 32.40 18.36 -25.60
C ALA N 325 33.07 17.03 -25.98
N THR N 326 32.36 16.08 -26.61
CA THR N 326 33.02 14.87 -27.15
C THR N 326 33.83 15.26 -28.42
N LEU N 327 33.28 16.11 -29.29
CA LEU N 327 33.97 16.61 -30.52
C LEU N 327 35.22 17.38 -30.07
N HIS N 328 35.11 18.13 -29.00
CA HIS N 328 36.20 19.02 -28.48
C HIS N 328 37.51 18.26 -28.33
N GLY N 329 38.53 18.66 -29.08
CA GLY N 329 39.87 18.06 -29.01
C GLY N 329 39.97 16.77 -29.80
N GLY N 330 38.94 16.45 -30.58
CA GLY N 330 38.97 15.21 -31.38
C GLY N 330 39.92 15.33 -32.56
N ASN N 331 40.46 14.20 -32.99
CA ASN N 331 41.02 14.00 -34.34
C ASN N 331 39.81 13.67 -35.22
N ILE N 332 39.14 14.67 -35.81
CA ILE N 332 37.80 14.48 -36.42
C ILE N 332 37.95 13.74 -37.76
N LYS N 333 37.23 12.65 -37.94
CA LYS N 333 37.16 11.95 -39.21
C LYS N 333 35.84 12.36 -39.85
N TRP N 334 35.92 13.01 -41.01
CA TRP N 334 34.72 13.58 -41.70
C TRP N 334 34.04 12.49 -42.54
N SER N 335 33.76 11.38 -41.91
CA SER N 335 32.97 10.26 -42.52
C SER N 335 31.54 10.74 -42.81
N PRO N 336 30.81 10.07 -43.71
CA PRO N 336 29.39 10.36 -43.88
C PRO N 336 28.60 10.18 -42.58
N ALA N 337 28.93 9.19 -41.74
CA ALA N 337 28.17 8.96 -40.48
C ALA N 337 28.34 10.19 -39.58
N MET N 338 29.54 10.75 -39.53
CA MET N 338 29.78 11.96 -38.72
C MET N 338 28.91 13.11 -39.24
N MET N 339 28.79 13.26 -40.55
CA MET N 339 27.94 14.30 -41.17
C MET N 339 26.49 14.12 -40.71
N TRP N 340 25.95 12.91 -40.77
CA TRP N 340 24.59 12.62 -40.29
C TRP N 340 24.49 13.09 -38.81
N ALA N 341 25.49 12.75 -37.99
CA ALA N 341 25.44 12.98 -36.54
C ALA N 341 25.50 14.50 -36.30
N LEU N 342 26.32 15.23 -37.06
CA LEU N 342 26.38 16.70 -36.86
C LEU N 342 25.08 17.36 -37.34
N GLY N 343 24.52 16.87 -38.45
CA GLY N 343 23.20 17.32 -38.90
C GLY N 343 22.17 17.08 -37.80
N PHE N 344 22.17 15.89 -37.22
CA PHE N 344 21.29 15.56 -36.09
C PHE N 344 21.39 16.64 -34.99
N ILE N 345 22.59 16.91 -34.50
CA ILE N 345 22.73 17.78 -33.29
C ILE N 345 22.06 19.11 -33.62
N PHE N 346 22.31 19.66 -34.80
CA PHE N 346 21.79 21.00 -35.16
C PHE N 346 20.26 20.95 -35.33
N LEU N 347 19.77 20.01 -36.16
CA LEU N 347 18.32 19.97 -36.52
C LEU N 347 17.49 19.58 -35.28
N PHE N 348 17.96 18.61 -34.50
CA PHE N 348 17.32 18.24 -33.22
C PHE N 348 17.23 19.48 -32.31
N THR N 349 18.30 20.28 -32.23
CA THR N 349 18.29 21.48 -31.35
C THR N 349 17.20 22.46 -31.82
N VAL N 350 17.11 22.73 -33.14
CA VAL N 350 16.09 23.64 -33.70
C VAL N 350 14.71 23.10 -33.31
N GLY N 351 14.46 21.83 -33.56
CA GLY N 351 13.12 21.31 -33.24
C GLY N 351 12.84 21.32 -31.74
N GLY N 352 13.84 21.01 -30.92
CA GLY N 352 13.67 21.03 -29.46
C GLY N 352 13.29 22.42 -29.00
N LEU N 353 13.91 23.43 -29.61
CA LEU N 353 13.65 24.83 -29.23
C LEU N 353 12.23 25.24 -29.65
N THR N 354 11.72 24.82 -30.80
CA THR N 354 10.30 25.14 -31.13
C THR N 354 9.37 24.36 -30.18
N GLY N 355 9.81 23.22 -29.66
CA GLY N 355 9.05 22.52 -28.58
C GLY N 355 8.88 23.43 -27.36
N ILE N 356 9.96 24.10 -26.96
CA ILE N 356 9.91 24.99 -25.77
C ILE N 356 8.96 26.16 -26.07
N VAL N 357 8.89 26.64 -27.30
CA VAL N 357 7.91 27.69 -27.69
C VAL N 357 6.50 27.17 -27.44
N LEU N 358 6.21 25.98 -27.96
CA LEU N 358 4.86 25.35 -27.85
C LEU N 358 4.51 25.00 -26.39
N ALA N 359 5.50 24.76 -25.52
CA ALA N 359 5.27 24.42 -24.09
C ALA N 359 4.49 25.52 -23.40
N ASN N 360 4.61 26.76 -23.89
CA ASN N 360 3.93 27.89 -23.29
C ASN N 360 2.46 27.87 -23.69
N SER N 361 1.58 27.40 -22.80
N SER N 361 1.60 27.45 -22.75
CA SER N 361 0.12 27.21 -23.09
CA SER N 361 0.13 27.29 -22.90
C SER N 361 -0.43 28.48 -23.78
C SER N 361 -0.52 28.53 -23.51
N SER N 362 -0.16 29.66 -23.24
N SER N 362 0.06 29.71 -23.28
CA SER N 362 -0.65 30.93 -23.82
CA SER N 362 -0.53 31.00 -23.71
C SER N 362 -0.33 30.99 -25.31
C SER N 362 -0.27 31.20 -25.21
N LEU N 363 0.95 30.91 -25.68
CA LEU N 363 1.27 30.95 -27.14
C LEU N 363 0.67 29.73 -27.84
N ASP N 364 0.68 28.58 -27.20
CA ASP N 364 0.12 27.36 -27.81
C ASP N 364 -1.33 27.57 -28.27
N ILE N 365 -2.11 28.46 -27.66
CA ILE N 365 -3.52 28.67 -28.10
C ILE N 365 -3.45 29.01 -29.58
N VAL N 366 -2.50 29.85 -29.99
CA VAL N 366 -2.43 30.37 -31.37
C VAL N 366 -1.66 29.39 -32.26
N LEU N 367 -0.76 28.57 -31.72
CA LEU N 367 0.08 27.67 -32.57
C LEU N 367 -0.53 26.25 -32.67
N HIS N 368 -1.36 25.86 -31.70
CA HIS N 368 -1.97 24.51 -31.67
C HIS N 368 -2.73 24.23 -32.98
N ASP N 369 -2.59 23.03 -33.52
CA ASP N 369 -3.33 22.60 -34.72
C ASP N 369 -2.99 23.55 -35.90
N THR N 370 -1.76 24.06 -35.93
CA THR N 370 -1.21 24.79 -37.08
C THR N 370 0.04 24.07 -37.60
N TYR N 371 0.54 24.53 -38.73
CA TYR N 371 1.81 24.02 -39.32
C TYR N 371 2.98 24.34 -38.41
N TYR N 372 2.87 25.20 -37.39
CA TYR N 372 4.03 25.39 -36.48
C TYR N 372 4.34 24.06 -35.76
N VAL N 373 3.30 23.34 -35.34
CA VAL N 373 3.46 22.02 -34.69
C VAL N 373 4.11 21.06 -35.68
N VAL N 374 3.60 21.05 -36.91
CA VAL N 374 4.13 20.14 -37.97
C VAL N 374 5.63 20.41 -38.19
N ALA N 375 6.02 21.69 -38.21
CA ALA N 375 7.43 22.11 -38.36
C ALA N 375 8.24 21.61 -37.15
N HIS N 376 7.73 21.85 -35.95
CA HIS N 376 8.40 21.39 -34.72
C HIS N 376 8.71 19.89 -34.85
N PHE N 377 7.71 19.03 -35.08
CA PHE N 377 8.02 17.60 -34.97
C PHE N 377 8.75 17.06 -36.20
N HIS N 378 8.65 17.69 -37.38
CA HIS N 378 9.47 17.21 -38.54
C HIS N 378 10.95 17.57 -38.33
N TYR N 379 11.25 18.62 -37.56
CA TYR N 379 12.66 18.86 -37.15
C TYR N 379 13.04 17.80 -36.11
N VAL N 380 12.35 17.75 -34.97
CA VAL N 380 12.89 17.00 -33.81
C VAL N 380 12.68 15.50 -34.03
N LEU N 381 11.54 15.12 -34.56
CA LEU N 381 11.24 13.68 -34.77
C LEU N 381 11.68 13.23 -36.17
N SER N 382 11.16 13.85 -37.20
CA SER N 382 11.38 13.34 -38.58
C SER N 382 12.84 13.40 -38.92
N MET N 383 13.46 14.58 -38.86
CA MET N 383 14.91 14.74 -39.14
C MET N 383 15.72 14.10 -37.99
N GLY N 384 15.40 14.33 -36.72
CA GLY N 384 16.14 13.67 -35.62
C GLY N 384 16.22 12.17 -35.80
N ALA N 385 15.07 11.49 -35.92
CA ALA N 385 15.07 10.02 -36.02
C ALA N 385 15.78 9.64 -37.29
N VAL N 386 15.43 10.28 -38.40
CA VAL N 386 15.95 9.88 -39.74
C VAL N 386 17.47 10.10 -39.79
N PHE N 387 17.96 11.23 -39.29
CA PHE N 387 19.42 11.51 -39.35
C PHE N 387 20.17 10.50 -38.45
N ALA N 388 19.62 10.18 -37.26
CA ALA N 388 20.25 9.19 -36.36
C ALA N 388 20.23 7.82 -37.05
N ILE N 389 19.12 7.46 -37.70
CA ILE N 389 19.05 6.17 -38.42
C ILE N 389 20.09 6.14 -39.55
N MET N 390 20.17 7.19 -40.34
CA MET N 390 21.12 7.19 -41.49
C MET N 390 22.54 7.17 -40.93
N GLY N 391 22.82 7.89 -39.85
CA GLY N 391 24.19 7.84 -39.27
C GLY N 391 24.54 6.44 -38.81
N GLY N 392 23.64 5.81 -38.06
CA GLY N 392 23.80 4.42 -37.60
C GLY N 392 23.92 3.43 -38.77
N PHE N 393 23.10 3.64 -39.79
CA PHE N 393 23.09 2.74 -40.97
C PHE N 393 24.47 2.82 -41.67
N VAL N 394 24.98 4.02 -41.95
N VAL N 394 24.92 4.03 -41.94
CA VAL N 394 26.25 4.10 -42.72
CA VAL N 394 26.22 4.22 -42.65
C VAL N 394 27.42 3.70 -41.80
C VAL N 394 27.33 3.64 -41.78
N HIS N 395 27.36 3.98 -40.49
CA HIS N 395 28.41 3.52 -39.55
C HIS N 395 28.47 1.99 -39.44
N TRP N 396 27.33 1.33 -39.23
CA TRP N 396 27.30 -0.11 -38.90
C TRP N 396 26.99 -0.98 -40.13
N PHE N 397 26.66 -0.43 -41.27
CA PHE N 397 26.45 -1.27 -42.48
C PHE N 397 27.61 -2.24 -42.69
N PRO N 398 28.89 -1.83 -42.62
CA PRO N 398 29.99 -2.77 -42.84
C PRO N 398 30.07 -3.88 -41.79
N LEU N 399 29.65 -3.61 -40.55
CA LEU N 399 29.56 -4.66 -39.50
C LEU N 399 28.49 -5.67 -39.93
N PHE N 400 27.32 -5.19 -40.33
CA PHE N 400 26.16 -6.08 -40.54
C PHE N 400 26.39 -6.91 -41.82
N SER N 401 26.96 -6.28 -42.86
CA SER N 401 27.05 -6.85 -44.23
C SER N 401 28.41 -7.51 -44.50
N GLY N 402 29.50 -7.01 -43.89
CA GLY N 402 30.89 -7.33 -44.27
C GLY N 402 31.41 -6.50 -45.43
N TYR N 403 30.64 -5.54 -45.97
CA TYR N 403 31.00 -4.77 -47.18
C TYR N 403 31.05 -3.26 -46.87
N THR N 404 31.95 -2.53 -47.52
CA THR N 404 32.01 -1.05 -47.37
C THR N 404 31.06 -0.34 -48.36
N LEU N 405 30.52 0.80 -47.94
CA LEU N 405 29.86 1.78 -48.82
C LEU N 405 30.89 2.62 -49.55
N ASN N 406 30.48 3.27 -50.63
CA ASN N 406 31.28 4.31 -51.30
C ASN N 406 31.08 5.60 -50.49
N ASP N 407 32.12 6.06 -49.79
CA ASP N 407 31.94 7.24 -48.88
C ASP N 407 31.56 8.49 -49.68
N THR N 408 32.08 8.65 -50.89
CA THR N 408 31.73 9.85 -51.70
C THR N 408 30.24 9.85 -52.01
N TRP N 409 29.70 8.73 -52.47
CA TRP N 409 28.24 8.64 -52.72
C TRP N 409 27.45 8.97 -51.45
N ALA N 410 27.89 8.43 -50.30
CA ALA N 410 27.17 8.59 -49.03
C ALA N 410 27.20 10.07 -48.64
N LYS N 411 28.30 10.78 -48.93
CA LYS N 411 28.35 12.24 -48.65
C LYS N 411 27.39 13.02 -49.56
N ILE N 412 27.31 12.64 -50.85
CA ILE N 412 26.35 13.22 -51.82
C ILE N 412 24.93 13.04 -51.28
N HIS N 413 24.61 11.84 -50.82
CA HIS N 413 23.28 11.50 -50.28
C HIS N 413 22.94 12.42 -49.10
N PHE N 414 23.85 12.52 -48.14
CA PHE N 414 23.70 13.45 -47.00
C PHE N 414 23.38 14.88 -47.47
N ALA N 415 24.17 15.41 -48.41
CA ALA N 415 24.05 16.81 -48.90
C ALA N 415 22.64 17.02 -49.49
N ILE N 416 22.20 16.09 -50.34
CA ILE N 416 20.86 16.20 -50.96
C ILE N 416 19.78 16.22 -49.88
N MET N 417 19.87 15.31 -48.93
N MET N 417 19.83 15.29 -48.93
CA MET N 417 18.85 15.12 -47.88
CA MET N 417 18.79 15.17 -47.88
C MET N 417 18.79 16.37 -46.97
C MET N 417 18.77 16.46 -47.04
N PHE N 418 19.94 16.96 -46.64
CA PHE N 418 20.02 18.14 -45.76
C PHE N 418 19.29 19.31 -46.45
N VAL N 419 19.50 19.49 -47.76
CA VAL N 419 18.84 20.55 -48.54
C VAL N 419 17.33 20.27 -48.56
N GLY N 420 16.95 19.04 -48.91
CA GLY N 420 15.53 18.69 -49.09
C GLY N 420 14.72 18.93 -47.81
N VAL N 421 15.16 18.40 -46.68
CA VAL N 421 14.31 18.44 -45.46
C VAL N 421 14.19 19.88 -45.02
N ASN N 422 15.26 20.68 -45.16
CA ASN N 422 15.19 22.09 -44.70
C ASN N 422 14.24 22.86 -45.65
N MET N 423 14.33 22.63 -46.96
N MET N 423 14.33 22.63 -46.96
CA MET N 423 13.45 23.32 -47.93
CA MET N 423 13.43 23.34 -47.89
C MET N 423 12.00 22.91 -47.68
C MET N 423 11.97 22.93 -47.61
N THR N 424 11.76 21.66 -47.28
CA THR N 424 10.40 21.15 -47.01
C THR N 424 9.84 21.79 -45.74
N PHE N 425 10.58 21.75 -44.64
CA PHE N 425 9.98 22.03 -43.30
C PHE N 425 10.23 23.45 -42.81
N PHE N 426 11.35 24.07 -43.15
CA PHE N 426 11.61 25.42 -42.56
C PHE N 426 10.43 26.36 -42.83
N PRO N 427 9.90 26.47 -44.08
CA PRO N 427 8.82 27.41 -44.37
C PRO N 427 7.53 27.04 -43.62
N GLN N 428 7.41 25.82 -43.06
CA GLN N 428 6.17 25.48 -42.34
C GLN N 428 6.08 26.31 -41.06
N HIS N 429 7.21 26.82 -40.55
CA HIS N 429 7.14 27.73 -39.37
C HIS N 429 6.30 28.98 -39.73
N PHE N 430 6.50 29.54 -40.92
CA PHE N 430 5.86 30.79 -41.35
C PHE N 430 4.35 30.51 -41.50
N LEU N 431 4.06 29.40 -42.16
CA LEU N 431 2.65 28.95 -42.38
C LEU N 431 1.94 28.85 -41.01
N GLY N 432 2.60 28.28 -40.00
CA GLY N 432 2.02 28.13 -38.66
C GLY N 432 1.82 29.47 -37.97
N LEU N 433 2.85 30.31 -37.93
CA LEU N 433 2.76 31.63 -37.26
C LEU N 433 1.63 32.45 -37.92
N SER N 434 1.52 32.39 -39.26
CA SER N 434 0.51 33.15 -40.02
C SER N 434 -0.89 32.47 -39.97
N GLY N 435 -1.03 31.32 -39.31
CA GLY N 435 -2.36 30.75 -38.95
C GLY N 435 -2.86 29.63 -39.87
N MET N 436 -2.01 29.04 -40.73
CA MET N 436 -2.45 27.88 -41.55
C MET N 436 -2.69 26.64 -40.67
N PRO N 437 -3.94 26.11 -40.60
CA PRO N 437 -4.20 24.88 -39.86
C PRO N 437 -3.49 23.66 -40.46
N ARG N 438 -3.12 22.71 -39.59
CA ARG N 438 -2.68 21.38 -40.04
C ARG N 438 -3.93 20.57 -40.43
N ARG N 439 -3.69 19.43 -41.05
CA ARG N 439 -4.75 18.47 -41.44
C ARG N 439 -5.69 19.09 -42.47
N TYR N 440 -5.20 20.04 -43.28
CA TYR N 440 -5.95 20.72 -44.37
C TYR N 440 -5.53 20.19 -45.76
N SER N 441 -6.53 19.97 -46.64
CA SER N 441 -6.32 19.52 -48.05
C SER N 441 -6.06 20.72 -48.98
N ASP N 442 -6.41 21.91 -48.51
CA ASP N 442 -6.32 23.17 -49.27
C ASP N 442 -6.26 24.34 -48.29
N TYR N 443 -5.83 25.48 -48.80
CA TYR N 443 -5.50 26.64 -47.96
C TYR N 443 -5.93 27.93 -48.64
N PRO N 444 -6.29 28.95 -47.83
CA PRO N 444 -6.50 30.29 -48.36
C PRO N 444 -5.28 30.71 -49.20
N ASP N 445 -5.54 31.57 -50.18
CA ASP N 445 -4.58 31.90 -51.27
C ASP N 445 -3.30 32.50 -50.68
N ALA N 446 -3.40 33.26 -49.59
CA ALA N 446 -2.20 33.89 -48.97
C ALA N 446 -1.09 32.85 -48.68
N TYR N 447 -1.42 31.61 -48.36
CA TYR N 447 -0.44 30.59 -47.91
C TYR N 447 0.25 29.89 -49.10
N THR N 448 -0.01 30.28 -50.36
CA THR N 448 0.47 29.58 -51.57
C THR N 448 2.00 29.52 -51.64
N MET N 449 2.71 30.64 -51.48
CA MET N 449 4.16 30.65 -51.73
C MET N 449 4.89 29.62 -50.84
N TRP N 450 4.62 29.59 -49.53
CA TRP N 450 5.39 28.66 -48.66
C TRP N 450 4.94 27.22 -48.91
N ASN N 451 3.66 26.98 -49.22
CA ASN N 451 3.25 25.59 -49.55
C ASN N 451 3.98 25.13 -50.82
N THR N 452 4.14 26.00 -51.80
CA THR N 452 4.78 25.66 -53.09
C THR N 452 6.22 25.23 -52.81
N ILE N 453 6.94 26.02 -52.01
CA ILE N 453 8.36 25.76 -51.71
C ILE N 453 8.46 24.46 -50.93
N SER N 454 7.59 24.24 -49.95
CA SER N 454 7.62 23.03 -49.08
C SER N 454 7.49 21.79 -49.99
N SER N 455 6.52 21.82 -50.92
CA SER N 455 6.27 20.71 -51.85
C SER N 455 7.47 20.48 -52.80
N MET N 456 8.13 21.53 -53.26
CA MET N 456 9.37 21.38 -54.07
C MET N 456 10.49 20.71 -53.24
N GLY N 457 10.65 21.11 -51.97
CA GLY N 457 11.55 20.44 -51.01
C GLY N 457 11.28 18.93 -50.92
N SER N 458 10.02 18.51 -50.90
CA SER N 458 9.70 17.08 -50.67
C SER N 458 10.28 16.26 -51.82
N PHE N 459 10.33 16.81 -53.05
CA PHE N 459 10.89 16.09 -54.23
C PHE N 459 12.41 15.93 -54.10
N ILE N 460 13.09 16.87 -53.44
CA ILE N 460 14.57 16.78 -53.30
C ILE N 460 14.88 15.58 -52.39
N SER N 461 14.11 15.45 -51.32
CA SER N 461 14.27 14.32 -50.36
C SER N 461 13.95 13.00 -51.07
N LEU N 462 12.97 13.00 -51.97
CA LEU N 462 12.70 11.78 -52.79
C LEU N 462 13.95 11.40 -53.58
N THR N 463 14.59 12.35 -54.23
CA THR N 463 15.83 12.09 -55.01
C THR N 463 16.87 11.44 -54.08
N ALA N 464 17.03 11.95 -52.84
CA ALA N 464 17.97 11.36 -51.85
C ALA N 464 17.57 9.90 -51.51
N VAL N 465 16.30 9.61 -51.29
CA VAL N 465 15.84 8.22 -50.99
C VAL N 465 16.21 7.30 -52.18
N MET N 466 15.97 7.74 -53.40
CA MET N 466 16.27 6.89 -54.58
C MET N 466 17.78 6.66 -54.64
N LEU N 467 18.56 7.71 -54.37
CA LEU N 467 20.03 7.58 -54.41
C LEU N 467 20.46 6.57 -53.34
N MET N 468 19.86 6.64 -52.15
CA MET N 468 20.22 5.75 -51.03
C MET N 468 20.11 4.30 -51.50
N VAL N 469 19.02 3.93 -52.18
CA VAL N 469 18.84 2.53 -52.65
C VAL N 469 19.99 2.15 -53.59
N PHE N 470 20.33 3.04 -54.52
CA PHE N 470 21.45 2.85 -55.47
C PHE N 470 22.76 2.60 -54.70
N ILE N 471 23.00 3.38 -53.65
CA ILE N 471 24.27 3.32 -52.87
C ILE N 471 24.36 1.97 -52.19
N ILE N 472 23.23 1.47 -51.67
CA ILE N 472 23.21 0.15 -50.99
C ILE N 472 23.46 -0.93 -52.06
N TRP N 473 22.80 -0.81 -53.20
CA TRP N 473 23.05 -1.74 -54.33
C TRP N 473 24.55 -1.74 -54.70
N GLU N 474 25.15 -0.56 -54.88
CA GLU N 474 26.57 -0.49 -55.31
C GLU N 474 27.48 -1.22 -54.32
N ALA N 475 27.21 -1.13 -53.01
CA ALA N 475 28.05 -1.79 -51.98
C ALA N 475 27.92 -3.32 -52.12
N PHE N 476 26.71 -3.85 -52.29
CA PHE N 476 26.52 -5.32 -52.45
C PHE N 476 27.03 -5.79 -53.83
N ALA N 477 26.97 -4.91 -54.82
CA ALA N 477 27.40 -5.20 -56.21
C ALA N 477 28.91 -5.30 -56.31
N SER N 478 29.66 -4.45 -55.61
CA SER N 478 31.12 -4.33 -55.71
C SER N 478 31.83 -5.33 -54.78
N LYS N 479 31.30 -5.60 -53.59
CA LYS N 479 31.85 -6.61 -52.64
C LYS N 479 33.28 -6.24 -52.25
N ARG N 480 33.44 -5.05 -51.66
CA ARG N 480 34.65 -4.65 -50.92
C ARG N 480 34.53 -5.20 -49.49
N GLU N 481 35.21 -6.31 -49.18
CA GLU N 481 35.14 -6.99 -47.86
C GLU N 481 36.00 -6.23 -46.86
N VAL N 482 35.44 -5.99 -45.68
CA VAL N 482 36.13 -5.26 -44.58
C VAL N 482 37.30 -6.10 -44.13
N LEU N 483 38.44 -5.49 -43.85
CA LEU N 483 39.51 -6.15 -43.08
C LEU N 483 39.51 -5.69 -41.61
N THR N 484 39.87 -4.43 -41.38
CA THR N 484 40.00 -3.84 -40.03
C THR N 484 39.21 -2.54 -39.88
N VAL N 485 38.82 -2.26 -38.64
CA VAL N 485 38.35 -0.92 -38.24
C VAL N 485 39.18 -0.49 -37.04
N ASP N 486 39.31 0.80 -36.88
CA ASP N 486 40.00 1.40 -35.72
C ASP N 486 39.06 1.43 -34.50
N LEU N 487 39.68 1.65 -33.36
CA LEU N 487 39.00 1.86 -32.03
C LEU N 487 38.21 0.61 -31.59
N THR N 488 38.64 -0.60 -31.98
CA THR N 488 37.93 -1.81 -31.46
C THR N 488 38.06 -1.89 -29.93
N THR N 489 39.09 -1.30 -29.30
CA THR N 489 39.24 -1.39 -27.83
C THR N 489 38.03 -0.76 -27.12
N THR N 490 37.29 0.15 -27.75
CA THR N 490 36.13 0.81 -27.11
C THR N 490 34.87 0.62 -27.96
N ASN N 491 34.81 -0.42 -28.79
CA ASN N 491 33.63 -0.65 -29.69
C ASN N 491 33.55 -2.18 -29.90
N LEU N 492 33.21 -2.88 -28.83
CA LEU N 492 33.21 -4.36 -28.74
C LEU N 492 32.41 -5.00 -29.89
N GLU N 493 31.38 -4.34 -30.42
CA GLU N 493 30.50 -4.95 -31.44
C GLU N 493 31.33 -5.29 -32.71
N TRP N 494 32.49 -4.66 -32.93
CA TRP N 494 33.32 -4.89 -34.14
C TRP N 494 34.29 -6.07 -33.94
N LEU N 495 34.52 -6.49 -32.68
CA LEU N 495 35.72 -7.34 -32.37
C LEU N 495 35.53 -8.78 -32.87
N ASN N 496 34.36 -9.19 -33.36
CA ASN N 496 34.19 -10.56 -33.94
C ASN N 496 34.23 -10.52 -35.49
N GLY N 497 34.65 -9.41 -36.08
CA GLY N 497 34.73 -9.30 -37.54
C GLY N 497 33.43 -8.88 -38.20
N CYS N 498 33.45 -8.85 -39.53
CA CYS N 498 32.39 -8.25 -40.35
C CYS N 498 32.04 -9.21 -41.49
N PRO N 499 30.84 -9.81 -41.51
CA PRO N 499 29.91 -9.78 -40.39
C PRO N 499 30.37 -10.76 -39.32
N PRO N 500 29.91 -10.62 -38.06
CA PRO N 500 30.33 -11.54 -37.01
C PRO N 500 29.70 -12.90 -37.32
N PRO N 501 30.29 -14.01 -36.83
CA PRO N 501 29.72 -15.36 -37.02
C PRO N 501 28.29 -15.44 -36.46
N TYR N 502 27.48 -16.34 -37.02
CA TYR N 502 26.08 -16.58 -36.58
C TYR N 502 26.03 -16.62 -35.04
N HIS N 503 26.89 -17.44 -34.43
CA HIS N 503 27.01 -17.51 -32.96
C HIS N 503 28.24 -16.72 -32.53
N THR N 504 28.08 -15.70 -31.70
CA THR N 504 29.22 -14.97 -31.08
C THR N 504 29.17 -15.13 -29.55
N PHE N 505 30.33 -14.98 -28.90
CA PHE N 505 30.47 -15.07 -27.42
C PHE N 505 29.96 -16.46 -26.91
N GLU N 506 30.18 -17.52 -27.69
CA GLU N 506 30.00 -18.90 -27.16
C GLU N 506 30.89 -19.09 -25.93
N GLU N 507 32.12 -18.65 -26.06
CA GLU N 507 33.02 -18.43 -24.92
C GLU N 507 32.84 -16.95 -24.57
N PRO N 508 32.33 -16.64 -23.38
CA PRO N 508 32.11 -15.26 -23.01
C PRO N 508 33.44 -14.50 -22.83
N THR N 509 33.34 -13.17 -22.82
CA THR N 509 34.50 -12.30 -22.49
C THR N 509 34.98 -12.60 -21.05
N TYR N 510 36.25 -12.34 -20.84
CA TYR N 510 36.90 -12.37 -19.51
C TYR N 510 36.99 -10.92 -19.02
N VAL N 511 36.34 -10.64 -17.90
CA VAL N 511 36.40 -9.31 -17.25
C VAL N 511 36.61 -9.54 -15.77
N ASN N 512 37.71 -9.05 -15.21
CA ASN N 512 37.94 -9.32 -13.77
C ASN N 512 37.50 -8.10 -12.95
N LEU N 513 37.37 -8.30 -11.65
CA LEU N 513 37.20 -7.19 -10.66
C LEU N 513 38.55 -6.83 -10.02
N ALA O 2 -4.28 36.30 -42.94
CA ALA O 2 -2.92 36.26 -43.44
C ALA O 2 -2.86 36.93 -44.83
N TYR O 3 -1.66 37.39 -45.19
CA TYR O 3 -1.35 38.01 -46.50
C TYR O 3 -0.19 37.23 -47.11
N PRO O 4 0.01 37.36 -48.44
CA PRO O 4 1.05 36.62 -49.15
C PRO O 4 2.44 36.92 -48.60
N MET O 5 3.23 35.84 -48.48
CA MET O 5 4.66 35.84 -48.07
C MET O 5 4.80 36.21 -46.59
N GLN O 6 3.76 36.07 -45.81
CA GLN O 6 3.83 36.44 -44.38
C GLN O 6 4.79 35.48 -43.63
N LEU O 7 5.60 36.03 -42.72
CA LEU O 7 6.59 35.24 -41.96
C LEU O 7 6.09 34.98 -40.53
N GLY O 8 5.41 35.96 -39.94
CA GLY O 8 5.04 35.93 -38.51
C GLY O 8 3.55 35.93 -38.28
N PHE O 9 3.15 36.38 -37.10
CA PHE O 9 1.74 36.40 -36.66
C PHE O 9 0.98 37.48 -37.41
N GLN O 10 -0.31 37.22 -37.62
CA GLN O 10 -1.28 38.26 -38.04
C GLN O 10 -1.20 39.42 -37.03
N ASP O 11 -1.37 40.63 -37.54
CA ASP O 11 -1.40 41.82 -36.69
C ASP O 11 -2.40 41.59 -35.53
N ALA O 12 -2.03 41.95 -34.31
CA ALA O 12 -2.88 41.79 -33.12
C ALA O 12 -4.11 42.69 -33.21
N THR O 13 -5.27 42.09 -32.97
CA THR O 13 -6.56 42.79 -32.94
C THR O 13 -7.04 42.96 -31.48
N SER O 14 -6.52 42.19 -30.54
CA SER O 14 -6.95 42.20 -29.11
C SER O 14 -5.74 42.50 -28.25
N PRO O 15 -5.92 43.09 -27.04
CA PRO O 15 -4.80 43.26 -26.10
C PRO O 15 -4.06 41.94 -25.81
N ILE O 16 -4.74 40.79 -25.66
N ILE O 16 -4.81 40.82 -25.64
CA ILE O 16 -4.02 39.53 -25.32
CA ILE O 16 -4.24 39.46 -25.40
C ILE O 16 -3.17 39.09 -26.54
C ILE O 16 -3.21 39.19 -26.51
N MET O 17 -3.61 39.34 -27.78
CA MET O 17 -2.77 38.96 -28.94
C MET O 17 -1.54 39.87 -28.96
N GLU O 18 -1.70 41.14 -28.61
N GLU O 18 -1.65 41.15 -28.57
CA GLU O 18 -0.55 42.09 -28.49
CA GLU O 18 -0.46 42.04 -28.56
C GLU O 18 0.46 41.50 -27.51
C GLU O 18 0.52 41.56 -27.47
N GLU O 19 0.01 41.11 -26.31
CA GLU O 19 0.90 40.49 -25.28
C GLU O 19 1.60 39.25 -25.84
N LEU O 20 0.88 38.40 -26.58
CA LEU O 20 1.48 37.19 -27.16
C LEU O 20 2.55 37.60 -28.19
N LEU O 21 2.33 38.64 -29.00
CA LEU O 21 3.35 39.08 -29.99
C LEU O 21 4.65 39.45 -29.26
N HIS O 22 4.55 40.26 -28.21
N HIS O 22 4.57 40.26 -28.20
CA HIS O 22 5.74 40.74 -27.44
CA HIS O 22 5.78 40.72 -27.45
C HIS O 22 6.42 39.53 -26.79
C HIS O 22 6.45 39.49 -26.78
N PHE O 23 5.65 38.58 -26.22
CA PHE O 23 6.17 37.34 -25.60
C PHE O 23 6.84 36.48 -26.67
N HIS O 24 6.23 36.31 -27.85
CA HIS O 24 6.92 35.56 -28.96
C HIS O 24 8.23 36.27 -29.36
N ASP O 25 8.25 37.57 -29.55
CA ASP O 25 9.52 38.28 -29.86
C ASP O 25 10.62 37.92 -28.83
N HIS O 26 10.33 38.00 -27.52
CA HIS O 26 11.26 37.64 -26.41
C HIS O 26 11.74 36.18 -26.60
N THR O 27 10.80 35.26 -26.84
CA THR O 27 11.13 33.83 -26.87
C THR O 27 11.92 33.53 -28.15
N LEU O 28 11.57 34.16 -29.26
CA LEU O 28 12.23 33.89 -30.55
C LEU O 28 13.67 34.35 -30.44
N MET O 29 13.92 35.44 -29.72
CA MET O 29 15.32 35.90 -29.59
C MET O 29 16.14 34.79 -28.94
N ILE O 30 15.61 34.18 -27.89
CA ILE O 30 16.31 33.05 -27.21
C ILE O 30 16.49 31.87 -28.18
N VAL O 31 15.45 31.48 -28.90
CA VAL O 31 15.55 30.37 -29.89
C VAL O 31 16.71 30.64 -30.86
N PHE O 32 16.73 31.82 -31.44
N PHE O 32 16.79 31.83 -31.45
CA PHE O 32 17.78 32.25 -32.41
CA PHE O 32 17.83 32.14 -32.46
C PHE O 32 19.16 32.07 -31.76
C PHE O 32 19.22 32.13 -31.81
N LEU O 33 19.35 32.69 -30.59
CA LEU O 33 20.64 32.76 -29.87
C LEU O 33 21.13 31.33 -29.57
N ILE O 34 20.25 30.46 -29.04
CA ILE O 34 20.67 29.08 -28.66
C ILE O 34 21.01 28.27 -29.92
N SER O 35 20.15 28.33 -30.94
CA SER O 35 20.35 27.70 -32.27
C SER O 35 21.72 28.11 -32.83
N SER O 36 22.00 29.39 -32.76
CA SER O 36 23.22 30.00 -33.36
C SER O 36 24.44 29.55 -32.56
N LEU O 37 24.30 29.55 -31.23
CA LEU O 37 25.43 29.14 -30.36
C LEU O 37 25.76 27.68 -30.63
N VAL O 38 24.76 26.81 -30.74
CA VAL O 38 25.07 25.38 -31.01
C VAL O 38 25.76 25.24 -32.38
N LEU O 39 25.28 25.92 -33.42
CA LEU O 39 25.90 25.83 -34.77
C LEU O 39 27.32 26.39 -34.68
N TYR O 40 27.50 27.51 -33.96
CA TYR O 40 28.83 28.14 -33.84
C TYR O 40 29.78 27.15 -33.15
N ILE O 41 29.35 26.58 -32.03
CA ILE O 41 30.26 25.71 -31.24
C ILE O 41 30.57 24.47 -32.06
N ILE O 42 29.61 23.93 -32.80
CA ILE O 42 29.94 22.82 -33.75
C ILE O 42 31.09 23.30 -34.64
N SER O 43 30.98 24.45 -35.25
CA SER O 43 32.01 24.90 -36.23
C SER O 43 33.36 25.08 -35.48
N LEU O 44 33.31 25.59 -34.25
CA LEU O 44 34.52 25.79 -33.38
C LEU O 44 35.20 24.45 -33.03
N MET O 45 34.43 23.44 -32.67
CA MET O 45 34.99 22.10 -32.34
C MET O 45 35.65 21.49 -33.57
N LEU O 46 35.18 21.87 -34.78
CA LEU O 46 35.52 21.14 -36.03
C LEU O 46 36.65 21.83 -36.81
N THR O 47 37.17 22.95 -36.31
CA THR O 47 38.08 23.80 -37.13
C THR O 47 39.47 23.94 -36.47
N THR O 48 39.96 22.96 -35.73
CA THR O 48 41.34 23.02 -35.18
C THR O 48 42.03 21.66 -35.33
N LYS O 49 43.32 21.73 -35.64
CA LYS O 49 44.26 20.58 -35.69
C LYS O 49 44.70 20.22 -34.26
N LEU O 50 44.47 21.10 -33.28
CA LEU O 50 44.83 20.82 -31.86
C LEU O 50 43.97 19.69 -31.34
N THR O 51 44.55 18.83 -30.52
CA THR O 51 43.85 17.65 -29.98
C THR O 51 44.03 17.50 -28.47
N HIS O 52 43.03 16.90 -27.86
CA HIS O 52 42.99 16.49 -26.43
C HIS O 52 42.03 15.32 -26.39
N THR O 53 42.57 14.11 -26.39
CA THR O 53 41.75 12.85 -26.51
C THR O 53 41.76 12.03 -25.23
N SER O 54 42.50 12.46 -24.21
CA SER O 54 42.49 11.78 -22.89
C SER O 54 41.19 12.16 -22.18
N THR O 55 40.91 11.46 -21.08
CA THR O 55 39.65 11.62 -20.31
C THR O 55 39.53 13.07 -19.86
N MET O 56 38.37 13.68 -20.04
CA MET O 56 38.10 15.04 -19.52
C MET O 56 37.16 14.98 -18.31
N ASP O 57 37.42 15.79 -17.29
CA ASP O 57 36.56 15.94 -16.09
C ASP O 57 35.33 16.80 -16.46
N ALA O 58 34.12 16.29 -16.20
CA ALA O 58 32.85 16.89 -16.66
C ALA O 58 32.20 17.73 -15.55
N GLN O 59 32.65 17.63 -14.30
CA GLN O 59 31.84 18.09 -13.14
C GLN O 59 31.62 19.61 -13.18
N GLU O 60 32.70 20.35 -13.32
CA GLU O 60 32.63 21.84 -13.30
C GLU O 60 31.70 22.32 -14.43
N VAL O 61 31.91 21.84 -15.66
CA VAL O 61 31.17 22.43 -16.80
C VAL O 61 29.71 22.06 -16.67
N GLU O 62 29.35 20.94 -16.03
CA GLU O 62 27.92 20.57 -16.01
C GLU O 62 27.11 21.49 -15.10
N THR O 63 27.73 22.15 -14.12
CA THR O 63 27.06 23.22 -13.33
C THR O 63 26.59 24.32 -14.29
N ILE O 64 27.46 24.79 -15.18
CA ILE O 64 27.13 25.87 -16.15
C ILE O 64 25.98 25.40 -17.05
N TRP O 65 26.07 24.17 -17.55
CA TRP O 65 25.13 23.56 -18.51
C TRP O 65 23.76 23.31 -17.91
N THR O 66 23.61 23.31 -16.58
CA THR O 66 22.28 23.10 -15.95
C THR O 66 21.78 24.44 -15.41
N ILE O 67 22.64 25.24 -14.77
CA ILE O 67 22.17 26.51 -14.13
C ILE O 67 21.73 27.51 -15.20
N LEU O 68 22.53 27.70 -16.25
CA LEU O 68 22.21 28.75 -17.25
C LEU O 68 20.90 28.36 -17.95
N PRO O 69 20.72 27.12 -18.47
CA PRO O 69 19.40 26.77 -19.02
C PRO O 69 18.25 26.97 -18.01
N ALA O 70 18.44 26.62 -16.74
CA ALA O 70 17.37 26.73 -15.73
C ALA O 70 16.99 28.21 -15.62
N ILE O 71 18.00 29.09 -15.61
CA ILE O 71 17.71 30.56 -15.53
C ILE O 71 16.92 30.99 -16.77
N ILE O 72 17.36 30.53 -17.93
CA ILE O 72 16.68 30.91 -19.21
C ILE O 72 15.23 30.44 -19.16
N LEU O 73 14.99 29.23 -18.69
CA LEU O 73 13.60 28.69 -18.69
C LEU O 73 12.73 29.53 -17.74
N ILE O 74 13.28 29.97 -16.61
CA ILE O 74 12.54 30.80 -15.61
C ILE O 74 12.17 32.11 -16.29
N LEU O 75 13.11 32.67 -17.06
CA LEU O 75 12.92 33.98 -17.73
C LEU O 75 11.90 33.87 -18.87
N ILE O 76 11.67 32.66 -19.41
CA ILE O 76 10.56 32.43 -20.40
C ILE O 76 9.26 32.21 -19.61
N ALA O 77 9.30 31.39 -18.56
CA ALA O 77 8.08 30.94 -17.83
C ALA O 77 7.41 32.13 -17.13
N LEU O 78 8.16 33.05 -16.54
CA LEU O 78 7.57 34.17 -15.75
C LEU O 78 6.58 34.97 -16.63
N PRO O 79 7.01 35.53 -17.77
CA PRO O 79 6.06 36.27 -18.62
C PRO O 79 4.99 35.36 -19.25
N SER O 80 5.33 34.10 -19.60
CA SER O 80 4.37 33.14 -20.16
C SER O 80 3.17 32.98 -19.21
N LEU O 81 3.49 32.75 -17.93
CA LEU O 81 2.47 32.49 -16.89
C LEU O 81 1.74 33.78 -16.54
N ARG O 82 2.40 34.95 -16.57
CA ARG O 82 1.67 36.23 -16.37
C ARG O 82 0.56 36.33 -17.44
N ILE O 83 0.86 36.00 -18.70
CA ILE O 83 -0.15 36.14 -19.79
C ILE O 83 -1.23 35.07 -19.57
N LEU O 84 -0.86 33.86 -19.18
CA LEU O 84 -1.82 32.76 -18.88
C LEU O 84 -2.87 33.27 -17.88
N TYR O 85 -2.42 33.85 -16.78
CA TYR O 85 -3.32 34.31 -15.69
C TYR O 85 -4.11 35.55 -16.13
N MET O 86 -3.56 36.43 -16.97
CA MET O 86 -4.33 37.57 -17.55
C MET O 86 -5.53 37.09 -18.37
N MET O 87 -5.38 36.04 -19.18
N MET O 87 -5.27 36.15 -19.31
CA MET O 87 -6.46 35.54 -20.09
CA MET O 87 -6.31 35.41 -20.08
C MET O 87 -7.47 34.68 -19.33
C MET O 87 -7.44 35.14 -19.10
N ASP O 88 -7.17 34.33 -18.07
CA ASP O 88 -8.15 33.72 -17.14
C ASP O 88 -8.85 34.79 -16.29
N GLU O 89 -8.20 35.93 -15.99
CA GLU O 89 -8.68 37.01 -15.05
C GLU O 89 -10.16 37.34 -15.27
N ILE O 90 -10.98 37.20 -14.20
CA ILE O 90 -12.38 37.67 -14.08
C ILE O 90 -12.49 38.99 -14.85
N ASN O 91 -13.49 39.02 -15.73
CA ASN O 91 -13.93 40.23 -16.47
C ASN O 91 -15.46 40.13 -16.46
N ASN O 92 -16.12 41.26 -16.56
CA ASN O 92 -17.60 41.32 -16.65
C ASN O 92 -17.90 41.42 -18.12
N PRO O 93 -18.31 40.34 -18.82
CA PRO O 93 -18.75 40.48 -20.20
C PRO O 93 -20.10 41.20 -20.19
N SER O 94 -20.39 41.91 -21.28
CA SER O 94 -21.67 42.61 -21.49
C SER O 94 -22.54 41.79 -22.45
N LEU O 95 -21.97 40.75 -23.06
CA LEU O 95 -22.66 39.95 -24.12
C LEU O 95 -22.18 38.49 -24.06
N THR O 96 -23.09 37.53 -24.19
CA THR O 96 -22.72 36.11 -24.36
C THR O 96 -23.25 35.64 -25.73
N VAL O 97 -22.37 35.02 -26.49
CA VAL O 97 -22.69 34.38 -27.79
C VAL O 97 -22.24 32.92 -27.69
N LYS O 98 -23.09 32.00 -28.14
CA LYS O 98 -22.74 30.57 -28.33
C LYS O 98 -22.42 30.29 -29.80
N THR O 99 -21.46 29.38 -30.01
CA THR O 99 -21.18 28.80 -31.32
C THR O 99 -21.20 27.29 -31.17
N MET O 100 -21.89 26.65 -32.12
CA MET O 100 -21.93 25.17 -32.18
C MET O 100 -21.28 24.75 -33.50
N GLY O 101 -20.27 23.90 -33.40
CA GLY O 101 -19.68 23.20 -34.54
C GLY O 101 -20.61 22.11 -35.08
N HIS O 102 -20.61 21.95 -36.40
CA HIS O 102 -21.30 20.89 -37.18
C HIS O 102 -20.36 20.47 -38.31
N GLN O 103 -20.58 19.25 -38.81
CA GLN O 103 -20.02 18.81 -40.13
C GLN O 103 -20.87 19.43 -41.25
N TRP O 104 -20.45 20.47 -41.98
CA TRP O 104 -19.23 21.26 -41.85
C TRP O 104 -19.59 22.78 -41.97
N TYR O 105 -19.96 23.37 -40.84
CA TYR O 105 -20.42 24.78 -40.75
C TYR O 105 -20.55 25.13 -39.25
N TRP O 106 -20.65 26.41 -38.94
CA TRP O 106 -20.84 26.88 -37.55
C TRP O 106 -22.25 27.43 -37.43
N SER O 107 -22.90 27.22 -36.30
CA SER O 107 -24.11 28.00 -35.96
C SER O 107 -23.80 28.90 -34.76
N TYR O 108 -24.52 30.02 -34.68
CA TYR O 108 -24.35 31.06 -33.63
C TYR O 108 -25.71 31.31 -32.96
N GLU O 109 -25.66 31.47 -31.63
CA GLU O 109 -26.85 31.75 -30.80
C GLU O 109 -26.58 33.00 -29.96
N TYR O 110 -27.45 33.99 -30.06
CA TYR O 110 -27.43 35.21 -29.23
C TYR O 110 -28.73 35.17 -28.43
N THR O 111 -28.69 34.60 -27.23
CA THR O 111 -29.93 34.30 -26.44
C THR O 111 -29.92 35.09 -25.13
N ASP O 112 -29.13 36.16 -25.03
CA ASP O 112 -29.20 37.03 -23.82
C ASP O 112 -30.61 37.61 -23.67
N TYR O 113 -31.26 38.02 -24.77
CA TYR O 113 -32.61 38.68 -24.72
C TYR O 113 -33.57 38.10 -25.74
N GLU O 114 -33.15 37.89 -26.96
CA GLU O 114 -34.01 37.42 -28.07
C GLU O 114 -33.56 36.01 -28.38
N ASP O 115 -34.35 35.14 -28.97
CA ASP O 115 -33.78 33.86 -29.39
C ASP O 115 -33.28 34.10 -30.82
N LEU O 116 -32.11 34.69 -30.99
CA LEU O 116 -31.54 34.84 -32.35
C LEU O 116 -30.57 33.69 -32.62
N SER O 117 -30.71 32.99 -33.75
CA SER O 117 -29.69 31.99 -34.12
C SER O 117 -29.64 31.88 -35.63
N PHE O 118 -28.50 31.44 -36.17
CA PHE O 118 -28.31 31.31 -37.64
C PHE O 118 -27.11 30.42 -37.90
N ASP O 119 -27.07 29.90 -39.12
CA ASP O 119 -25.99 29.03 -39.59
C ASP O 119 -25.03 29.90 -40.42
N SER O 120 -23.78 29.48 -40.49
CA SER O 120 -22.67 30.22 -41.12
C SER O 120 -21.84 29.24 -41.95
N TYR O 121 -22.05 29.30 -43.27
CA TYR O 121 -21.45 28.38 -44.27
C TYR O 121 -20.42 29.13 -45.12
N MET O 122 -19.37 28.41 -45.47
CA MET O 122 -18.35 28.82 -46.44
C MET O 122 -19.02 29.19 -47.75
N ILE O 123 -18.62 30.32 -48.34
CA ILE O 123 -19.06 30.65 -49.71
C ILE O 123 -18.20 29.78 -50.64
N PRO O 124 -18.82 28.89 -51.47
CA PRO O 124 -18.08 28.16 -52.50
C PRO O 124 -17.33 29.10 -53.44
N THR O 125 -16.20 28.64 -53.94
CA THR O 125 -15.32 29.41 -54.84
C THR O 125 -16.12 29.91 -56.06
N SER O 126 -17.01 29.08 -56.60
CA SER O 126 -17.81 29.40 -57.79
C SER O 126 -18.85 30.54 -57.52
N GLU O 127 -19.16 30.87 -56.26
CA GLU O 127 -20.16 31.90 -55.83
C GLU O 127 -19.48 33.12 -55.22
N LEU O 128 -18.16 33.15 -55.08
CA LEU O 128 -17.50 34.35 -54.48
C LEU O 128 -17.78 35.59 -55.33
N LYS O 129 -18.07 36.70 -54.67
CA LYS O 129 -18.23 38.03 -55.31
C LYS O 129 -16.83 38.53 -55.59
N PRO O 130 -16.64 39.27 -56.69
CA PRO O 130 -15.31 39.78 -57.06
C PRO O 130 -14.53 40.39 -55.89
N GLY O 131 -13.28 39.96 -55.70
CA GLY O 131 -12.43 40.47 -54.62
C GLY O 131 -12.62 39.73 -53.29
N GLU O 132 -13.59 38.82 -53.18
CA GLU O 132 -13.81 38.02 -51.94
C GLU O 132 -12.77 36.90 -51.88
N LEU O 133 -12.53 36.38 -50.69
CA LEU O 133 -11.40 35.47 -50.38
C LEU O 133 -11.80 34.01 -50.44
N ARG O 134 -11.10 33.26 -51.28
CA ARG O 134 -11.28 31.79 -51.39
C ARG O 134 -11.10 31.10 -50.02
N LEU O 135 -12.07 30.26 -49.66
CA LEU O 135 -12.07 29.38 -48.46
C LEU O 135 -12.33 30.15 -47.17
N LEU O 136 -12.50 31.47 -47.19
CA LEU O 136 -12.58 32.27 -45.94
C LEU O 136 -13.94 32.95 -45.74
N GLU O 137 -14.66 33.30 -46.80
CA GLU O 137 -15.94 34.01 -46.69
C GLU O 137 -17.05 33.06 -46.22
N VAL O 138 -18.00 33.62 -45.48
CA VAL O 138 -19.21 32.91 -45.03
C VAL O 138 -20.42 33.74 -45.46
N ASP O 139 -21.58 33.11 -45.51
CA ASP O 139 -22.85 33.78 -45.86
C ASP O 139 -23.29 34.69 -44.71
N ASN O 140 -23.17 34.24 -43.45
CA ASN O 140 -23.66 34.98 -42.26
C ASN O 140 -22.50 35.16 -41.30
N ARG O 141 -21.99 36.39 -41.18
CA ARG O 141 -20.85 36.70 -40.28
C ARG O 141 -21.33 36.81 -38.83
N VAL O 142 -20.37 36.67 -37.91
CA VAL O 142 -20.63 36.84 -36.47
C VAL O 142 -20.52 38.34 -36.15
N VAL O 143 -21.67 39.02 -36.14
CA VAL O 143 -21.75 40.46 -35.81
C VAL O 143 -21.55 40.64 -34.29
N LEU O 144 -20.58 41.48 -33.91
CA LEU O 144 -20.18 41.72 -32.52
C LEU O 144 -19.84 43.19 -32.33
N PRO O 145 -20.06 43.71 -31.12
CA PRO O 145 -19.65 45.06 -30.78
C PRO O 145 -18.14 45.11 -30.47
N MET O 146 -17.48 46.09 -31.07
CA MET O 146 -16.05 46.38 -30.82
C MET O 146 -15.88 47.01 -29.42
N GLU O 147 -14.67 46.91 -28.87
CA GLU O 147 -14.22 47.57 -27.62
C GLU O 147 -15.10 47.11 -26.45
N MET O 148 -15.60 45.89 -26.48
CA MET O 148 -16.41 45.35 -25.38
C MET O 148 -15.99 43.92 -25.10
N THR O 149 -16.04 43.55 -23.83
CA THR O 149 -15.70 42.19 -23.40
C THR O 149 -16.88 41.28 -23.74
N ILE O 150 -16.63 40.27 -24.56
CA ILE O 150 -17.66 39.30 -25.01
C ILE O 150 -17.27 37.92 -24.50
N ARG O 151 -18.24 37.22 -23.93
CA ARG O 151 -18.11 35.78 -23.60
C ARG O 151 -18.56 34.93 -24.80
N MET O 152 -17.67 34.13 -25.34
CA MET O 152 -18.01 33.15 -26.38
C MET O 152 -18.06 31.80 -25.68
N LEU O 153 -19.15 31.06 -25.89
CA LEU O 153 -19.30 29.66 -25.43
C LEU O 153 -19.27 28.77 -26.66
N VAL O 154 -18.45 27.74 -26.63
CA VAL O 154 -18.16 26.87 -27.79
C VAL O 154 -18.56 25.43 -27.44
N SER O 155 -19.37 24.81 -28.30
CA SER O 155 -19.65 23.37 -28.20
C SER O 155 -19.83 22.81 -29.60
N SER O 156 -20.22 21.53 -29.69
CA SER O 156 -20.43 20.85 -30.99
C SER O 156 -21.74 20.07 -30.94
N GLU O 157 -22.41 19.90 -32.08
CA GLU O 157 -23.56 18.94 -32.17
C GLU O 157 -23.14 17.62 -32.82
N ASP O 158 -21.86 17.39 -33.14
CA ASP O 158 -21.46 16.08 -33.72
C ASP O 158 -20.04 15.71 -33.24
N VAL O 159 -19.03 15.91 -34.05
CA VAL O 159 -17.65 15.47 -33.74
C VAL O 159 -16.90 16.65 -33.12
N LEU O 160 -15.62 16.50 -32.84
CA LEU O 160 -14.82 17.66 -32.35
C LEU O 160 -14.64 18.65 -33.48
N HIS O 161 -14.73 19.93 -33.16
CA HIS O 161 -14.25 21.04 -34.03
C HIS O 161 -13.36 21.94 -33.13
N SER O 162 -12.86 23.02 -33.68
CA SER O 162 -12.14 24.00 -32.85
C SER O 162 -12.35 25.39 -33.46
N TRP O 163 -12.85 26.31 -32.62
CA TRP O 163 -13.23 27.67 -33.04
C TRP O 163 -12.03 28.59 -32.85
N ALA O 164 -11.44 29.08 -33.95
CA ALA O 164 -10.17 29.82 -33.94
C ALA O 164 -10.32 31.17 -34.66
N VAL O 165 -9.68 32.20 -34.10
CA VAL O 165 -9.52 33.52 -34.76
C VAL O 165 -8.12 34.03 -34.42
N PRO O 166 -7.11 33.70 -35.25
CA PRO O 166 -5.72 34.00 -34.91
C PRO O 166 -5.48 35.45 -34.52
N SER O 167 -6.11 36.39 -35.22
CA SER O 167 -5.77 37.80 -34.95
C SER O 167 -6.30 38.25 -33.58
N LEU O 168 -7.24 37.50 -32.98
CA LEU O 168 -7.71 37.81 -31.61
C LEU O 168 -7.02 36.92 -30.56
N GLY O 169 -6.11 36.02 -30.96
CA GLY O 169 -5.47 35.09 -30.03
C GLY O 169 -6.43 34.00 -29.58
N LEU O 170 -7.41 33.60 -30.38
CA LEU O 170 -8.45 32.68 -29.88
C LEU O 170 -8.34 31.30 -30.55
N LYS O 171 -8.54 30.26 -29.75
CA LYS O 171 -8.70 28.87 -30.22
C LYS O 171 -9.27 28.06 -29.07
N THR O 172 -10.50 27.62 -29.23
CA THR O 172 -11.23 26.87 -28.20
C THR O 172 -11.88 25.65 -28.87
N ASP O 173 -11.56 24.46 -28.40
CA ASP O 173 -12.11 23.21 -28.96
C ASP O 173 -13.63 23.18 -28.69
N ALA O 174 -14.35 22.63 -29.67
CA ALA O 174 -15.80 22.51 -29.70
C ALA O 174 -16.08 21.02 -29.49
N ILE O 175 -16.52 20.66 -28.29
CA ILE O 175 -16.65 19.25 -27.84
C ILE O 175 -18.11 19.01 -27.49
N PRO O 176 -18.74 17.97 -28.08
CA PRO O 176 -20.14 17.69 -27.78
C PRO O 176 -20.27 17.33 -26.30
N GLY O 177 -21.30 17.88 -25.68
CA GLY O 177 -21.60 17.63 -24.25
C GLY O 177 -20.82 18.55 -23.32
N ARG O 178 -20.05 19.47 -23.87
CA ARG O 178 -19.17 20.37 -23.10
C ARG O 178 -19.39 21.81 -23.60
N LEU O 179 -19.39 22.76 -22.70
CA LEU O 179 -19.56 24.19 -23.02
C LEU O 179 -18.26 24.87 -22.63
N ASN O 180 -17.39 25.16 -23.58
CA ASN O 180 -16.08 25.79 -23.32
C ASN O 180 -16.21 27.32 -23.47
N GLN O 181 -15.67 28.04 -22.52
CA GLN O 181 -15.77 29.53 -22.48
C GLN O 181 -14.45 30.14 -22.94
N THR O 182 -14.52 31.23 -23.70
CA THR O 182 -13.36 32.11 -23.94
C THR O 182 -13.88 33.55 -23.96
N THR O 183 -12.98 34.52 -23.84
CA THR O 183 -13.29 35.96 -23.85
C THR O 183 -12.72 36.52 -25.15
N LEU O 184 -13.46 37.40 -25.76
CA LEU O 184 -13.16 38.10 -27.02
C LEU O 184 -13.25 39.62 -26.73
N MET O 185 -12.27 40.40 -27.15
CA MET O 185 -12.30 41.88 -27.04
C MET O 185 -11.54 42.40 -28.26
N SER O 186 -12.19 43.07 -29.20
CA SER O 186 -11.53 43.68 -30.38
C SER O 186 -11.30 45.16 -30.11
N SER O 187 -10.05 45.60 -30.29
CA SER O 187 -9.61 47.02 -30.20
C SER O 187 -10.10 47.81 -31.42
N ARG O 188 -10.56 47.12 -32.47
CA ARG O 188 -10.87 47.75 -33.78
C ARG O 188 -12.13 47.15 -34.39
N PRO O 189 -12.82 47.94 -35.22
CA PRO O 189 -13.83 47.42 -36.14
C PRO O 189 -13.16 46.59 -37.25
N GLY O 190 -13.96 45.82 -37.96
CA GLY O 190 -13.48 45.18 -39.19
C GLY O 190 -13.96 43.76 -39.31
N LEU O 191 -13.33 43.01 -40.21
CA LEU O 191 -13.60 41.58 -40.47
C LEU O 191 -12.38 40.79 -40.01
N TYR O 192 -12.58 39.83 -39.12
CA TYR O 192 -11.51 38.97 -38.58
C TYR O 192 -11.88 37.50 -38.85
N TYR O 193 -10.92 36.79 -39.44
CA TYR O 193 -11.11 35.47 -40.08
C TYR O 193 -10.38 34.41 -39.27
N GLY O 194 -10.97 33.23 -39.24
CA GLY O 194 -10.37 32.02 -38.69
C GLY O 194 -10.93 30.78 -39.36
N GLN O 195 -10.38 29.63 -38.99
CA GLN O 195 -10.69 28.35 -39.66
C GLN O 195 -10.79 27.21 -38.61
N CYS O 196 -11.62 26.22 -38.87
CA CYS O 196 -11.82 25.09 -37.96
C CYS O 196 -10.46 24.43 -37.68
N SER O 197 -10.17 24.22 -36.41
CA SER O 197 -8.82 23.82 -35.95
C SER O 197 -8.83 22.51 -35.16
N GLU O 198 -9.77 21.63 -35.46
CA GLU O 198 -9.69 20.20 -35.07
C GLU O 198 -10.35 19.37 -36.18
N ILE O 199 -9.52 18.38 -36.59
CA ILE O 199 -9.86 17.52 -37.76
C ILE O 199 -11.22 16.89 -37.46
N CYS O 200 -12.16 17.13 -38.36
CA CYS O 200 -13.61 16.85 -38.17
C CYS O 200 -14.16 16.12 -39.41
N GLY O 201 -13.27 15.61 -40.27
CA GLY O 201 -13.60 14.79 -41.45
C GLY O 201 -13.33 15.50 -42.76
N SER O 202 -14.03 15.11 -43.80
CA SER O 202 -13.66 15.45 -45.19
C SER O 202 -13.70 16.98 -45.43
N ASN O 203 -14.55 17.77 -44.76
CA ASN O 203 -14.64 19.21 -45.08
C ASN O 203 -14.06 20.09 -43.94
N HIS O 204 -13.11 19.57 -43.17
CA HIS O 204 -12.37 20.29 -42.09
C HIS O 204 -11.76 21.59 -42.63
N SER O 205 -11.26 21.57 -43.87
CA SER O 205 -10.59 22.71 -44.54
C SER O 205 -11.61 23.80 -44.91
N PHE O 206 -12.93 23.53 -44.80
CA PHE O 206 -13.97 24.32 -45.49
C PHE O 206 -15.11 24.78 -44.55
N MET O 207 -14.79 25.13 -43.31
CA MET O 207 -15.82 25.68 -42.40
C MET O 207 -15.21 26.81 -41.58
N PRO O 208 -15.01 27.96 -42.22
CA PRO O 208 -14.38 29.12 -41.59
C PRO O 208 -15.33 29.93 -40.69
N ILE O 209 -14.68 30.85 -39.99
CA ILE O 209 -15.23 31.77 -38.96
C ILE O 209 -14.96 33.18 -39.49
N VAL O 210 -15.97 34.02 -39.54
CA VAL O 210 -15.77 35.45 -39.88
C VAL O 210 -16.47 36.31 -38.84
N LEU O 211 -15.70 37.12 -38.11
CA LEU O 211 -16.30 38.08 -37.15
C LEU O 211 -16.42 39.42 -37.86
N GLU O 212 -17.51 40.11 -37.61
CA GLU O 212 -17.76 41.47 -38.12
C GLU O 212 -17.92 42.38 -36.90
N LEU O 213 -16.90 43.20 -36.64
CA LEU O 213 -16.78 44.06 -35.42
C LEU O 213 -17.22 45.47 -35.79
N VAL O 214 -18.23 45.98 -35.09
CA VAL O 214 -18.93 47.25 -35.41
C VAL O 214 -19.17 47.99 -34.09
N PRO O 215 -19.39 49.32 -34.13
CA PRO O 215 -19.66 50.06 -32.90
C PRO O 215 -20.95 49.52 -32.25
N LEU O 216 -21.03 49.61 -30.92
CA LEU O 216 -22.21 49.13 -30.14
C LEU O 216 -23.53 49.61 -30.78
N LYS O 217 -23.70 50.91 -31.10
CA LYS O 217 -24.96 51.42 -31.71
C LYS O 217 -25.35 50.57 -32.94
N TYR O 218 -24.39 50.19 -33.78
CA TYR O 218 -24.67 49.40 -35.01
C TYR O 218 -24.97 47.95 -34.66
N PHE O 219 -24.29 47.40 -33.65
CA PHE O 219 -24.63 46.07 -33.11
C PHE O 219 -26.09 46.06 -32.62
N GLU O 220 -26.49 47.06 -31.84
CA GLU O 220 -27.89 47.17 -31.31
C GLU O 220 -28.88 47.31 -32.46
N LYS O 221 -28.60 48.16 -33.46
CA LYS O 221 -29.50 48.30 -34.67
C LYS O 221 -29.58 46.92 -35.34
N TRP O 222 -28.46 46.23 -35.54
CA TRP O 222 -28.44 44.90 -36.19
C TRP O 222 -29.30 43.92 -35.38
N SER O 223 -29.11 43.86 -34.05
CA SER O 223 -29.91 43.00 -33.11
C SER O 223 -31.40 43.31 -33.23
N ALA O 224 -31.78 44.59 -33.13
CA ALA O 224 -33.18 45.07 -33.27
C ALA O 224 -33.79 44.65 -34.62
N SER O 225 -33.03 44.67 -35.72
CA SER O 225 -33.53 44.36 -37.10
C SER O 225 -33.83 42.87 -37.24
N MET O 226 -33.45 42.09 -36.24
CA MET O 226 -33.34 40.63 -36.36
C MET O 226 -34.59 39.99 -35.77
N LEU O 227 -35.44 40.81 -35.13
CA LEU O 227 -36.70 40.43 -34.44
C LEU O 227 -37.73 39.92 -35.46
N GLN P 4 29.49 -24.08 -25.92
CA GLN P 4 29.35 -22.84 -25.10
C GLN P 4 30.04 -23.01 -23.74
N THR P 5 30.61 -21.94 -23.22
CA THR P 5 31.08 -21.90 -21.81
C THR P 5 30.40 -20.74 -21.08
N HIS P 6 29.20 -20.35 -21.51
CA HIS P 6 28.23 -19.54 -20.73
C HIS P 6 27.05 -20.44 -20.31
N ALA P 7 26.18 -19.93 -19.42
CA ALA P 7 25.07 -20.69 -18.81
C ALA P 7 23.73 -20.37 -19.50
N TYR P 8 23.71 -19.70 -20.65
CA TYR P 8 22.46 -19.20 -21.27
C TYR P 8 21.97 -20.19 -22.32
N HIS P 9 20.69 -20.04 -22.68
CA HIS P 9 19.93 -21.01 -23.48
C HIS P 9 19.83 -20.54 -24.92
N MET P 10 20.54 -21.22 -25.81
CA MET P 10 20.43 -21.08 -27.28
C MET P 10 19.28 -22.01 -27.74
N VAL P 11 18.17 -21.39 -28.08
CA VAL P 11 16.88 -22.08 -28.35
C VAL P 11 16.89 -22.65 -29.77
N ASN P 12 16.38 -23.86 -29.95
CA ASN P 12 16.24 -24.45 -31.28
C ASN P 12 15.32 -23.58 -32.12
N PRO P 13 15.65 -23.41 -33.42
CA PRO P 13 14.73 -22.74 -34.34
C PRO P 13 13.32 -23.33 -34.19
N SER P 14 12.34 -22.43 -34.13
CA SER P 14 10.95 -22.70 -33.72
C SER P 14 9.95 -22.04 -34.65
N PRO P 15 8.87 -22.80 -35.01
CA PRO P 15 7.74 -22.25 -35.76
C PRO P 15 6.68 -21.47 -34.97
N TRP P 16 6.71 -21.55 -33.64
CA TRP P 16 5.61 -21.03 -32.80
C TRP P 16 5.56 -19.50 -32.83
N PRO P 17 6.68 -18.73 -32.89
CA PRO P 17 6.54 -17.29 -33.07
C PRO P 17 5.70 -16.93 -34.32
N LEU P 18 5.96 -17.59 -35.44
CA LEU P 18 5.24 -17.34 -36.70
C LEU P 18 3.78 -17.79 -36.55
N THR P 19 3.52 -18.97 -35.99
CA THR P 19 2.11 -19.42 -35.82
C THR P 19 1.38 -18.50 -34.83
N GLY P 20 2.08 -18.00 -33.81
CA GLY P 20 1.45 -17.04 -32.87
C GLY P 20 1.12 -15.72 -33.56
N ALA P 21 2.05 -15.19 -34.37
CA ALA P 21 1.85 -13.92 -35.10
C ALA P 21 0.67 -14.10 -36.05
N LEU P 22 0.64 -15.20 -36.78
CA LEU P 22 -0.52 -15.44 -37.68
C LEU P 22 -1.84 -15.64 -36.89
N SER P 23 -1.81 -16.27 -35.71
N SER P 23 -1.82 -16.28 -35.73
CA SER P 23 -3.02 -16.43 -34.86
CA SER P 23 -3.02 -16.43 -34.88
C SER P 23 -3.54 -15.04 -34.48
C SER P 23 -3.54 -15.02 -34.53
N ALA P 24 -2.63 -14.07 -34.25
CA ALA P 24 -3.05 -12.71 -33.90
C ALA P 24 -3.77 -12.07 -35.10
N LEU P 25 -3.24 -12.26 -36.32
CA LEU P 25 -3.84 -11.74 -37.57
C LEU P 25 -5.24 -12.34 -37.70
N LEU P 26 -5.35 -13.66 -37.48
CA LEU P 26 -6.66 -14.36 -37.69
C LEU P 26 -7.66 -13.93 -36.62
N MET P 27 -7.23 -13.72 -35.37
CA MET P 27 -8.17 -13.31 -34.29
C MET P 27 -8.66 -11.89 -34.55
N THR P 28 -7.79 -11.02 -35.01
CA THR P 28 -8.18 -9.59 -35.21
C THR P 28 -8.99 -9.41 -36.49
N SER P 29 -8.51 -9.94 -37.61
CA SER P 29 -9.29 -9.95 -38.87
C SER P 29 -10.62 -10.72 -38.58
N GLY P 30 -10.56 -11.74 -37.73
CA GLY P 30 -11.77 -12.49 -37.34
C GLY P 30 -12.75 -11.64 -36.53
N LEU P 31 -12.27 -10.85 -35.55
CA LEU P 31 -13.18 -9.95 -34.82
C LEU P 31 -13.81 -8.96 -35.80
N THR P 32 -13.02 -8.45 -36.75
CA THR P 32 -13.49 -7.47 -37.75
C THR P 32 -14.62 -8.13 -38.54
N MET P 33 -14.41 -9.37 -38.97
N MET P 33 -14.41 -9.35 -39.02
CA MET P 33 -15.37 -10.10 -39.84
CA MET P 33 -15.46 -10.04 -39.82
C MET P 33 -16.64 -10.50 -39.03
C MET P 33 -16.73 -10.21 -38.96
N TRP P 34 -16.54 -10.61 -37.70
CA TRP P 34 -17.68 -10.83 -36.78
C TRP P 34 -18.47 -9.54 -36.57
N PHE P 35 -17.79 -8.44 -36.29
CA PHE P 35 -18.44 -7.15 -36.00
C PHE P 35 -19.08 -6.56 -37.25
N HIS P 36 -18.56 -6.82 -38.44
CA HIS P 36 -18.93 -6.03 -39.66
C HIS P 36 -19.48 -6.89 -40.81
N PHE P 37 -19.18 -8.17 -40.85
CA PHE P 37 -19.47 -9.01 -42.03
C PHE P 37 -20.20 -10.28 -41.57
N ASN P 38 -20.81 -10.23 -40.39
CA ASN P 38 -21.76 -11.20 -39.82
C ASN P 38 -21.22 -12.65 -39.87
N SER P 39 -19.94 -12.87 -39.58
CA SER P 39 -19.31 -14.20 -39.75
C SER P 39 -18.26 -14.48 -38.67
N MET P 40 -18.28 -15.69 -38.13
CA MET P 40 -17.38 -16.10 -37.02
C MET P 40 -16.24 -17.00 -37.51
N THR P 41 -16.17 -17.33 -38.79
CA THR P 41 -15.21 -18.33 -39.30
C THR P 41 -13.74 -18.01 -39.00
N LEU P 42 -13.21 -16.88 -39.50
CA LEU P 42 -11.82 -16.49 -39.26
C LEU P 42 -11.55 -16.46 -37.74
N LEU P 43 -12.47 -15.88 -36.98
CA LEU P 43 -12.26 -15.78 -35.51
C LEU P 43 -12.06 -17.18 -34.88
N MET P 44 -12.88 -18.15 -35.27
N MET P 44 -12.91 -18.13 -35.26
CA MET P 44 -12.73 -19.50 -34.65
CA MET P 44 -12.79 -19.52 -34.76
C MET P 44 -11.41 -20.14 -35.12
C MET P 44 -11.39 -20.08 -35.10
N ILE P 45 -10.96 -19.88 -36.35
CA ILE P 45 -9.65 -20.43 -36.82
C ILE P 45 -8.55 -19.76 -35.98
N GLY P 46 -8.64 -18.44 -35.85
CA GLY P 46 -7.61 -17.74 -35.06
C GLY P 46 -7.56 -18.19 -33.60
N LEU P 47 -8.72 -18.36 -32.96
CA LEU P 47 -8.74 -18.86 -31.55
C LEU P 47 -8.12 -20.26 -31.50
N THR P 48 -8.43 -21.12 -32.47
CA THR P 48 -7.85 -22.49 -32.50
C THR P 48 -6.34 -22.41 -32.65
N THR P 49 -5.85 -21.62 -33.59
CA THR P 49 -4.38 -21.58 -33.85
C THR P 49 -3.67 -20.91 -32.67
N ASN P 50 -4.34 -19.97 -32.00
CA ASN P 50 -3.76 -19.33 -30.79
C ASN P 50 -3.56 -20.40 -29.70
N MET P 51 -4.58 -21.23 -29.43
N MET P 51 -4.58 -21.23 -29.45
CA MET P 51 -4.51 -22.26 -28.37
CA MET P 51 -4.52 -22.27 -28.40
C MET P 51 -3.45 -23.32 -28.75
C MET P 51 -3.45 -23.33 -28.75
N LEU P 52 -3.38 -23.72 -30.03
CA LEU P 52 -2.36 -24.70 -30.51
C LEU P 52 -0.96 -24.12 -30.28
N THR P 53 -0.82 -22.84 -30.59
CA THR P 53 0.50 -22.16 -30.49
C THR P 53 0.94 -22.14 -29.01
N MET P 54 0.07 -21.69 -28.11
N MET P 54 0.07 -21.68 -28.11
CA MET P 54 0.38 -21.59 -26.66
CA MET P 54 0.35 -21.61 -26.66
C MET P 54 0.68 -23.00 -26.12
C MET P 54 0.71 -23.00 -26.15
N TYR P 55 -0.09 -24.00 -26.50
CA TYR P 55 0.12 -25.38 -26.01
C TYR P 55 1.54 -25.82 -26.40
N GLN P 56 1.89 -25.74 -27.68
CA GLN P 56 3.16 -26.32 -28.19
C GLN P 56 4.35 -25.47 -27.70
N TRP P 57 4.19 -24.15 -27.64
CA TRP P 57 5.30 -23.26 -27.16
C TRP P 57 5.62 -23.58 -25.69
N TRP P 58 4.63 -23.62 -24.82
CA TRP P 58 4.89 -23.89 -23.37
C TRP P 58 5.23 -25.37 -23.14
N ARG P 59 4.71 -26.27 -23.95
CA ARG P 59 5.17 -27.67 -23.93
C ARG P 59 6.70 -27.68 -24.18
N ASP P 60 7.15 -26.94 -25.19
CA ASP P 60 8.59 -26.97 -25.57
C ASP P 60 9.40 -26.40 -24.40
N VAL P 61 8.85 -25.40 -23.70
CA VAL P 61 9.60 -24.78 -22.55
C VAL P 61 9.76 -25.83 -21.46
N ILE P 62 8.73 -26.63 -21.26
CA ILE P 62 8.81 -27.74 -20.28
C ILE P 62 9.84 -28.76 -20.77
N ARG P 63 9.79 -29.11 -22.02
CA ARG P 63 10.79 -30.05 -22.57
C ARG P 63 12.21 -29.50 -22.35
N GLU P 64 12.41 -28.21 -22.61
CA GLU P 64 13.77 -27.59 -22.55
C GLU P 64 14.27 -27.55 -21.10
N SER P 65 13.39 -27.46 -20.11
CA SER P 65 13.74 -27.26 -18.68
C SER P 65 13.73 -28.60 -17.91
N THR P 66 12.55 -29.16 -17.66
CA THR P 66 12.40 -30.41 -16.89
C THR P 66 13.14 -31.54 -17.61
N PHE P 67 13.04 -31.63 -18.95
CA PHE P 67 13.53 -32.84 -19.68
C PHE P 67 14.96 -32.63 -20.20
N GLN P 68 15.36 -31.41 -20.54
CA GLN P 68 16.69 -31.19 -21.19
C GLN P 68 17.70 -30.46 -20.29
N GLY P 69 17.27 -29.79 -19.21
CA GLY P 69 18.19 -29.21 -18.22
C GLY P 69 18.72 -27.84 -18.62
N HIS P 70 18.04 -27.12 -19.51
CA HIS P 70 18.58 -25.81 -19.99
C HIS P 70 18.36 -24.66 -19.01
N HIS P 71 17.54 -24.80 -17.99
CA HIS P 71 17.23 -23.70 -17.04
C HIS P 71 18.26 -23.74 -15.90
N THR P 72 19.45 -23.24 -16.20
CA THR P 72 20.49 -22.88 -15.21
C THR P 72 19.95 -21.74 -14.35
N PRO P 73 20.61 -21.45 -13.20
CA PRO P 73 20.23 -20.30 -12.38
C PRO P 73 20.17 -18.98 -13.17
N ALA P 74 21.08 -18.76 -14.10
CA ALA P 74 21.08 -17.52 -14.90
C ALA P 74 19.81 -17.48 -15.79
N VAL P 75 19.43 -18.60 -16.38
CA VAL P 75 18.21 -18.62 -17.23
C VAL P 75 16.98 -18.36 -16.34
N GLN P 76 16.92 -19.02 -15.18
CA GLN P 76 15.80 -18.88 -14.22
C GLN P 76 15.68 -17.39 -13.81
N LYS P 77 16.82 -16.72 -13.56
CA LYS P 77 16.84 -15.30 -13.14
C LYS P 77 16.18 -14.47 -14.26
N GLY P 78 16.54 -14.72 -15.53
CA GLY P 78 15.92 -14.01 -16.64
C GLY P 78 14.41 -14.21 -16.68
N LEU P 79 13.97 -15.46 -16.52
CA LEU P 79 12.51 -15.72 -16.53
C LEU P 79 11.81 -14.97 -15.39
N ARG P 80 12.46 -14.85 -14.23
CA ARG P 80 11.91 -14.10 -13.08
C ARG P 80 11.71 -12.64 -13.53
N TYR P 81 12.72 -12.00 -14.10
CA TYR P 81 12.56 -10.61 -14.55
C TYR P 81 11.45 -10.54 -15.61
N GLY P 82 11.43 -11.50 -16.55
CA GLY P 82 10.44 -11.45 -17.62
C GLY P 82 9.02 -11.49 -17.06
N MET P 83 8.75 -12.35 -16.09
CA MET P 83 7.38 -12.46 -15.51
C MET P 83 7.02 -11.18 -14.72
N ILE P 84 7.94 -10.63 -13.95
CA ILE P 84 7.69 -9.37 -13.20
C ILE P 84 7.36 -8.26 -14.20
N LEU P 85 8.13 -8.14 -15.28
CA LEU P 85 7.90 -7.08 -16.30
C LEU P 85 6.56 -7.29 -17.01
N PHE P 86 6.22 -8.54 -17.28
CA PHE P 86 4.90 -8.83 -17.86
C PHE P 86 3.76 -8.35 -16.92
N ILE P 87 3.88 -8.69 -15.64
CA ILE P 87 2.84 -8.30 -14.63
C ILE P 87 2.76 -6.77 -14.57
N ILE P 88 3.90 -6.08 -14.59
CA ILE P 88 3.89 -4.59 -14.59
C ILE P 88 3.07 -4.11 -15.80
N SER P 89 3.30 -4.69 -17.01
CA SER P 89 2.55 -4.20 -18.20
C SER P 89 1.04 -4.41 -17.97
N GLU P 90 0.67 -5.53 -17.30
CA GLU P 90 -0.75 -5.81 -17.03
C GLU P 90 -1.29 -4.83 -16.00
N VAL P 91 -0.50 -4.45 -15.00
CA VAL P 91 -0.92 -3.40 -14.04
C VAL P 91 -1.29 -2.12 -14.80
N LEU P 92 -0.44 -1.70 -15.74
CA LEU P 92 -0.67 -0.42 -16.47
C LEU P 92 -1.90 -0.54 -17.37
N PHE P 93 -2.13 -1.70 -17.96
CA PHE P 93 -3.38 -1.96 -18.73
C PHE P 93 -4.61 -1.67 -17.84
N PHE P 94 -4.65 -2.27 -16.65
CA PHE P 94 -5.78 -2.05 -15.68
C PHE P 94 -5.83 -0.59 -15.29
N THR P 95 -4.66 0.03 -15.10
CA THR P 95 -4.65 1.46 -14.70
C THR P 95 -5.51 2.29 -15.68
N GLY P 96 -5.39 2.05 -16.99
CA GLY P 96 -6.25 2.74 -17.96
C GLY P 96 -7.74 2.61 -17.67
N PHE P 97 -8.20 1.44 -17.26
CA PHE P 97 -9.64 1.21 -16.99
C PHE P 97 -10.03 1.92 -15.68
N PHE P 98 -9.15 1.89 -14.68
CA PHE P 98 -9.40 2.62 -13.41
C PHE P 98 -9.45 4.12 -13.71
N TRP P 99 -8.58 4.61 -14.58
CA TRP P 99 -8.61 6.05 -14.94
C TRP P 99 -9.98 6.38 -15.57
N ALA P 100 -10.44 5.55 -16.51
CA ALA P 100 -11.77 5.76 -17.15
C ALA P 100 -12.85 5.78 -16.06
N PHE P 101 -12.83 4.84 -15.12
CA PHE P 101 -13.83 4.77 -14.03
C PHE P 101 -13.84 6.06 -13.19
N TYR P 102 -12.70 6.46 -12.68
CA TYR P 102 -12.61 7.67 -11.80
C TYR P 102 -12.97 8.94 -12.59
N HIS P 103 -12.56 9.05 -13.86
CA HIS P 103 -12.89 10.21 -14.70
C HIS P 103 -14.43 10.39 -14.76
N SER P 104 -15.14 9.29 -15.07
CA SER P 104 -16.61 9.26 -15.26
C SER P 104 -17.34 9.50 -13.93
N SER P 105 -16.89 8.85 -12.85
CA SER P 105 -17.63 8.77 -11.57
C SER P 105 -17.34 10.03 -10.73
N LEU P 106 -16.16 10.63 -10.85
CA LEU P 106 -15.85 11.85 -10.07
C LEU P 106 -16.49 13.08 -10.68
N ALA P 107 -16.83 13.07 -11.96
CA ALA P 107 -17.38 14.26 -12.64
C ALA P 107 -18.59 13.83 -13.44
N PRO P 108 -19.66 13.32 -12.79
CA PRO P 108 -20.78 12.78 -13.55
C PRO P 108 -21.46 13.88 -14.36
N THR P 109 -21.74 13.61 -15.63
CA THR P 109 -22.23 14.62 -16.59
C THR P 109 -23.74 14.77 -16.42
N PRO P 110 -24.34 15.86 -16.95
CA PRO P 110 -25.79 16.05 -16.87
C PRO P 110 -26.64 14.90 -17.45
N GLU P 111 -26.13 14.17 -18.45
CA GLU P 111 -26.86 13.04 -19.09
C GLU P 111 -27.14 11.96 -18.05
N LEU P 112 -26.28 11.82 -17.04
CA LEU P 112 -26.39 10.82 -15.93
C LEU P 112 -27.35 11.29 -14.83
N GLY P 113 -27.80 12.55 -14.88
CA GLY P 113 -28.48 13.26 -13.77
C GLY P 113 -27.47 14.04 -12.94
N GLY P 114 -26.23 14.16 -13.42
CA GLY P 114 -25.17 14.92 -12.74
C GLY P 114 -24.81 14.28 -11.40
N CYS P 115 -24.97 12.98 -11.27
CA CYS P 115 -24.78 12.21 -10.02
C CYS P 115 -24.18 10.82 -10.34
N TRP P 116 -23.59 10.18 -9.32
CA TRP P 116 -23.06 8.80 -9.40
C TRP P 116 -23.52 8.04 -8.16
N PRO P 117 -24.06 6.81 -8.30
CA PRO P 117 -24.34 6.22 -9.60
C PRO P 117 -25.35 7.03 -10.39
N PRO P 118 -25.37 6.89 -11.73
CA PRO P 118 -26.37 7.61 -12.55
C PRO P 118 -27.82 7.32 -12.15
N THR P 119 -28.69 8.27 -12.45
CA THR P 119 -30.15 8.05 -12.38
C THR P 119 -30.50 6.75 -13.13
N GLY P 120 -31.31 5.88 -12.53
CA GLY P 120 -31.80 4.64 -13.17
C GLY P 120 -30.86 3.46 -12.98
N ILE P 121 -29.70 3.64 -12.37
CA ILE P 121 -28.74 2.53 -12.11
C ILE P 121 -28.96 2.07 -10.67
N HIS P 122 -29.18 0.77 -10.49
CA HIS P 122 -29.33 0.10 -9.17
C HIS P 122 -28.13 -0.81 -8.98
N PRO P 123 -27.05 -0.32 -8.33
CA PRO P 123 -25.85 -1.14 -8.14
C PRO P 123 -26.13 -2.39 -7.32
N LEU P 124 -25.27 -3.37 -7.54
CA LEU P 124 -25.21 -4.58 -6.69
C LEU P 124 -24.87 -4.15 -5.27
N ASN P 125 -25.43 -4.85 -4.31
CA ASN P 125 -25.05 -4.72 -2.88
C ASN P 125 -23.63 -5.26 -2.69
N PRO P 126 -22.63 -4.42 -2.34
CA PRO P 126 -21.26 -4.92 -2.24
C PRO P 126 -21.03 -5.87 -1.05
N LEU P 127 -22.00 -5.93 -0.12
CA LEU P 127 -21.95 -6.86 1.02
C LEU P 127 -22.46 -8.25 0.67
N GLU P 128 -22.94 -8.51 -0.54
CA GLU P 128 -23.50 -9.86 -0.86
C GLU P 128 -22.47 -10.63 -1.68
N VAL P 129 -22.72 -10.92 -2.94
CA VAL P 129 -21.80 -11.78 -3.72
C VAL P 129 -20.44 -11.09 -3.88
N PRO P 130 -20.35 -9.76 -4.10
CA PRO P 130 -19.02 -9.15 -4.24
C PRO P 130 -18.13 -9.32 -3.01
N LEU P 131 -18.70 -9.32 -1.80
CA LEU P 131 -17.93 -9.58 -0.56
C LEU P 131 -17.47 -11.04 -0.53
N LEU P 132 -18.38 -11.95 -0.88
CA LEU P 132 -18.05 -13.39 -0.98
C LEU P 132 -16.87 -13.57 -1.95
N ASN P 133 -16.95 -12.98 -3.16
CA ASN P 133 -15.87 -13.05 -4.17
C ASN P 133 -14.56 -12.56 -3.54
N THR P 134 -14.63 -11.52 -2.71
CA THR P 134 -13.42 -10.99 -2.04
C THR P 134 -12.86 -12.03 -1.05
N SER P 135 -13.70 -12.64 -0.23
CA SER P 135 -13.24 -13.69 0.72
C SER P 135 -12.65 -14.87 -0.09
N VAL P 136 -13.21 -15.17 -1.25
CA VAL P 136 -12.76 -16.33 -2.06
C VAL P 136 -11.35 -16.08 -2.59
N LEU P 137 -11.11 -14.93 -3.21
CA LEU P 137 -9.77 -14.69 -3.78
C LEU P 137 -8.75 -14.48 -2.66
N LEU P 138 -9.11 -13.82 -1.56
CA LEU P 138 -8.16 -13.69 -0.41
C LEU P 138 -7.83 -15.09 0.14
N ALA P 139 -8.83 -15.95 0.29
CA ALA P 139 -8.60 -17.31 0.80
C ALA P 139 -7.65 -18.06 -0.15
N SER P 140 -7.83 -17.88 -1.46
CA SER P 140 -7.01 -18.57 -2.49
C SER P 140 -5.56 -18.03 -2.42
N GLY P 141 -5.36 -16.80 -1.95
CA GLY P 141 -3.98 -16.29 -1.75
C GLY P 141 -3.33 -17.01 -0.56
N VAL P 142 -4.12 -17.35 0.46
CA VAL P 142 -3.61 -18.12 1.62
C VAL P 142 -3.29 -19.55 1.16
N SER P 143 -4.21 -20.22 0.45
CA SER P 143 -3.98 -21.61 0.05
C SER P 143 -2.79 -21.74 -0.91
N ILE P 144 -2.58 -20.77 -1.82
N ILE P 144 -2.59 -20.79 -1.84
CA ILE P 144 -1.45 -20.88 -2.76
CA ILE P 144 -1.46 -20.88 -2.79
C ILE P 144 -0.13 -20.72 -1.99
C ILE P 144 -0.14 -20.70 -2.01
N THR P 145 -0.13 -19.96 -0.89
CA THR P 145 1.08 -19.80 -0.07
C THR P 145 1.38 -21.11 0.66
N TRP P 146 0.37 -21.73 1.22
CA TRP P 146 0.49 -23.10 1.78
C TRP P 146 1.09 -24.03 0.71
N ALA P 147 0.57 -24.02 -0.53
CA ALA P 147 1.09 -24.89 -1.63
C ALA P 147 2.59 -24.63 -1.85
N HIS P 148 2.95 -23.34 -1.91
CA HIS P 148 4.36 -22.94 -2.12
C HIS P 148 5.24 -23.55 -1.01
N HIS P 149 4.89 -23.34 0.25
CA HIS P 149 5.68 -23.86 1.39
C HIS P 149 5.71 -25.38 1.37
N SER P 150 4.59 -26.03 1.05
CA SER P 150 4.60 -27.52 0.98
C SER P 150 5.62 -27.99 -0.07
N LEU P 151 5.64 -27.33 -1.23
CA LEU P 151 6.58 -27.72 -2.30
C LEU P 151 8.03 -27.52 -1.80
N MET P 152 8.35 -26.36 -1.21
CA MET P 152 9.73 -26.10 -0.72
C MET P 152 10.11 -27.11 0.35
N GLU P 153 9.15 -27.63 1.13
CA GLU P 153 9.42 -28.60 2.22
C GLU P 153 9.38 -30.01 1.68
N GLY P 154 9.16 -30.23 0.39
CA GLY P 154 9.26 -31.57 -0.19
C GLY P 154 7.97 -32.40 0.04
N ASP P 155 6.84 -31.77 0.27
CA ASP P 155 5.59 -32.45 0.68
C ASP P 155 4.64 -32.52 -0.54
N ARG P 156 4.69 -33.61 -1.27
CA ARG P 156 3.88 -33.78 -2.51
C ARG P 156 2.37 -33.71 -2.19
N LYS P 157 1.92 -34.53 -1.22
CA LYS P 157 0.48 -34.64 -0.93
C LYS P 157 -0.10 -33.24 -0.56
N HIS P 158 0.53 -32.53 0.35
CA HIS P 158 -0.02 -31.24 0.83
C HIS P 158 0.11 -30.16 -0.26
N MET P 159 1.16 -30.18 -1.09
CA MET P 159 1.25 -29.26 -2.26
C MET P 159 0.02 -29.49 -3.16
N LEU P 160 -0.28 -30.76 -3.48
CA LEU P 160 -1.44 -31.05 -4.37
C LEU P 160 -2.76 -30.62 -3.71
N GLN P 161 -2.93 -30.88 -2.41
N GLN P 161 -2.93 -30.90 -2.41
CA GLN P 161 -4.18 -30.48 -1.72
CA GLN P 161 -4.13 -30.51 -1.63
C GLN P 161 -4.33 -28.96 -1.73
C GLN P 161 -4.32 -28.99 -1.71
N ALA P 162 -3.28 -28.24 -1.38
CA ALA P 162 -3.34 -26.76 -1.29
C ALA P 162 -3.62 -26.15 -2.68
N LEU P 163 -2.98 -26.69 -3.71
CA LEU P 163 -3.12 -26.18 -5.11
C LEU P 163 -4.53 -26.52 -5.61
N PHE P 164 -5.05 -27.72 -5.29
CA PHE P 164 -6.44 -28.09 -5.65
C PHE P 164 -7.42 -27.09 -5.00
N ILE P 165 -7.22 -26.77 -3.73
CA ILE P 165 -8.12 -25.81 -3.02
C ILE P 165 -8.02 -24.45 -3.72
N THR P 166 -6.81 -24.02 -4.10
CA THR P 166 -6.61 -22.71 -4.76
C THR P 166 -7.43 -22.70 -6.07
N ILE P 167 -7.30 -23.76 -6.88
CA ILE P 167 -8.01 -23.85 -8.17
C ILE P 167 -9.52 -23.84 -7.94
N THR P 168 -10.00 -24.60 -6.97
CA THR P 168 -11.44 -24.71 -6.64
C THR P 168 -11.96 -23.29 -6.30
N LEU P 169 -11.16 -22.53 -5.54
CA LEU P 169 -11.60 -21.16 -5.18
C LEU P 169 -11.64 -20.27 -6.44
N GLY P 170 -10.65 -20.36 -7.33
CA GLY P 170 -10.69 -19.67 -8.64
C GLY P 170 -11.91 -20.00 -9.45
N VAL P 171 -12.26 -21.28 -9.53
CA VAL P 171 -13.49 -21.71 -10.25
C VAL P 171 -14.72 -21.13 -9.55
N TYR P 172 -14.79 -21.20 -8.22
CA TYR P 172 -15.94 -20.65 -7.45
C TYR P 172 -16.08 -19.16 -7.78
N PHE P 173 -14.98 -18.39 -7.78
CA PHE P 173 -15.07 -16.95 -8.13
C PHE P 173 -15.70 -16.81 -9.52
N THR P 174 -15.19 -17.60 -10.47
CA THR P 174 -15.64 -17.52 -11.89
C THR P 174 -17.14 -17.85 -11.95
N LEU P 175 -17.62 -18.90 -11.28
CA LEU P 175 -19.07 -19.23 -11.36
C LEU P 175 -19.88 -18.14 -10.64
N LEU P 176 -19.38 -17.60 -9.54
CA LEU P 176 -20.10 -16.52 -8.83
C LEU P 176 -20.21 -15.30 -9.75
N GLN P 177 -19.12 -14.95 -10.43
CA GLN P 177 -19.10 -13.75 -11.32
C GLN P 177 -20.05 -13.98 -12.50
N ALA P 178 -20.01 -15.16 -13.14
CA ALA P 178 -20.94 -15.54 -14.24
C ALA P 178 -22.39 -15.34 -13.77
N SER P 179 -22.71 -15.86 -12.59
CA SER P 179 -24.07 -15.75 -12.00
C SER P 179 -24.42 -14.27 -11.75
N GLU P 180 -23.48 -13.51 -11.17
N GLU P 180 -23.51 -13.45 -11.22
CA GLU P 180 -23.59 -12.05 -10.96
CA GLU P 180 -23.88 -12.03 -10.95
C GLU P 180 -23.98 -11.35 -12.27
C GLU P 180 -23.95 -11.22 -12.26
N TYR P 181 -23.20 -11.59 -13.32
CA TYR P 181 -23.38 -11.01 -14.66
C TYR P 181 -24.82 -11.22 -15.14
N TYR P 182 -25.28 -12.45 -15.03
CA TYR P 182 -26.62 -12.83 -15.49
C TYR P 182 -27.68 -12.13 -14.62
N GLU P 183 -27.50 -12.03 -13.29
CA GLU P 183 -28.50 -11.40 -12.39
C GLU P 183 -28.43 -9.87 -12.42
N ALA P 184 -27.34 -9.27 -12.87
CA ALA P 184 -27.21 -7.79 -12.80
C ALA P 184 -28.36 -7.15 -13.57
N PRO P 185 -29.07 -6.16 -12.96
CA PRO P 185 -30.15 -5.47 -13.65
C PRO P 185 -29.66 -4.40 -14.64
N PHE P 186 -28.37 -4.14 -14.65
CA PHE P 186 -27.75 -3.22 -15.63
C PHE P 186 -26.86 -4.08 -16.57
N THR P 187 -26.57 -3.53 -17.74
CA THR P 187 -25.81 -4.18 -18.83
C THR P 187 -24.64 -3.31 -19.24
N ILE P 188 -23.83 -3.85 -20.15
CA ILE P 188 -22.70 -3.10 -20.74
C ILE P 188 -23.21 -1.87 -21.53
N SER P 189 -24.45 -1.88 -22.01
CA SER P 189 -25.06 -0.75 -22.75
C SER P 189 -25.74 0.28 -21.80
N ASP P 190 -25.63 0.13 -20.48
CA ASP P 190 -26.25 1.10 -19.53
C ASP P 190 -25.23 2.23 -19.24
N GLY P 191 -24.87 2.93 -20.31
CA GLY P 191 -24.01 4.12 -20.23
C GLY P 191 -22.65 3.80 -19.66
N VAL P 192 -22.02 4.84 -19.13
CA VAL P 192 -20.63 4.74 -18.66
C VAL P 192 -20.57 3.88 -17.37
N TYR P 193 -21.67 3.79 -16.60
CA TYR P 193 -21.73 2.88 -15.44
C TYR P 193 -21.56 1.42 -15.89
N GLY P 194 -22.37 0.97 -16.85
CA GLY P 194 -22.26 -0.40 -17.42
C GLY P 194 -20.93 -0.63 -18.13
N SER P 195 -20.46 0.39 -18.84
CA SER P 195 -19.23 0.32 -19.65
C SER P 195 -18.07 0.04 -18.69
N THR P 196 -17.90 0.86 -17.65
CA THR P 196 -16.74 0.75 -16.75
C THR P 196 -16.89 -0.57 -15.95
N PHE P 197 -18.10 -0.88 -15.50
CA PHE P 197 -18.32 -2.09 -14.68
C PHE P 197 -17.92 -3.32 -15.49
N PHE P 198 -18.51 -3.50 -16.66
CA PHE P 198 -18.37 -4.78 -17.41
C PHE P 198 -17.00 -4.87 -18.07
N VAL P 199 -16.45 -3.78 -18.55
CA VAL P 199 -15.13 -3.91 -19.23
C VAL P 199 -14.04 -4.16 -18.17
N ALA P 200 -14.06 -3.44 -17.03
CA ALA P 200 -13.01 -3.61 -15.99
C ALA P 200 -13.17 -4.99 -15.33
N THR P 201 -14.37 -5.34 -14.85
CA THR P 201 -14.55 -6.65 -14.19
C THR P 201 -14.42 -7.76 -15.25
N GLY P 202 -14.77 -7.52 -16.51
CA GLY P 202 -14.68 -8.54 -17.57
C GLY P 202 -13.23 -8.87 -17.87
N PHE P 203 -12.38 -7.84 -18.05
CA PHE P 203 -10.93 -8.10 -18.22
C PHE P 203 -10.38 -8.80 -16.97
N HIS P 204 -10.83 -8.40 -15.77
CA HIS P 204 -10.39 -9.08 -14.54
C HIS P 204 -10.82 -10.57 -14.58
N GLY P 205 -12.07 -10.87 -14.94
CA GLY P 205 -12.54 -12.28 -14.98
C GLY P 205 -11.74 -13.07 -16.01
N LEU P 206 -11.38 -12.46 -17.14
CA LEU P 206 -10.50 -13.11 -18.14
C LEU P 206 -9.17 -13.47 -17.47
N HIS P 207 -8.55 -12.56 -16.69
CA HIS P 207 -7.26 -12.82 -16.01
C HIS P 207 -7.44 -13.92 -14.95
N VAL P 208 -8.59 -14.00 -14.28
CA VAL P 208 -8.87 -15.10 -13.31
C VAL P 208 -8.89 -16.43 -14.08
N ILE P 209 -9.52 -16.47 -15.25
CA ILE P 209 -9.58 -17.73 -16.04
C ILE P 209 -8.18 -18.08 -16.50
N ILE P 210 -7.42 -17.08 -16.99
CA ILE P 210 -6.00 -17.31 -17.38
C ILE P 210 -5.23 -17.87 -16.16
N GLY P 211 -5.34 -17.19 -15.02
CA GLY P 211 -4.60 -17.57 -13.80
C GLY P 211 -4.95 -18.99 -13.36
N SER P 212 -6.24 -19.30 -13.41
CA SER P 212 -6.75 -20.64 -13.01
C SER P 212 -6.17 -21.69 -13.95
N THR P 213 -6.13 -21.38 -15.24
CA THR P 213 -5.56 -22.27 -16.27
C THR P 213 -4.08 -22.51 -15.97
N PHE P 214 -3.33 -21.46 -15.66
CA PHE P 214 -1.91 -21.61 -15.30
C PHE P 214 -1.79 -22.53 -14.05
N LEU P 215 -2.63 -22.31 -13.03
CA LEU P 215 -2.55 -23.15 -11.79
C LEU P 215 -2.84 -24.60 -12.15
N ILE P 216 -3.79 -24.83 -13.08
CA ILE P 216 -4.14 -26.23 -13.49
C ILE P 216 -2.95 -26.88 -14.22
N VAL P 217 -2.27 -26.13 -15.09
CA VAL P 217 -1.01 -26.62 -15.71
C VAL P 217 -0.06 -26.99 -14.57
N CYS P 218 0.16 -26.11 -13.58
CA CYS P 218 1.09 -26.44 -12.48
C CYS P 218 0.59 -27.69 -11.73
N PHE P 219 -0.71 -27.86 -11.57
CA PHE P 219 -1.26 -29.04 -10.84
C PHE P 219 -0.84 -30.32 -11.56
N PHE P 220 -1.09 -30.39 -12.87
CA PHE P 220 -0.73 -31.57 -13.70
C PHE P 220 0.77 -31.76 -13.76
N ARG P 221 1.57 -30.70 -13.86
CA ARG P 221 3.05 -30.86 -13.83
C ARG P 221 3.47 -31.45 -12.47
N GLN P 222 2.86 -31.00 -11.38
CA GLN P 222 3.18 -31.52 -10.03
C GLN P 222 2.77 -33.00 -9.96
N LEU P 223 1.59 -33.33 -10.46
CA LEU P 223 1.16 -34.77 -10.48
C LEU P 223 2.22 -35.61 -11.19
N LYS P 224 2.87 -35.08 -12.25
CA LYS P 224 3.90 -35.79 -13.08
C LYS P 224 5.34 -35.58 -12.56
N PHE P 225 5.48 -35.01 -11.34
CA PHE P 225 6.75 -34.90 -10.58
C PHE P 225 7.72 -33.95 -11.28
N HIS P 226 7.24 -32.99 -12.05
CA HIS P 226 8.16 -32.06 -12.77
C HIS P 226 8.93 -31.17 -11.81
N PHE P 227 8.29 -30.70 -10.76
CA PHE P 227 8.91 -29.72 -9.86
C PHE P 227 9.84 -30.39 -8.86
N THR P 228 11.01 -29.77 -8.61
CA THR P 228 11.83 -30.13 -7.42
C THR P 228 11.48 -29.13 -6.29
N SER P 229 11.92 -29.46 -5.08
CA SER P 229 11.70 -28.62 -3.88
C SER P 229 12.41 -27.26 -4.05
N ASN P 230 13.40 -27.20 -4.94
CA ASN P 230 14.19 -25.97 -5.22
C ASN P 230 13.95 -25.33 -6.58
N HIS P 231 13.44 -26.05 -7.56
CA HIS P 231 13.32 -25.55 -8.94
C HIS P 231 11.87 -25.76 -9.41
N HIS P 232 11.13 -24.68 -9.55
CA HIS P 232 9.67 -24.73 -9.81
C HIS P 232 9.22 -23.33 -10.25
N PHE P 233 9.89 -22.77 -11.24
CA PHE P 233 9.62 -21.37 -11.63
C PHE P 233 8.19 -21.25 -12.18
N GLY P 234 7.68 -22.25 -12.91
CA GLY P 234 6.31 -22.14 -13.45
C GLY P 234 5.30 -21.97 -12.33
N PHE P 235 5.54 -22.67 -11.21
CA PHE P 235 4.71 -22.53 -9.99
C PHE P 235 4.88 -21.12 -9.41
N GLU P 236 6.10 -20.65 -9.28
CA GLU P 236 6.30 -19.27 -8.75
C GLU P 236 5.58 -18.23 -9.64
N ALA P 237 5.76 -18.32 -10.95
CA ALA P 237 5.17 -17.37 -11.92
C ALA P 237 3.64 -17.43 -11.79
N ALA P 238 3.08 -18.62 -11.68
CA ALA P 238 1.61 -18.75 -11.57
C ALA P 238 1.15 -18.12 -10.24
N ALA P 239 1.92 -18.30 -9.16
CA ALA P 239 1.63 -17.71 -7.83
C ALA P 239 1.69 -16.18 -7.93
N TRP P 240 2.75 -15.63 -8.52
CA TRP P 240 2.83 -14.15 -8.71
C TRP P 240 1.63 -13.63 -9.51
N TYR P 241 1.32 -14.30 -10.61
CA TYR P 241 0.18 -13.90 -11.47
C TYR P 241 -1.13 -13.95 -10.64
N TRP P 242 -1.27 -14.99 -9.84
CA TRP P 242 -2.47 -15.20 -9.00
C TRP P 242 -2.54 -14.06 -7.95
N HIS P 243 -1.44 -13.71 -7.33
CA HIS P 243 -1.48 -12.58 -6.38
C HIS P 243 -1.87 -11.29 -7.12
N PHE P 244 -1.38 -11.09 -8.33
CA PHE P 244 -1.74 -9.92 -9.17
C PHE P 244 -3.26 -9.87 -9.36
N VAL P 245 -3.84 -11.01 -9.74
CA VAL P 245 -5.30 -11.11 -9.97
C VAL P 245 -6.08 -10.76 -8.68
N ASP P 246 -5.59 -11.21 -7.52
N ASP P 246 -5.55 -11.20 -7.55
CA ASP P 246 -6.19 -10.91 -6.19
CA ASP P 246 -6.16 -11.05 -6.20
C ASP P 246 -6.15 -9.39 -6.00
C ASP P 246 -6.06 -9.53 -5.84
N VAL P 247 -4.96 -8.82 -6.18
CA VAL P 247 -4.80 -7.37 -5.85
C VAL P 247 -5.67 -6.53 -6.81
N VAL P 248 -5.74 -6.89 -8.09
CA VAL P 248 -6.62 -6.12 -9.00
C VAL P 248 -8.07 -6.22 -8.50
N TRP P 249 -8.47 -7.40 -8.02
CA TRP P 249 -9.85 -7.58 -7.50
C TRP P 249 -10.09 -6.60 -6.32
N LEU P 250 -9.15 -6.53 -5.38
CA LEU P 250 -9.33 -5.66 -4.18
C LEU P 250 -9.53 -4.22 -4.65
N PHE P 251 -8.77 -3.78 -5.66
CA PHE P 251 -8.90 -2.42 -6.23
C PHE P 251 -10.27 -2.29 -6.89
N LEU P 252 -10.72 -3.29 -7.64
CA LEU P 252 -12.06 -3.22 -8.26
C LEU P 252 -13.16 -3.13 -7.17
N TYR P 253 -13.04 -3.97 -6.15
CA TYR P 253 -14.02 -4.08 -5.05
C TYR P 253 -14.16 -2.71 -4.37
N VAL P 254 -13.03 -2.14 -3.94
CA VAL P 254 -13.07 -0.83 -3.26
C VAL P 254 -13.57 0.26 -4.24
N SER P 255 -13.10 0.28 -5.48
CA SER P 255 -13.37 1.42 -6.39
C SER P 255 -14.78 1.33 -6.97
N ILE P 256 -15.07 0.23 -7.65
CA ILE P 256 -16.30 0.10 -8.48
C ILE P 256 -17.47 -0.37 -7.62
N TYR P 257 -17.28 -1.42 -6.84
CA TYR P 257 -18.41 -2.06 -6.11
C TYR P 257 -18.78 -1.24 -4.88
N TRP P 258 -17.77 -0.75 -4.16
CA TRP P 258 -18.03 -0.12 -2.84
C TRP P 258 -18.11 1.40 -3.00
N TRP P 259 -16.99 2.06 -3.24
CA TRP P 259 -16.94 3.55 -3.38
C TRP P 259 -17.89 3.99 -4.51
N GLY P 260 -17.99 3.24 -5.61
CA GLY P 260 -18.84 3.65 -6.77
C GLY P 260 -20.31 3.30 -6.60
N SER P 261 -20.74 2.69 -5.51
CA SER P 261 -22.16 2.26 -5.35
C SER P 261 -23.00 3.40 -4.75
N ASP Q 10 42.30 -11.90 -38.65
CA ASP Q 10 42.86 -10.52 -38.97
C ASP Q 10 42.17 -9.56 -38.00
N TYR Q 11 40.85 -9.71 -37.88
CA TYR Q 11 40.03 -8.94 -36.90
C TYR Q 11 40.50 -9.26 -35.50
N ALA Q 12 41.16 -10.41 -35.26
CA ALA Q 12 41.58 -10.82 -33.90
C ALA Q 12 43.05 -10.48 -33.67
N LEU Q 13 43.76 -9.90 -34.64
CA LEU Q 13 45.21 -9.62 -34.49
C LEU Q 13 45.46 -8.12 -34.50
N PRO Q 14 46.50 -7.63 -33.79
CA PRO Q 14 46.94 -6.24 -33.91
C PRO Q 14 47.10 -5.87 -35.38
N SER Q 15 46.78 -4.63 -35.74
CA SER Q 15 46.83 -4.13 -37.14
C SER Q 15 47.55 -2.78 -37.17
N TYR Q 16 47.92 -2.35 -38.36
CA TYR Q 16 48.59 -1.06 -38.64
C TYR Q 16 47.51 0.00 -38.86
N VAL Q 17 47.77 1.23 -38.42
N VAL Q 17 47.76 1.21 -38.38
CA VAL Q 17 46.85 2.39 -38.59
CA VAL Q 17 46.90 2.37 -38.70
C VAL Q 17 47.70 3.66 -38.67
C VAL Q 17 47.81 3.57 -38.80
N ASP Q 18 47.43 4.51 -39.66
CA ASP Q 18 48.05 5.85 -39.76
C ASP Q 18 47.05 6.81 -39.16
N ARG Q 19 47.31 7.25 -37.94
CA ARG Q 19 46.43 8.14 -37.15
C ARG Q 19 47.36 9.10 -36.40
N ARG Q 20 47.14 10.40 -36.59
CA ARG Q 20 47.99 11.44 -35.99
C ARG Q 20 47.95 11.31 -34.45
N ASP Q 21 46.86 10.80 -33.86
CA ASP Q 21 46.71 10.65 -32.38
C ASP Q 21 47.15 9.25 -31.92
N TYR Q 22 47.69 8.41 -32.82
CA TYR Q 22 48.23 7.05 -32.50
C TYR Q 22 49.50 6.86 -33.32
N PRO Q 23 50.52 7.70 -33.06
CA PRO Q 23 51.67 7.80 -33.93
C PRO Q 23 52.53 6.54 -34.05
N LEU Q 24 52.53 5.69 -33.00
CA LEU Q 24 53.35 4.46 -32.97
C LEU Q 24 52.44 3.23 -32.94
N PRO Q 25 52.04 2.75 -34.12
CA PRO Q 25 51.06 1.67 -34.22
C PRO Q 25 51.60 0.35 -33.67
N ASP Q 26 50.68 -0.61 -33.50
CA ASP Q 26 50.93 -1.88 -32.78
C ASP Q 26 51.90 -2.76 -33.57
N VAL Q 27 51.95 -2.66 -34.91
CA VAL Q 27 52.84 -3.48 -35.79
C VAL Q 27 53.53 -2.55 -36.80
N ALA Q 28 54.64 -3.04 -37.34
CA ALA Q 28 55.40 -2.47 -38.46
C ALA Q 28 54.53 -2.53 -39.71
N HIS Q 29 54.63 -1.52 -40.58
CA HIS Q 29 53.96 -1.55 -41.91
C HIS Q 29 54.36 -2.82 -42.69
N VAL Q 30 55.65 -3.18 -42.69
CA VAL Q 30 56.23 -4.31 -43.46
C VAL Q 30 56.63 -5.38 -42.45
N LYS Q 31 55.90 -6.50 -42.48
CA LYS Q 31 56.03 -7.62 -41.52
C LYS Q 31 57.24 -8.49 -41.89
N ASN Q 32 57.43 -8.77 -43.18
CA ASN Q 32 58.40 -9.80 -43.64
C ASN Q 32 59.47 -9.14 -44.50
N LEU Q 33 60.72 -9.22 -44.04
CA LEU Q 33 61.88 -8.50 -44.60
C LEU Q 33 62.64 -9.42 -45.57
N SER Q 34 62.94 -8.89 -46.77
CA SER Q 34 63.99 -9.38 -47.71
C SER Q 34 65.34 -9.38 -46.99
N ALA Q 35 66.35 -10.03 -47.59
CA ALA Q 35 67.71 -10.16 -47.03
C ALA Q 35 68.35 -8.75 -46.94
N SER Q 36 68.14 -7.86 -47.92
CA SER Q 36 68.75 -6.49 -47.89
C SER Q 36 68.09 -5.63 -46.79
N GLN Q 37 66.77 -5.75 -46.62
CA GLN Q 37 66.03 -5.03 -45.54
C GLN Q 37 66.48 -5.54 -44.17
N LYS Q 38 66.69 -6.85 -44.02
CA LYS Q 38 67.20 -7.47 -42.77
C LYS Q 38 68.61 -6.97 -42.45
N ALA Q 39 69.44 -6.72 -43.48
CA ALA Q 39 70.83 -6.21 -43.32
C ALA Q 39 70.79 -4.73 -42.89
N LEU Q 40 69.86 -3.97 -43.48
CA LEU Q 40 69.63 -2.56 -43.10
C LEU Q 40 69.19 -2.47 -41.63
N LYS Q 41 68.37 -3.41 -41.12
CA LYS Q 41 67.96 -3.41 -39.68
C LYS Q 41 69.17 -3.74 -38.79
N GLU Q 42 70.08 -4.60 -39.27
CA GLU Q 42 71.37 -4.88 -38.59
C GLU Q 42 72.22 -3.59 -38.61
N LYS Q 43 72.29 -2.93 -39.75
CA LYS Q 43 73.06 -1.67 -39.87
C LYS Q 43 72.48 -0.66 -38.87
N GLU Q 44 71.15 -0.67 -38.67
CA GLU Q 44 70.43 0.27 -37.78
C GLU Q 44 70.93 0.12 -36.33
N LYS Q 45 71.57 -0.99 -35.94
CA LYS Q 45 72.05 -1.21 -34.55
C LYS Q 45 73.38 -0.49 -34.32
N ALA Q 46 74.01 -0.02 -35.40
CA ALA Q 46 75.24 0.80 -35.34
C ALA Q 46 74.83 2.27 -35.41
N SER Q 47 75.80 3.16 -35.32
CA SER Q 47 75.58 4.62 -35.30
C SER Q 47 74.66 5.06 -36.46
N TRP Q 48 73.63 5.85 -36.19
CA TRP Q 48 72.71 6.35 -37.26
C TRP Q 48 73.41 7.38 -38.16
N SER Q 49 74.47 8.06 -37.69
CA SER Q 49 75.31 8.96 -38.53
C SER Q 49 75.91 8.22 -39.72
N SER Q 50 76.17 6.91 -39.57
CA SER Q 50 76.70 6.02 -40.64
C SER Q 50 75.63 5.67 -41.67
N LEU Q 51 74.34 5.91 -41.37
CA LEU Q 51 73.21 5.69 -42.30
C LEU Q 51 73.17 6.84 -43.31
N SER Q 52 72.97 6.53 -44.59
CA SER Q 52 72.67 7.52 -45.67
C SER Q 52 71.21 7.99 -45.56
N ILE Q 53 70.88 9.08 -46.27
CA ILE Q 53 69.49 9.62 -46.33
C ILE Q 53 68.57 8.51 -46.86
N ASP Q 54 68.98 7.85 -47.95
CA ASP Q 54 68.13 6.84 -48.65
C ASP Q 54 67.83 5.69 -47.68
N GLU Q 55 68.79 5.32 -46.83
CA GLU Q 55 68.66 4.19 -45.88
C GLU Q 55 67.70 4.61 -44.78
N LYS Q 56 67.83 5.85 -44.28
CA LYS Q 56 66.98 6.42 -43.22
C LYS Q 56 65.52 6.40 -43.72
N VAL Q 57 65.29 6.85 -44.95
CA VAL Q 57 63.94 6.87 -45.57
C VAL Q 57 63.46 5.41 -45.67
N GLU Q 58 64.36 4.48 -46.01
CA GLU Q 58 63.95 3.06 -46.17
C GLU Q 58 63.55 2.48 -44.80
N LEU Q 59 64.30 2.74 -43.74
CA LEU Q 59 63.91 2.29 -42.37
C LEU Q 59 62.54 2.91 -42.01
N TYR Q 60 62.31 4.18 -42.35
CA TYR Q 60 61.03 4.87 -42.02
C TYR Q 60 59.87 4.10 -42.69
N ARG Q 61 60.05 3.73 -43.96
CA ARG Q 61 59.05 3.12 -44.87
C ARG Q 61 58.85 1.64 -44.52
N LEU Q 62 59.80 0.95 -43.86
CA LEU Q 62 59.57 -0.42 -43.31
C LEU Q 62 58.59 -0.35 -42.14
N LYS Q 63 58.70 0.72 -41.33
CA LYS Q 63 57.98 0.87 -40.05
C LYS Q 63 56.58 1.48 -40.29
N PHE Q 64 56.48 2.46 -41.17
CA PHE Q 64 55.25 3.27 -41.38
C PHE Q 64 54.84 3.23 -42.85
N LYS Q 65 53.54 3.36 -43.12
CA LYS Q 65 53.01 3.43 -44.52
C LYS Q 65 53.09 4.88 -44.97
N GLU Q 66 52.28 5.77 -44.37
CA GLU Q 66 52.28 7.21 -44.71
C GLU Q 66 53.00 8.01 -43.61
N SER Q 67 53.75 9.05 -44.01
CA SER Q 67 54.23 10.14 -43.13
C SER Q 67 53.05 10.97 -42.64
N PHE Q 68 53.28 11.85 -41.66
CA PHE Q 68 52.25 12.79 -41.17
C PHE Q 68 51.76 13.68 -42.32
N ALA Q 69 52.67 14.18 -43.13
CA ALA Q 69 52.30 15.09 -44.25
C ALA Q 69 51.36 14.35 -45.23
N GLU Q 70 51.68 13.11 -45.55
CA GLU Q 70 50.85 12.28 -46.47
C GLU Q 70 49.47 12.03 -45.84
N MET Q 71 49.42 11.58 -44.61
CA MET Q 71 48.14 11.11 -44.02
C MET Q 71 47.25 12.34 -43.79
N ASN Q 72 47.83 13.54 -43.72
CA ASN Q 72 47.10 14.80 -43.43
C ASN Q 72 46.73 15.54 -44.73
N ARG Q 73 47.04 15.06 -45.92
CA ARG Q 73 46.79 15.88 -47.14
C ARG Q 73 45.29 16.08 -47.37
N SER Q 74 44.90 17.25 -47.86
CA SER Q 74 43.49 17.56 -48.23
C SER Q 74 43.26 17.06 -49.66
N THR Q 75 42.02 16.95 -50.09
CA THR Q 75 41.65 16.24 -51.34
C THR Q 75 40.68 17.14 -52.10
N ASN Q 76 40.39 16.78 -53.35
CA ASN Q 76 39.43 17.49 -54.23
C ASN Q 76 38.04 16.87 -54.07
N GLU Q 77 37.84 15.96 -53.12
CA GLU Q 77 36.56 15.21 -52.97
C GLU Q 77 35.37 16.18 -52.87
N TRP Q 78 35.57 17.33 -52.19
CA TRP Q 78 34.48 18.31 -51.96
C TRP Q 78 33.86 18.74 -53.30
N LYS Q 79 34.68 18.83 -54.35
CA LYS Q 79 34.23 19.30 -55.67
C LYS Q 79 33.23 18.28 -56.23
N THR Q 80 33.60 17.02 -56.14
CA THR Q 80 32.75 15.90 -56.62
C THR Q 80 31.44 15.89 -55.82
N VAL Q 81 31.51 16.05 -54.50
CA VAL Q 81 30.33 15.89 -53.61
C VAL Q 81 29.38 17.06 -53.87
N VAL Q 82 29.88 18.29 -53.86
CA VAL Q 82 29.04 19.50 -54.07
C VAL Q 82 28.46 19.50 -55.50
N GLY Q 83 29.30 19.16 -56.49
CA GLY Q 83 28.85 19.13 -57.88
C GLY Q 83 27.77 18.09 -58.14
N ALA Q 84 27.98 16.84 -57.71
CA ALA Q 84 27.01 15.73 -57.84
C ALA Q 84 25.72 16.09 -57.07
N ALA Q 85 25.84 16.67 -55.86
CA ALA Q 85 24.63 17.07 -55.10
C ALA Q 85 23.83 18.07 -55.93
N MET Q 86 24.51 19.03 -56.55
CA MET Q 86 23.83 20.05 -57.37
C MET Q 86 23.25 19.38 -58.62
N PHE Q 87 23.94 18.41 -59.21
CA PHE Q 87 23.36 17.66 -60.36
C PHE Q 87 22.02 17.00 -59.93
N PHE Q 88 22.00 16.34 -58.78
CA PHE Q 88 20.80 15.58 -58.32
C PHE Q 88 19.69 16.56 -57.91
N ILE Q 89 20.04 17.70 -57.33
CA ILE Q 89 19.03 18.75 -57.03
C ILE Q 89 18.47 19.30 -58.36
N GLY Q 90 19.31 19.44 -59.37
CA GLY Q 90 18.86 19.83 -60.72
C GLY Q 90 17.89 18.83 -61.31
N PHE Q 91 18.23 17.54 -61.20
CA PHE Q 91 17.38 16.44 -61.70
C PHE Q 91 16.01 16.55 -61.05
N THR Q 92 15.96 16.95 -59.79
CA THR Q 92 14.70 17.08 -59.04
C THR Q 92 13.78 18.09 -59.76
N ALA Q 93 14.33 19.22 -60.21
CA ALA Q 93 13.54 20.25 -60.91
C ALA Q 93 12.96 19.64 -62.18
N LEU Q 94 13.61 18.65 -62.81
CA LEU Q 94 13.02 17.99 -64.02
C LEU Q 94 11.74 17.26 -63.59
N LEU Q 95 11.76 16.62 -62.43
CA LEU Q 95 10.57 15.90 -61.88
C LEU Q 95 9.45 16.90 -61.62
N LEU Q 96 9.78 18.07 -61.09
CA LEU Q 96 8.80 19.13 -60.76
C LEU Q 96 8.22 19.72 -62.05
N ILE Q 97 9.04 19.85 -63.10
CA ILE Q 97 8.54 20.36 -64.41
C ILE Q 97 7.53 19.32 -64.92
N TRP Q 98 7.87 18.02 -64.88
CA TRP Q 98 6.98 16.91 -65.29
C TRP Q 98 5.66 16.99 -64.49
N GLU Q 99 5.75 17.19 -63.19
CA GLU Q 99 4.53 17.20 -62.33
C GLU Q 99 3.66 18.38 -62.76
N LYS Q 100 4.25 19.54 -62.98
CA LYS Q 100 3.48 20.75 -63.30
C LYS Q 100 2.74 20.55 -64.64
N HIS Q 101 3.40 19.97 -65.62
CA HIS Q 101 2.89 19.74 -67.00
C HIS Q 101 1.79 18.67 -66.99
N TYR Q 102 2.02 17.54 -66.34
CA TYR Q 102 1.16 16.34 -66.53
C TYR Q 102 0.24 16.07 -65.35
N VAL Q 103 0.47 16.63 -64.17
CA VAL Q 103 -0.31 16.22 -62.97
C VAL Q 103 -1.20 17.39 -62.58
N TYR Q 104 -0.64 18.56 -62.42
CA TYR Q 104 -1.38 19.74 -61.94
C TYR Q 104 -2.26 20.28 -63.07
N GLY Q 105 -3.52 20.53 -62.76
CA GLY Q 105 -4.44 21.27 -63.64
C GLY Q 105 -4.43 22.74 -63.28
N PRO Q 106 -5.37 23.54 -63.82
CA PRO Q 106 -5.45 24.97 -63.52
C PRO Q 106 -5.62 25.29 -62.04
N ILE Q 107 -5.06 26.40 -61.59
CA ILE Q 107 -5.33 26.86 -60.21
C ILE Q 107 -6.62 27.68 -60.23
N PRO Q 108 -7.19 27.99 -59.06
CA PRO Q 108 -8.46 28.69 -59.01
C PRO Q 108 -8.47 30.09 -59.63
N HIS Q 109 -9.63 30.51 -60.09
CA HIS Q 109 -9.81 31.81 -60.80
C HIS Q 109 -9.43 32.99 -59.88
N THR Q 110 -9.33 32.78 -58.56
CA THR Q 110 -9.03 33.86 -57.57
C THR Q 110 -7.59 34.35 -57.73
N PHE Q 111 -6.76 33.66 -58.51
CA PHE Q 111 -5.35 34.04 -58.78
C PHE Q 111 -5.24 34.85 -60.07
N GLU Q 112 -6.35 35.06 -60.78
CA GLU Q 112 -6.34 35.95 -61.98
C GLU Q 112 -5.99 37.40 -61.56
N GLU Q 113 -5.25 38.08 -62.42
CA GLU Q 113 -4.70 39.46 -62.19
C GLU Q 113 -5.85 40.37 -61.74
N GLU Q 114 -7.02 40.30 -62.40
CA GLU Q 114 -8.16 41.23 -62.10
C GLU Q 114 -8.77 40.88 -60.74
N TRP Q 115 -8.94 39.61 -60.42
CA TRP Q 115 -9.40 39.19 -59.06
C TRP Q 115 -8.43 39.72 -58.01
N VAL Q 116 -7.13 39.51 -58.20
CA VAL Q 116 -6.10 39.89 -57.18
C VAL Q 116 -6.16 41.41 -56.98
N ALA Q 117 -6.38 42.19 -58.04
CA ALA Q 117 -6.43 43.68 -57.93
C ALA Q 117 -7.63 44.09 -57.06
N LYS Q 118 -8.77 43.45 -57.26
CA LYS Q 118 -10.04 43.72 -56.51
C LYS Q 118 -9.89 43.28 -55.04
N GLN Q 119 -9.35 42.09 -54.84
CA GLN Q 119 -9.12 41.47 -53.52
C GLN Q 119 -8.14 42.33 -52.74
N THR Q 120 -7.08 42.82 -53.39
CA THR Q 120 -6.11 43.77 -52.76
C THR Q 120 -6.87 45.02 -52.29
N LYS Q 121 -7.70 45.64 -53.13
CA LYS Q 121 -8.46 46.83 -52.69
C LYS Q 121 -9.36 46.47 -51.49
N ARG Q 122 -10.11 45.37 -51.56
CA ARG Q 122 -11.01 44.99 -50.44
C ARG Q 122 -10.19 44.80 -49.15
N MET Q 123 -9.00 44.22 -49.24
CA MET Q 123 -8.14 44.01 -48.04
C MET Q 123 -7.72 45.37 -47.47
N LEU Q 124 -7.41 46.34 -48.34
CA LEU Q 124 -7.01 47.69 -47.89
C LEU Q 124 -8.24 48.40 -47.31
N ASP Q 125 -9.43 48.13 -47.87
CA ASP Q 125 -10.72 48.72 -47.41
C ASP Q 125 -11.08 48.19 -46.01
N MET Q 126 -10.78 46.92 -45.73
CA MET Q 126 -11.02 46.36 -44.38
C MET Q 126 -9.75 46.51 -43.52
N LYS Q 127 -8.73 47.25 -43.98
CA LYS Q 127 -7.50 47.55 -43.20
C LYS Q 127 -6.90 46.24 -42.64
N VAL Q 128 -6.70 45.23 -43.50
CA VAL Q 128 -5.94 44.02 -43.14
C VAL Q 128 -4.54 44.43 -42.64
N ALA Q 129 -4.13 43.95 -41.47
CA ALA Q 129 -2.77 44.15 -40.89
C ALA Q 129 -2.37 45.62 -41.01
N PRO Q 130 -3.09 46.53 -40.30
CA PRO Q 130 -2.89 47.98 -40.47
C PRO Q 130 -1.75 48.52 -39.59
N ILE Q 131 -1.22 47.67 -38.70
CA ILE Q 131 -0.17 48.13 -37.78
C ILE Q 131 1.20 47.91 -38.43
N GLN Q 132 1.44 46.77 -39.08
CA GLN Q 132 2.76 46.44 -39.71
C GLN Q 132 2.61 45.67 -41.02
N GLY Q 133 1.68 44.71 -41.10
CA GLY Q 133 1.76 43.59 -42.07
C GLY Q 133 1.42 43.97 -43.49
N PHE Q 134 0.35 44.74 -43.75
CA PHE Q 134 -0.21 44.87 -45.12
C PHE Q 134 -0.71 46.30 -45.35
N SER Q 135 -1.83 46.68 -44.71
CA SER Q 135 -2.45 48.01 -44.87
C SER Q 135 -1.47 49.09 -44.34
N ALA Q 136 -0.61 48.73 -43.39
CA ALA Q 136 0.45 49.64 -42.87
C ALA Q 136 1.34 50.10 -44.04
N LYS Q 137 1.41 49.33 -45.13
CA LYS Q 137 2.37 49.62 -46.22
C LYS Q 137 1.67 50.36 -47.35
N TRP Q 138 0.39 50.69 -47.17
CA TRP Q 138 -0.41 51.50 -48.13
C TRP Q 138 -0.52 52.93 -47.60
N ASP Q 139 -0.30 53.90 -48.47
CA ASP Q 139 -0.50 55.33 -48.13
C ASP Q 139 -1.95 55.70 -48.46
N TYR Q 140 -2.82 55.85 -47.45
CA TYR Q 140 -4.28 56.11 -47.63
C TYR Q 140 -4.52 57.57 -48.03
N ASP Q 141 -3.54 58.46 -47.84
CA ASP Q 141 -3.66 59.91 -48.20
C ASP Q 141 -3.37 60.07 -49.69
N LYS Q 142 -2.34 59.40 -50.20
CA LYS Q 142 -1.82 59.52 -51.59
C LYS Q 142 -2.37 58.41 -52.50
N ASN Q 143 -3.07 57.42 -51.98
CA ASN Q 143 -3.69 56.36 -52.83
C ASN Q 143 -2.57 55.60 -53.57
N GLU Q 144 -1.48 55.23 -52.87
CA GLU Q 144 -0.39 54.40 -53.46
C GLU Q 144 0.35 53.63 -52.37
N TRP Q 145 1.18 52.67 -52.74
CA TRP Q 145 2.07 51.95 -51.79
C TRP Q 145 3.14 52.94 -51.31
N LYS Q 146 3.44 52.95 -50.02
CA LYS Q 146 4.56 53.74 -49.44
C LYS Q 146 5.88 53.40 -50.16
N THR R 7 51.89 19.83 -10.66
CA THR R 7 52.66 20.97 -11.30
C THR R 7 53.33 20.51 -12.60
N ASP R 8 53.57 21.47 -13.49
CA ASP R 8 54.19 21.24 -14.83
C ASP R 8 55.52 20.51 -14.64
N GLU R 9 56.33 20.93 -13.67
CA GLU R 9 57.71 20.41 -13.49
C GLU R 9 57.64 18.93 -13.07
N GLU R 10 56.63 18.57 -12.28
CA GLU R 10 56.45 17.20 -11.73
C GLU R 10 55.99 16.29 -12.86
N PHE R 11 55.03 16.76 -13.66
CA PHE R 11 54.55 16.08 -14.89
C PHE R 11 55.74 15.79 -15.80
N ASP R 12 56.55 16.80 -16.11
CA ASP R 12 57.69 16.63 -17.05
C ASP R 12 58.69 15.64 -16.46
N ALA R 13 58.99 15.72 -15.16
CA ALA R 13 59.99 14.85 -14.49
C ALA R 13 59.55 13.37 -14.62
N ARG R 14 58.26 13.09 -14.39
CA ARG R 14 57.69 11.72 -14.44
C ARG R 14 57.89 11.16 -15.85
N TRP R 15 57.67 11.98 -16.88
CA TRP R 15 57.77 11.53 -18.28
C TRP R 15 59.24 11.35 -18.69
N VAL R 16 60.13 12.23 -18.25
CA VAL R 16 61.59 12.07 -18.43
C VAL R 16 62.02 10.75 -17.78
N THR R 17 61.61 10.50 -16.55
CA THR R 17 61.97 9.23 -15.83
C THR R 17 61.43 8.04 -16.63
N TYR R 18 60.21 8.15 -17.17
CA TYR R 18 59.54 7.07 -17.94
C TYR R 18 60.44 6.66 -19.13
N PHE R 19 60.86 7.62 -19.95
CA PHE R 19 61.62 7.30 -21.19
C PHE R 19 63.06 6.98 -20.85
N ASN R 20 63.58 7.38 -19.68
CA ASN R 20 65.01 7.19 -19.34
C ASN R 20 65.26 5.78 -18.78
N LYS R 21 64.23 5.02 -18.46
CA LYS R 21 64.46 3.63 -17.95
C LYS R 21 65.38 2.89 -18.92
N PRO R 22 66.61 2.47 -18.52
CA PRO R 22 67.56 1.88 -19.46
C PRO R 22 66.95 0.74 -20.31
N ASP R 23 66.25 -0.19 -19.67
CA ASP R 23 65.71 -1.39 -20.35
C ASP R 23 64.24 -1.16 -20.69
N ILE R 24 63.79 0.08 -20.91
CA ILE R 24 62.44 0.33 -21.50
C ILE R 24 62.26 -0.58 -22.72
N ASP R 25 61.11 -1.22 -22.89
CA ASP R 25 60.90 -2.10 -24.07
C ASP R 25 60.07 -1.35 -25.11
N ALA R 26 59.95 -1.95 -26.30
CA ALA R 26 59.23 -1.40 -27.48
C ALA R 26 57.78 -1.06 -27.12
N TRP R 27 57.06 -1.96 -26.47
CA TRP R 27 55.68 -1.73 -26.01
C TRP R 27 55.63 -0.46 -25.14
N GLU R 28 56.51 -0.32 -24.18
CA GLU R 28 56.53 0.85 -23.26
C GLU R 28 56.82 2.17 -24.01
N LEU R 29 57.69 2.12 -25.02
CA LEU R 29 58.00 3.32 -25.84
C LEU R 29 56.72 3.79 -26.53
N ARG R 30 56.01 2.85 -27.17
CA ARG R 30 54.80 3.12 -27.96
C ARG R 30 53.71 3.59 -27.01
N LYS R 31 53.49 2.85 -25.92
CA LYS R 31 52.48 3.24 -24.90
C LYS R 31 52.76 4.66 -24.41
N GLY R 32 54.01 4.96 -24.10
CA GLY R 32 54.38 6.31 -23.63
C GLY R 32 54.01 7.38 -24.63
N MET R 33 54.47 7.22 -25.88
CA MET R 33 54.25 8.26 -26.91
C MET R 33 52.75 8.37 -27.21
N ASN R 34 52.04 7.24 -27.29
CA ASN R 34 50.62 7.27 -27.70
C ASN R 34 49.79 7.88 -26.58
N THR R 35 50.16 7.68 -25.32
CA THR R 35 49.46 8.32 -24.17
C THR R 35 49.78 9.82 -24.19
N LEU R 36 51.05 10.17 -24.30
CA LEU R 36 51.48 11.58 -24.11
C LEU R 36 50.78 12.51 -25.14
N VAL R 37 50.58 12.06 -26.39
CA VAL R 37 49.97 12.91 -27.46
C VAL R 37 48.45 13.01 -27.29
N GLY R 38 47.86 12.28 -26.33
CA GLY R 38 46.47 12.50 -25.90
C GLY R 38 46.29 13.80 -25.13
N TYR R 39 47.33 14.35 -24.53
CA TYR R 39 47.17 15.52 -23.63
C TYR R 39 47.10 16.83 -24.42
N ASP R 40 46.56 17.87 -23.77
CA ASP R 40 46.50 19.22 -24.36
C ASP R 40 47.86 19.90 -24.08
N LEU R 41 48.89 19.43 -24.79
CA LEU R 41 50.22 20.04 -24.72
C LEU R 41 51.09 19.49 -25.83
N VAL R 42 52.11 20.24 -26.15
CA VAL R 42 53.29 19.75 -26.93
C VAL R 42 54.35 19.39 -25.91
N PRO R 43 54.86 18.16 -25.91
CA PRO R 43 55.84 17.74 -24.91
C PRO R 43 57.05 18.66 -24.93
N GLU R 44 57.52 19.00 -23.74
CA GLU R 44 58.79 19.75 -23.55
C GLU R 44 59.96 19.01 -24.22
N PRO R 45 60.94 19.76 -24.78
CA PRO R 45 62.16 19.16 -25.30
C PRO R 45 62.78 18.09 -24.37
N LYS R 46 62.83 18.31 -23.04
CA LYS R 46 63.47 17.34 -22.10
C LYS R 46 62.75 15.98 -22.21
N ILE R 47 61.44 16.00 -22.38
CA ILE R 47 60.67 14.73 -22.57
C ILE R 47 61.05 14.11 -23.91
N ILE R 48 61.02 14.89 -24.99
CA ILE R 48 61.32 14.36 -26.34
C ILE R 48 62.75 13.81 -26.35
N ASP R 49 63.70 14.53 -25.73
CA ASP R 49 65.11 14.10 -25.70
C ASP R 49 65.17 12.68 -25.12
N ALA R 50 64.56 12.47 -23.95
CA ALA R 50 64.53 11.15 -23.27
C ALA R 50 63.84 10.11 -24.19
N ALA R 51 62.79 10.47 -24.94
CA ALA R 51 62.09 9.50 -25.81
C ALA R 51 62.99 9.14 -27.01
N LEU R 52 63.73 10.09 -27.59
CA LEU R 52 64.64 9.83 -28.72
C LEU R 52 65.79 8.92 -28.24
N ARG R 53 66.29 9.10 -27.00
CA ARG R 53 67.37 8.26 -26.45
C ARG R 53 66.82 6.84 -26.21
N ALA R 54 65.55 6.70 -25.81
CA ALA R 54 64.89 5.39 -25.68
C ALA R 54 64.92 4.70 -27.06
N CYS R 55 64.57 5.45 -28.12
CA CYS R 55 64.56 4.94 -29.52
C CYS R 55 65.96 4.41 -29.85
N ARG R 56 67.02 5.14 -29.50
CA ARG R 56 68.41 4.69 -29.78
C ARG R 56 68.66 3.34 -29.07
N ARG R 57 68.31 3.25 -27.78
CA ARG R 57 68.55 2.00 -27.00
C ARG R 57 67.74 0.85 -27.62
N LEU R 58 66.59 1.13 -28.22
CA LEU R 58 65.73 0.12 -28.88
C LEU R 58 66.11 -0.05 -30.36
N ASN R 59 67.18 0.61 -30.84
CA ASN R 59 67.64 0.44 -32.24
C ASN R 59 66.49 0.74 -33.22
N ASP R 60 65.70 1.79 -32.95
CA ASP R 60 64.48 2.13 -33.73
C ASP R 60 64.59 3.57 -34.27
N PHE R 61 65.24 3.73 -35.44
CA PHE R 61 65.46 5.06 -36.07
C PHE R 61 64.11 5.65 -36.55
N ALA R 62 63.26 4.81 -37.12
CA ALA R 62 61.97 5.21 -37.70
C ALA R 62 61.09 5.86 -36.62
N SER R 63 61.04 5.28 -35.42
CA SER R 63 60.19 5.80 -34.32
C SER R 63 60.71 7.18 -33.90
N ALA R 64 62.04 7.39 -33.94
CA ALA R 64 62.67 8.69 -33.60
C ALA R 64 62.10 9.76 -34.53
N VAL R 65 62.04 9.45 -35.81
CA VAL R 65 61.55 10.41 -36.83
C VAL R 65 60.07 10.68 -36.56
N ARG R 66 59.29 9.61 -36.34
CA ARG R 66 57.82 9.71 -36.13
C ARG R 66 57.56 10.64 -34.93
N ILE R 67 58.39 10.55 -33.89
CA ILE R 67 58.24 11.35 -32.64
C ILE R 67 58.44 12.82 -33.00
N LEU R 68 59.39 13.13 -33.86
CA LEU R 68 59.55 14.53 -34.33
C LEU R 68 58.31 14.95 -35.12
N GLU R 69 57.73 14.06 -35.94
CA GLU R 69 56.50 14.41 -36.71
C GLU R 69 55.35 14.75 -35.76
N VAL R 70 55.20 13.97 -34.70
CA VAL R 70 53.97 14.13 -33.89
C VAL R 70 54.16 15.35 -33.00
N VAL R 71 55.41 15.73 -32.67
CA VAL R 71 55.64 17.02 -31.95
C VAL R 71 55.16 18.18 -32.84
N LYS R 72 55.55 18.18 -34.12
CA LYS R 72 55.09 19.23 -35.04
C LYS R 72 53.56 19.18 -35.10
N ASP R 73 52.99 17.99 -35.24
CA ASP R 73 51.53 17.85 -35.43
C ASP R 73 50.78 18.43 -34.21
N LYS R 74 51.28 18.16 -33.01
CA LYS R 74 50.60 18.60 -31.76
C LYS R 74 50.55 20.11 -31.64
N ALA R 75 51.45 20.83 -32.32
CA ALA R 75 51.48 22.31 -32.26
C ALA R 75 50.35 22.90 -33.14
N GLY R 76 49.75 22.11 -34.03
CA GLY R 76 48.67 22.66 -34.86
C GLY R 76 49.13 23.92 -35.58
N PRO R 77 48.42 25.06 -35.53
CA PRO R 77 48.83 26.23 -36.32
C PRO R 77 49.91 27.07 -35.62
N HIS R 78 50.39 26.66 -34.44
CA HIS R 78 51.43 27.43 -33.68
C HIS R 78 52.81 27.04 -34.26
N LYS R 79 53.10 27.66 -35.41
CA LYS R 79 54.30 27.52 -36.29
C LYS R 79 55.60 27.67 -35.53
N GLU R 80 55.63 28.48 -34.48
CA GLU R 80 56.88 28.82 -33.72
C GLU R 80 57.32 27.60 -32.86
N ILE R 81 56.43 26.67 -32.52
CA ILE R 81 56.79 25.63 -31.50
C ILE R 81 57.85 24.66 -32.05
N TYR R 82 57.64 24.11 -33.24
CA TYR R 82 58.51 23.05 -33.81
C TYR R 82 59.93 23.57 -34.04
N PRO R 83 60.17 24.70 -34.73
CA PRO R 83 61.52 25.25 -34.85
C PRO R 83 62.19 25.44 -33.47
N TYR R 84 61.44 25.87 -32.44
CA TYR R 84 61.99 25.98 -31.06
C TYR R 84 62.43 24.61 -30.52
N VAL R 85 61.55 23.63 -30.64
CA VAL R 85 61.91 22.27 -30.16
C VAL R 85 63.16 21.77 -30.87
N ILE R 86 63.22 21.89 -32.20
CA ILE R 86 64.35 21.36 -33.02
C ILE R 86 65.62 22.08 -32.55
N GLN R 87 65.52 23.37 -32.25
CA GLN R 87 66.68 24.15 -31.74
C GLN R 87 67.18 23.50 -30.46
N GLU R 88 66.28 23.21 -29.52
CA GLU R 88 66.62 22.65 -28.19
C GLU R 88 67.15 21.22 -28.39
N LEU R 89 66.70 20.50 -29.41
CA LEU R 89 67.08 19.07 -29.60
C LEU R 89 68.37 18.95 -30.43
N ARG R 90 68.83 20.05 -31.05
CA ARG R 90 69.91 19.98 -32.07
C ARG R 90 71.10 19.17 -31.51
N PRO R 91 71.61 19.39 -30.27
CA PRO R 91 72.73 18.61 -29.76
C PRO R 91 72.48 17.09 -29.72
N THR R 92 71.29 16.67 -29.26
CA THR R 92 70.86 15.26 -29.25
C THR R 92 70.73 14.72 -30.69
N LEU R 93 70.13 15.49 -31.59
CA LEU R 93 69.97 15.03 -33.01
C LEU R 93 71.35 14.78 -33.62
N ASN R 94 72.30 15.67 -33.40
CA ASN R 94 73.69 15.54 -33.93
C ASN R 94 74.36 14.31 -33.31
N GLU R 95 74.34 14.21 -31.98
CA GLU R 95 74.98 13.10 -31.22
C GLU R 95 74.43 11.76 -31.72
N LEU R 96 73.12 11.63 -31.94
CA LEU R 96 72.51 10.29 -32.24
C LEU R 96 72.40 10.07 -33.76
N GLY R 97 72.68 11.09 -34.57
CA GLY R 97 72.55 10.97 -36.04
C GLY R 97 71.09 10.87 -36.45
N ILE R 98 70.19 11.58 -35.76
CA ILE R 98 68.75 11.60 -36.12
C ILE R 98 68.50 12.72 -37.16
N SER R 99 68.10 12.35 -38.37
CA SER R 99 67.62 13.27 -39.43
C SER R 99 66.18 13.69 -39.10
N THR R 100 65.84 14.95 -39.32
CA THR R 100 64.47 15.47 -39.14
C THR R 100 63.63 15.03 -40.32
N PRO R 101 62.29 14.97 -40.17
CA PRO R 101 61.41 14.66 -41.30
C PRO R 101 61.67 15.54 -42.52
N GLU R 102 61.92 16.83 -42.28
CA GLU R 102 62.28 17.83 -43.34
C GLU R 102 63.58 17.36 -44.02
N GLU R 103 64.60 17.00 -43.25
CA GLU R 103 65.90 16.53 -43.80
C GLU R 103 65.68 15.25 -44.62
N LEU R 104 64.63 14.47 -44.34
CA LEU R 104 64.37 13.21 -45.10
C LEU R 104 63.35 13.44 -46.21
N GLY R 105 62.82 14.64 -46.40
CA GLY R 105 61.75 14.90 -47.39
C GLY R 105 60.40 14.27 -46.99
N LEU R 106 60.22 13.87 -45.75
CA LEU R 106 58.93 13.25 -45.31
C LEU R 106 57.90 14.31 -44.93
N ASP R 107 58.24 15.61 -44.98
CA ASP R 107 57.25 16.72 -44.83
C ASP R 107 56.55 16.99 -46.19
N LYS R 108 56.95 16.27 -47.23
CA LYS R 108 56.41 16.34 -48.62
C LYS R 108 56.38 17.81 -49.08
N GLY S 3 5.52 -36.35 5.28
CA GLY S 3 5.20 -36.65 3.92
C GLY S 3 6.28 -36.03 3.06
N GLY S 4 6.86 -36.85 2.18
CA GLY S 4 7.84 -36.51 1.12
C GLY S 4 7.23 -36.58 -0.30
N GLY S 5 7.97 -37.10 -1.29
CA GLY S 5 7.46 -37.38 -2.67
C GLY S 5 7.85 -36.29 -3.68
N VAL S 6 8.50 -35.22 -3.26
CA VAL S 6 9.01 -34.18 -4.18
C VAL S 6 10.47 -34.48 -4.46
N PRO S 7 10.86 -34.62 -5.75
CA PRO S 7 12.25 -34.86 -6.08
C PRO S 7 13.11 -33.64 -5.72
N THR S 8 14.38 -33.90 -5.47
CA THR S 8 15.39 -32.84 -5.20
C THR S 8 16.15 -32.57 -6.51
N ASP S 9 16.82 -31.42 -6.59
CA ASP S 9 17.77 -31.13 -7.69
C ASP S 9 18.84 -32.24 -7.81
N GLU S 10 19.35 -32.72 -6.68
CA GLU S 10 20.40 -33.76 -6.69
C GLU S 10 19.82 -34.99 -7.41
N GLU S 11 18.55 -35.30 -7.23
CA GLU S 11 17.96 -36.52 -7.83
C GLU S 11 17.64 -36.27 -9.29
N GLN S 12 17.21 -35.09 -9.68
CA GLN S 12 16.44 -34.97 -10.92
C GLN S 12 17.00 -33.88 -11.86
N ALA S 13 17.87 -32.98 -11.40
CA ALA S 13 18.43 -31.98 -12.34
C ALA S 13 19.23 -32.72 -13.42
N THR S 14 19.23 -32.19 -14.64
CA THR S 14 19.88 -32.85 -15.79
C THR S 14 20.59 -31.79 -16.66
N GLY S 15 21.27 -32.24 -17.71
CA GLY S 15 21.86 -31.38 -18.73
C GLY S 15 22.71 -30.29 -18.10
N LEU S 16 22.65 -29.08 -18.64
CA LEU S 16 23.58 -28.02 -18.22
C LEU S 16 23.29 -27.60 -16.78
N GLU S 17 22.03 -27.52 -16.37
CA GLU S 17 21.66 -27.21 -14.96
C GLU S 17 22.46 -28.12 -14.01
N ARG S 18 22.44 -29.43 -14.27
CA ARG S 18 23.17 -30.39 -13.43
C ARG S 18 24.68 -30.09 -13.49
N GLU S 19 25.25 -29.87 -14.67
CA GLU S 19 26.72 -29.64 -14.78
C GLU S 19 27.07 -28.40 -13.91
N VAL S 20 26.26 -27.35 -13.97
CA VAL S 20 26.54 -26.09 -13.20
C VAL S 20 26.48 -26.43 -11.71
N MET S 21 25.49 -27.26 -11.32
N MET S 21 25.49 -27.22 -11.26
CA MET S 21 25.19 -27.69 -9.93
CA MET S 21 25.35 -27.56 -9.83
C MET S 21 26.39 -28.48 -9.38
C MET S 21 26.58 -28.39 -9.39
N LEU S 22 26.94 -29.41 -10.17
CA LEU S 22 28.06 -30.32 -9.77
C LEU S 22 29.35 -29.48 -9.72
N ALA S 23 29.60 -28.63 -10.70
CA ALA S 23 30.83 -27.79 -10.70
C ALA S 23 30.83 -26.83 -9.49
N ALA S 24 29.68 -26.20 -9.14
CA ALA S 24 29.59 -25.28 -7.97
C ALA S 24 29.90 -26.03 -6.66
N ARG S 25 29.49 -27.30 -6.53
CA ARG S 25 29.82 -28.15 -5.34
C ARG S 25 31.34 -28.30 -5.19
N LYS S 26 32.09 -28.36 -6.31
CA LYS S 26 33.58 -28.46 -6.32
C LYS S 26 34.26 -27.07 -6.32
N GLY S 27 33.54 -25.94 -6.25
CA GLY S 27 34.17 -24.60 -6.33
C GLY S 27 34.79 -24.32 -7.71
N GLN S 28 34.25 -24.88 -8.77
CA GLN S 28 34.74 -24.61 -10.14
C GLN S 28 33.69 -23.77 -10.84
N ASP S 29 34.08 -23.03 -11.87
CA ASP S 29 33.17 -22.13 -12.62
C ASP S 29 33.40 -22.30 -14.11
N PRO S 30 33.17 -23.50 -14.67
CA PRO S 30 33.38 -23.71 -16.10
C PRO S 30 32.45 -22.88 -16.97
N TYR S 31 31.28 -22.47 -16.49
CA TYR S 31 30.30 -21.72 -17.32
C TYR S 31 30.31 -20.21 -16.96
N ASN S 32 31.39 -19.73 -16.34
CA ASN S 32 31.66 -18.27 -16.31
C ASN S 32 30.50 -17.50 -15.65
N ILE S 33 29.98 -18.04 -14.57
CA ILE S 33 28.91 -17.40 -13.75
C ILE S 33 29.48 -16.33 -12.82
N LEU S 34 30.73 -16.46 -12.37
CA LEU S 34 31.38 -15.58 -11.36
C LEU S 34 32.37 -14.65 -12.04
N ALA S 35 32.55 -13.46 -11.51
CA ALA S 35 33.59 -12.52 -11.98
C ALA S 35 34.92 -12.99 -11.40
N PRO S 36 35.97 -13.20 -12.22
CA PRO S 36 37.29 -13.57 -11.68
C PRO S 36 37.91 -12.38 -10.92
N LYS S 37 38.65 -12.71 -9.87
CA LYS S 37 39.38 -11.75 -9.02
C LYS S 37 40.73 -11.48 -9.68
N ALA S 38 41.10 -10.23 -9.87
CA ALA S 38 42.37 -9.79 -10.50
C ALA S 38 43.55 -10.22 -9.63
N THR S 39 44.70 -10.55 -10.24
CA THR S 39 46.02 -10.59 -9.54
C THR S 39 46.55 -9.15 -9.49
N SER S 40 47.79 -8.97 -9.06
CA SER S 40 48.48 -7.65 -9.13
C SER S 40 48.68 -7.25 -10.60
N GLY S 41 48.65 -8.21 -11.52
CA GLY S 41 48.73 -7.93 -12.96
C GLY S 41 50.12 -7.55 -13.43
N THR S 42 51.17 -7.85 -12.68
CA THR S 42 52.56 -7.55 -13.08
C THR S 42 52.99 -8.62 -14.07
N LYS S 43 54.14 -8.44 -14.69
CA LYS S 43 54.71 -9.46 -15.62
C LYS S 43 55.00 -10.75 -14.86
N GLU S 44 55.33 -10.69 -13.56
CA GLU S 44 55.65 -11.86 -12.71
C GLU S 44 54.35 -12.51 -12.22
N ASP S 45 53.27 -11.74 -12.16
CA ASP S 45 51.98 -12.19 -11.59
C ASP S 45 50.84 -11.81 -12.53
N PRO S 46 50.81 -12.33 -13.78
CA PRO S 46 49.81 -11.88 -14.75
C PRO S 46 48.44 -12.44 -14.35
N ASN S 47 47.39 -11.79 -14.83
CA ASN S 47 46.00 -12.30 -14.68
C ASN S 47 45.93 -13.54 -15.56
N LEU S 48 45.43 -14.67 -15.02
CA LEU S 48 45.38 -15.96 -15.76
C LEU S 48 43.97 -16.12 -16.32
N VAL S 49 43.88 -16.09 -17.65
CA VAL S 49 42.63 -16.08 -18.43
C VAL S 49 42.42 -17.49 -19.00
N PRO S 50 41.49 -18.27 -18.44
CA PRO S 50 41.22 -19.59 -19.00
C PRO S 50 40.55 -19.43 -20.38
N SER S 51 40.81 -20.39 -21.26
CA SER S 51 40.09 -20.48 -22.54
C SER S 51 39.99 -21.95 -22.96
N ILE S 52 38.92 -22.29 -23.64
CA ILE S 52 38.85 -23.63 -24.31
C ILE S 52 39.58 -23.60 -25.65
N THR S 53 40.03 -22.42 -26.10
CA THR S 53 40.68 -22.25 -27.44
C THR S 53 41.95 -21.38 -27.27
N ASN S 54 42.48 -20.88 -28.36
CA ASN S 54 43.82 -20.23 -28.37
C ASN S 54 43.70 -18.70 -28.29
N LYS S 55 42.48 -18.18 -28.14
CA LYS S 55 42.29 -16.71 -27.97
C LYS S 55 40.96 -16.46 -27.29
N ARG S 56 40.88 -15.36 -26.54
CA ARG S 56 39.65 -14.97 -25.81
C ARG S 56 39.66 -13.46 -25.66
N ILE S 57 38.49 -12.86 -25.78
CA ILE S 57 38.32 -11.42 -25.58
C ILE S 57 38.42 -11.13 -24.09
N VAL S 58 39.29 -10.16 -23.79
CA VAL S 58 39.43 -9.59 -22.43
C VAL S 58 38.82 -8.18 -22.46
N GLY S 59 38.01 -7.85 -21.47
CA GLY S 59 37.59 -6.48 -21.13
C GLY S 59 38.31 -6.07 -19.85
N CYS S 60 39.01 -4.93 -19.89
CA CYS S 60 39.82 -4.43 -18.76
C CYS S 60 39.13 -3.16 -18.23
N ILE S 61 38.63 -3.23 -17.00
CA ILE S 61 38.17 -2.07 -16.22
C ILE S 61 39.41 -1.57 -15.46
N CYS S 62 40.14 -0.65 -16.05
CA CYS S 62 41.53 -0.35 -15.62
C CYS S 62 41.54 0.15 -14.18
N GLU S 63 40.58 1.00 -13.83
CA GLU S 63 40.38 1.47 -12.44
C GLU S 63 38.93 1.25 -12.06
N GLU S 64 38.73 0.93 -10.79
CA GLU S 64 37.42 0.75 -10.19
C GLU S 64 36.61 2.00 -10.55
N ASP S 65 35.43 1.72 -10.97
CA ASP S 65 34.41 2.75 -11.32
C ASP S 65 34.69 3.47 -12.65
N ASN S 66 35.74 3.13 -13.39
CA ASN S 66 35.80 3.51 -14.83
C ASN S 66 34.50 3.02 -15.54
N SER S 67 33.86 3.88 -16.30
CA SER S 67 32.71 3.46 -17.13
C SER S 67 33.19 2.83 -18.45
N THR S 68 34.37 3.17 -18.93
CA THR S 68 34.95 2.71 -20.21
C THR S 68 35.67 1.36 -19.98
N VAL S 69 35.21 0.33 -20.66
CA VAL S 69 35.89 -0.98 -20.67
C VAL S 69 36.77 -1.06 -21.93
N ILE S 70 37.99 -1.57 -21.76
CA ILE S 70 38.98 -1.69 -22.85
C ILE S 70 38.96 -3.14 -23.32
N TRP S 71 38.58 -3.38 -24.58
CA TRP S 71 38.40 -4.76 -25.11
C TRP S 71 39.53 -5.15 -26.05
N PHE S 72 40.02 -6.38 -25.94
CA PHE S 72 41.04 -6.89 -26.89
C PHE S 72 41.04 -8.40 -26.87
N TRP S 73 41.48 -8.99 -27.98
CA TRP S 73 41.78 -10.43 -28.05
C TRP S 73 43.10 -10.73 -27.34
N LEU S 74 43.07 -11.62 -26.37
CA LEU S 74 44.26 -12.21 -25.74
C LEU S 74 44.57 -13.56 -26.43
N HIS S 75 45.78 -13.68 -26.98
CA HIS S 75 46.28 -14.87 -27.72
C HIS S 75 47.13 -15.75 -26.81
N LYS S 76 47.08 -17.07 -27.07
CA LYS S 76 48.02 -18.07 -26.52
C LYS S 76 49.45 -17.54 -26.71
N GLY S 77 50.29 -17.68 -25.71
CA GLY S 77 51.75 -17.42 -25.79
C GLY S 77 52.14 -16.39 -24.76
N GLU S 78 53.12 -15.55 -25.07
CA GLU S 78 53.59 -14.49 -24.15
C GLU S 78 52.38 -13.66 -23.67
N ALA S 79 52.38 -13.30 -22.38
CA ALA S 79 51.44 -12.37 -21.74
C ALA S 79 51.34 -11.08 -22.59
N GLN S 80 50.13 -10.55 -22.69
CA GLN S 80 49.81 -9.27 -23.37
C GLN S 80 49.39 -8.28 -22.29
N ARG S 81 49.44 -6.99 -22.65
CA ARG S 81 49.16 -5.88 -21.72
C ARG S 81 47.95 -5.12 -22.21
N CYS S 82 47.09 -4.73 -21.28
CA CYS S 82 45.98 -3.80 -21.57
C CYS S 82 46.57 -2.56 -22.24
N PRO S 83 46.07 -2.16 -23.42
CA PRO S 83 46.66 -1.02 -24.12
C PRO S 83 46.33 0.31 -23.43
N SER S 84 45.46 0.35 -22.41
CA SER S 84 45.16 1.58 -21.66
C SER S 84 46.00 1.62 -20.37
N CYS S 85 46.02 0.57 -19.55
CA CYS S 85 46.71 0.60 -18.20
C CYS S 85 47.97 -0.28 -18.14
N GLY S 86 48.24 -1.13 -19.14
CA GLY S 86 49.43 -2.01 -19.14
C GLY S 86 49.35 -3.24 -18.23
N THR S 87 48.18 -3.49 -17.61
N THR S 87 48.22 -3.48 -17.56
CA THR S 87 47.89 -4.72 -16.83
CA THR S 87 48.15 -4.69 -16.70
C THR S 87 48.22 -5.97 -17.69
C THR S 87 48.23 -5.93 -17.62
N HIS S 88 48.92 -6.96 -17.11
CA HIS S 88 49.32 -8.17 -17.85
C HIS S 88 48.21 -9.24 -17.76
N TYR S 89 47.98 -9.91 -18.88
CA TYR S 89 47.06 -11.04 -19.01
C TYR S 89 47.77 -12.17 -19.74
N LYS S 90 47.58 -13.40 -19.25
CA LYS S 90 48.19 -14.60 -19.85
C LYS S 90 47.09 -15.63 -20.09
N LEU S 91 46.96 -16.11 -21.32
CA LEU S 91 45.96 -17.15 -21.67
C LEU S 91 46.44 -18.51 -21.16
N VAL S 92 45.54 -19.26 -20.52
CA VAL S 92 45.86 -20.65 -20.07
C VAL S 92 44.83 -21.54 -20.74
N PRO S 93 45.04 -22.04 -21.98
CA PRO S 93 44.10 -22.99 -22.61
C PRO S 93 43.79 -24.15 -21.63
N GLY T 12 6.24 -21.85 7.87
CA GLY T 12 6.30 -23.02 7.29
C GLY T 12 4.93 -23.33 6.65
N ALA T 13 4.90 -24.48 6.03
CA ALA T 13 3.69 -25.08 5.43
C ALA T 13 2.63 -25.28 6.53
N ARG T 14 3.04 -25.70 7.73
CA ARG T 14 2.09 -26.00 8.83
C ARG T 14 1.29 -24.74 9.20
N THR T 15 1.97 -23.61 9.27
CA THR T 15 1.35 -22.32 9.58
C THR T 15 0.36 -21.94 8.48
N TRP T 16 0.77 -22.02 7.22
CA TRP T 16 -0.09 -21.60 6.10
C TRP T 16 -1.28 -22.56 5.97
N ARG T 17 -1.13 -23.83 6.28
CA ARG T 17 -2.31 -24.73 6.31
C ARG T 17 -3.25 -24.33 7.46
N PHE T 18 -2.69 -24.02 8.62
CA PHE T 18 -3.43 -23.53 9.79
C PHE T 18 -4.26 -22.30 9.39
N LEU T 19 -3.66 -21.35 8.66
CA LEU T 19 -4.39 -20.14 8.21
C LEU T 19 -5.46 -20.53 7.18
N THR T 20 -5.13 -21.45 6.30
CA THR T 20 -6.09 -21.86 5.24
C THR T 20 -7.38 -22.39 5.89
N PHE T 21 -7.24 -23.36 6.79
CA PHE T 21 -8.40 -24.08 7.37
C PHE T 21 -8.99 -23.33 8.57
N GLY T 22 -8.19 -22.53 9.28
CA GLY T 22 -8.60 -21.94 10.57
C GLY T 22 -9.13 -20.50 10.39
N LEU T 23 -8.79 -19.83 9.27
CA LEU T 23 -9.21 -18.43 9.04
C LEU T 23 -9.84 -18.27 7.65
N ALA T 24 -9.12 -18.64 6.59
CA ALA T 24 -9.50 -18.35 5.20
C ALA T 24 -10.79 -19.10 4.84
N LEU T 25 -10.82 -20.43 4.95
CA LEU T 25 -12.04 -21.16 4.57
C LEU T 25 -13.22 -20.84 5.50
N PRO T 26 -13.04 -20.71 6.83
CA PRO T 26 -14.13 -20.24 7.67
C PRO T 26 -14.69 -18.87 7.19
N SER T 27 -13.86 -17.92 6.74
CA SER T 27 -14.34 -16.63 6.19
C SER T 27 -15.24 -16.90 4.98
N VAL T 28 -14.78 -17.76 4.08
CA VAL T 28 -15.56 -18.11 2.86
C VAL T 28 -16.89 -18.73 3.28
N ALA T 29 -16.90 -19.62 4.26
CA ALA T 29 -18.15 -20.24 4.76
C ALA T 29 -19.11 -19.16 5.28
N LEU T 30 -18.59 -18.23 6.11
CA LEU T 30 -19.45 -17.15 6.66
C LEU T 30 -19.97 -16.22 5.56
N CYS T 31 -19.14 -15.86 4.56
CA CYS T 31 -19.63 -14.98 3.45
C CYS T 31 -20.63 -15.75 2.58
N THR T 32 -20.47 -17.07 2.46
CA THR T 32 -21.40 -17.93 1.69
C THR T 32 -22.78 -17.89 2.39
N LEU T 33 -22.81 -18.08 3.71
CA LEU T 33 -24.04 -18.00 4.55
C LEU T 33 -24.63 -16.58 4.39
N ASN T 34 -23.85 -15.53 4.56
CA ASN T 34 -24.33 -14.13 4.39
C ASN T 34 -25.03 -14.01 3.02
N SER T 35 -24.36 -14.46 1.95
CA SER T 35 -24.85 -14.32 0.56
C SER T 35 -26.14 -15.11 0.41
N TRP T 36 -26.16 -16.33 0.92
CA TRP T 36 -27.28 -17.27 0.67
C TRP T 36 -28.52 -16.73 1.40
N LEU T 37 -28.34 -16.02 2.52
CA LEU T 37 -29.47 -15.50 3.32
C LEU T 37 -30.10 -14.28 2.63
N HIS T 38 -29.41 -13.60 1.74
CA HIS T 38 -29.85 -12.37 1.02
C HIS T 38 -29.99 -12.66 -0.49
N SER T 39 -30.29 -13.92 -0.87
CA SER T 39 -30.29 -14.39 -2.28
C SER T 39 -31.68 -14.22 -2.94
N GLY T 40 -32.73 -13.84 -2.21
CA GLY T 40 -34.10 -13.75 -2.76
C GLY T 40 -34.22 -12.75 -3.91
N HIS T 41 -35.13 -12.92 -4.87
CA HIS T 41 -35.29 -12.00 -6.04
C HIS T 41 -35.88 -10.67 -5.57
N ARG T 42 -35.21 -9.54 -5.89
CA ARG T 42 -35.68 -8.15 -5.61
C ARG T 42 -36.81 -7.83 -6.61
N GLU T 43 -37.79 -7.00 -6.21
CA GLU T 43 -38.93 -6.54 -7.06
C GLU T 43 -38.40 -5.57 -8.11
N ARG T 44 -38.64 -5.77 -9.41
CA ARG T 44 -37.99 -4.92 -10.43
C ARG T 44 -38.65 -3.54 -10.49
N PRO T 45 -37.83 -2.50 -10.76
CA PRO T 45 -38.31 -1.11 -10.76
C PRO T 45 -39.12 -0.79 -12.01
N ALA T 46 -40.03 0.17 -11.92
CA ALA T 46 -40.76 0.68 -13.09
C ALA T 46 -39.72 0.91 -14.23
N PHE T 47 -40.08 0.56 -15.45
CA PHE T 47 -39.26 0.91 -16.66
C PHE T 47 -39.41 2.40 -16.95
N ILE T 48 -38.30 3.12 -17.15
CA ILE T 48 -38.30 4.52 -17.65
C ILE T 48 -37.30 4.54 -18.80
N PRO T 49 -37.70 4.97 -20.04
CA PRO T 49 -36.79 4.89 -21.19
C PRO T 49 -35.71 6.00 -21.21
N TYR T 50 -34.89 6.03 -20.15
CA TYR T 50 -33.75 6.96 -20.00
C TYR T 50 -32.82 6.86 -21.22
N HIS T 51 -32.39 8.03 -21.76
CA HIS T 51 -31.61 8.13 -23.02
C HIS T 51 -30.16 7.78 -22.74
N HIS T 52 -29.76 7.78 -21.47
CA HIS T 52 -28.35 7.44 -21.10
C HIS T 52 -28.19 5.94 -20.83
N LEU T 53 -29.25 5.16 -20.97
CA LEU T 53 -29.25 3.70 -20.66
C LEU T 53 -29.79 2.94 -21.88
N ARG T 54 -29.58 1.64 -21.94
CA ARG T 54 -30.03 0.82 -23.11
C ARG T 54 -29.51 1.46 -24.41
N ILE T 55 -28.25 1.85 -24.40
CA ILE T 55 -27.58 2.49 -25.56
C ILE T 55 -27.57 1.51 -26.74
N ARG T 56 -27.95 2.00 -27.91
CA ARG T 56 -27.85 1.27 -29.20
C ARG T 56 -27.30 2.24 -30.25
N THR T 57 -25.99 2.28 -30.43
CA THR T 57 -25.34 3.02 -31.55
C THR T 57 -25.05 2.07 -32.73
N LYS T 58 -24.93 0.76 -32.49
CA LYS T 58 -24.74 -0.25 -33.55
C LYS T 58 -25.42 -1.52 -33.06
N PRO T 59 -26.09 -2.35 -33.92
CA PRO T 59 -26.67 -3.60 -33.42
C PRO T 59 -25.54 -4.49 -32.90
N PHE T 60 -25.79 -5.21 -31.82
CA PHE T 60 -24.84 -6.24 -31.32
C PHE T 60 -24.65 -7.27 -32.43
N SER T 61 -23.52 -7.98 -32.43
CA SER T 61 -23.14 -8.94 -33.51
C SER T 61 -23.66 -10.34 -33.21
N TRP T 62 -24.78 -10.49 -32.50
CA TRP T 62 -25.39 -11.81 -32.15
C TRP T 62 -26.90 -11.58 -32.00
N GLY T 63 -27.66 -12.66 -31.91
CA GLY T 63 -29.14 -12.67 -31.79
C GLY T 63 -29.80 -11.71 -32.78
N ASP T 64 -30.76 -10.92 -32.33
CA ASP T 64 -31.51 -9.96 -33.19
C ASP T 64 -30.79 -8.60 -33.15
N GLY T 65 -29.58 -8.53 -32.59
CA GLY T 65 -28.84 -7.25 -32.49
C GLY T 65 -29.29 -6.33 -31.37
N ASN T 66 -30.30 -6.69 -30.57
CA ASN T 66 -30.93 -5.77 -29.57
C ASN T 66 -30.85 -6.35 -28.15
N HIS T 67 -30.24 -7.52 -27.96
CA HIS T 67 -30.13 -8.21 -26.64
C HIS T 67 -28.67 -8.21 -26.23
N THR T 68 -28.39 -7.80 -25.00
CA THR T 68 -27.01 -7.84 -24.47
C THR T 68 -26.61 -9.30 -24.26
N PHE T 69 -25.31 -9.54 -24.19
CA PHE T 69 -24.72 -10.89 -24.26
C PHE T 69 -25.24 -11.82 -23.14
N PHE T 70 -25.45 -11.31 -21.93
N PHE T 70 -25.37 -11.32 -21.90
CA PHE T 70 -25.98 -12.11 -20.81
CA PHE T 70 -25.94 -12.04 -20.71
C PHE T 70 -27.31 -11.46 -20.38
C PHE T 70 -27.34 -11.49 -20.37
N HIS T 71 -28.11 -11.14 -21.39
CA HIS T 71 -29.49 -10.61 -21.22
C HIS T 71 -30.30 -11.52 -20.28
N ASN T 72 -30.93 -10.95 -19.28
CA ASN T 72 -31.83 -11.68 -18.37
C ASN T 72 -33.21 -11.08 -18.53
N PRO T 73 -34.20 -11.80 -19.15
CA PRO T 73 -35.52 -11.23 -19.36
C PRO T 73 -36.16 -10.63 -18.09
N ARG T 74 -35.88 -11.21 -16.94
CA ARG T 74 -36.57 -10.77 -15.71
C ARG T 74 -36.10 -9.36 -15.32
N VAL T 75 -34.84 -9.00 -15.56
CA VAL T 75 -34.28 -7.77 -14.93
C VAL T 75 -33.65 -6.80 -15.94
N ASN T 76 -33.50 -7.18 -17.20
CA ASN T 76 -32.88 -6.30 -18.22
C ASN T 76 -33.94 -5.94 -19.25
N PRO T 77 -34.52 -4.73 -19.16
CA PRO T 77 -35.43 -4.27 -20.19
C PRO T 77 -34.64 -3.95 -21.47
N LEU T 78 -35.32 -4.07 -22.60
CA LEU T 78 -34.88 -3.57 -23.92
C LEU T 78 -35.11 -2.07 -23.93
N PRO T 79 -34.62 -1.35 -24.96
CA PRO T 79 -34.96 0.06 -25.16
C PRO T 79 -36.47 0.36 -25.08
N THR T 80 -37.33 -0.58 -25.49
CA THR T 80 -38.80 -0.39 -25.52
C THR T 80 -39.44 -0.94 -24.24
N GLY T 81 -38.69 -1.56 -23.34
CA GLY T 81 -39.21 -2.00 -22.02
C GLY T 81 -38.98 -3.47 -21.75
N TYR T 82 -39.56 -3.99 -20.67
CA TYR T 82 -39.42 -5.42 -20.25
C TYR T 82 -40.10 -6.27 -21.31
N GLU T 83 -39.49 -7.41 -21.64
CA GLU T 83 -40.06 -8.43 -22.57
C GLU T 83 -41.37 -9.06 -22.07
N TYR U 11 -30.34 43.66 -16.52
CA TYR U 11 -29.76 42.34 -16.98
C TYR U 11 -29.22 42.54 -18.39
N GLN U 12 -27.93 42.31 -18.56
CA GLN U 12 -27.25 42.26 -19.87
C GLN U 12 -26.93 40.80 -20.20
N THR U 13 -26.06 40.17 -19.44
CA THR U 13 -25.73 38.73 -19.62
C THR U 13 -25.43 38.15 -18.25
N ALA U 14 -25.25 36.86 -18.21
CA ALA U 14 -24.97 36.11 -16.97
C ALA U 14 -23.64 36.62 -16.41
N PRO U 15 -23.60 37.04 -15.14
CA PRO U 15 -22.35 37.50 -14.53
C PRO U 15 -21.40 36.34 -14.18
N PHE U 16 -20.13 36.64 -13.95
CA PHE U 16 -19.14 35.69 -13.38
C PHE U 16 -19.79 35.03 -12.15
N ASP U 17 -19.63 33.72 -12.02
CA ASP U 17 -20.18 32.94 -10.89
C ASP U 17 -19.00 32.17 -10.30
N SER U 18 -18.65 32.45 -9.04
CA SER U 18 -17.43 31.87 -8.41
C SER U 18 -17.59 30.35 -8.23
N ARG U 19 -18.80 29.83 -8.34
CA ARG U 19 -18.99 28.35 -8.32
C ARG U 19 -18.44 27.72 -9.61
N PHE U 20 -18.36 28.45 -10.71
CA PHE U 20 -18.02 27.95 -12.06
C PHE U 20 -16.95 28.88 -12.65
N PRO U 21 -15.70 28.86 -12.14
CA PRO U 21 -14.70 29.85 -12.54
C PRO U 21 -13.82 29.43 -13.73
N ASN U 22 -14.04 28.23 -14.29
CA ASN U 22 -13.08 27.63 -15.26
C ASN U 22 -13.66 27.66 -16.67
N GLN U 23 -12.86 27.24 -17.64
CA GLN U 23 -13.25 27.25 -19.07
C GLN U 23 -14.49 26.32 -19.28
N ASN U 24 -14.63 25.23 -18.54
CA ASN U 24 -15.78 24.33 -18.74
C ASN U 24 -17.00 24.88 -17.99
N GLN U 25 -18.03 25.33 -18.71
CA GLN U 25 -19.21 26.03 -18.15
C GLN U 25 -20.43 25.11 -18.19
N THR U 26 -20.23 23.81 -18.49
CA THR U 26 -21.34 22.83 -18.64
C THR U 26 -22.24 22.89 -17.39
N ARG U 27 -21.61 22.79 -16.22
CA ARG U 27 -22.36 22.70 -14.94
C ARG U 27 -23.11 24.02 -14.61
N ASN U 28 -22.61 25.19 -15.03
CA ASN U 28 -23.27 26.52 -14.87
C ASN U 28 -24.63 26.51 -15.62
N CYS U 29 -24.62 26.14 -16.88
CA CYS U 29 -25.82 25.95 -17.71
C CYS U 29 -26.78 24.96 -17.01
N TRP U 30 -26.27 23.78 -16.64
CA TRP U 30 -27.07 22.70 -16.02
C TRP U 30 -27.71 23.18 -14.71
N GLN U 31 -26.92 23.80 -13.83
CA GLN U 31 -27.39 24.21 -12.47
C GLN U 31 -28.50 25.27 -12.59
N ASN U 32 -28.32 26.25 -13.45
CA ASN U 32 -29.32 27.33 -13.67
C ASN U 32 -30.59 26.74 -14.32
N TYR U 33 -30.48 25.76 -15.20
CA TYR U 33 -31.66 25.08 -15.80
C TYR U 33 -32.44 24.37 -14.70
N LEU U 34 -31.76 23.57 -13.87
CA LEU U 34 -32.38 22.86 -12.71
C LEU U 34 -33.04 23.88 -11.78
N ASP U 35 -32.31 24.97 -11.46
CA ASP U 35 -32.71 26.01 -10.48
C ASP U 35 -34.01 26.65 -10.99
N PHE U 36 -34.05 27.03 -12.27
CA PHE U 36 -35.25 27.62 -12.87
C PHE U 36 -36.43 26.65 -12.73
N HIS U 37 -36.27 25.38 -13.15
CA HIS U 37 -37.40 24.40 -13.17
C HIS U 37 -37.78 24.00 -11.75
N ARG U 38 -36.84 23.94 -10.79
CA ARG U 38 -37.21 23.61 -9.39
C ARG U 38 -38.06 24.76 -8.85
N CYS U 39 -37.61 25.98 -9.11
CA CYS U 39 -38.31 27.18 -8.60
C CYS U 39 -39.68 27.26 -9.27
N GLU U 40 -39.77 27.02 -10.57
CA GLU U 40 -41.05 27.11 -11.32
C GLU U 40 -42.01 26.08 -10.73
N LYS U 41 -41.53 24.88 -10.42
CA LYS U 41 -42.40 23.85 -9.78
C LYS U 41 -42.87 24.33 -8.40
N ALA U 42 -41.96 24.81 -7.54
CA ALA U 42 -42.31 25.32 -6.19
C ALA U 42 -43.37 26.44 -6.32
N MET U 43 -43.24 27.35 -7.28
CA MET U 43 -44.19 28.50 -7.39
C MET U 43 -45.54 28.05 -7.97
N THR U 44 -45.58 27.05 -8.85
CA THR U 44 -46.84 26.65 -9.54
C THR U 44 -47.67 25.82 -8.55
N ALA U 45 -47.01 24.84 -7.91
CA ALA U 45 -47.59 23.84 -6.99
C ALA U 45 -48.35 24.52 -5.83
N LYS U 46 -48.11 25.82 -5.56
CA LYS U 46 -48.89 26.66 -4.61
C LYS U 46 -49.83 27.63 -5.36
N GLY U 47 -49.73 27.73 -6.69
CA GLY U 47 -50.35 28.81 -7.48
C GLY U 47 -49.63 30.13 -7.25
N GLY U 48 -48.37 30.06 -6.80
CA GLY U 48 -47.47 31.18 -6.42
C GLY U 48 -47.13 32.04 -7.64
N ASP U 49 -45.92 32.60 -7.74
CA ASP U 49 -45.60 33.49 -8.91
C ASP U 49 -44.20 33.21 -9.50
N VAL U 50 -44.17 32.82 -10.78
CA VAL U 50 -42.94 32.39 -11.50
C VAL U 50 -41.99 33.57 -11.76
N SER U 51 -42.38 34.84 -11.56
CA SER U 51 -41.42 35.99 -11.68
C SER U 51 -40.29 35.87 -10.64
N VAL U 52 -40.54 35.18 -9.52
CA VAL U 52 -39.52 34.85 -8.48
C VAL U 52 -38.38 34.04 -9.12
N CYS U 53 -38.65 33.32 -10.21
CA CYS U 53 -37.69 32.37 -10.81
C CYS U 53 -36.87 33.06 -11.92
N GLU U 54 -37.10 34.37 -12.15
CA GLU U 54 -36.69 35.08 -13.40
C GLU U 54 -35.17 35.08 -13.56
N TRP U 55 -34.41 35.28 -12.48
CA TRP U 55 -32.93 35.32 -12.54
C TRP U 55 -32.42 34.03 -13.19
N TYR U 56 -32.87 32.87 -12.69
CA TYR U 56 -32.40 31.55 -13.20
C TYR U 56 -32.79 31.40 -14.67
N ARG U 57 -33.98 31.88 -15.07
CA ARG U 57 -34.47 31.79 -16.47
C ARG U 57 -33.51 32.55 -17.40
N ARG U 58 -33.19 33.80 -17.05
CA ARG U 58 -32.28 34.67 -17.87
C ARG U 58 -30.88 34.04 -17.95
N VAL U 59 -30.33 33.57 -16.82
CA VAL U 59 -28.96 32.97 -16.81
C VAL U 59 -28.95 31.71 -17.69
N TYR U 60 -29.87 30.77 -17.54
CA TYR U 60 -29.78 29.50 -18.34
C TYR U 60 -30.02 29.83 -19.82
N LYS U 61 -30.96 30.75 -20.12
CA LYS U 61 -31.27 31.14 -21.53
C LYS U 61 -29.98 31.74 -22.16
N SER U 62 -29.23 32.55 -21.39
CA SER U 62 -27.96 33.17 -21.82
C SER U 62 -26.89 32.09 -22.11
N LEU U 63 -26.70 31.13 -21.20
CA LEU U 63 -25.54 30.21 -21.24
C LEU U 63 -25.83 28.94 -22.06
N CYS U 64 -27.05 28.38 -22.01
CA CYS U 64 -27.30 26.99 -22.47
C CYS U 64 -27.55 26.95 -23.98
N PRO U 65 -26.87 26.06 -24.74
CA PRO U 65 -27.21 25.86 -26.14
C PRO U 65 -28.71 25.56 -26.27
N ILE U 66 -29.31 26.14 -27.30
CA ILE U 66 -30.74 25.95 -27.65
C ILE U 66 -31.02 24.44 -27.74
N SER U 67 -30.14 23.64 -28.38
CA SER U 67 -30.41 22.18 -28.58
C SER U 67 -30.40 21.45 -27.22
N TRP U 68 -29.57 21.88 -26.25
CA TRP U 68 -29.57 21.30 -24.87
C TRP U 68 -30.92 21.59 -24.19
N VAL U 69 -31.33 22.86 -24.17
CA VAL U 69 -32.62 23.31 -23.55
C VAL U 69 -33.76 22.51 -24.20
N SER U 70 -33.77 22.43 -25.52
CA SER U 70 -34.84 21.73 -26.29
C SER U 70 -34.88 20.21 -25.93
N THR U 71 -33.73 19.54 -25.91
CA THR U 71 -33.60 18.11 -25.47
C THR U 71 -34.08 17.93 -24.00
N TRP U 72 -33.59 18.76 -23.08
CA TRP U 72 -34.02 18.68 -21.67
C TRP U 72 -35.55 18.89 -21.55
N ASP U 73 -36.09 19.89 -22.22
CA ASP U 73 -37.54 20.18 -22.24
C ASP U 73 -38.31 18.92 -22.69
N ASP U 74 -37.88 18.30 -23.78
CA ASP U 74 -38.53 17.10 -24.37
C ASP U 74 -38.49 15.95 -23.36
N ARG U 75 -37.36 15.80 -22.66
CA ARG U 75 -37.18 14.71 -21.69
C ARG U 75 -38.04 14.96 -20.46
N ARG U 76 -38.15 16.20 -19.99
CA ARG U 76 -39.06 16.50 -18.87
C ARG U 76 -40.50 16.09 -19.26
N ALA U 77 -40.93 16.34 -20.50
CA ALA U 77 -42.32 16.08 -20.94
C ALA U 77 -42.49 14.56 -21.11
N GLU U 78 -41.46 13.85 -21.54
CA GLU U 78 -41.47 12.37 -21.70
C GLU U 78 -41.39 11.63 -20.35
N GLY U 79 -40.94 12.25 -19.26
CA GLY U 79 -40.63 11.57 -17.97
C GLY U 79 -39.24 10.92 -17.96
N THR U 80 -38.31 11.30 -18.82
CA THR U 80 -36.96 10.71 -18.93
C THR U 80 -35.88 11.72 -18.53
N PHE U 81 -36.26 12.87 -17.98
CA PHE U 81 -35.22 13.84 -17.54
C PHE U 81 -34.48 13.26 -16.33
N PRO U 82 -33.14 13.12 -16.33
CA PRO U 82 -32.45 12.41 -15.24
C PRO U 82 -32.05 13.23 -14.01
N GLY U 83 -32.22 14.54 -14.08
CA GLY U 83 -31.96 15.40 -12.91
C GLY U 83 -33.19 15.48 -12.02
N LYS U 84 -33.00 15.84 -10.77
CA LYS U 84 -34.09 15.93 -9.79
C LYS U 84 -34.70 17.32 -9.86
N ILE U 85 -35.99 17.40 -10.18
CA ILE U 85 -36.80 18.64 -10.15
C ILE U 85 -37.92 18.44 -9.12
N ALA V 3 68.54 33.13 -31.31
CA ALA V 3 67.94 31.97 -30.63
C ALA V 3 66.45 32.26 -30.47
N LEU V 4 65.66 31.23 -30.61
CA LEU V 4 64.21 31.30 -30.46
C LEU V 4 63.90 31.23 -28.97
N ALA V 5 62.99 32.07 -28.48
CA ALA V 5 62.44 31.97 -27.12
C ALA V 5 61.38 30.87 -27.09
N LYS V 6 61.12 30.34 -25.90
CA LYS V 6 60.13 29.27 -25.66
C LYS V 6 58.72 29.81 -25.88
N PRO V 7 57.94 29.25 -26.83
CA PRO V 7 56.53 29.60 -26.99
C PRO V 7 55.70 28.82 -25.97
N GLN V 8 54.45 29.25 -25.72
CA GLN V 8 53.50 28.46 -24.88
C GLN V 8 53.32 27.12 -25.58
N MET V 9 53.47 26.04 -24.83
CA MET V 9 53.40 24.68 -25.36
C MET V 9 52.28 23.88 -24.66
N ARG V 10 51.69 24.44 -23.61
CA ARG V 10 50.67 23.75 -22.77
C ARG V 10 49.35 24.47 -22.91
N GLY V 11 48.27 23.69 -22.95
CA GLY V 11 46.89 24.19 -22.85
C GLY V 11 46.46 24.95 -24.09
N LEU V 12 47.03 24.69 -25.27
CA LEU V 12 46.70 25.47 -26.50
C LEU V 12 45.23 25.27 -26.87
N LEU V 13 44.71 24.07 -26.72
CA LEU V 13 43.29 23.81 -27.06
C LEU V 13 42.40 24.57 -26.07
N ALA V 14 42.69 24.49 -24.77
CA ALA V 14 41.91 25.15 -23.69
C ALA V 14 41.95 26.67 -23.92
N ARG V 15 43.11 27.18 -24.31
CA ARG V 15 43.30 28.64 -24.52
C ARG V 15 42.43 29.09 -25.71
N ARG V 16 42.40 28.30 -26.77
CA ARG V 16 41.56 28.63 -27.93
C ARG V 16 40.08 28.58 -27.53
N LEU V 17 39.68 27.59 -26.74
CA LEU V 17 38.23 27.47 -26.38
C LEU V 17 37.80 28.71 -25.58
N ARG V 18 38.57 29.02 -24.56
CA ARG V 18 38.32 30.15 -23.64
C ARG V 18 38.11 31.42 -24.50
N PHE V 19 39.02 31.69 -25.42
CA PHE V 19 39.02 32.92 -26.25
C PHE V 19 37.72 32.96 -27.08
N HIS V 20 37.33 31.86 -27.71
CA HIS V 20 36.16 31.85 -28.63
C HIS V 20 34.84 31.78 -27.86
N ILE V 21 34.80 31.19 -26.67
CA ILE V 21 33.56 31.18 -25.85
C ILE V 21 33.28 32.62 -25.37
N VAL V 22 34.33 33.37 -24.99
CA VAL V 22 34.18 34.82 -24.65
C VAL V 22 33.71 35.58 -25.90
N GLY V 23 34.36 35.37 -27.06
CA GLY V 23 33.95 35.94 -28.36
C GLY V 23 32.46 35.67 -28.59
N ALA V 24 32.02 34.43 -28.37
CA ALA V 24 30.62 34.03 -28.66
C ALA V 24 29.66 34.78 -27.72
N PHE V 25 30.02 34.88 -26.45
CA PHE V 25 29.23 35.67 -25.45
C PHE V 25 29.09 37.12 -25.94
N MET V 26 30.19 37.74 -26.38
CA MET V 26 30.19 39.16 -26.83
C MET V 26 29.29 39.29 -28.06
N VAL V 27 29.36 38.37 -29.01
CA VAL V 27 28.50 38.43 -30.23
C VAL V 27 27.04 38.31 -29.80
N SER V 28 26.73 37.46 -28.82
CA SER V 28 25.34 37.22 -28.33
C SER V 28 24.77 38.50 -27.73
N LEU V 29 25.55 39.19 -26.91
CA LEU V 29 25.20 40.53 -26.37
C LEU V 29 24.86 41.50 -27.51
N GLY V 30 25.69 41.55 -28.56
CA GLY V 30 25.48 42.44 -29.71
C GLY V 30 24.23 42.05 -30.49
N PHE V 31 24.03 40.75 -30.68
CA PHE V 31 22.80 40.27 -31.36
C PHE V 31 21.58 40.68 -30.53
N ALA V 32 21.60 40.45 -29.21
CA ALA V 32 20.46 40.79 -28.32
C ALA V 32 20.15 42.29 -28.48
N THR V 33 21.18 43.15 -28.54
CA THR V 33 21.02 44.61 -28.75
C THR V 33 20.41 44.88 -30.13
N PHE V 34 20.93 44.30 -31.23
CA PHE V 34 20.38 44.47 -32.60
C PHE V 34 18.91 44.03 -32.61
N TYR V 35 18.61 42.95 -31.91
CA TYR V 35 17.30 42.27 -32.09
C TYR V 35 16.20 43.04 -31.35
N LYS V 36 16.52 43.47 -30.15
CA LYS V 36 15.67 44.31 -29.28
C LYS V 36 15.33 45.60 -30.05
N PHE V 37 16.30 46.21 -30.75
CA PHE V 37 16.12 47.45 -31.55
C PHE V 37 15.34 47.15 -32.83
N ALA V 38 15.75 46.19 -33.66
CA ALA V 38 15.20 45.93 -35.00
C ALA V 38 13.85 45.20 -34.95
N VAL V 39 13.53 44.52 -33.85
CA VAL V 39 12.35 43.63 -33.81
C VAL V 39 11.46 44.02 -32.64
N ALA V 40 11.89 43.72 -31.41
CA ALA V 40 11.02 43.77 -30.20
C ALA V 40 10.57 45.21 -29.92
N GLU V 41 11.51 46.17 -29.89
CA GLU V 41 11.18 47.59 -29.60
C GLU V 41 10.42 48.24 -30.76
N LYS V 42 10.89 48.02 -31.99
CA LYS V 42 10.20 48.47 -33.21
C LYS V 42 8.73 48.05 -33.11
N ARG V 43 8.49 46.80 -32.67
CA ARG V 43 7.10 46.29 -32.61
C ARG V 43 6.34 47.05 -31.51
N LYS V 44 6.93 47.24 -30.32
CA LYS V 44 6.24 47.95 -29.20
C LYS V 44 5.86 49.34 -29.70
N LYS V 45 6.79 49.98 -30.42
CA LYS V 45 6.66 51.36 -30.91
C LYS V 45 5.61 51.45 -32.03
N ALA V 46 5.59 50.48 -32.96
CA ALA V 46 4.56 50.45 -34.04
C ALA V 46 3.16 50.38 -33.44
N TYR V 47 2.93 49.52 -32.45
CA TYR V 47 1.59 49.36 -31.81
C TYR V 47 1.24 50.63 -31.00
N ALA V 48 2.18 51.16 -30.20
CA ALA V 48 1.97 52.38 -29.37
C ALA V 48 1.65 53.57 -30.28
N ASP V 49 2.39 53.72 -31.37
CA ASP V 49 2.22 54.85 -32.34
C ASP V 49 0.86 54.70 -33.02
N PHE V 50 0.55 53.50 -33.47
CA PHE V 50 -0.72 53.27 -34.18
C PHE V 50 -1.89 53.73 -33.29
N TYR V 51 -1.88 53.35 -32.01
CA TYR V 51 -3.05 53.50 -31.11
C TYR V 51 -3.03 54.89 -30.48
N ARG V 52 -1.90 55.60 -30.45
CA ARG V 52 -1.83 56.89 -29.69
C ARG V 52 -2.96 57.84 -30.13
N ASN V 53 -3.14 58.10 -31.43
CA ASN V 53 -4.23 59.01 -31.89
C ASN V 53 -5.29 58.23 -32.66
N TYR V 54 -5.47 56.94 -32.37
CA TYR V 54 -6.43 56.08 -33.11
C TYR V 54 -7.87 56.45 -32.78
N ASP V 55 -8.68 56.59 -33.83
CA ASP V 55 -10.11 56.96 -33.75
C ASP V 55 -10.89 55.78 -34.34
N SER V 56 -11.39 54.89 -33.49
CA SER V 56 -12.08 53.63 -33.89
C SER V 56 -13.39 53.94 -34.64
N MET V 57 -14.11 55.01 -34.29
CA MET V 57 -15.38 55.39 -34.97
C MET V 57 -15.07 55.84 -36.39
N LYS V 58 -14.02 56.65 -36.57
CA LYS V 58 -13.58 57.11 -37.92
C LYS V 58 -13.11 55.91 -38.76
N ASP V 59 -12.39 54.95 -38.16
CA ASP V 59 -11.94 53.73 -38.87
C ASP V 59 -13.19 52.97 -39.37
N PHE V 60 -14.17 52.81 -38.51
CA PHE V 60 -15.44 52.10 -38.83
C PHE V 60 -16.19 52.78 -39.98
N GLU V 61 -16.34 54.09 -39.92
CA GLU V 61 -17.03 54.93 -40.93
C GLU V 61 -16.33 54.77 -42.28
N GLU V 62 -14.99 54.80 -42.33
CA GLU V 62 -14.23 54.54 -43.58
C GLU V 62 -14.58 53.13 -44.11
N MET V 63 -14.55 52.12 -43.27
CA MET V 63 -14.87 50.73 -43.73
C MET V 63 -16.33 50.64 -44.21
N ARG V 64 -17.25 51.23 -43.45
CA ARG V 64 -18.69 51.24 -43.80
C ARG V 64 -18.86 51.91 -45.17
N LYS V 65 -18.24 53.07 -45.38
CA LYS V 65 -18.37 53.82 -46.67
C LYS V 65 -17.82 52.97 -47.82
N ALA V 66 -16.77 52.19 -47.60
CA ALA V 66 -16.17 51.31 -48.63
C ALA V 66 -17.04 50.07 -48.89
N GLY V 67 -18.10 49.84 -48.09
CA GLY V 67 -19.09 48.76 -48.31
C GLY V 67 -18.65 47.42 -47.71
N ILE V 68 -17.78 47.37 -46.72
CA ILE V 68 -17.25 46.01 -46.36
C ILE V 68 -18.22 45.24 -45.46
N PHE V 69 -19.14 45.90 -44.74
CA PHE V 69 -19.98 45.24 -43.70
C PHE V 69 -21.29 44.68 -44.26
N GLN V 70 -21.65 43.49 -43.78
CA GLN V 70 -23.00 42.91 -43.94
C GLN V 70 -24.02 43.70 -43.12
N SER V 71 -23.69 44.16 -41.91
CA SER V 71 -24.69 44.65 -40.92
C SER V 71 -24.89 46.17 -40.98
N ALA V 72 -24.12 46.90 -41.75
CA ALA V 72 -24.25 48.37 -41.77
C ALA V 72 -24.24 48.88 -43.21
N PHE W 1 0.51 -41.78 -8.81
CA PHE W 1 1.32 -41.88 -10.06
C PHE W 1 2.77 -42.09 -9.66
N GLU W 2 3.61 -42.40 -10.66
CA GLU W 2 5.04 -42.74 -10.52
C GLU W 2 5.88 -41.65 -11.19
N ASN W 3 7.07 -41.46 -10.70
CA ASN W 3 7.97 -40.42 -11.26
C ASN W 3 8.67 -40.99 -12.51
N ARG W 4 8.22 -40.59 -13.70
CA ARG W 4 8.79 -41.03 -15.02
C ARG W 4 9.55 -39.90 -15.70
N VAL W 5 10.00 -38.90 -14.93
CA VAL W 5 10.82 -37.81 -15.53
C VAL W 5 12.13 -38.34 -16.15
N ALA W 6 12.86 -39.29 -15.55
CA ALA W 6 14.15 -39.84 -16.05
C ALA W 6 13.92 -40.44 -17.46
N GLU W 7 12.78 -41.09 -17.68
CA GLU W 7 12.49 -41.68 -19.01
C GLU W 7 12.20 -40.55 -20.04
N LYS W 8 11.58 -39.45 -19.63
CA LYS W 8 11.35 -38.28 -20.53
C LYS W 8 12.67 -37.54 -20.77
N GLN W 9 13.54 -37.50 -19.78
CA GLN W 9 14.88 -36.87 -19.94
C GLN W 9 15.64 -37.69 -21.00
N LYS W 10 15.56 -39.01 -20.93
CA LYS W 10 16.28 -39.86 -21.91
C LYS W 10 15.71 -39.57 -23.32
N LEU W 11 14.38 -39.54 -23.48
CA LEU W 11 13.75 -39.30 -24.81
C LEU W 11 14.23 -37.94 -25.37
N PHE W 12 14.15 -36.88 -24.58
CA PHE W 12 14.34 -35.50 -25.10
C PHE W 12 15.83 -35.19 -25.18
N GLN W 13 16.70 -36.07 -24.67
CA GLN W 13 18.15 -35.86 -24.80
C GLN W 13 18.72 -36.83 -25.84
N GLU W 14 17.90 -37.64 -26.51
CA GLU W 14 18.42 -38.59 -27.55
C GLU W 14 19.12 -37.76 -28.66
N ASP W 15 20.30 -38.18 -29.08
CA ASP W 15 21.13 -37.53 -30.15
C ASP W 15 20.55 -37.87 -31.53
N ASN W 16 19.40 -37.32 -31.93
CA ASN W 16 18.74 -37.69 -33.21
C ASN W 16 18.64 -36.45 -34.11
N GLY W 17 19.21 -35.32 -33.72
CA GLY W 17 19.20 -34.09 -34.53
C GLY W 17 17.83 -33.43 -34.61
N LEU W 18 16.78 -33.93 -33.97
CA LEU W 18 15.45 -33.27 -34.09
C LEU W 18 15.42 -32.00 -33.23
N PRO W 19 14.75 -30.94 -33.72
CA PRO W 19 14.46 -29.78 -32.86
C PRO W 19 13.44 -30.14 -31.77
N VAL W 20 13.43 -29.40 -30.69
CA VAL W 20 12.64 -29.75 -29.48
C VAL W 20 11.14 -29.85 -29.84
N HIS W 21 10.63 -29.09 -30.80
CA HIS W 21 9.19 -29.09 -31.13
C HIS W 21 8.80 -30.40 -31.84
N LEU W 22 9.74 -31.20 -32.27
CA LEU W 22 9.44 -32.48 -33.00
C LEU W 22 10.04 -33.68 -32.26
N LYS W 23 10.70 -33.49 -31.14
CA LYS W 23 11.52 -34.56 -30.54
C LYS W 23 10.64 -35.58 -29.78
N GLY W 24 9.37 -35.27 -29.57
CA GLY W 24 8.47 -36.21 -28.88
C GLY W 24 8.05 -37.36 -29.79
N GLY W 25 8.14 -37.20 -31.11
CA GLY W 25 7.82 -38.27 -32.08
C GLY W 25 6.70 -37.87 -33.01
N ALA W 26 6.09 -38.83 -33.70
CA ALA W 26 5.20 -38.63 -34.86
C ALA W 26 4.03 -37.70 -34.47
N THR W 27 3.54 -37.74 -33.24
CA THR W 27 2.40 -36.88 -32.83
C THR W 27 2.85 -35.41 -32.92
N ASP W 28 4.11 -35.10 -32.63
CA ASP W 28 4.58 -33.69 -32.76
C ASP W 28 4.41 -33.25 -34.21
N ASN W 29 4.76 -34.12 -35.15
CA ASN W 29 4.72 -33.81 -36.61
C ASN W 29 3.27 -33.52 -36.99
N ILE W 30 2.33 -34.33 -36.49
CA ILE W 30 0.90 -34.18 -36.83
C ILE W 30 0.42 -32.85 -36.28
N LEU W 31 0.71 -32.56 -35.02
CA LEU W 31 0.19 -31.31 -34.42
C LEU W 31 0.81 -30.09 -35.12
N TYR W 32 2.10 -30.15 -35.43
CA TYR W 32 2.78 -29.07 -36.20
C TYR W 32 2.07 -28.87 -37.58
N ARG W 33 1.83 -29.94 -38.34
CA ARG W 33 1.20 -29.78 -39.68
C ARG W 33 -0.21 -29.22 -39.50
N VAL W 34 -0.97 -29.65 -38.48
CA VAL W 34 -2.34 -29.11 -38.29
C VAL W 34 -2.22 -27.61 -38.04
N THR W 35 -1.35 -27.23 -37.13
CA THR W 35 -1.19 -25.82 -36.74
C THR W 35 -0.79 -24.99 -37.97
N MET W 36 0.26 -25.41 -38.64
CA MET W 36 0.79 -24.61 -39.77
C MET W 36 -0.26 -24.58 -40.90
N THR W 37 -0.98 -25.68 -41.18
CA THR W 37 -2.02 -25.67 -42.23
C THR W 37 -3.12 -24.68 -41.87
N LEU W 38 -3.62 -24.70 -40.63
CA LEU W 38 -4.69 -23.77 -40.21
C LEU W 38 -4.17 -22.33 -40.30
N CYS W 39 -2.93 -22.09 -39.87
CA CYS W 39 -2.35 -20.71 -39.92
C CYS W 39 -2.24 -20.21 -41.37
N LEU W 40 -1.65 -21.02 -42.25
CA LEU W 40 -1.37 -20.60 -43.66
C LEU W 40 -2.69 -20.49 -44.42
N GLY W 41 -3.55 -21.51 -44.29
CA GLY W 41 -4.87 -21.52 -44.93
C GLY W 41 -5.71 -20.37 -44.41
N GLY W 42 -5.68 -20.14 -43.09
CA GLY W 42 -6.46 -19.05 -42.50
C GLY W 42 -5.98 -17.72 -43.01
N THR W 43 -4.66 -17.58 -43.19
CA THR W 43 -4.09 -16.31 -43.69
C THR W 43 -4.53 -16.12 -45.14
N LEU W 44 -4.49 -17.16 -45.94
CA LEU W 44 -4.97 -17.05 -47.35
C LEU W 44 -6.45 -16.65 -47.35
N TYR W 45 -7.24 -17.21 -46.43
CA TYR W 45 -8.68 -16.90 -46.31
C TYR W 45 -8.83 -15.43 -45.89
N SER W 46 -7.99 -14.93 -45.00
CA SER W 46 -8.06 -13.50 -44.57
C SER W 46 -7.77 -12.59 -45.78
N LEU W 47 -6.84 -12.97 -46.65
CA LEU W 47 -6.55 -12.14 -47.85
C LEU W 47 -7.76 -12.13 -48.82
N TYR W 48 -8.37 -13.30 -49.04
CA TYR W 48 -9.61 -13.40 -49.84
C TYR W 48 -10.64 -12.41 -49.26
N CYS W 49 -10.83 -12.45 -47.94
CA CYS W 49 -11.81 -11.62 -47.20
C CYS W 49 -11.49 -10.14 -47.45
N LEU W 50 -10.21 -9.76 -47.41
CA LEU W 50 -9.73 -8.38 -47.73
C LEU W 50 -10.14 -8.02 -49.16
N GLY W 51 -9.84 -8.89 -50.12
CA GLY W 51 -10.21 -8.69 -51.54
C GLY W 51 -11.72 -8.44 -51.67
N TRP W 52 -12.54 -9.26 -51.01
CA TRP W 52 -14.01 -9.08 -50.98
C TRP W 52 -14.37 -7.72 -50.37
N ALA W 53 -13.86 -7.42 -49.18
CA ALA W 53 -14.26 -6.23 -48.40
C ALA W 53 -13.76 -4.94 -49.06
N SER W 54 -12.81 -5.02 -49.99
CA SER W 54 -12.15 -3.84 -50.61
C SER W 54 -13.05 -3.20 -51.70
N PHE W 55 -14.10 -3.90 -52.12
CA PHE W 55 -15.08 -3.36 -53.11
C PHE W 55 -16.48 -3.34 -52.52
N PRO W 56 -17.36 -2.40 -52.95
CA PRO W 56 -18.76 -2.38 -52.51
C PRO W 56 -19.54 -3.69 -52.67
N ALA X 6 49.86 9.87 -57.47
CA ALA X 6 48.71 9.07 -58.04
C ALA X 6 47.42 9.90 -58.06
N PRO X 7 47.09 10.61 -59.18
CA PRO X 7 45.83 11.36 -59.31
C PRO X 7 44.54 10.49 -59.34
N ASP X 8 43.56 10.85 -58.50
CA ASP X 8 42.34 10.06 -58.26
C ASP X 8 41.15 10.62 -59.06
N PHE X 9 39.96 10.09 -58.84
CA PHE X 9 38.74 10.49 -59.57
C PHE X 9 38.53 12.00 -59.40
N HIS X 10 38.77 12.52 -58.19
CA HIS X 10 38.45 13.92 -57.80
C HIS X 10 39.43 14.86 -58.50
N ASP X 11 40.68 14.44 -58.59
CA ASP X 11 41.75 15.20 -59.28
C ASP X 11 41.42 15.30 -60.78
N LYS X 12 40.96 14.20 -61.40
CA LYS X 12 40.70 14.12 -62.85
C LYS X 12 39.37 14.84 -63.18
N TYR X 13 38.31 14.65 -62.41
CA TYR X 13 36.94 15.05 -62.83
C TYR X 13 36.31 16.11 -61.92
N GLY X 14 36.85 16.37 -60.71
CA GLY X 14 36.20 17.21 -59.69
C GLY X 14 35.79 18.59 -60.21
N ASN X 15 36.65 19.23 -60.99
CA ASN X 15 36.38 20.60 -61.48
C ASN X 15 35.18 20.55 -62.43
N ALA X 16 35.16 19.56 -63.33
CA ALA X 16 34.10 19.40 -64.36
C ALA X 16 32.78 19.06 -63.66
N VAL X 17 32.79 18.16 -62.69
CA VAL X 17 31.55 17.78 -61.92
C VAL X 17 31.00 19.02 -61.20
N LEU X 18 31.86 19.79 -60.52
CA LEU X 18 31.43 21.00 -59.79
C LEU X 18 30.86 22.05 -60.76
N ALA X 19 31.58 22.37 -61.85
CA ALA X 19 31.14 23.44 -62.79
C ALA X 19 29.85 22.98 -63.50
N SER X 20 29.82 21.75 -64.01
CA SER X 20 28.64 21.18 -64.72
C SER X 20 27.44 21.05 -63.79
N GLY X 21 27.64 20.47 -62.60
CA GLY X 21 26.52 20.31 -61.68
C GLY X 21 25.88 21.65 -61.34
N ALA X 22 26.70 22.66 -61.03
CA ALA X 22 26.23 23.99 -60.61
C ALA X 22 25.48 24.66 -61.78
N THR X 23 26.04 24.59 -62.99
CA THR X 23 25.45 25.23 -64.19
C THR X 23 24.10 24.55 -64.44
N PHE X 24 24.05 23.23 -64.44
CA PHE X 24 22.79 22.50 -64.70
C PHE X 24 21.74 22.88 -63.65
N CYS X 25 22.12 22.83 -62.38
CA CYS X 25 21.19 23.04 -61.25
C CYS X 25 20.57 24.44 -61.34
N VAL X 26 21.39 25.47 -61.56
CA VAL X 26 20.84 26.84 -61.68
C VAL X 26 19.93 26.91 -62.90
N ALA X 27 20.35 26.41 -64.06
CA ALA X 27 19.58 26.55 -65.32
C ALA X 27 18.21 25.89 -65.15
N VAL X 28 18.16 24.68 -64.60
CA VAL X 28 16.85 23.95 -64.58
C VAL X 28 15.91 24.56 -63.52
N TRP X 29 16.42 25.00 -62.38
CA TRP X 29 15.56 25.61 -61.32
C TRP X 29 15.03 26.96 -61.81
N VAL X 30 15.84 27.75 -62.50
CA VAL X 30 15.41 29.07 -63.04
C VAL X 30 14.31 28.81 -64.07
N TYR X 31 14.50 27.83 -64.95
CA TYR X 31 13.48 27.45 -65.96
C TYR X 31 12.18 27.03 -65.24
N MET X 32 12.26 26.16 -64.25
CA MET X 32 11.06 25.68 -63.52
C MET X 32 10.33 26.86 -62.87
N ALA X 33 11.10 27.78 -62.27
CA ALA X 33 10.59 28.89 -61.44
C ALA X 33 9.92 29.95 -62.31
N THR X 34 10.31 30.13 -63.58
CA THR X 34 9.93 31.33 -64.38
C THR X 34 9.19 31.02 -65.68
N GLN X 35 9.22 29.79 -66.21
CA GLN X 35 8.83 29.53 -67.62
C GLN X 35 7.67 28.55 -67.74
N ILE X 36 7.15 27.94 -66.67
CA ILE X 36 6.13 26.87 -66.85
C ILE X 36 4.79 27.22 -66.18
N GLY X 37 4.60 28.47 -65.74
CA GLY X 37 3.30 28.96 -65.23
C GLY X 37 3.08 28.68 -63.76
N ILE X 38 4.14 28.43 -62.99
CA ILE X 38 3.97 28.25 -61.52
C ILE X 38 3.48 29.58 -60.97
N GLU X 39 2.44 29.51 -60.13
CA GLU X 39 1.87 30.66 -59.39
C GLU X 39 2.54 30.74 -58.02
N TRP X 40 3.46 31.69 -57.88
CA TRP X 40 4.18 31.92 -56.61
C TRP X 40 3.29 32.70 -55.65
N ASN X 41 2.37 33.50 -56.19
CA ASN X 41 1.49 34.44 -55.44
C ASN X 41 2.31 35.33 -54.52
N PRO X 42 3.19 36.19 -55.07
CA PRO X 42 3.98 37.09 -54.22
C PRO X 42 3.09 38.18 -53.62
N SER X 43 3.64 38.93 -52.66
CA SER X 43 2.94 40.10 -52.06
C SER X 43 2.47 41.05 -53.16
N PRO X 44 1.24 41.59 -53.07
CA PRO X 44 0.82 42.68 -53.94
C PRO X 44 1.48 44.03 -53.58
N VAL X 45 2.18 44.09 -52.45
CA VAL X 45 2.79 45.37 -51.99
C VAL X 45 3.82 45.87 -53.00
N GLY X 46 3.62 47.06 -53.55
CA GLY X 46 4.52 47.71 -54.54
C GLY X 46 4.42 47.08 -55.93
N ARG X 47 3.41 46.24 -56.20
CA ARG X 47 3.27 45.46 -57.46
C ARG X 47 1.84 45.60 -58.04
N VAL X 48 0.81 45.49 -57.21
CA VAL X 48 -0.60 45.49 -57.70
C VAL X 48 -1.21 46.88 -57.52
N THR X 49 -1.91 47.35 -58.53
CA THR X 49 -2.80 48.53 -58.51
C THR X 49 -4.18 48.07 -58.04
N PRO X 50 -4.63 48.50 -56.85
CA PRO X 50 -5.92 48.07 -56.31
C PRO X 50 -7.02 48.53 -57.28
N LYS X 51 -8.04 47.71 -57.49
CA LYS X 51 -9.15 48.00 -58.41
C LYS X 51 -10.47 47.93 -57.65
N GLU X 52 -11.43 48.80 -58.00
CA GLU X 52 -12.81 48.86 -57.42
C GLU X 52 -13.43 47.45 -57.48
N TRP X 53 -14.05 46.97 -56.40
CA TRP X 53 -14.67 45.61 -56.33
C TRP X 53 -16.16 45.75 -56.02
N ARG X 54 -16.57 46.84 -55.37
CA ARG X 54 -17.91 46.91 -54.70
C ARG X 54 -19.00 47.19 -55.76
N TYR Y 3 24.38 -23.47 -41.07
CA TYR Y 3 24.11 -22.21 -41.91
C TYR Y 3 25.42 -21.62 -42.44
N GLU Y 4 25.34 -20.95 -43.57
CA GLU Y 4 26.49 -20.32 -44.26
C GLU Y 4 26.81 -19.00 -43.55
N GLU Y 5 28.08 -18.67 -43.53
CA GLU Y 5 28.61 -17.56 -42.71
C GLU Y 5 29.38 -16.66 -43.67
N GLY Y 6 29.50 -15.40 -43.35
CA GLY Y 6 30.42 -14.54 -44.10
C GLY Y 6 29.66 -13.53 -44.95
N PRO Y 7 30.39 -12.59 -45.54
CA PRO Y 7 29.76 -11.55 -46.36
C PRO Y 7 28.90 -12.19 -47.45
N GLY Y 8 27.70 -11.64 -47.65
CA GLY Y 8 26.76 -12.07 -48.70
C GLY Y 8 26.02 -13.34 -48.33
N LYS Y 9 26.31 -13.93 -47.16
CA LYS Y 9 25.74 -15.24 -46.73
C LYS Y 9 24.83 -15.11 -45.50
N ASN Y 10 24.71 -13.92 -44.89
CA ASN Y 10 23.99 -13.72 -43.61
C ASN Y 10 22.72 -12.90 -43.89
N ILE Y 11 22.16 -13.08 -45.08
CA ILE Y 11 21.04 -12.26 -45.61
C ILE Y 11 20.08 -13.22 -46.30
N PRO Y 12 18.77 -12.91 -46.28
CA PRO Y 12 17.77 -13.73 -46.92
C PRO Y 12 17.65 -13.50 -48.44
N PHE Y 13 18.57 -12.74 -49.04
CA PHE Y 13 18.54 -12.50 -50.50
C PHE Y 13 19.96 -12.78 -50.99
N SER Y 14 20.10 -13.14 -52.25
CA SER Y 14 21.39 -13.46 -52.90
C SER Y 14 22.05 -12.18 -53.43
N VAL Y 15 23.36 -12.12 -53.26
CA VAL Y 15 24.20 -11.05 -53.87
C VAL Y 15 25.22 -11.70 -54.81
N GLU Y 16 24.94 -12.92 -55.29
CA GLU Y 16 25.83 -13.71 -56.16
C GLU Y 16 25.98 -12.99 -57.50
N ASN Y 17 24.90 -12.37 -57.99
CA ASN Y 17 24.82 -11.70 -59.30
C ASN Y 17 24.26 -10.29 -59.09
N LYS Y 18 25.04 -9.26 -59.40
CA LYS Y 18 24.63 -7.86 -59.10
C LYS Y 18 23.37 -7.48 -59.89
N TRP Y 19 23.13 -8.07 -61.05
CA TRP Y 19 21.98 -7.68 -61.92
C TRP Y 19 20.71 -8.34 -61.40
N ARG Y 20 20.79 -9.60 -60.95
CA ARG Y 20 19.63 -10.26 -60.29
C ARG Y 20 19.36 -9.47 -58.98
N LEU Y 21 20.41 -9.07 -58.27
CA LEU Y 21 20.24 -8.25 -57.06
C LEU Y 21 19.50 -6.95 -57.42
N LEU Y 22 19.91 -6.29 -58.49
CA LEU Y 22 19.27 -5.01 -58.87
C LEU Y 22 17.77 -5.26 -59.11
N ALA Y 23 17.40 -6.36 -59.78
CA ALA Y 23 16.00 -6.71 -60.05
C ALA Y 23 15.27 -6.87 -58.70
N MET Y 24 15.84 -7.65 -57.78
CA MET Y 24 15.20 -7.97 -56.46
C MET Y 24 15.07 -6.67 -55.67
N MET Y 25 16.06 -5.78 -55.69
CA MET Y 25 16.01 -4.55 -54.86
C MET Y 25 14.95 -3.61 -55.41
N THR Y 26 14.89 -3.51 -56.73
CA THR Y 26 13.91 -2.71 -57.52
C THR Y 26 12.49 -3.16 -57.18
N LEU Y 27 12.24 -4.47 -57.24
CA LEU Y 27 10.91 -5.05 -56.90
C LEU Y 27 10.61 -4.76 -55.41
N PHE Y 28 11.60 -4.92 -54.54
CA PHE Y 28 11.42 -4.77 -53.08
C PHE Y 28 11.04 -3.31 -52.76
N PHE Y 29 11.94 -2.35 -53.00
CA PHE Y 29 11.70 -0.93 -52.63
C PHE Y 29 10.62 -0.32 -53.51
N GLY Y 30 10.60 -0.68 -54.80
CA GLY Y 30 9.60 -0.19 -55.77
C GLY Y 30 8.19 -0.60 -55.37
N SER Y 31 7.99 -1.84 -54.92
CA SER Y 31 6.66 -2.30 -54.43
C SER Y 31 6.19 -1.41 -53.28
N GLY Y 32 7.07 -1.16 -52.30
CA GLY Y 32 6.74 -0.34 -51.12
C GLY Y 32 6.37 1.06 -51.53
N PHE Y 33 7.17 1.65 -52.40
CA PHE Y 33 6.94 3.03 -52.86
C PHE Y 33 5.65 3.11 -53.71
N ALA Y 34 5.38 2.13 -54.57
CA ALA Y 34 4.19 2.17 -55.46
C ALA Y 34 2.90 2.02 -54.65
N ALA Y 35 2.92 1.21 -53.59
CA ALA Y 35 1.69 0.75 -52.92
C ALA Y 35 0.75 1.92 -52.61
N PRO Y 36 1.19 3.02 -51.95
CA PRO Y 36 0.24 4.12 -51.66
C PRO Y 36 -0.39 4.78 -52.89
N PHE Y 37 0.36 4.90 -53.99
CA PHE Y 37 -0.21 5.42 -55.24
C PHE Y 37 -1.36 4.51 -55.69
N PHE Y 38 -1.19 3.20 -55.61
CA PHE Y 38 -2.25 2.25 -56.08
C PHE Y 38 -3.42 2.21 -55.09
N ILE Y 39 -3.19 2.43 -53.79
CA ILE Y 39 -4.32 2.49 -52.82
C ILE Y 39 -5.13 3.75 -53.10
N VAL Y 40 -4.48 4.89 -53.31
CA VAL Y 40 -5.20 6.14 -53.65
C VAL Y 40 -6.03 5.87 -54.92
N ARG Y 41 -5.44 5.28 -55.94
CA ARG Y 41 -6.14 4.98 -57.21
C ARG Y 41 -7.38 4.13 -56.91
N HIS Y 42 -7.21 3.08 -56.11
CA HIS Y 42 -8.31 2.16 -55.70
C HIS Y 42 -9.43 2.98 -55.03
N GLN Y 43 -9.12 3.89 -54.10
CA GLN Y 43 -10.18 4.63 -53.39
C GLN Y 43 -10.88 5.60 -54.37
N LEU Y 44 -10.14 6.26 -55.27
CA LEU Y 44 -10.70 7.23 -56.25
C LEU Y 44 -11.62 6.48 -57.21
N LEU Y 45 -11.28 5.23 -57.59
CA LEU Y 45 -12.07 4.45 -58.59
C LEU Y 45 -13.35 3.90 -57.96
N LYS Y 46 -13.44 3.84 -56.63
CA LYS Y 46 -14.74 3.77 -55.91
C LYS Y 46 -15.45 5.11 -56.10
N ILE Z 1 38.14 2.75 -41.89
CA ILE Z 1 37.94 1.32 -42.14
C ILE Z 1 38.84 0.94 -43.32
N THR Z 2 39.42 -0.25 -43.30
CA THR Z 2 40.17 -0.80 -44.47
C THR Z 2 39.40 -2.01 -45.01
N ALA Z 3 39.53 -2.18 -46.32
CA ALA Z 3 38.80 -3.20 -47.09
C ALA Z 3 39.69 -3.79 -48.16
N LYS Z 4 39.42 -5.04 -48.52
CA LYS Z 4 40.00 -5.67 -49.73
C LYS Z 4 39.49 -4.90 -50.96
N PRO Z 5 40.24 -4.93 -52.08
CA PRO Z 5 39.70 -4.51 -53.38
C PRO Z 5 38.40 -5.27 -53.67
N ALA Z 6 37.46 -4.58 -54.33
CA ALA Z 6 36.14 -5.11 -54.78
C ALA Z 6 36.35 -6.46 -55.45
N LYS Z 7 35.61 -7.47 -55.03
CA LYS Z 7 35.68 -8.78 -55.72
C LYS Z 7 35.12 -8.57 -57.12
N THR Z 8 34.08 -7.76 -57.26
CA THR Z 8 33.35 -7.60 -58.54
C THR Z 8 33.17 -6.11 -58.80
N PRO Z 9 34.23 -5.38 -59.19
CA PRO Z 9 34.13 -3.92 -59.30
C PRO Z 9 32.98 -3.46 -60.21
N THR Z 10 32.35 -2.36 -59.83
CA THR Z 10 31.20 -1.76 -60.54
C THR Z 10 31.71 -0.50 -61.23
N SER Z 11 31.99 -0.60 -62.52
CA SER Z 11 32.47 0.49 -63.43
C SER Z 11 31.49 1.66 -63.46
N PRO Z 12 31.95 2.88 -63.86
CA PRO Z 12 31.05 4.02 -64.09
C PRO Z 12 29.80 3.65 -64.90
N LYS Z 13 30.00 2.84 -65.93
CA LYS Z 13 28.87 2.46 -66.84
C LYS Z 13 27.87 1.61 -66.07
N GLU Z 14 28.38 0.66 -65.29
CA GLU Z 14 27.55 -0.24 -64.45
C GLU Z 14 26.78 0.63 -63.44
N GLN Z 15 27.43 1.63 -62.86
CA GLN Z 15 26.76 2.54 -61.89
C GLN Z 15 25.61 3.32 -62.56
N ALA Z 16 25.81 3.85 -63.77
CA ALA Z 16 24.81 4.59 -64.54
C ALA Z 16 23.60 3.66 -64.77
N ILE Z 17 23.83 2.38 -65.06
CA ILE Z 17 22.70 1.43 -65.28
C ILE Z 17 21.97 1.23 -63.95
N GLY Z 18 22.72 0.94 -62.89
CA GLY Z 18 22.15 0.71 -61.55
C GLY Z 18 21.30 1.89 -61.08
N LEU Z 19 21.85 3.10 -61.21
CA LEU Z 19 21.20 4.36 -60.81
C LEU Z 19 19.92 4.56 -61.63
N SER Z 20 20.03 4.38 -62.94
CA SER Z 20 18.92 4.59 -63.89
C SER Z 20 17.79 3.64 -63.54
N VAL Z 21 18.12 2.35 -63.34
CA VAL Z 21 17.07 1.33 -63.09
C VAL Z 21 16.41 1.66 -61.74
N THR Z 22 17.21 2.05 -60.75
CA THR Z 22 16.70 2.37 -59.40
C THR Z 22 15.68 3.51 -59.55
N PHE Z 23 16.07 4.60 -60.22
CA PHE Z 23 15.24 5.82 -60.29
C PHE Z 23 13.94 5.44 -61.01
N LEU Z 24 14.04 4.71 -62.10
CA LEU Z 24 12.85 4.35 -62.92
C LEU Z 24 11.88 3.50 -62.07
N SER Z 25 12.38 2.60 -61.21
CA SER Z 25 11.54 1.68 -60.41
C SER Z 25 10.67 2.50 -59.44
N PHE Z 26 11.15 3.66 -58.98
CA PHE Z 26 10.40 4.63 -58.14
C PHE Z 26 9.45 5.50 -58.99
N LEU Z 27 9.93 5.99 -60.14
CA LEU Z 27 9.27 7.10 -60.82
C LEU Z 27 8.16 6.58 -61.74
N LEU Z 28 8.35 5.44 -62.40
CA LEU Z 28 7.42 5.06 -63.51
C LEU Z 28 6.05 4.69 -62.93
N PRO Z 29 5.93 3.84 -61.88
CA PRO Z 29 4.60 3.45 -61.37
C PRO Z 29 3.85 4.65 -60.76
N ALA Z 30 4.50 5.40 -59.86
CA ALA Z 30 3.92 6.63 -59.30
C ALA Z 30 3.57 7.57 -60.48
N GLY Z 31 4.47 7.74 -61.47
CA GLY Z 31 4.19 8.59 -62.64
C GLY Z 31 2.92 8.14 -63.35
N TRP Z 32 2.76 6.84 -63.55
CA TRP Z 32 1.58 6.31 -64.27
C TRP Z 32 0.31 6.71 -63.50
N VAL Z 33 0.28 6.49 -62.17
CA VAL Z 33 -0.92 6.81 -61.36
C VAL Z 33 -1.19 8.33 -61.43
N LEU Z 34 -0.17 9.17 -61.24
CA LEU Z 34 -0.38 10.63 -61.15
C LEU Z 34 -0.86 11.16 -62.51
N TYR Z 35 -0.36 10.60 -63.60
CA TYR Z 35 -0.70 11.04 -64.97
C TYR Z 35 -2.18 10.75 -65.25
N HIS Z 36 -2.68 9.63 -64.71
CA HIS Z 36 -4.07 9.15 -64.96
C HIS Z 36 -5.05 9.61 -63.86
N LEU Z 37 -4.69 10.52 -62.94
CA LEU Z 37 -5.61 10.94 -61.84
C LEU Z 37 -6.92 11.46 -62.44
N ASP Z 38 -6.85 12.19 -63.55
CA ASP Z 38 -8.06 12.60 -64.31
C ASP Z 38 -9.00 11.41 -64.59
N ASN Z 39 -8.46 10.31 -65.15
CA ASN Z 39 -9.26 9.11 -65.53
C ASN Z 39 -9.91 8.52 -64.28
N TYR Z 40 -9.23 8.63 -63.11
CA TYR Z 40 -9.72 8.20 -61.78
C TYR Z 40 -10.72 9.24 -61.28
#